data_8VH1
#
_entry.id   8VH1
#
_cell.length_a   1.00
_cell.length_b   1.00
_cell.length_c   1.00
_cell.angle_alpha   90.00
_cell.angle_beta   90.00
_cell.angle_gamma   90.00
#
_symmetry.space_group_name_H-M   'P 1'
#
loop_
_entity.id
_entity.type
_entity.pdbx_description
1 polymer 'CH505.M5 SOSIP gp120'
2 polymer 'CH505.M5 SOSIP gp41'
3 polymer 'CH235.I60 Fab Heavy Chain'
4 polymer 'CH235.I60 Fab Light Chain'
#
loop_
_entity_poly.entity_id
_entity_poly.type
_entity_poly.pdbx_seq_one_letter_code
_entity_poly.pdbx_strand_id
1 'polypeptide(L)'
;AENLWVTVYYGVPVWKEAKTTLFCASDAKAYEKKVHNVWATHACVPTDPNPQEMVLKNVTENFNMWKNDMVDQMHEDVIS
LWDQSLKPCVKLTPLCVTLNCTNATASNSSIIEGMKNCSFNITTELRDKREKKNALFYKLDIVQLDGNSSQYRLINCNTS
VITQACPKVSFDPIPIHYCAPAGYAILKCNNKTFTGTGPCNNVSTVQCTHGIKPVVSTQLLLNGSLAEGEIIIRSENITK
NVKTIIVHLNESVKIECTRPNNKTRTSIRIGPGQAFYATGQVIGDIREAYCNINESKWNETLQRVSKKLKEYFPHKNITF
QPSSGGDLEITTHSFNCGGEFFYCNTSSLFNRTYMANSTDMANSTETNSTRTITIHCRIKQIINMWQEVGRAMYAPPIAG
NITCISNITGLLLTRDGGKNNTETFRPGGGNMKDNWRSELYKYKVVKIEPLGVAPTRCKRRVVG
;
A,E,I
2 'polypeptide(L)'
;RRRRRAVGIGAVFLGFLGAAGSTMGAASMTLTVQARNLLSGIVQQQSNLLRAPEAQQHLLKLTVWGIKQLQARVLAVERY
LRDQQLLGIWGCSGKLICCTNVPWNSSWSNRNLSEIWDNMTWLQWDKEISNYTQIIYGLLEESQNQQEKNEQDLLALD
;
B,F,J
3 'polypeptide(L)'
;QVRLVQSGAEVKKPGASVTVSCKASGYTFTNYYIHWVRQAPGQGLEWMGWIDPSVGSTNYAQKYQGRVTMTRDTSTSTVY
MELSSLRSEDTAVYYCVRDVGTEGSLLHFDYWGQGTLVTVSSASTKGPSVFPLAPSSGTAALGCLVKDYFPEPVTVSWNS
GALTSGVHTFPAVLQSSGLYSLSSVVTVPSSSLGTQTYICNVNHKPSNTKVDKRVEPKSC
;
C,G,K
4 'polypeptide(L)'
;EIVMTQSPATLSVSPGERATLSCRASQSVSSNLAWYQQKPGQAPRLLIYGASTRATGIPARFSGSGSGTEFTLTISSMQS
EDFAVYYCHQYNNWWTFGQGTKVEIKRTVAAPSVFIFPPSDEQLKSGTASVVCLLNNFYPREAKVQWKVDNALQSGNSQE
SVTEQDSKDSTYSLSSTLTLSKADYEKHKVYACEVTHQGLSSPVTKSFNRG
;
D,H,L
#
# COMPACT_ATOMS: atom_id res chain seq x y z
N GLU A 2 -17.11 62.53 -8.80
CA GLU A 2 -16.36 63.02 -9.99
C GLU A 2 -14.86 62.73 -9.88
N ASN A 3 -14.27 62.28 -10.99
CA ASN A 3 -12.83 62.04 -11.04
C ASN A 3 -12.42 60.98 -10.03
N LEU A 4 -13.10 59.84 -10.06
CA LEU A 4 -12.72 58.69 -9.24
C LEU A 4 -12.02 57.65 -10.09
N TRP A 5 -10.91 57.14 -9.58
CA TRP A 5 -10.06 56.21 -10.32
C TRP A 5 -9.79 54.99 -9.46
N VAL A 6 -9.66 53.84 -10.12
CA VAL A 6 -9.49 52.59 -9.41
C VAL A 6 -8.08 52.49 -8.86
N THR A 7 -7.96 51.98 -7.64
CA THR A 7 -6.67 51.68 -7.04
C THR A 7 -6.76 50.33 -6.34
N VAL A 8 -5.78 49.48 -6.60
CA VAL A 8 -5.76 48.10 -6.11
C VAL A 8 -4.86 48.03 -4.89
N TYR A 9 -5.39 47.44 -3.82
CA TYR A 9 -4.65 47.25 -2.58
C TYR A 9 -4.30 45.78 -2.41
N TYR A 10 -3.11 45.53 -1.89
CA TYR A 10 -2.64 44.19 -1.58
C TYR A 10 -2.36 44.09 -0.09
N GLY A 11 -2.59 42.92 0.47
CA GLY A 11 -2.51 42.75 1.91
C GLY A 11 -3.72 43.24 2.67
N VAL A 12 -4.91 43.13 2.09
CA VAL A 12 -6.11 43.65 2.75
C VAL A 12 -6.58 42.65 3.79
N PRO A 13 -7.15 43.09 4.91
CA PRO A 13 -7.72 42.14 5.87
C PRO A 13 -9.18 41.81 5.62
N VAL A 14 -9.48 40.92 4.68
CA VAL A 14 -10.85 40.46 4.47
C VAL A 14 -10.81 38.96 4.21
N TRP A 15 -11.79 38.24 4.76
CA TRP A 15 -11.77 36.79 4.71
C TRP A 15 -13.15 36.25 4.36
N LYS A 16 -13.19 34.95 4.08
CA LYS A 16 -14.42 34.25 3.74
C LYS A 16 -14.36 32.86 4.32
N GLU A 17 -15.46 32.11 4.15
CA GLU A 17 -15.55 30.78 4.75
C GLU A 17 -15.33 29.71 3.68
N ALA A 18 -14.39 28.81 3.95
CA ALA A 18 -14.02 27.78 2.97
C ALA A 18 -13.44 26.58 3.68
N LYS A 19 -13.43 25.45 2.98
CA LYS A 19 -12.79 24.24 3.48
C LYS A 19 -11.30 24.29 3.15
N THR A 20 -10.52 23.51 3.90
CA THR A 20 -9.08 23.43 3.67
C THR A 20 -8.53 22.24 4.44
N THR A 21 -7.29 21.89 4.14
CA THR A 21 -6.64 20.73 4.74
C THR A 21 -5.73 21.17 5.87
N LEU A 22 -5.90 20.56 7.04
CA LEU A 22 -5.15 20.92 8.23
C LEU A 22 -4.04 19.91 8.49
N PHE A 23 -3.09 20.31 9.33
CA PHE A 23 -1.93 19.46 9.60
C PHE A 23 -1.56 19.50 11.07
N CYS A 24 -0.80 18.49 11.48
CA CYS A 24 -0.53 18.24 12.89
C CYS A 24 0.63 19.08 13.40
N ALA A 25 0.57 19.40 14.68
CA ALA A 25 1.71 19.87 15.44
C ALA A 25 1.57 19.30 16.84
N SER A 26 2.68 19.12 17.54
CA SER A 26 2.60 18.41 18.81
C SER A 26 3.84 18.70 19.65
N ASP A 27 3.95 17.96 20.75
CA ASP A 27 5.08 18.03 21.67
C ASP A 27 6.35 17.55 20.99
N ALA A 28 7.46 17.55 21.72
CA ALA A 28 8.74 17.16 21.12
C ALA A 28 8.85 15.66 20.87
N LYS A 29 8.12 14.81 21.62
CA LYS A 29 8.30 13.38 21.53
C LYS A 29 6.94 12.67 21.55
N ALA A 30 6.91 11.50 20.90
CA ALA A 30 5.72 10.66 20.84
C ALA A 30 6.18 9.21 20.65
N TYR A 31 5.22 8.29 20.71
CA TYR A 31 5.57 6.87 20.62
C TYR A 31 5.93 6.44 19.21
N GLU A 32 5.52 7.20 18.20
CA GLU A 32 5.93 6.94 16.82
C GLU A 32 5.63 5.50 16.42
N THR A 41 1.54 12.12 11.28
CA THR A 41 0.48 12.96 11.84
C THR A 41 0.25 12.63 13.31
N HIS A 42 0.97 11.63 13.83
CA HIS A 42 0.88 11.31 15.25
C HIS A 42 2.05 11.87 16.06
N ALA A 43 3.29 11.51 15.70
CA ALA A 43 4.44 12.31 16.13
C ALA A 43 4.51 13.59 15.30
N CYS A 44 4.52 13.44 13.97
CA CYS A 44 4.26 14.52 13.03
C CYS A 44 5.24 15.67 13.17
N VAL A 45 5.23 16.57 12.19
CA VAL A 45 6.05 17.77 12.22
C VAL A 45 5.28 18.92 11.61
N PRO A 46 5.67 20.16 11.91
CA PRO A 46 6.82 20.58 12.73
C PRO A 46 6.54 20.44 14.21
N THR A 47 7.35 21.08 15.04
CA THR A 47 7.14 21.03 16.47
C THR A 47 6.11 22.08 16.90
N ASP A 48 5.51 21.84 18.07
CA ASP A 48 4.69 22.83 18.73
C ASP A 48 5.43 24.16 18.75
N PRO A 49 5.00 25.14 17.97
CA PRO A 49 5.80 26.36 17.81
C PRO A 49 5.67 27.29 19.01
N ASN A 50 6.29 28.45 18.89
CA ASN A 50 6.13 29.51 19.86
C ASN A 50 4.79 30.21 19.62
N PRO A 51 3.85 30.17 20.56
CA PRO A 51 2.49 30.62 20.26
C PRO A 51 2.38 32.11 19.99
N GLN A 52 1.37 32.46 19.20
CA GLN A 52 1.06 33.84 18.89
C GLN A 52 -0.45 33.99 18.72
N GLU A 53 -0.95 35.20 18.99
CA GLU A 53 -2.38 35.45 18.97
C GLU A 53 -2.62 36.94 18.85
N MET A 54 -3.83 37.32 18.46
CA MET A 54 -4.23 38.72 18.40
C MET A 54 -5.75 38.82 18.39
N VAL A 55 -6.23 40.03 18.67
CA VAL A 55 -7.66 40.32 18.80
C VAL A 55 -8.07 41.25 17.67
N LEU A 56 -9.24 41.00 17.10
CA LEU A 56 -9.74 41.78 15.97
C LEU A 56 -10.79 42.80 16.38
N LYS A 57 -11.06 42.94 17.68
CA LYS A 57 -11.94 43.97 18.20
C LYS A 57 -13.25 44.08 17.42
N ASN A 58 -13.39 45.11 16.56
CA ASN A 58 -14.69 45.48 16.03
C ASN A 58 -15.32 44.40 15.15
N VAL A 59 -14.65 43.28 14.92
CA VAL A 59 -15.21 42.26 14.04
C VAL A 59 -16.35 41.56 14.76
N THR A 60 -17.50 41.47 14.09
CA THR A 60 -18.61 40.63 14.53
C THR A 60 -18.75 39.50 13.52
N GLU A 61 -18.60 38.27 13.99
CA GLU A 61 -18.45 37.15 13.06
C GLU A 61 -19.34 36.01 13.50
N ASN A 62 -19.85 35.27 12.54
CA ASN A 62 -20.70 34.14 12.83
C ASN A 62 -19.88 32.90 13.13
N PHE A 63 -20.38 32.08 14.06
CA PHE A 63 -19.79 30.81 14.40
C PHE A 63 -20.88 29.76 14.39
N ASN A 64 -20.51 28.54 14.03
CA ASN A 64 -21.43 27.42 14.12
C ASN A 64 -20.66 26.21 14.60
N MET A 65 -21.22 25.51 15.61
CA MET A 65 -20.54 24.33 16.13
C MET A 65 -21.00 23.08 15.41
N TRP A 66 -22.27 22.99 15.06
CA TRP A 66 -22.84 21.74 14.58
C TRP A 66 -22.61 21.52 13.09
N LYS A 67 -21.96 22.47 12.40
CA LYS A 67 -21.76 22.35 10.96
C LYS A 67 -20.31 22.48 10.52
N ASN A 68 -19.45 23.06 11.34
CA ASN A 68 -18.10 23.34 10.88
C ASN A 68 -17.41 22.05 10.44
N ASP A 69 -16.25 22.21 9.81
CA ASP A 69 -15.66 21.10 9.08
C ASP A 69 -14.66 20.32 9.92
N MET A 70 -13.73 21.00 10.58
CA MET A 70 -12.57 20.30 11.12
C MET A 70 -12.94 19.29 12.20
N VAL A 71 -14.17 19.30 12.71
CA VAL A 71 -14.62 18.15 13.47
C VAL A 71 -14.57 16.89 12.62
N ASP A 72 -15.09 16.98 11.40
CA ASP A 72 -15.09 15.82 10.53
C ASP A 72 -13.67 15.42 10.14
N GLN A 73 -12.79 16.40 9.92
CA GLN A 73 -11.39 16.07 9.67
C GLN A 73 -10.78 15.36 10.87
N MET A 74 -11.10 15.81 12.08
CA MET A 74 -10.57 15.13 13.25
C MET A 74 -11.01 13.67 13.26
N HIS A 75 -12.28 13.42 12.94
CA HIS A 75 -12.74 12.03 12.96
C HIS A 75 -12.06 11.22 11.87
N GLU A 76 -12.03 11.75 10.64
CA GLU A 76 -11.41 11.03 9.54
C GLU A 76 -9.94 10.78 9.80
N ASP A 77 -9.28 11.67 10.53
CA ASP A 77 -7.94 11.36 11.01
C ASP A 77 -8.00 10.19 11.99
N VAL A 78 -8.66 10.39 13.13
CA VAL A 78 -8.52 9.44 14.22
C VAL A 78 -8.84 8.02 13.79
N ILE A 79 -9.59 7.85 12.70
CA ILE A 79 -9.79 6.48 12.19
C ILE A 79 -8.56 5.99 11.43
N SER A 80 -8.21 6.68 10.35
CA SER A 80 -7.08 6.23 9.54
C SER A 80 -5.81 6.21 10.35
N LEU A 81 -5.74 7.00 11.42
CA LEU A 81 -4.56 7.05 12.26
C LEU A 81 -4.43 5.81 13.12
N TRP A 82 -5.53 5.22 13.55
CA TRP A 82 -5.47 3.89 14.15
C TRP A 82 -5.05 2.86 13.10
N ASP A 83 -5.70 2.90 11.93
CA ASP A 83 -5.40 1.88 10.94
C ASP A 83 -3.98 1.95 10.39
N GLN A 84 -3.34 3.12 10.47
CA GLN A 84 -1.94 3.22 10.11
C GLN A 84 -1.06 2.45 11.07
N SER A 85 -1.59 2.03 12.22
CA SER A 85 -0.81 1.35 13.22
C SER A 85 -1.21 -0.11 13.42
N LEU A 86 -2.49 -0.45 13.24
CA LEU A 86 -2.89 -1.82 13.51
C LEU A 86 -2.43 -2.81 12.44
N LYS A 87 -2.32 -2.39 11.18
CA LYS A 87 -2.11 -3.36 10.12
C LYS A 87 -0.84 -4.20 10.28
N PRO A 88 0.32 -3.66 10.65
CA PRO A 88 1.51 -4.51 10.73
C PRO A 88 1.39 -5.63 11.75
N CYS A 89 0.48 -5.52 12.71
CA CYS A 89 0.39 -6.51 13.78
C CYS A 89 -0.26 -7.80 13.29
N VAL A 90 -0.31 -8.79 14.17
CA VAL A 90 -0.84 -10.09 13.80
C VAL A 90 -2.34 -9.98 13.52
N LYS A 91 -2.87 -11.00 12.84
CA LYS A 91 -4.30 -11.12 12.57
C LYS A 91 -4.76 -12.50 13.02
N LEU A 92 -5.75 -12.53 13.91
CA LEU A 92 -6.06 -13.71 14.69
C LEU A 92 -7.00 -14.68 14.00
N THR A 93 -7.11 -14.65 12.68
CA THR A 93 -8.06 -15.54 12.01
C THR A 93 -7.88 -17.00 12.39
N PRO A 94 -6.67 -17.55 12.49
CA PRO A 94 -6.54 -18.98 12.83
C PRO A 94 -7.03 -19.32 14.22
N LEU A 95 -7.37 -18.34 15.04
CA LEU A 95 -7.69 -18.60 16.43
C LEU A 95 -9.17 -18.88 16.66
N CYS A 96 -10.01 -18.80 15.63
CA CYS A 96 -11.45 -18.89 15.83
C CYS A 96 -11.94 -20.32 16.02
N VAL A 97 -11.02 -21.25 16.27
CA VAL A 97 -11.41 -22.65 16.39
C VAL A 97 -12.37 -22.78 17.56
N THR A 98 -13.22 -23.80 17.54
CA THR A 98 -14.23 -24.00 18.57
C THR A 98 -13.55 -24.17 19.92
N LEU A 99 -13.86 -23.28 20.85
CA LEU A 99 -13.27 -23.32 22.17
C LEU A 99 -14.12 -24.18 23.10
N ASN A 100 -13.47 -25.14 23.77
CA ASN A 100 -14.09 -25.95 24.81
C ASN A 100 -13.65 -25.39 26.15
N CYS A 101 -14.60 -25.05 27.02
CA CYS A 101 -14.30 -24.26 28.20
C CYS A 101 -14.79 -24.93 29.47
N THR A 102 -13.94 -24.88 30.50
CA THR A 102 -14.21 -25.52 31.78
C THR A 102 -14.92 -24.59 32.76
N ASN A 103 -14.36 -23.41 33.02
CA ASN A 103 -15.00 -22.33 33.76
C ASN A 103 -15.03 -22.57 35.27
N ALA A 104 -14.27 -23.55 35.77
CA ALA A 104 -14.42 -23.89 37.19
C ALA A 104 -13.11 -24.20 37.92
N THR A 105 -11.93 -23.95 37.35
CA THR A 105 -10.71 -24.24 38.07
C THR A 105 -10.46 -23.26 39.21
N ALA A 106 -10.67 -21.97 38.98
CA ALA A 106 -10.46 -20.96 40.00
C ALA A 106 -11.72 -20.82 40.84
N SER A 107 -11.63 -21.18 42.13
CA SER A 107 -12.80 -21.10 43.00
C SER A 107 -13.41 -19.71 42.96
N ASN A 108 -12.56 -18.69 42.81
CA ASN A 108 -13.02 -17.33 42.53
C ASN A 108 -13.53 -17.28 41.07
N SER A 109 -14.68 -17.91 40.87
CA SER A 109 -15.13 -18.29 39.54
C SER A 109 -15.99 -17.22 38.87
N SER A 110 -16.35 -16.15 39.56
CA SER A 110 -17.43 -15.30 39.10
C SER A 110 -17.12 -14.67 37.74
N ILE A 111 -16.09 -13.83 37.70
CA ILE A 111 -15.99 -12.83 36.64
C ILE A 111 -15.44 -13.41 35.35
N ILE A 112 -14.31 -14.11 35.42
CA ILE A 112 -13.47 -14.31 34.24
C ILE A 112 -13.83 -15.55 33.45
N GLU A 113 -14.86 -16.28 33.85
CA GLU A 113 -15.41 -17.37 33.05
C GLU A 113 -14.33 -18.28 32.46
N GLY A 114 -14.11 -18.24 31.15
CA GLY A 114 -13.30 -19.24 30.48
C GLY A 114 -11.94 -19.39 31.13
N MET A 115 -11.50 -20.63 31.34
CA MET A 115 -10.28 -20.86 32.11
C MET A 115 -9.66 -22.18 31.72
N LYS A 116 -8.46 -22.41 32.24
CA LYS A 116 -7.61 -23.52 31.84
C LYS A 116 -7.67 -24.66 32.85
N ASN A 117 -7.26 -25.84 32.39
CA ASN A 117 -7.30 -27.04 33.22
C ASN A 117 -8.70 -27.26 33.78
N CYS A 118 -10.39 -21.85 28.71
CA CYS A 118 -10.84 -22.47 27.47
C CYS A 118 -9.68 -23.18 26.79
N SER A 119 -9.97 -24.31 26.15
CA SER A 119 -8.96 -25.13 25.50
C SER A 119 -9.32 -25.32 24.03
N PHE A 120 -8.29 -25.37 23.18
CA PHE A 120 -8.54 -25.39 21.74
C PHE A 120 -7.32 -25.95 21.02
N ASN A 121 -7.51 -26.20 19.72
CA ASN A 121 -6.46 -26.70 18.84
C ASN A 121 -5.89 -25.55 18.00
N ILE A 122 -4.57 -25.53 17.85
CA ILE A 122 -3.89 -24.46 17.13
C ILE A 122 -2.72 -25.07 16.35
N THR A 123 -2.26 -24.32 15.34
CA THR A 123 -1.23 -24.80 14.43
C THR A 123 0.10 -24.16 14.77
N THR A 124 1.13 -24.98 14.97
CA THR A 124 2.43 -24.53 15.41
C THR A 124 3.33 -24.23 14.21
N GLU A 125 4.63 -24.09 14.45
CA GLU A 125 5.55 -23.68 13.39
C GLU A 125 5.53 -24.66 12.22
N LEU A 126 5.64 -25.96 12.51
CA LEU A 126 5.53 -26.98 11.47
C LEU A 126 4.06 -27.17 11.15
N ARG A 127 3.65 -26.78 9.93
CA ARG A 127 2.23 -26.69 9.63
C ARG A 127 1.52 -28.02 9.84
N ASP A 128 2.24 -29.12 9.82
CA ASP A 128 1.62 -30.41 10.12
C ASP A 128 1.20 -30.51 11.58
N LYS A 129 2.02 -30.00 12.50
CA LYS A 129 1.88 -30.33 13.92
C LYS A 129 0.82 -29.42 14.55
N ARG A 130 -0.34 -30.00 14.81
CA ARG A 130 -1.39 -29.29 15.54
C ARG A 130 -1.33 -29.66 17.02
N GLU A 131 -1.48 -28.66 17.88
CA GLU A 131 -1.30 -28.84 19.31
C GLU A 131 -2.47 -28.22 20.07
N LYS A 132 -2.50 -28.52 21.37
CA LYS A 132 -3.59 -28.12 22.25
C LYS A 132 -3.09 -27.05 23.19
N LYS A 133 -3.85 -25.96 23.31
CA LYS A 133 -3.48 -24.87 24.20
C LYS A 133 -4.72 -24.39 24.94
N ASN A 134 -4.51 -23.47 25.88
CA ASN A 134 -5.60 -22.96 26.69
C ASN A 134 -5.22 -21.61 27.29
N ALA A 135 -6.23 -20.78 27.52
CA ALA A 135 -6.04 -19.44 28.07
C ALA A 135 -7.31 -19.03 28.78
N LEU A 136 -7.33 -17.79 29.26
CA LEU A 136 -8.47 -17.24 29.98
C LEU A 136 -9.08 -16.08 29.19
N PHE A 137 -10.41 -16.08 29.09
CA PHE A 137 -11.13 -15.05 28.37
C PHE A 137 -12.27 -14.55 29.26
N TYR A 138 -12.71 -13.32 29.00
CA TYR A 138 -13.89 -12.81 29.68
C TYR A 138 -15.15 -13.34 29.02
N LYS A 139 -16.17 -13.61 29.83
CA LYS A 139 -17.43 -14.06 29.28
C LYS A 139 -18.05 -13.06 28.31
N LEU A 140 -17.63 -11.79 28.38
CA LEU A 140 -18.04 -10.80 27.38
C LEU A 140 -17.23 -10.90 26.10
N ASP A 141 -16.19 -11.72 26.06
CA ASP A 141 -15.44 -11.94 24.84
C ASP A 141 -15.95 -13.12 24.03
N ILE A 142 -16.59 -14.09 24.66
CA ILE A 142 -16.99 -15.31 23.98
C ILE A 142 -18.51 -15.41 23.98
N VAL A 143 -19.02 -16.15 23.01
CA VAL A 143 -20.45 -16.42 22.89
C VAL A 143 -20.65 -17.92 22.81
N GLN A 144 -21.84 -18.37 23.21
CA GLN A 144 -22.09 -19.78 23.38
C GLN A 144 -22.61 -20.40 22.10
N LEU A 145 -22.03 -21.53 21.71
CA LEU A 145 -22.58 -22.30 20.61
C LEU A 145 -23.77 -23.09 21.10
N ASP A 146 -24.71 -23.35 20.19
CA ASP A 146 -25.98 -23.95 20.57
C ASP A 146 -25.78 -25.34 21.15
N GLY A 147 -26.54 -25.64 22.21
CA GLY A 147 -26.61 -26.99 22.74
C GLY A 147 -25.46 -27.35 23.66
N ASN A 148 -24.31 -27.67 23.07
CA ASN A 148 -23.18 -28.17 23.85
C ASN A 148 -22.72 -27.07 24.79
N SER A 149 -23.03 -27.22 26.08
CA SER A 149 -22.76 -26.17 27.05
C SER A 149 -21.27 -25.88 27.19
N SER A 150 -20.42 -26.78 26.72
CA SER A 150 -18.98 -26.59 26.86
C SER A 150 -18.35 -25.91 25.65
N GLN A 151 -19.13 -25.54 24.65
CA GLN A 151 -18.59 -25.03 23.40
C GLN A 151 -18.81 -23.52 23.33
N TYR A 152 -17.74 -22.78 23.07
CA TYR A 152 -17.83 -21.33 22.95
C TYR A 152 -16.87 -20.84 21.87
N ARG A 153 -17.16 -19.64 21.38
CA ARG A 153 -16.45 -19.06 20.25
C ARG A 153 -16.11 -17.61 20.57
N LEU A 154 -15.05 -17.09 19.95
CA LEU A 154 -14.75 -15.68 20.12
C LEU A 154 -15.85 -14.83 19.50
N ILE A 155 -16.19 -13.74 20.18
CA ILE A 155 -17.45 -13.07 19.92
C ILE A 155 -17.50 -12.56 18.48
N ASN A 156 -16.49 -11.84 18.06
CA ASN A 156 -16.61 -11.05 16.85
C ASN A 156 -16.05 -11.75 15.62
N CYS A 157 -15.73 -13.04 15.72
CA CYS A 157 -15.27 -13.78 14.56
C CYS A 157 -16.39 -14.11 13.60
N ASN A 158 -17.64 -13.86 13.99
CA ASN A 158 -18.76 -14.10 13.09
C ASN A 158 -18.68 -13.20 11.87
N THR A 159 -18.31 -11.93 12.05
CA THR A 159 -18.36 -10.99 10.95
C THR A 159 -17.21 -10.00 10.89
N SER A 160 -16.02 -10.33 11.38
CA SER A 160 -14.89 -9.41 11.26
C SER A 160 -13.58 -10.17 11.42
N VAL A 161 -12.50 -9.55 10.97
CA VAL A 161 -11.17 -10.15 11.04
C VAL A 161 -10.42 -9.54 12.20
N ILE A 162 -10.49 -10.19 13.37
CA ILE A 162 -9.90 -9.61 14.57
C ILE A 162 -8.42 -9.39 14.34
N THR A 163 -7.87 -8.36 14.98
CA THR A 163 -6.44 -8.11 14.96
C THR A 163 -5.99 -7.66 16.33
N GLN A 164 -4.70 -7.82 16.61
CA GLN A 164 -4.16 -7.55 17.93
C GLN A 164 -3.33 -6.28 17.89
N ALA A 165 -3.64 -5.35 18.78
CA ALA A 165 -2.82 -4.15 18.91
C ALA A 165 -1.41 -4.56 19.30
N CYS A 166 -0.41 -4.03 18.60
CA CYS A 166 0.95 -4.40 18.90
C CYS A 166 1.31 -3.92 20.31
N PRO A 167 1.80 -4.78 21.19
CA PRO A 167 2.01 -4.37 22.58
C PRO A 167 2.99 -3.22 22.74
N LYS A 168 3.77 -2.89 21.72
CA LYS A 168 4.72 -1.79 21.85
C LYS A 168 4.06 -0.42 21.68
N VAL A 169 2.81 -0.37 21.24
CA VAL A 169 2.22 0.89 20.80
C VAL A 169 1.80 1.75 21.98
N SER A 170 0.83 1.28 22.76
CA SER A 170 0.42 1.94 24.00
C SER A 170 -0.03 3.39 23.74
N PHE A 171 -1.16 3.50 23.03
CA PHE A 171 -1.73 4.82 22.79
C PHE A 171 -1.97 5.55 24.10
N ASP A 172 -2.15 6.86 24.00
CA ASP A 172 -2.40 7.74 25.12
C ASP A 172 -2.83 9.08 24.56
N PRO A 173 -3.73 9.80 25.22
CA PRO A 173 -4.23 11.03 24.62
C PRO A 173 -3.18 12.14 24.57
N ILE A 174 -2.18 11.95 23.72
CA ILE A 174 -1.16 12.99 23.52
C ILE A 174 -1.83 14.22 22.90
N PRO A 175 -1.55 15.43 23.37
CA PRO A 175 -2.22 16.60 22.79
C PRO A 175 -1.83 16.79 21.33
N ILE A 176 -2.78 17.32 20.55
CA ILE A 176 -2.60 17.57 19.13
C ILE A 176 -3.03 18.99 18.83
N HIS A 177 -2.15 19.78 18.21
CA HIS A 177 -2.47 21.10 17.73
C HIS A 177 -2.79 21.00 16.24
N TYR A 178 -3.87 21.63 15.82
CA TYR A 178 -4.25 21.68 14.41
C TYR A 178 -3.85 23.02 13.82
N CYS A 179 -3.12 22.99 12.72
CA CYS A 179 -2.66 24.21 12.09
C CYS A 179 -3.06 24.21 10.63
N ALA A 180 -3.37 25.41 10.11
CA ALA A 180 -3.85 25.57 8.75
C ALA A 180 -2.78 26.23 7.89
N PRO A 181 -2.78 25.96 6.59
CA PRO A 181 -1.71 26.48 5.73
C PRO A 181 -1.84 27.96 5.49
N ALA A 182 -0.73 28.59 5.11
CA ALA A 182 -0.73 30.01 4.84
C ALA A 182 -1.84 30.38 3.88
N GLY A 183 -2.28 31.64 3.93
CA GLY A 183 -3.41 32.09 3.16
C GLY A 183 -4.74 31.89 3.86
N TYR A 184 -4.86 30.85 4.67
CA TYR A 184 -6.03 30.64 5.52
C TYR A 184 -5.70 31.05 6.95
N ALA A 185 -6.70 30.96 7.81
CA ALA A 185 -6.51 31.28 9.21
C ALA A 185 -7.60 30.60 10.02
N ILE A 186 -7.42 30.56 11.33
CA ILE A 186 -8.39 29.95 12.23
C ILE A 186 -8.92 31.04 13.15
N LEU A 187 -10.20 31.36 12.99
CA LEU A 187 -10.87 32.30 13.86
C LEU A 187 -11.31 31.60 15.14
N LYS A 188 -11.37 32.37 16.22
CA LYS A 188 -11.64 31.86 17.55
C LYS A 188 -12.56 32.84 18.27
N CYS A 189 -13.57 32.32 18.97
CA CYS A 189 -14.48 33.14 19.74
C CYS A 189 -14.15 33.05 21.22
N ASN A 190 -14.07 34.21 21.87
CA ASN A 190 -13.65 34.29 23.26
C ASN A 190 -14.79 34.63 24.23
N ASN A 191 -15.92 35.14 23.73
CA ASN A 191 -17.02 35.49 24.61
C ASN A 191 -17.40 34.28 25.45
N LYS A 192 -17.28 34.41 26.77
CA LYS A 192 -17.38 33.25 27.65
C LYS A 192 -18.76 32.61 27.62
N THR A 193 -19.78 33.32 27.15
CA THR A 193 -21.15 32.82 27.20
C THR A 193 -21.65 32.30 25.85
N PHE A 194 -20.78 32.22 24.85
CA PHE A 194 -21.18 31.69 23.55
C PHE A 194 -21.82 30.32 23.70
N THR A 195 -22.97 30.12 23.06
CA THR A 195 -23.72 28.88 23.18
C THR A 195 -23.59 27.99 21.95
N GLY A 196 -22.45 28.03 21.26
CA GLY A 196 -22.17 27.07 20.21
C GLY A 196 -22.71 27.41 18.85
N THR A 197 -23.49 28.48 18.71
CA THR A 197 -24.01 28.86 17.40
C THR A 197 -24.51 30.28 17.46
N GLY A 198 -24.19 31.06 16.43
CA GLY A 198 -24.60 32.44 16.37
C GLY A 198 -23.46 33.40 16.60
N PRO A 199 -23.72 34.69 16.40
CA PRO A 199 -22.63 35.66 16.31
C PRO A 199 -21.81 35.78 17.59
N CYS A 200 -20.54 36.09 17.39
CA CYS A 200 -19.61 36.52 18.43
C CYS A 200 -19.10 37.91 18.07
N ASN A 201 -18.71 38.66 19.10
CA ASN A 201 -18.12 39.98 18.85
C ASN A 201 -16.92 40.24 19.75
N ASN A 202 -16.15 39.19 20.06
CA ASN A 202 -14.84 39.32 20.67
C ASN A 202 -13.89 38.39 19.92
N VAL A 203 -13.99 38.42 18.59
CA VAL A 203 -13.25 37.48 17.75
C VAL A 203 -11.76 37.62 18.00
N SER A 204 -11.03 36.55 17.69
CA SER A 204 -9.58 36.57 17.64
C SER A 204 -9.17 35.64 16.50
N THR A 205 -7.89 35.69 16.13
CA THR A 205 -7.40 34.85 15.05
C THR A 205 -6.08 34.23 15.44
N VAL A 206 -5.84 33.02 14.93
CA VAL A 206 -4.58 32.32 15.14
C VAL A 206 -4.31 31.46 13.93
N GLN A 207 -3.15 30.79 13.96
CA GLN A 207 -2.80 29.82 12.94
C GLN A 207 -2.65 28.42 13.51
N CYS A 208 -2.86 28.24 14.81
CA CYS A 208 -2.80 26.92 15.44
C CYS A 208 -3.68 26.90 16.68
N THR A 209 -4.55 25.91 16.74
CA THR A 209 -5.48 25.78 17.85
C THR A 209 -4.74 25.33 19.11
N HIS A 210 -5.39 25.57 20.25
CA HIS A 210 -4.87 25.05 21.51
C HIS A 210 -4.91 23.53 21.50
N GLY A 211 -3.96 22.93 22.20
CA GLY A 211 -3.80 21.49 22.16
C GLY A 211 -5.08 20.75 22.47
N ILE A 212 -5.55 19.93 21.54
CA ILE A 212 -6.69 19.06 21.80
C ILE A 212 -6.18 17.71 22.26
N LYS A 213 -6.90 17.10 23.20
CA LYS A 213 -6.56 15.76 23.67
C LYS A 213 -7.57 14.77 23.10
N PRO A 214 -7.19 13.87 22.18
CA PRO A 214 -8.17 13.00 21.52
C PRO A 214 -8.59 11.83 22.40
N VAL A 215 -9.33 12.14 23.46
CA VAL A 215 -9.88 11.11 24.32
C VAL A 215 -11.13 10.52 23.68
N VAL A 216 -11.45 9.28 24.04
CA VAL A 216 -12.67 8.63 23.61
C VAL A 216 -13.36 8.06 24.84
N SER A 217 -14.55 8.58 25.14
CA SER A 217 -15.31 8.09 26.28
C SER A 217 -16.76 8.54 26.13
N THR A 218 -17.65 7.85 26.81
CA THR A 218 -19.08 8.06 26.71
C THR A 218 -19.67 8.31 28.08
N GLN A 219 -20.83 8.95 28.09
CA GLN A 219 -21.60 9.24 29.30
C GLN A 219 -20.95 10.32 30.15
N LEU A 220 -19.68 10.60 29.93
CA LEU A 220 -19.01 11.77 30.49
C LEU A 220 -17.57 11.75 30.00
N LEU A 221 -17.06 12.91 29.61
CA LEU A 221 -15.77 12.96 28.92
C LEU A 221 -14.68 13.43 29.87
N LEU A 222 -13.43 13.16 29.49
CA LEU A 222 -12.30 13.23 30.40
C LEU A 222 -11.16 14.11 29.86
N ASN A 223 -10.41 14.67 30.81
CA ASN A 223 -9.15 15.35 30.53
C ASN A 223 -9.31 16.58 29.65
N GLY A 224 -10.54 16.96 29.33
CA GLY A 224 -10.74 18.10 28.46
C GLY A 224 -10.38 19.41 29.15
N SER A 225 -10.34 20.48 28.35
CA SER A 225 -10.11 21.81 28.90
C SER A 225 -11.44 22.45 29.32
N LEU A 226 -11.44 23.07 30.48
CA LEU A 226 -12.67 23.49 31.13
C LEU A 226 -13.25 24.73 30.47
N ALA A 227 -14.48 25.05 30.87
CA ALA A 227 -15.12 26.29 30.45
C ALA A 227 -14.73 27.41 31.41
N GLU A 228 -14.58 28.61 30.87
CA GLU A 228 -14.07 29.73 31.65
C GLU A 228 -15.17 30.51 32.36
N GLY A 229 -16.41 30.45 31.87
CA GLY A 229 -17.51 31.08 32.57
C GLY A 229 -18.06 30.12 33.60
N GLU A 230 -19.36 30.14 33.85
CA GLU A 230 -19.97 29.10 34.66
C GLU A 230 -20.47 27.98 33.75
N ILE A 231 -20.85 26.87 34.38
CA ILE A 231 -21.14 25.64 33.65
C ILE A 231 -22.10 25.94 32.52
N ILE A 232 -21.65 25.67 31.28
CA ILE A 232 -22.40 26.00 30.09
C ILE A 232 -23.13 24.75 29.60
N ILE A 233 -24.23 24.96 28.89
CA ILE A 233 -24.98 23.90 28.24
C ILE A 233 -25.08 24.26 26.77
N ARG A 234 -24.90 23.27 25.90
CA ARG A 234 -24.92 23.50 24.47
C ARG A 234 -25.79 22.46 23.79
N SER A 235 -26.47 22.89 22.74
CA SER A 235 -27.38 22.03 22.00
C SER A 235 -27.59 22.59 20.61
N GLU A 236 -28.07 21.74 19.73
CA GLU A 236 -28.57 22.20 18.45
C GLU A 236 -29.84 23.01 18.68
N ASN A 237 -30.15 23.90 17.74
CA ASN A 237 -31.26 24.81 17.93
C ASN A 237 -32.27 24.81 16.78
N ILE A 238 -32.11 23.93 15.79
CA ILE A 238 -33.13 23.84 14.76
C ILE A 238 -34.46 23.38 15.36
N THR A 239 -34.40 22.49 16.33
CA THR A 239 -35.61 21.99 16.99
C THR A 239 -35.30 21.77 18.46
N LYS A 240 -36.34 21.81 19.29
CA LYS A 240 -36.17 21.42 20.68
C LYS A 240 -36.05 19.92 20.85
N ASN A 241 -36.13 19.14 19.78
CA ASN A 241 -35.94 17.70 19.84
C ASN A 241 -34.49 17.42 19.46
N VAL A 242 -33.61 17.45 20.46
CA VAL A 242 -32.17 17.44 20.26
C VAL A 242 -31.62 16.04 20.43
N LYS A 243 -30.74 15.64 19.52
CA LYS A 243 -30.16 14.30 19.58
C LYS A 243 -29.25 14.16 20.79
N THR A 244 -28.43 15.17 21.05
CA THR A 244 -27.50 15.15 22.18
C THR A 244 -27.35 16.55 22.76
N ILE A 245 -27.21 16.60 24.07
CA ILE A 245 -26.98 17.84 24.81
C ILE A 245 -25.62 17.72 25.48
N ILE A 246 -24.80 18.75 25.35
CA ILE A 246 -23.45 18.73 25.89
C ILE A 246 -23.38 19.69 27.07
N VAL A 247 -22.88 19.21 28.20
CA VAL A 247 -22.74 20.04 29.38
C VAL A 247 -21.26 20.21 29.64
N HIS A 248 -20.79 21.45 29.57
CA HIS A 248 -19.37 21.79 29.67
C HIS A 248 -19.13 22.44 31.02
N LEU A 249 -18.28 21.83 31.84
CA LEU A 249 -18.13 22.23 33.23
C LEU A 249 -17.05 23.29 33.39
N ASN A 250 -17.16 24.04 34.50
CA ASN A 250 -16.14 24.99 34.90
C ASN A 250 -15.37 24.53 36.13
N GLU A 251 -15.55 23.30 36.56
CA GLU A 251 -14.80 22.76 37.69
C GLU A 251 -14.71 21.25 37.55
N SER A 252 -13.54 20.71 37.82
CA SER A 252 -13.21 19.33 37.47
C SER A 252 -13.31 18.46 38.71
N VAL A 253 -13.95 17.31 38.59
CA VAL A 253 -14.15 16.38 39.69
C VAL A 253 -13.27 15.16 39.45
N LYS A 254 -12.43 14.83 40.42
CA LYS A 254 -11.42 13.80 40.22
C LYS A 254 -12.03 12.41 40.32
N ILE A 255 -11.77 11.58 39.33
CA ILE A 255 -12.24 10.19 39.29
C ILE A 255 -11.03 9.29 39.13
N GLU A 256 -10.90 8.31 40.02
CA GLU A 256 -9.82 7.34 39.95
C GLU A 256 -10.43 5.95 39.79
N CYS A 257 -9.87 5.18 38.86
CA CYS A 257 -10.37 3.84 38.58
C CYS A 257 -9.23 2.84 38.62
N THR A 258 -9.51 1.69 39.22
CA THR A 258 -8.45 0.72 39.48
C THR A 258 -8.92 -0.70 39.28
N ARG A 259 -7.98 -1.53 38.85
CA ARG A 259 -8.12 -2.97 38.68
C ARG A 259 -7.09 -3.63 39.59
N PRO A 260 -7.50 -4.42 40.59
CA PRO A 260 -6.54 -4.85 41.61
C PRO A 260 -5.68 -6.06 41.23
N ASN A 261 -6.21 -6.99 40.44
CA ASN A 261 -5.59 -8.31 40.33
C ASN A 261 -4.25 -8.26 39.61
N ASN A 262 -3.56 -9.40 39.62
CA ASN A 262 -2.33 -9.60 38.86
C ASN A 262 -2.64 -10.48 37.65
N LYS A 263 -2.73 -9.84 36.48
CA LYS A 263 -2.84 -10.60 35.24
C LYS A 263 -1.46 -11.12 34.84
N THR A 264 -1.43 -12.32 34.27
CA THR A 264 -0.20 -12.96 33.84
C THR A 264 -0.21 -13.09 32.32
N ARG A 265 0.64 -12.31 31.65
CA ARG A 265 0.72 -12.38 30.20
C ARG A 265 1.42 -13.67 29.79
N THR A 266 0.72 -14.52 29.05
CA THR A 266 1.28 -15.77 28.56
C THR A 266 1.25 -15.77 27.04
N SER A 267 2.37 -16.14 26.43
CA SER A 267 2.55 -16.01 25.00
C SER A 267 2.27 -17.34 24.32
N ILE A 268 1.60 -17.28 23.17
CA ILE A 268 1.34 -18.44 22.33
C ILE A 268 1.81 -18.09 20.93
N ARG A 269 1.98 -19.08 20.07
CA ARG A 269 2.46 -18.86 18.72
C ARG A 269 1.47 -19.42 17.71
N ILE A 270 1.07 -18.60 16.75
CA ILE A 270 0.37 -19.08 15.58
C ILE A 270 1.42 -19.49 14.57
N GLY A 271 4.17 -20.47 14.02
CA GLY A 271 4.89 -19.73 12.98
C GLY A 271 3.96 -19.00 12.03
N PRO A 272 4.55 -18.27 11.09
CA PRO A 272 5.98 -18.13 10.85
C PRO A 272 6.64 -17.16 11.81
N GLY A 273 6.03 -16.02 12.10
CA GLY A 273 6.69 -15.02 12.93
C GLY A 273 5.80 -14.25 13.87
N GLN A 274 4.60 -14.76 14.13
CA GLN A 274 3.60 -14.03 14.91
C GLN A 274 3.51 -14.60 16.32
N ALA A 275 3.42 -13.71 17.30
CA ALA A 275 3.23 -14.08 18.69
C ALA A 275 1.90 -13.50 19.19
N PHE A 276 1.04 -14.35 19.72
CA PHE A 276 -0.29 -13.97 20.18
C PHE A 276 -0.31 -14.03 21.71
N TYR A 277 -0.57 -12.89 22.34
CA TYR A 277 -0.51 -12.78 23.79
C TYR A 277 -1.90 -13.00 24.38
N ALA A 278 -1.98 -13.80 25.42
CA ALA A 278 -3.24 -14.09 26.08
C ALA A 278 -3.06 -13.96 27.59
N THR A 279 -4.16 -14.12 28.31
CA THR A 279 -4.13 -14.01 29.77
C THR A 279 -4.00 -15.40 30.37
N GLY A 280 -2.93 -15.61 31.13
CA GLY A 280 -2.69 -16.89 31.78
C GLY A 280 -3.43 -16.99 33.09
N GLN A 281 -2.85 -17.76 34.01
CA GLN A 281 -3.48 -17.92 35.32
C GLN A 281 -3.36 -16.62 36.10
N VAL A 282 -4.48 -16.20 36.70
CA VAL A 282 -4.50 -15.01 37.55
C VAL A 282 -3.98 -15.39 38.93
N ILE A 283 -3.25 -14.46 39.55
CA ILE A 283 -2.65 -14.71 40.85
C ILE A 283 -3.06 -13.60 41.81
N GLY A 284 -3.33 -13.98 43.05
CA GLY A 284 -3.88 -13.09 44.03
C GLY A 284 -5.39 -13.20 44.12
N ASP A 285 -5.91 -12.86 45.29
CA ASP A 285 -7.34 -13.03 45.53
C ASP A 285 -8.13 -12.06 44.65
N ILE A 286 -9.27 -12.52 44.16
CA ILE A 286 -9.97 -11.82 43.09
C ILE A 286 -10.85 -10.71 43.66
N ARG A 287 -10.95 -9.61 42.93
CA ARG A 287 -11.88 -8.54 43.26
C ARG A 287 -12.17 -7.74 41.99
N GLU A 288 -13.28 -7.01 42.02
CA GLU A 288 -13.81 -6.36 40.83
C GLU A 288 -13.29 -4.93 40.70
N ALA A 289 -12.90 -4.56 39.48
CA ALA A 289 -12.35 -3.23 39.25
C ALA A 289 -13.42 -2.16 39.46
N TYR A 290 -13.01 -1.02 40.03
CA TYR A 290 -13.99 -0.05 40.53
C TYR A 290 -13.51 1.37 40.31
N CYS A 291 -14.46 2.31 40.40
CA CYS A 291 -14.20 3.73 40.22
C CYS A 291 -14.77 4.52 41.40
N ASN A 292 -14.08 5.63 41.72
CA ASN A 292 -14.41 6.45 42.89
C ASN A 292 -14.79 7.88 42.50
N ILE A 293 -15.68 8.48 43.28
CA ILE A 293 -16.04 9.89 43.14
C ILE A 293 -16.24 10.48 44.52
N ASN A 294 -16.11 11.79 44.66
CA ASN A 294 -16.41 12.46 45.92
C ASN A 294 -17.88 12.83 45.99
N GLU A 295 -18.59 12.34 47.01
CA GLU A 295 -20.04 12.57 47.04
C GLU A 295 -20.34 14.06 47.07
N SER A 296 -19.62 14.83 47.87
CA SER A 296 -19.93 16.26 47.97
C SER A 296 -19.77 16.94 46.63
N LYS A 297 -18.64 16.71 45.96
CA LYS A 297 -18.41 17.35 44.68
C LYS A 297 -19.45 16.92 43.65
N TRP A 298 -19.77 15.63 43.61
CA TRP A 298 -20.77 15.17 42.64
C TRP A 298 -22.11 15.82 42.91
N ASN A 299 -22.53 15.85 44.18
CA ASN A 299 -23.82 16.46 44.49
C ASN A 299 -23.82 17.92 44.10
N GLU A 300 -22.73 18.63 44.37
CA GLU A 300 -22.67 20.04 43.99
C GLU A 300 -22.74 20.21 42.48
N THR A 301 -22.02 19.36 41.73
CA THR A 301 -22.02 19.50 40.28
C THR A 301 -23.41 19.25 39.71
N LEU A 302 -24.09 18.22 40.21
CA LEU A 302 -25.45 17.99 39.74
C LEU A 302 -26.37 19.14 40.14
N GLN A 303 -26.16 19.74 41.32
CA GLN A 303 -26.97 20.89 41.68
C GLN A 303 -26.77 22.03 40.68
N ARG A 304 -25.51 22.30 40.33
CA ARG A 304 -25.24 23.39 39.40
C ARG A 304 -25.86 23.11 38.04
N VAL A 305 -25.74 21.87 37.55
CA VAL A 305 -26.31 21.54 36.26
C VAL A 305 -27.83 21.63 36.32
N SER A 306 -28.42 21.24 37.44
CA SER A 306 -29.87 21.38 37.59
C SER A 306 -30.27 22.85 37.51
N LYS A 307 -29.52 23.71 38.17
CA LYS A 307 -29.81 25.14 38.08
C LYS A 307 -29.75 25.62 36.64
N LYS A 308 -28.65 25.30 35.94
CA LYS A 308 -28.45 25.85 34.61
C LYS A 308 -29.46 25.29 33.61
N LEU A 309 -29.79 24.00 33.74
CA LEU A 309 -30.57 23.35 32.69
C LEU A 309 -31.94 23.98 32.53
N LYS A 310 -32.53 24.47 33.61
CA LYS A 310 -33.84 25.10 33.52
C LYS A 310 -33.77 26.53 33.02
N GLU A 311 -32.63 26.95 32.47
CA GLU A 311 -32.62 28.13 31.62
C GLU A 311 -33.42 27.90 30.36
N TYR A 312 -33.14 26.81 29.67
CA TYR A 312 -33.82 26.50 28.41
C TYR A 312 -35.25 26.05 28.65
N PHE A 313 -35.45 25.18 29.61
CA PHE A 313 -36.79 24.67 29.89
C PHE A 313 -37.40 25.49 31.01
N PRO A 314 -38.62 26.00 30.82
CA PRO A 314 -39.07 27.13 31.64
C PRO A 314 -39.17 26.86 33.13
N HIS A 315 -40.03 25.91 33.52
CA HIS A 315 -40.29 25.73 34.95
C HIS A 315 -40.51 24.28 35.36
N LYS A 316 -40.21 23.31 34.51
CA LYS A 316 -40.51 21.93 34.84
C LYS A 316 -39.50 21.38 35.83
N ASN A 317 -39.92 20.38 36.60
CA ASN A 317 -39.01 19.65 37.44
C ASN A 317 -38.02 18.86 36.59
N ILE A 318 -36.78 18.76 37.07
CA ILE A 318 -35.70 18.13 36.32
C ILE A 318 -35.29 16.87 37.04
N THR A 319 -35.40 15.73 36.36
CA THR A 319 -35.08 14.42 36.94
C THR A 319 -34.10 13.70 36.02
N PHE A 320 -33.03 13.18 36.61
CA PHE A 320 -32.10 12.34 35.87
C PHE A 320 -32.51 10.89 36.00
N GLN A 321 -32.05 10.06 35.07
CA GLN A 321 -32.20 8.62 35.14
C GLN A 321 -31.05 7.96 34.38
N PRO A 322 -30.56 6.82 34.86
CA PRO A 322 -29.46 6.15 34.15
C PRO A 322 -29.95 5.51 32.87
N SER A 323 -29.01 5.27 31.97
CA SER A 323 -29.35 4.72 30.67
C SER A 323 -30.16 3.45 30.80
N SER A 324 -30.82 3.05 29.71
CA SER A 324 -31.74 1.92 29.76
C SER A 324 -31.65 0.97 28.58
N GLY A 325 -30.73 1.17 27.63
CA GLY A 325 -30.63 0.27 26.51
C GLY A 325 -29.39 0.52 25.70
N GLY A 326 -29.03 -0.48 24.92
CA GLY A 326 -27.88 -0.42 24.03
C GLY A 326 -26.77 -1.33 24.49
N ASP A 327 -25.75 -1.42 23.65
CA ASP A 327 -24.56 -2.18 24.01
C ASP A 327 -23.91 -1.57 25.24
N LEU A 328 -22.90 -2.26 25.75
CA LEU A 328 -22.18 -1.73 26.91
C LEU A 328 -21.55 -0.39 26.58
N GLU A 329 -21.38 -0.07 25.30
CA GLU A 329 -20.76 1.20 24.94
C GLU A 329 -21.51 2.39 25.50
N ILE A 330 -22.80 2.25 25.80
CA ILE A 330 -23.59 3.38 26.30
C ILE A 330 -24.33 3.03 27.57
N THR A 331 -24.59 1.76 27.81
CA THR A 331 -25.23 1.39 29.06
C THR A 331 -24.31 1.61 30.26
N THR A 332 -23.03 1.88 30.02
CA THR A 332 -22.09 2.15 31.08
C THR A 332 -21.16 3.28 30.66
N HIS A 333 -20.28 3.68 31.57
CA HIS A 333 -19.21 4.59 31.24
C HIS A 333 -18.08 3.83 30.59
N SER A 334 -17.72 4.22 29.37
CA SER A 334 -16.72 3.51 28.59
C SER A 334 -15.46 4.35 28.49
N PHE A 335 -14.30 3.74 28.74
CA PHE A 335 -13.05 4.45 28.53
C PHE A 335 -11.89 3.46 28.58
N ASN A 336 -10.67 3.98 28.54
CA ASN A 336 -9.49 3.15 28.48
C ASN A 336 -8.39 3.67 29.40
N CYS A 337 -7.67 2.74 30.02
CA CYS A 337 -6.51 3.05 30.83
C CYS A 337 -5.42 2.04 30.53
N GLY A 338 -4.19 2.52 30.34
CA GLY A 338 -3.07 1.64 30.08
C GLY A 338 -3.30 0.80 28.84
N GLY A 339 -3.52 -0.50 29.05
CA GLY A 339 -3.80 -1.41 27.96
C GLY A 339 -5.09 -2.17 28.18
N GLU A 340 -6.03 -1.55 28.89
CA GLU A 340 -7.33 -2.15 29.15
C GLU A 340 -8.45 -1.13 28.96
N PHE A 341 -9.65 -1.66 28.75
CA PHE A 341 -10.85 -0.86 28.56
C PHE A 341 -11.84 -1.14 29.68
N PHE A 342 -12.45 -0.09 30.21
CA PHE A 342 -13.34 -0.16 31.35
C PHE A 342 -14.75 0.22 30.91
N TYR A 343 -15.73 -0.45 31.56
CA TYR A 343 -17.17 -0.26 31.36
C TYR A 343 -17.80 -0.23 32.76
N CYS A 344 -18.10 0.96 33.24
CA CYS A 344 -18.49 1.19 34.63
C CYS A 344 -19.99 1.41 34.74
N ASN A 345 -20.65 0.59 35.55
CA ASN A 345 -22.10 0.65 35.77
C ASN A 345 -22.43 1.94 36.51
N THR A 346 -22.92 2.93 35.77
CA THR A 346 -23.20 4.23 36.36
C THR A 346 -24.64 4.35 36.84
N SER A 347 -25.28 3.23 37.15
CA SER A 347 -26.68 3.31 37.53
C SER A 347 -26.89 3.99 38.87
N SER A 348 -25.83 4.23 39.63
CA SER A 348 -25.95 4.86 40.94
C SER A 348 -25.56 6.33 40.94
N LEU A 349 -25.27 6.90 39.78
CA LEU A 349 -24.92 8.32 39.73
C LEU A 349 -26.10 9.18 39.27
N PHE A 350 -26.62 8.93 38.08
CA PHE A 350 -27.70 9.73 37.53
C PHE A 350 -29.05 9.32 38.13
N ASN A 351 -29.20 9.47 39.44
CA ASN A 351 -30.41 9.03 40.14
C ASN A 351 -31.09 10.15 40.90
N ARG A 352 -30.56 11.37 40.87
CA ARG A 352 -31.15 12.45 41.63
C ARG A 352 -32.43 12.96 40.95
N THR A 353 -33.12 13.84 41.65
CA THR A 353 -34.24 14.58 41.10
C THR A 353 -34.30 15.93 41.78
N TYR A 354 -34.85 16.93 41.07
CA TYR A 354 -34.94 18.27 41.60
C TYR A 354 -36.25 18.91 41.16
N MET A 355 -36.78 19.79 42.00
CA MET A 355 -38.06 20.42 41.73
C MET A 355 -37.87 21.88 41.33
N ALA A 356 -38.88 22.43 40.68
CA ALA A 356 -38.91 23.86 40.39
C ALA A 356 -39.33 24.63 41.64
N ASN A 357 -38.69 25.79 41.83
CA ASN A 357 -38.95 26.62 43.00
C ASN A 357 -38.69 25.84 44.29
N ASN A 368 -15.18 19.03 52.89
CA ASN A 368 -15.40 19.53 51.53
C ASN A 368 -15.34 18.40 50.51
N SER A 369 -14.75 17.27 50.91
CA SER A 369 -14.60 16.13 50.02
C SER A 369 -14.78 14.80 50.75
N THR A 370 -15.65 14.73 51.74
CA THR A 370 -15.82 13.50 52.50
C THR A 370 -16.79 12.54 51.80
N ARG A 371 -16.68 11.26 52.16
CA ARG A 371 -17.53 10.21 51.62
C ARG A 371 -17.27 9.98 50.13
N THR A 372 -17.09 8.72 49.73
CA THR A 372 -16.71 8.36 48.37
C THR A 372 -17.75 7.40 47.79
N ILE A 373 -18.22 7.72 46.59
CA ILE A 373 -19.09 6.81 45.84
C ILE A 373 -18.23 5.86 45.04
N THR A 374 -18.44 4.56 45.24
CA THR A 374 -17.78 3.51 44.49
C THR A 374 -18.76 2.88 43.51
N ILE A 375 -18.29 2.61 42.29
CA ILE A 375 -19.10 1.94 41.28
C ILE A 375 -18.29 0.81 40.68
N HIS A 376 -18.91 -0.37 40.60
CA HIS A 376 -18.25 -1.56 40.05
C HIS A 376 -18.14 -1.44 38.54
N CYS A 377 -17.02 -1.90 37.99
CA CYS A 377 -16.68 -1.64 36.61
C CYS A 377 -16.04 -2.88 36.00
N ARG A 378 -16.72 -3.48 35.02
CA ARG A 378 -16.17 -4.61 34.30
C ARG A 378 -15.20 -4.15 33.22
N ILE A 379 -14.48 -5.11 32.67
CA ILE A 379 -13.54 -4.84 31.57
C ILE A 379 -13.63 -5.99 30.59
N LYS A 380 -13.45 -5.67 29.31
CA LYS A 380 -13.43 -6.68 28.27
C LYS A 380 -12.30 -6.36 27.31
N GLN A 381 -11.79 -7.40 26.67
CA GLN A 381 -10.66 -7.24 25.77
C GLN A 381 -11.09 -6.87 24.36
N ILE A 382 -11.90 -7.70 23.72
CA ILE A 382 -12.25 -7.49 22.33
C ILE A 382 -13.17 -6.28 22.23
N ILE A 383 -12.64 -5.19 21.68
CA ILE A 383 -13.37 -3.95 21.51
C ILE A 383 -13.82 -3.88 20.05
N ASN A 384 -15.13 -3.85 19.84
CA ASN A 384 -15.63 -3.54 18.51
C ASN A 384 -15.35 -2.08 18.27
N MET A 385 -14.14 -1.77 17.84
CA MET A 385 -13.66 -0.39 17.81
C MET A 385 -14.78 0.54 17.40
N TRP A 386 -14.98 1.59 18.19
CA TRP A 386 -16.26 2.28 18.22
C TRP A 386 -16.64 2.91 16.88
N GLN A 387 -15.73 3.01 15.92
CA GLN A 387 -16.03 3.81 14.76
C GLN A 387 -16.72 3.03 13.62
N GLU A 388 -16.46 1.73 13.48
CA GLU A 388 -17.00 1.06 12.30
C GLU A 388 -17.10 -0.44 12.52
N VAL A 389 -17.92 -1.09 11.69
CA VAL A 389 -17.97 -2.54 11.58
C VAL A 389 -16.87 -3.01 10.64
N GLY A 390 -16.65 -4.32 10.59
CA GLY A 390 -15.58 -4.91 9.78
C GLY A 390 -14.30 -5.05 10.57
N ARG A 391 -13.86 -3.99 11.23
CA ARG A 391 -12.69 -4.01 12.07
C ARG A 391 -13.02 -4.54 13.46
N ALA A 392 -11.97 -4.91 14.19
CA ALA A 392 -12.11 -5.31 15.59
C ALA A 392 -10.71 -5.51 16.14
N MET A 393 -10.50 -5.08 17.37
CA MET A 393 -9.17 -5.05 17.96
C MET A 393 -9.15 -5.86 19.23
N TYR A 394 -8.06 -6.56 19.49
CA TYR A 394 -7.85 -7.35 20.68
C TYR A 394 -6.76 -6.69 21.51
N ALA A 395 -7.12 -6.20 22.69
CA ALA A 395 -6.12 -5.55 23.52
C ALA A 395 -5.41 -6.58 24.39
N PRO A 396 -4.08 -6.69 24.31
CA PRO A 396 -3.39 -7.73 25.08
C PRO A 396 -3.52 -7.46 26.56
N PRO A 397 -3.41 -8.48 27.41
CA PRO A 397 -3.54 -8.25 28.84
C PRO A 397 -2.38 -7.41 29.35
N ILE A 398 -2.58 -6.80 30.51
CA ILE A 398 -1.55 -6.01 31.18
C ILE A 398 -1.34 -6.60 32.56
N ALA A 399 -0.09 -6.92 32.88
CA ALA A 399 0.24 -7.56 34.14
C ALA A 399 0.32 -6.52 35.26
N GLY A 400 0.11 -7.01 36.49
CA GLY A 400 0.16 -6.15 37.65
C GLY A 400 -1.14 -5.39 37.86
N ASN A 401 -1.29 -4.84 39.06
CA ASN A 401 -2.46 -4.03 39.32
C ASN A 401 -2.37 -2.73 38.53
N ILE A 402 -3.53 -2.17 38.20
CA ILE A 402 -3.62 -0.99 37.37
C ILE A 402 -4.42 0.06 38.11
N THR A 403 -3.93 1.30 38.08
CA THR A 403 -4.70 2.44 38.57
C THR A 403 -4.55 3.55 37.56
N CYS A 404 -5.60 4.36 37.44
CA CYS A 404 -5.50 5.56 36.63
C CYS A 404 -6.36 6.65 37.26
N ILE A 405 -5.71 7.76 37.61
CA ILE A 405 -6.42 8.98 37.96
C ILE A 405 -6.90 9.64 36.69
N SER A 406 -7.90 10.49 36.80
CA SER A 406 -8.38 11.28 35.68
C SER A 406 -9.35 12.31 36.23
N ASN A 407 -9.75 13.24 35.39
CA ASN A 407 -10.68 14.26 35.84
C ASN A 407 -11.70 14.54 34.75
N ILE A 408 -12.96 14.32 35.07
CA ILE A 408 -14.06 14.58 34.15
C ILE A 408 -14.15 16.08 33.91
N THR A 409 -14.74 16.46 32.79
CA THR A 409 -14.94 17.87 32.51
C THR A 409 -16.29 18.19 31.91
N GLY A 410 -17.05 17.19 31.47
CA GLY A 410 -18.33 17.45 30.85
C GLY A 410 -19.16 16.19 30.77
N LEU A 411 -20.44 16.38 30.56
CA LEU A 411 -21.41 15.30 30.48
C LEU A 411 -22.07 15.31 29.13
N LEU A 412 -22.38 14.14 28.62
CA LEU A 412 -23.13 13.99 27.37
C LEU A 412 -24.49 13.43 27.75
N LEU A 413 -25.51 14.27 27.69
CA LEU A 413 -26.86 13.85 28.04
C LEU A 413 -27.73 13.80 26.79
N THR A 414 -28.91 13.22 26.96
CA THR A 414 -29.96 13.29 25.96
C THR A 414 -31.30 13.32 26.70
N ARG A 415 -32.23 14.09 26.16
CA ARG A 415 -33.49 14.30 26.84
C ARG A 415 -34.39 13.09 26.68
N ASP A 416 -35.42 13.03 27.52
CA ASP A 416 -36.29 11.88 27.57
C ASP A 416 -37.60 12.26 28.27
N GLY A 417 -38.63 11.47 28.01
CA GLY A 417 -39.94 11.73 28.57
C GLY A 417 -40.26 10.83 29.74
N GLY A 418 -41.43 10.20 29.70
CA GLY A 418 -41.87 9.36 30.78
C GLY A 418 -42.51 10.09 31.93
N LYS A 419 -42.57 11.42 31.89
CA LYS A 419 -43.20 12.18 32.96
C LYS A 419 -43.82 13.44 32.36
N ASN A 420 -44.78 14.00 33.10
CA ASN A 420 -45.50 15.19 32.68
C ASN A 420 -45.12 16.36 33.56
N ASN A 421 -44.84 17.50 32.91
CA ASN A 421 -44.31 18.68 33.60
C ASN A 421 -43.00 18.35 34.30
N THR A 422 -42.25 17.38 33.78
CA THR A 422 -40.98 16.99 34.35
C THR A 422 -40.17 16.29 33.28
N GLU A 423 -39.19 16.97 32.71
CA GLU A 423 -38.33 16.37 31.71
C GLU A 423 -37.37 15.40 32.37
N THR A 424 -37.04 14.32 31.68
CA THR A 424 -36.02 13.40 32.14
C THR A 424 -34.79 13.54 31.26
N PHE A 425 -33.66 13.08 31.77
CA PHE A 425 -32.43 13.07 31.00
C PHE A 425 -31.66 11.80 31.29
N ARG A 426 -30.86 11.38 30.32
CA ARG A 426 -30.13 10.14 30.47
C ARG A 426 -28.78 10.29 29.78
N PRO A 427 -27.76 9.59 30.27
CA PRO A 427 -26.47 9.61 29.58
C PRO A 427 -26.56 8.85 28.26
N GLY A 428 -25.97 9.43 27.22
CA GLY A 428 -25.98 8.81 25.92
C GLY A 428 -24.75 9.20 25.13
N GLY A 429 -24.93 9.56 23.87
CA GLY A 429 -23.84 10.13 23.11
C GLY A 429 -22.67 9.21 22.88
N GLY A 430 -22.92 7.96 22.50
CA GLY A 430 -21.84 7.09 22.11
C GLY A 430 -21.23 7.46 20.77
N ASN A 431 -21.83 8.42 20.06
CA ASN A 431 -21.36 8.86 18.76
C ASN A 431 -20.15 9.76 18.96
N MET A 432 -18.99 9.13 19.16
CA MET A 432 -17.84 9.80 19.76
C MET A 432 -17.52 11.12 19.11
N LYS A 433 -18.04 11.40 17.91
CA LYS A 433 -17.75 12.68 17.29
C LYS A 433 -18.05 13.83 18.24
N ASP A 434 -19.14 13.74 18.99
CA ASP A 434 -19.49 14.81 19.92
C ASP A 434 -18.32 15.18 20.81
N ASN A 435 -17.54 14.18 21.25
CA ASN A 435 -16.40 14.48 22.12
C ASN A 435 -15.52 15.55 21.50
N TRP A 436 -15.12 15.35 20.24
CA TRP A 436 -14.28 16.36 19.61
C TRP A 436 -15.05 17.63 19.34
N ARG A 437 -16.36 17.52 19.11
CA ARG A 437 -17.15 18.73 18.98
C ARG A 437 -17.33 19.44 20.31
N SER A 438 -17.01 18.77 21.42
CA SER A 438 -17.06 19.43 22.72
C SER A 438 -15.84 20.28 22.99
N GLU A 439 -14.88 20.33 22.06
CA GLU A 439 -13.70 21.17 22.23
C GLU A 439 -13.31 21.94 20.98
N LEU A 440 -13.88 21.65 19.81
CA LEU A 440 -13.60 22.40 18.60
C LEU A 440 -14.71 23.36 18.24
N TYR A 441 -15.63 23.65 19.16
CA TYR A 441 -16.69 24.62 18.88
C TYR A 441 -16.16 26.04 18.80
N LYS A 442 -15.09 26.35 19.51
CA LYS A 442 -14.54 27.69 19.49
C LYS A 442 -14.24 28.14 18.07
N TYR A 443 -13.68 27.26 17.25
CA TYR A 443 -12.86 27.64 16.12
C TYR A 443 -13.61 27.54 14.80
N LYS A 444 -13.18 28.34 13.83
CA LYS A 444 -13.65 28.27 12.46
C LYS A 444 -12.46 28.44 11.55
N VAL A 445 -12.56 27.94 10.31
CA VAL A 445 -11.45 28.01 9.35
C VAL A 445 -11.87 28.90 8.20
N VAL A 446 -11.05 29.92 7.90
CA VAL A 446 -11.39 30.91 6.89
C VAL A 446 -10.29 31.00 5.85
N LYS A 447 -10.72 31.28 4.62
CA LYS A 447 -9.82 31.52 3.49
C LYS A 447 -9.72 33.03 3.27
N ILE A 448 -8.49 33.53 3.21
CA ILE A 448 -8.30 34.98 3.13
C ILE A 448 -8.17 35.40 1.67
N GLU A 449 -8.61 36.61 1.39
CA GLU A 449 -8.57 37.21 0.07
C GLU A 449 -7.91 38.57 0.17
N PRO A 450 -6.59 38.63 0.33
CA PRO A 450 -5.94 39.88 0.72
C PRO A 450 -5.96 40.96 -0.35
N LEU A 451 -6.59 40.72 -1.48
CA LEU A 451 -6.49 41.58 -2.65
C LEU A 451 -7.82 42.31 -2.84
N GLY A 452 -7.79 43.63 -2.94
CA GLY A 452 -9.01 44.40 -3.04
C GLY A 452 -8.85 45.61 -3.95
N VAL A 453 -9.96 46.28 -4.20
CA VAL A 453 -9.98 47.48 -5.03
C VAL A 453 -10.71 48.58 -4.25
N ALA A 454 -10.45 49.83 -4.65
CA ALA A 454 -11.10 50.95 -3.99
C ALA A 454 -11.01 52.17 -4.91
N PRO A 455 -11.78 53.22 -4.63
CA PRO A 455 -11.69 54.44 -5.41
C PRO A 455 -10.76 55.46 -4.75
N THR A 456 -10.07 56.23 -5.58
CA THR A 456 -9.16 57.26 -5.09
C THR A 456 -8.99 58.32 -6.17
N ARG A 457 -8.25 59.38 -5.81
CA ARG A 457 -8.11 60.57 -6.64
C ARG A 457 -6.89 60.53 -7.56
N CYS A 458 -6.41 59.35 -7.95
CA CYS A 458 -5.16 59.21 -8.65
C CYS A 458 -5.27 58.23 -9.81
N LYS A 459 -4.62 58.55 -10.91
CA LYS A 459 -4.37 57.60 -11.99
C LYS A 459 -2.92 57.73 -12.44
N ARG A 460 -2.38 56.62 -12.94
CA ARG A 460 -0.94 56.51 -13.10
C ARG A 460 -0.38 57.59 -13.99
N ARG A 461 0.75 58.16 -13.57
CA ARG A 461 1.58 58.94 -14.48
C ARG A 461 2.36 57.99 -15.37
N VAL A 462 2.35 58.27 -16.67
CA VAL A 462 2.92 57.36 -17.66
C VAL A 462 4.33 56.93 -17.24
N VAL B 12 5.44 30.05 11.08
CA VAL B 12 5.93 31.29 11.75
C VAL B 12 5.15 32.48 11.21
N PHE B 13 4.49 33.22 12.11
CA PHE B 13 3.55 34.26 11.70
C PHE B 13 3.38 35.27 12.82
N LEU B 14 2.81 36.42 12.46
CA LEU B 14 2.40 37.42 13.44
C LEU B 14 1.66 38.54 12.70
N GLY B 15 0.80 39.24 13.45
CA GLY B 15 0.09 40.38 12.92
C GLY B 15 -0.67 40.03 11.65
N PHE B 16 -1.10 38.78 11.57
CA PHE B 16 -1.60 38.25 10.31
C PHE B 16 -2.89 38.94 9.88
N LEU B 17 -3.70 39.39 10.84
CA LEU B 17 -4.89 40.20 10.54
C LEU B 17 -5.08 41.31 11.56
N GLY B 18 -4.00 41.87 12.10
CA GLY B 18 -4.13 42.88 13.13
C GLY B 18 -4.89 44.11 12.71
N ALA B 19 -5.01 44.34 11.40
CA ALA B 19 -5.66 45.54 10.90
C ALA B 19 -7.17 45.54 11.09
N ALA B 20 -7.72 44.58 11.82
CA ALA B 20 -9.16 44.55 12.05
C ALA B 20 -9.61 45.82 12.76
N GLY B 21 -10.67 46.44 12.25
CA GLY B 21 -11.19 47.67 12.80
C GLY B 21 -10.73 48.92 12.09
N SER B 22 -9.66 48.85 11.31
CA SER B 22 -9.22 50.02 10.54
C SER B 22 -10.11 50.22 9.33
N THR B 23 -10.08 51.45 8.80
CA THR B 23 -10.91 51.81 7.66
C THR B 23 -10.13 51.69 6.36
N MET B 24 -10.75 52.20 5.29
CA MET B 24 -10.27 51.96 3.93
C MET B 24 -8.77 52.24 3.80
N GLY B 25 -8.38 53.48 4.06
CA GLY B 25 -6.98 53.86 3.94
C GLY B 25 -6.24 53.72 5.26
N ALA B 26 -6.97 53.82 6.36
CA ALA B 26 -6.33 53.71 7.67
C ALA B 26 -5.67 52.35 7.86
N ALA B 27 -6.10 51.34 7.10
CA ALA B 27 -5.44 50.04 7.14
C ALA B 27 -4.27 49.96 6.17
N SER B 28 -3.82 51.09 5.60
CA SER B 28 -2.76 51.06 4.60
C SER B 28 -1.40 50.75 5.19
N MET B 29 -1.18 51.03 6.48
CA MET B 29 0.15 50.94 7.06
C MET B 29 0.60 49.49 7.22
N THR B 30 -0.14 48.72 8.02
CA THR B 30 0.29 47.36 8.34
C THR B 30 0.14 46.40 7.17
N LEU B 31 -0.44 46.84 6.05
CA LEU B 31 -0.54 45.98 4.87
C LEU B 31 0.77 45.25 4.62
N THR B 32 1.90 45.90 4.94
CA THR B 32 3.21 45.32 4.70
C THR B 32 3.31 43.94 5.34
N VAL B 33 3.08 43.85 6.65
CA VAL B 33 3.31 42.60 7.36
C VAL B 33 2.27 41.55 6.99
N GLN B 34 1.01 41.95 6.83
CA GLN B 34 -0.02 40.96 6.49
C GLN B 34 0.25 40.34 5.12
N ALA B 35 1.12 40.94 4.33
CA ALA B 35 1.56 40.37 3.06
C ALA B 35 2.86 39.59 3.19
N ARG B 36 3.42 39.46 4.40
CA ARG B 36 4.71 38.80 4.56
C ARG B 36 4.55 37.31 4.77
N ASN B 37 3.57 36.90 5.57
CA ASN B 37 3.59 35.57 6.17
C ASN B 37 3.45 34.47 5.12
N LEU B 38 4.57 33.79 4.87
CA LEU B 38 4.62 32.53 4.14
C LEU B 38 5.66 31.61 4.78
N LEU B 39 6.26 32.07 5.88
CA LEU B 39 7.52 31.50 6.35
C LEU B 39 7.35 30.07 6.85
N SER B 40 8.35 29.24 6.54
CA SER B 40 8.44 27.86 7.01
C SER B 40 7.11 27.12 7.02
N GLY B 66 0.04 11.52 7.52
CA GLY B 66 1.31 12.17 7.31
C GLY B 66 1.42 12.90 5.99
N ILE B 67 0.66 12.44 4.99
CA ILE B 67 0.71 13.05 3.67
C ILE B 67 0.09 14.44 3.67
N LYS B 68 -0.89 14.70 4.54
CA LYS B 68 -1.54 16.00 4.55
C LYS B 68 -0.53 17.12 4.64
N GLN B 69 0.49 16.97 5.50
CA GLN B 69 1.54 17.97 5.55
C GLN B 69 1.98 18.37 4.14
N LEU B 70 2.40 17.40 3.34
CA LEU B 70 2.82 17.70 1.98
C LEU B 70 1.78 18.53 1.26
N GLN B 71 0.53 18.09 1.28
CA GLN B 71 -0.52 18.88 0.64
C GLN B 71 -0.52 20.30 1.17
N ALA B 72 -0.51 20.46 2.49
CA ALA B 72 -0.56 21.80 3.06
C ALA B 72 0.54 22.68 2.48
N ARG B 73 1.70 22.10 2.19
CA ARG B 73 2.77 22.89 1.59
C ARG B 73 2.40 23.36 0.20
N VAL B 74 1.97 22.44 -0.66
CA VAL B 74 1.72 22.82 -2.05
C VAL B 74 0.73 23.97 -2.11
N LEU B 75 -0.38 23.85 -1.38
CA LEU B 75 -1.36 24.94 -1.36
C LEU B 75 -0.69 26.26 -1.07
N ALA B 76 0.13 26.30 -0.01
CA ALA B 76 0.75 27.55 0.38
C ALA B 76 1.44 28.22 -0.80
N VAL B 77 2.16 27.43 -1.61
CA VAL B 77 2.82 28.01 -2.77
C VAL B 77 1.78 28.49 -3.77
N GLU B 78 0.87 27.60 -4.16
CA GLU B 78 -0.09 27.95 -5.20
C GLU B 78 -0.88 29.20 -4.82
N ARG B 79 -1.52 29.18 -3.66
CA ARG B 79 -2.34 30.32 -3.26
C ARG B 79 -1.53 31.59 -3.22
N TYR B 80 -0.21 31.50 -3.05
CA TYR B 80 0.61 32.70 -3.13
C TYR B 80 0.79 33.13 -4.57
N LEU B 81 1.26 32.24 -5.45
CA LEU B 81 1.57 32.65 -6.81
C LEU B 81 0.32 33.16 -7.52
N ARG B 82 -0.81 32.48 -7.34
CA ARG B 82 -2.02 32.90 -8.00
C ARG B 82 -2.36 34.35 -7.66
N ASP B 83 -1.87 34.83 -6.51
CA ASP B 83 -2.03 36.25 -6.20
C ASP B 83 -0.87 37.07 -6.76
N GLN B 84 0.36 36.60 -6.57
CA GLN B 84 1.51 37.40 -6.98
C GLN B 84 1.49 37.65 -8.47
N GLN B 85 1.24 36.61 -9.28
CA GLN B 85 1.25 36.81 -10.71
C GLN B 85 0.07 37.62 -11.18
N LEU B 86 -1.05 37.56 -10.45
CA LEU B 86 -2.23 38.30 -10.86
C LEU B 86 -1.97 39.80 -10.89
N LEU B 87 -1.28 40.32 -9.88
CA LEU B 87 -0.86 41.72 -9.95
C LEU B 87 -0.07 41.99 -11.21
N GLY B 88 0.73 41.03 -11.67
CA GLY B 88 1.48 41.23 -12.89
C GLY B 88 0.56 41.52 -14.06
N ILE B 89 -0.60 40.88 -14.09
CA ILE B 89 -1.57 41.19 -15.13
C ILE B 89 -1.95 42.66 -15.06
N TRP B 90 -2.20 43.16 -13.85
CA TRP B 90 -2.70 44.52 -13.69
C TRP B 90 -1.60 45.56 -13.69
N GLY B 91 -0.34 45.14 -13.87
CA GLY B 91 0.73 46.08 -14.00
C GLY B 91 1.21 46.71 -12.71
N CYS B 92 0.68 46.27 -11.57
CA CYS B 92 1.11 46.84 -10.30
C CYS B 92 2.47 46.29 -9.88
N SER B 93 2.77 45.04 -10.23
CA SER B 93 4.06 44.42 -9.93
C SER B 93 4.25 44.46 -8.41
N GLY B 94 5.47 44.67 -7.91
CA GLY B 94 5.75 44.52 -6.50
C GLY B 94 5.48 45.76 -5.66
N LYS B 95 4.24 46.21 -5.66
CA LYS B 95 3.81 47.34 -4.86
C LYS B 95 2.54 46.99 -4.10
N LEU B 96 2.42 47.50 -2.88
CA LEU B 96 1.23 47.25 -2.09
C LEU B 96 0.05 48.07 -2.58
N ILE B 97 0.28 49.33 -2.95
CA ILE B 97 -0.74 50.22 -3.45
C ILE B 97 -0.25 50.78 -4.77
N CYS B 98 -1.18 51.09 -5.67
CA CYS B 98 -0.78 51.65 -6.95
C CYS B 98 -2.00 52.20 -7.67
N CYS B 99 -1.89 53.42 -8.14
CA CYS B 99 -2.91 53.97 -9.03
C CYS B 99 -2.95 53.13 -10.30
N THR B 100 -3.90 53.44 -11.17
CA THR B 100 -4.01 52.76 -12.46
C THR B 100 -4.80 53.67 -13.39
N ASN B 101 -5.00 53.21 -14.63
CA ASN B 101 -5.85 53.92 -15.57
C ASN B 101 -7.30 53.58 -15.26
N VAL B 102 -8.19 53.90 -16.21
CA VAL B 102 -9.62 53.59 -16.16
C VAL B 102 -10.27 54.27 -14.96
N PRO B 103 -11.45 54.87 -15.13
CA PRO B 103 -12.08 55.54 -14.00
C PRO B 103 -12.81 54.57 -13.11
N TRP B 104 -12.90 54.90 -11.83
CA TRP B 104 -13.76 54.16 -10.93
C TRP B 104 -15.21 54.51 -11.26
N ASN B 105 -15.84 53.66 -12.05
CA ASN B 105 -17.22 53.92 -12.45
C ASN B 105 -18.09 54.11 -11.22
N SER B 106 -18.79 55.24 -11.16
CA SER B 106 -19.85 55.39 -10.16
C SER B 106 -20.92 54.34 -10.32
N SER B 107 -20.89 53.59 -11.43
CA SER B 107 -21.67 52.37 -11.58
C SER B 107 -21.00 51.28 -10.76
N TRP B 108 -21.35 50.02 -11.00
CA TRP B 108 -20.93 48.94 -10.12
C TRP B 108 -21.60 49.16 -8.78
N SER B 109 -20.84 49.51 -7.75
CA SER B 109 -21.43 50.10 -6.55
C SER B 109 -21.95 51.48 -6.93
N ASN B 110 -23.27 51.59 -7.08
CA ASN B 110 -23.88 52.85 -7.49
C ASN B 110 -23.81 53.82 -6.32
N ARG B 111 -22.59 54.22 -5.96
CA ARG B 111 -22.36 54.79 -4.63
C ARG B 111 -21.09 55.63 -4.65
N ASN B 112 -20.98 56.47 -3.63
CA ASN B 112 -19.75 57.18 -3.30
C ASN B 112 -19.25 56.71 -1.95
N LEU B 113 -17.96 56.39 -1.87
CA LEU B 113 -17.39 55.81 -0.68
C LEU B 113 -16.57 56.81 0.14
N SER B 114 -16.41 58.04 -0.35
CA SER B 114 -15.59 59.01 0.36
C SER B 114 -16.16 59.33 1.74
N GLU B 115 -17.48 59.45 1.84
CA GLU B 115 -18.10 59.89 3.08
C GLU B 115 -18.15 58.79 4.13
N ILE B 116 -18.00 57.53 3.75
CA ILE B 116 -17.86 56.44 4.71
C ILE B 116 -16.39 56.02 4.87
N TRP B 117 -15.48 56.70 4.18
CA TRP B 117 -14.11 56.24 4.07
C TRP B 117 -13.40 56.15 5.42
N ASP B 118 -13.95 56.80 6.46
CA ASP B 118 -13.31 56.85 7.76
C ASP B 118 -14.14 56.23 8.88
N ASN B 119 -15.26 55.57 8.54
CA ASN B 119 -16.10 54.98 9.58
C ASN B 119 -16.60 53.59 9.20
N MET B 120 -15.90 52.87 8.33
CA MET B 120 -16.22 51.48 8.03
C MET B 120 -14.92 50.73 7.79
N THR B 121 -14.98 49.41 7.98
CA THR B 121 -13.85 48.54 7.72
C THR B 121 -14.07 47.77 6.43
N TRP B 122 -13.02 47.08 5.99
CA TRP B 122 -12.95 46.65 4.60
C TRP B 122 -14.07 45.69 4.23
N LEU B 123 -14.36 44.72 5.09
CA LEU B 123 -15.28 43.64 4.72
C LEU B 123 -16.59 44.20 4.18
N GLN B 124 -17.16 45.18 4.87
CA GLN B 124 -18.48 45.67 4.47
C GLN B 124 -18.43 46.27 3.07
N TRP B 125 -17.24 46.57 2.56
CA TRP B 125 -17.08 47.13 1.23
C TRP B 125 -16.69 46.07 0.21
N ASP B 126 -15.85 45.12 0.60
CA ASP B 126 -15.53 44.02 -0.31
C ASP B 126 -16.77 43.21 -0.63
N LYS B 127 -17.57 42.91 0.39
CA LYS B 127 -18.79 42.16 0.17
C LYS B 127 -19.79 42.97 -0.64
N GLU B 128 -19.74 44.30 -0.52
CA GLU B 128 -20.64 45.15 -1.30
C GLU B 128 -20.23 45.18 -2.77
N ILE B 129 -18.94 45.33 -3.05
CA ILE B 129 -18.46 45.44 -4.42
C ILE B 129 -18.32 44.09 -5.11
N SER B 130 -18.44 42.99 -4.38
CA SER B 130 -18.37 41.67 -5.01
C SER B 130 -19.20 41.59 -6.29
N ASN B 131 -20.27 42.38 -6.39
CA ASN B 131 -21.15 42.31 -7.54
C ASN B 131 -20.39 42.53 -8.85
N TYR B 132 -19.31 43.31 -8.82
CA TYR B 132 -18.63 43.75 -10.03
C TYR B 132 -17.13 43.53 -10.01
N THR B 133 -16.61 42.79 -9.04
CA THR B 133 -15.17 42.58 -8.97
C THR B 133 -14.64 41.87 -10.20
N GLN B 134 -15.34 40.82 -10.63
CA GLN B 134 -14.87 40.04 -11.79
C GLN B 134 -14.73 40.91 -13.02
N ILE B 135 -15.61 41.89 -13.20
CA ILE B 135 -15.51 42.79 -14.33
C ILE B 135 -14.34 43.75 -14.13
N ILE B 136 -14.22 44.28 -12.91
CA ILE B 136 -13.20 45.29 -12.65
C ILE B 136 -11.81 44.71 -12.86
N TYR B 137 -11.65 43.41 -12.60
CA TYR B 137 -10.36 42.78 -12.86
C TYR B 137 -10.02 42.84 -14.34
N GLY B 138 -10.98 42.54 -15.21
CA GLY B 138 -10.73 42.69 -16.64
C GLY B 138 -10.45 44.12 -17.02
N LEU B 139 -11.15 45.07 -16.40
CA LEU B 139 -10.87 46.47 -16.69
C LEU B 139 -9.44 46.84 -16.33
N LEU B 140 -8.96 46.39 -15.17
CA LEU B 140 -7.58 46.66 -14.79
C LEU B 140 -6.60 45.97 -15.73
N GLU B 141 -6.91 44.74 -16.14
CA GLU B 141 -6.05 44.05 -17.10
C GLU B 141 -5.93 44.87 -18.39
N GLU B 142 -7.05 45.32 -18.93
CA GLU B 142 -6.97 46.13 -20.13
C GLU B 142 -6.24 47.43 -19.88
N SER B 143 -6.46 48.04 -18.71
CA SER B 143 -5.69 49.22 -18.35
C SER B 143 -4.20 48.97 -18.50
N GLN B 144 -3.72 47.84 -17.96
CA GLN B 144 -2.31 47.52 -18.09
C GLN B 144 -1.93 47.27 -19.54
N ASN B 145 -2.84 46.72 -20.33
CA ASN B 145 -2.50 46.32 -21.69
C ASN B 145 -1.90 47.46 -22.48
N GLN B 146 -2.57 48.62 -22.51
CA GLN B 146 -2.15 49.71 -23.38
C GLN B 146 -0.79 50.26 -23.00
N GLN B 147 -0.31 49.95 -21.80
CA GLN B 147 0.96 50.51 -21.35
C GLN B 147 2.09 50.11 -22.28
N GLU B 148 2.15 48.83 -22.65
CA GLU B 148 3.25 48.36 -23.49
C GLU B 148 3.15 48.91 -24.91
N LYS B 149 1.93 49.06 -25.43
CA LYS B 149 1.77 49.75 -26.70
C LYS B 149 2.36 51.14 -26.61
N ASN B 150 1.96 51.90 -25.59
CA ASN B 150 2.41 53.28 -25.47
C ASN B 150 3.92 53.34 -25.26
N GLU B 151 4.49 52.33 -24.62
CA GLU B 151 5.91 52.35 -24.34
C GLU B 151 6.74 51.99 -25.56
N GLN B 152 6.39 50.90 -26.25
CA GLN B 152 7.10 50.52 -27.46
C GLN B 152 7.01 51.59 -28.53
N ASP B 153 5.80 52.13 -28.75
CA ASP B 153 5.65 53.08 -29.84
C ASP B 153 6.56 54.28 -29.66
N LEU B 154 7.05 54.54 -28.45
CA LEU B 154 7.99 55.61 -28.18
C LEU B 154 9.43 55.12 -28.11
N LEU B 155 9.66 53.94 -27.54
CA LEU B 155 11.02 53.46 -27.35
C LEU B 155 11.64 52.97 -28.65
N ALA B 156 10.81 52.56 -29.61
CA ALA B 156 11.33 52.08 -30.89
C ALA B 156 12.11 53.16 -31.63
N LEU B 157 11.95 54.43 -31.24
CA LEU B 157 12.72 55.52 -31.81
C LEU B 157 14.12 55.63 -31.22
N ASP B 158 14.44 54.85 -30.19
CA ASP B 158 15.79 54.77 -29.66
C ASP B 158 16.25 53.32 -29.61
N GLN C 1 -35.89 2.40 -4.99
CA GLN C 1 -34.72 1.52 -4.69
C GLN C 1 -34.54 1.35 -3.19
N VAL C 2 -34.20 2.43 -2.49
CA VAL C 2 -34.14 2.37 -1.03
C VAL C 2 -35.49 1.90 -0.51
N ARG C 3 -35.46 1.01 0.47
CA ARG C 3 -36.68 0.31 0.85
C ARG C 3 -36.57 -0.16 2.29
N LEU C 4 -37.73 -0.46 2.85
CA LEU C 4 -37.85 -1.20 4.10
C LEU C 4 -38.79 -2.37 3.85
N VAL C 5 -38.58 -3.45 4.60
CA VAL C 5 -39.41 -4.64 4.48
C VAL C 5 -39.90 -5.02 5.86
N GLN C 6 -41.12 -5.54 5.95
CA GLN C 6 -41.68 -6.04 7.19
C GLN C 6 -42.37 -7.36 6.90
N SER C 7 -42.65 -8.11 7.96
CA SER C 7 -43.25 -9.43 7.77
C SER C 7 -43.65 -10.04 9.10
N GLY C 8 -44.63 -10.94 9.02
CA GLY C 8 -44.82 -11.92 10.08
C GLY C 8 -45.66 -11.42 11.24
N ALA C 9 -45.46 -12.05 12.39
CA ALA C 9 -46.13 -11.69 13.63
C ALA C 9 -47.62 -12.04 13.59
N GLU C 10 -48.39 -11.28 12.81
CA GLU C 10 -49.83 -11.46 12.66
C GLU C 10 -50.50 -11.99 13.94
N VAL C 11 -51.53 -12.83 13.81
CA VAL C 11 -52.47 -13.05 14.89
C VAL C 11 -51.75 -13.54 16.14
N LYS C 12 -52.21 -13.09 17.31
CA LYS C 12 -51.71 -13.63 18.56
C LYS C 12 -52.78 -13.54 19.64
N LYS C 13 -52.61 -14.36 20.67
CA LYS C 13 -53.60 -14.44 21.74
C LYS C 13 -53.49 -13.25 22.69
N PRO C 14 -54.58 -12.89 23.37
CA PRO C 14 -54.48 -11.86 24.41
C PRO C 14 -53.56 -12.30 25.53
N GLY C 15 -52.72 -11.38 26.00
CA GLY C 15 -51.81 -11.65 27.08
C GLY C 15 -50.47 -12.22 26.66
N ALA C 16 -50.30 -12.59 25.39
CA ALA C 16 -49.02 -13.06 24.89
C ALA C 16 -48.18 -11.88 24.40
N SER C 17 -47.12 -12.15 23.66
CA SER C 17 -46.25 -11.11 23.12
C SER C 17 -46.12 -11.29 21.61
N VAL C 18 -45.80 -10.19 20.94
CA VAL C 18 -45.67 -10.14 19.49
C VAL C 18 -44.32 -9.56 19.13
N THR C 19 -43.62 -10.19 18.20
CA THR C 19 -42.36 -9.69 17.69
C THR C 19 -42.54 -9.31 16.23
N VAL C 20 -42.23 -8.06 15.90
CA VAL C 20 -42.32 -7.56 14.54
C VAL C 20 -40.96 -7.03 14.12
N SER C 21 -40.50 -7.45 12.95
CA SER C 21 -39.15 -7.14 12.50
C SER C 21 -39.21 -6.41 11.17
N CYS C 22 -38.37 -5.39 11.03
CA CYS C 22 -38.24 -4.70 9.75
C CYS C 22 -36.78 -4.72 9.32
N LYS C 23 -36.59 -4.98 8.03
CA LYS C 23 -35.30 -5.22 7.41
C LYS C 23 -35.00 -4.07 6.47
N ALA C 24 -33.86 -3.43 6.63
CA ALA C 24 -33.52 -2.28 5.82
C ALA C 24 -32.96 -2.70 4.48
N SER C 25 -33.19 -1.88 3.46
CA SER C 25 -32.66 -2.09 2.13
C SER C 25 -31.35 -1.33 1.98
N GLY C 26 -30.87 -1.20 0.75
CA GLY C 26 -29.57 -0.60 0.49
C GLY C 26 -29.42 0.84 0.93
N TYR C 27 -28.60 1.05 1.96
CA TYR C 27 -28.10 2.35 2.34
C TYR C 27 -27.22 2.16 3.57
N THR C 28 -26.42 3.18 3.88
CA THR C 28 -25.55 3.06 5.05
C THR C 28 -26.41 3.04 6.31
N PHE C 29 -26.55 1.85 6.90
CA PHE C 29 -27.62 1.64 7.87
C PHE C 29 -27.39 2.41 9.17
N THR C 30 -26.15 2.42 9.67
CA THR C 30 -25.92 2.91 11.02
C THR C 30 -26.30 4.38 11.18
N ASN C 31 -26.42 5.13 10.09
CA ASN C 31 -26.52 6.57 10.19
C ASN C 31 -27.93 7.09 10.42
N TYR C 32 -28.97 6.28 10.18
CA TYR C 32 -30.34 6.78 10.21
C TYR C 32 -31.13 6.12 11.33
N TYR C 33 -31.93 6.93 12.01
CA TYR C 33 -32.80 6.42 13.05
C TYR C 33 -33.97 5.64 12.45
N ILE C 34 -34.45 4.66 13.21
CA ILE C 34 -35.68 3.97 12.89
C ILE C 34 -36.70 4.35 13.95
N HIS C 35 -37.93 4.61 13.52
CA HIS C 35 -39.03 4.84 14.42
C HIS C 35 -40.10 3.82 14.11
N TRP C 36 -40.93 3.51 15.10
CA TRP C 36 -42.08 2.65 14.89
C TRP C 36 -43.33 3.46 15.16
N VAL C 37 -44.25 3.47 14.20
CA VAL C 37 -45.49 4.20 14.37
C VAL C 37 -46.65 3.29 14.05
N ARG C 38 -47.66 3.31 14.90
CA ARG C 38 -48.77 2.38 14.78
C ARG C 38 -50.03 3.15 14.44
N GLN C 39 -50.95 2.45 13.78
CA GLN C 39 -52.22 3.02 13.36
C GLN C 39 -53.30 1.98 13.64
N ALA C 40 -54.15 2.25 14.62
CA ALA C 40 -55.30 1.40 14.84
C ALA C 40 -56.27 1.58 13.68
N PRO C 41 -57.11 0.56 13.40
CA PRO C 41 -57.95 0.63 12.21
C PRO C 41 -58.87 1.84 12.25
N GLY C 42 -58.64 2.78 11.33
CA GLY C 42 -59.48 3.96 11.20
C GLY C 42 -59.17 5.06 12.19
N GLN C 43 -58.20 4.87 13.09
CA GLN C 43 -57.86 5.88 14.07
C GLN C 43 -56.70 6.74 13.55
N GLY C 44 -56.34 7.76 14.32
CA GLY C 44 -55.25 8.62 13.93
C GLY C 44 -53.91 7.94 14.13
N LEU C 45 -52.91 8.41 13.40
CA LEU C 45 -51.57 7.86 13.56
C LEU C 45 -51.04 8.12 14.96
N GLU C 46 -50.20 7.21 15.43
CA GLU C 46 -49.61 7.29 16.76
C GLU C 46 -48.15 6.85 16.69
N TRP C 47 -47.36 7.30 17.68
CA TRP C 47 -45.92 7.06 17.75
C TRP C 47 -45.60 6.10 18.89
N MET C 48 -44.74 5.12 18.61
CA MET C 48 -44.35 4.10 19.58
C MET C 48 -43.01 4.43 20.25
N GLY C 49 -41.94 4.44 19.47
CA GLY C 49 -40.60 4.67 20.00
C GLY C 49 -39.62 4.77 18.86
N TRP C 50 -38.38 5.14 19.21
CA TRP C 50 -37.32 5.11 18.20
C TRP C 50 -36.16 4.29 18.72
N ILE C 51 -35.48 3.67 17.75
CA ILE C 51 -34.25 2.93 17.95
C ILE C 51 -33.19 3.50 17.03
N ASP C 52 -32.02 3.77 17.59
CA ASP C 52 -30.86 4.14 16.80
C ASP C 52 -30.07 2.88 16.49
N PRO C 53 -29.82 2.56 15.22
CA PRO C 53 -29.17 1.28 14.90
C PRO C 53 -27.66 1.30 15.02
N SER C 54 -27.04 2.44 15.24
CA SER C 54 -25.59 2.46 15.38
C SER C 54 -25.19 1.73 16.65
N VAL C 55 -25.63 2.24 17.79
CA VAL C 55 -25.25 1.67 19.07
C VAL C 55 -26.35 0.85 19.72
N GLY C 56 -27.61 1.22 19.51
CA GLY C 56 -28.73 0.48 20.07
C GLY C 56 -29.57 1.23 21.07
N SER C 57 -29.32 2.52 21.29
CA SER C 57 -30.08 3.28 22.26
C SER C 57 -31.53 3.44 21.81
N THR C 58 -32.43 3.50 22.79
CA THR C 58 -33.86 3.50 22.53
C THR C 58 -34.51 4.68 23.24
N ASN C 59 -35.74 4.98 22.83
CA ASN C 59 -36.60 5.87 23.59
C ASN C 59 -38.07 5.60 23.28
N TYR C 60 -38.92 5.79 24.29
CA TYR C 60 -40.33 5.44 24.21
C TYR C 60 -41.18 6.59 24.71
N ALA C 61 -42.46 6.56 24.35
CA ALA C 61 -43.40 7.56 24.83
C ALA C 61 -43.79 7.28 26.27
N GLN C 62 -44.68 8.11 26.81
CA GLN C 62 -45.14 7.92 28.18
C GLN C 62 -45.98 6.66 28.32
N LYS C 63 -46.78 6.34 27.32
CA LYS C 63 -47.73 5.24 27.47
C LYS C 63 -47.04 3.90 27.66
N TYR C 64 -45.87 3.71 27.08
CA TYR C 64 -45.35 2.37 26.84
C TYR C 64 -44.01 2.09 27.51
N GLN C 65 -43.65 2.79 28.57
CA GLN C 65 -42.29 2.63 29.10
C GLN C 65 -41.99 1.18 29.45
N GLY C 66 -43.00 0.43 29.90
CA GLY C 66 -42.75 -0.88 30.45
C GLY C 66 -43.16 -2.05 29.56
N ARG C 67 -43.87 -1.77 28.48
CA ARG C 67 -44.40 -2.84 27.65
C ARG C 67 -43.52 -3.14 26.45
N VAL C 68 -42.90 -2.12 25.88
CA VAL C 68 -42.25 -2.20 24.58
C VAL C 68 -40.76 -2.42 24.78
N THR C 69 -40.14 -3.13 23.84
CA THR C 69 -38.68 -3.20 23.76
C THR C 69 -38.28 -3.27 22.30
N MET C 70 -37.10 -2.74 21.98
CA MET C 70 -36.57 -2.83 20.62
C MET C 70 -35.09 -3.13 20.66
N THR C 71 -34.61 -3.82 19.63
CA THR C 71 -33.20 -4.10 19.46
C THR C 71 -32.87 -4.08 17.99
N ARG C 72 -31.58 -4.03 17.69
CA ARG C 72 -31.10 -4.00 16.32
C ARG C 72 -30.11 -5.11 16.09
N ASP C 73 -29.71 -5.28 14.85
CA ASP C 73 -28.66 -6.23 14.49
C ASP C 73 -28.06 -5.75 13.17
N THR C 74 -26.84 -5.22 13.23
CA THR C 74 -26.21 -4.61 12.08
C THR C 74 -25.54 -5.61 11.15
N SER C 75 -25.42 -6.87 11.56
CA SER C 75 -24.91 -7.89 10.65
C SER C 75 -25.91 -8.24 9.56
N THR C 76 -27.21 -8.10 9.82
CA THR C 76 -28.24 -8.29 8.82
C THR C 76 -29.06 -7.03 8.60
N SER C 77 -28.68 -5.92 9.23
CA SER C 77 -29.37 -4.65 9.07
C SER C 77 -30.86 -4.83 9.36
N THR C 78 -31.16 -5.27 10.58
CA THR C 78 -32.52 -5.62 10.95
C THR C 78 -32.85 -4.96 12.28
N VAL C 79 -34.14 -4.71 12.51
CA VAL C 79 -34.62 -4.15 13.77
C VAL C 79 -35.83 -4.93 14.24
N TYR C 80 -35.78 -5.40 15.48
CA TYR C 80 -36.83 -6.24 16.06
C TYR C 80 -37.50 -5.50 17.19
N MET C 81 -38.83 -5.56 17.24
CA MET C 81 -39.60 -4.92 18.30
C MET C 81 -40.49 -5.96 18.97
N GLU C 82 -40.41 -6.02 20.29
CA GLU C 82 -41.24 -6.90 21.09
C GLU C 82 -42.26 -6.05 21.83
N LEU C 83 -43.53 -6.33 21.57
CA LEU C 83 -44.65 -5.74 22.30
C LEU C 83 -45.20 -6.82 23.21
N SER C 84 -45.31 -6.51 24.50
CA SER C 84 -45.68 -7.50 25.49
C SER C 84 -46.91 -7.04 26.26
N SER C 85 -47.57 -8.00 26.90
CA SER C 85 -48.82 -7.74 27.61
C SER C 85 -49.86 -7.16 26.67
N LEU C 86 -50.19 -7.94 25.64
CA LEU C 86 -51.14 -7.50 24.63
C LEU C 86 -52.53 -7.35 25.21
N ARG C 87 -53.22 -6.30 24.78
CA ARG C 87 -54.65 -6.15 24.97
C ARG C 87 -55.35 -6.31 23.64
N SER C 88 -56.67 -6.49 23.68
CA SER C 88 -57.43 -6.52 22.44
C SER C 88 -57.32 -5.19 21.71
N GLU C 89 -57.06 -4.12 22.45
CA GLU C 89 -57.06 -2.77 21.86
C GLU C 89 -55.84 -2.51 20.98
N ASP C 90 -54.75 -3.26 21.16
CA ASP C 90 -53.54 -2.99 20.39
C ASP C 90 -53.66 -3.42 18.95
N THR C 91 -54.74 -4.07 18.57
CA THR C 91 -54.96 -4.43 17.16
C THR C 91 -54.69 -3.24 16.28
N ALA C 92 -53.80 -3.41 15.29
CA ALA C 92 -53.45 -2.26 14.47
C ALA C 92 -52.51 -2.67 13.35
N VAL C 93 -52.09 -1.67 12.58
CA VAL C 93 -50.97 -1.81 11.66
C VAL C 93 -49.76 -1.15 12.30
N TYR C 94 -48.58 -1.74 12.08
CA TYR C 94 -47.33 -1.24 12.60
C TYR C 94 -46.40 -0.93 11.43
N TYR C 95 -45.84 0.28 11.43
CA TYR C 95 -44.98 0.76 10.36
C TYR C 95 -43.58 1.01 10.90
N CYS C 96 -42.59 0.41 10.24
CA CYS C 96 -41.19 0.73 10.46
C CYS C 96 -40.80 1.87 9.52
N VAL C 97 -40.40 3.02 10.08
CA VAL C 97 -40.14 4.21 9.27
C VAL C 97 -38.74 4.72 9.53
N ARG C 98 -38.08 5.16 8.47
CA ARG C 98 -36.76 5.74 8.55
C ARG C 98 -36.86 7.23 8.80
N ASP C 99 -35.92 7.77 9.57
CA ASP C 99 -35.96 9.17 9.96
C ASP C 99 -34.69 9.86 9.52
N VAL C 100 -34.82 11.07 8.98
CA VAL C 100 -33.68 11.79 8.43
C VAL C 100 -33.08 12.69 9.52
N GLY C 101 -32.14 12.15 10.28
CA GLY C 101 -31.51 12.92 11.33
C GLY C 101 -30.31 13.68 10.80
N THR C 102 -30.26 14.98 11.04
CA THR C 102 -29.12 15.78 10.62
C THR C 102 -27.94 15.51 11.56
N GLU C 103 -26.88 16.29 11.39
CA GLU C 103 -25.69 16.06 12.19
C GLU C 103 -25.94 16.28 13.67
N GLY C 104 -27.01 16.97 14.04
CA GLY C 104 -27.22 17.33 15.43
C GLY C 104 -28.63 17.23 15.94
N SER C 105 -29.56 16.69 15.15
CA SER C 105 -30.94 16.62 15.59
C SER C 105 -31.73 15.66 14.71
N LEU C 106 -32.88 15.24 15.22
CA LEU C 106 -33.85 14.50 14.42
C LEU C 106 -34.83 15.47 13.78
N LEU C 107 -35.27 15.15 12.57
CA LEU C 107 -36.23 16.04 11.94
C LEU C 107 -37.57 15.37 11.62
N HIS C 108 -37.59 14.35 10.76
CA HIS C 108 -38.86 13.91 10.20
C HIS C 108 -38.73 12.54 9.53
N PHE C 109 -39.87 12.02 9.10
CA PHE C 109 -39.93 10.71 8.49
C PHE C 109 -40.01 10.85 6.98
N ASP C 110 -39.29 9.99 6.25
CA ASP C 110 -39.34 10.06 4.80
C ASP C 110 -39.86 8.77 4.17
N TYR C 111 -39.25 7.64 4.48
CA TYR C 111 -39.64 6.38 3.87
C TYR C 111 -40.34 5.49 4.88
N TRP C 112 -41.44 4.88 4.47
CA TRP C 112 -42.23 4.01 5.32
C TRP C 112 -42.26 2.61 4.74
N GLY C 113 -42.30 1.62 5.62
CA GLY C 113 -42.40 0.26 5.17
C GLY C 113 -43.83 -0.14 4.89
N GLN C 114 -43.98 -1.29 4.25
CA GLN C 114 -45.32 -1.74 3.87
C GLN C 114 -46.18 -1.98 5.09
N GLY C 115 -45.59 -2.09 6.28
CA GLY C 115 -46.37 -2.22 7.48
C GLY C 115 -46.99 -3.58 7.62
N THR C 116 -47.17 -4.04 8.85
CA THR C 116 -47.71 -5.37 9.09
C THR C 116 -48.83 -5.28 10.11
N LEU C 117 -49.80 -6.18 9.98
CA LEU C 117 -50.89 -6.23 10.94
C LEU C 117 -50.45 -6.93 12.21
N VAL C 118 -51.09 -6.56 13.31
CA VAL C 118 -51.11 -7.36 14.52
C VAL C 118 -52.54 -7.35 15.02
N THR C 119 -53.09 -8.54 15.29
CA THR C 119 -54.46 -8.66 15.73
C THR C 119 -54.51 -9.60 16.92
N VAL C 120 -55.53 -9.37 17.75
CA VAL C 120 -55.75 -10.12 18.99
C VAL C 120 -57.21 -10.50 19.03
N SER C 121 -57.49 -11.75 19.40
CA SER C 121 -58.87 -12.19 19.53
C SER C 121 -58.91 -13.49 20.31
N SER C 122 -60.06 -13.76 20.91
CA SER C 122 -60.26 -14.99 21.65
C SER C 122 -60.68 -16.15 20.77
N ALA C 123 -60.60 -16.00 19.45
CA ALA C 123 -61.11 -17.02 18.54
C ALA C 123 -59.97 -17.82 17.90
N SER C 124 -60.35 -18.88 17.20
CA SER C 124 -59.43 -19.64 16.36
C SER C 124 -60.10 -19.86 15.01
N THR C 125 -59.28 -20.06 13.98
CA THR C 125 -59.76 -20.04 12.60
C THR C 125 -61.04 -20.86 12.45
N LYS C 126 -62.11 -20.19 12.04
CA LYS C 126 -63.43 -20.80 11.97
C LYS C 126 -64.07 -20.46 10.63
N GLY C 127 -64.64 -21.47 9.99
CA GLY C 127 -65.22 -21.32 8.68
C GLY C 127 -66.45 -20.43 8.69
N PRO C 128 -66.74 -19.81 7.55
CA PRO C 128 -67.86 -18.86 7.51
C PRO C 128 -69.23 -19.54 7.56
N SER C 129 -70.26 -18.69 7.61
CA SER C 129 -71.64 -19.12 7.47
C SER C 129 -72.34 -18.23 6.45
N VAL C 130 -73.41 -18.75 5.84
CA VAL C 130 -74.19 -17.99 4.86
C VAL C 130 -75.65 -18.38 5.03
N PHE C 131 -76.55 -17.40 4.89
CA PHE C 131 -77.96 -17.61 5.15
C PHE C 131 -78.82 -16.94 4.08
N PRO C 132 -80.02 -17.45 3.86
CA PRO C 132 -80.89 -16.90 2.82
C PRO C 132 -81.71 -15.71 3.28
N LEU C 133 -82.10 -14.89 2.29
CA LEU C 133 -83.00 -13.77 2.50
C LEU C 133 -84.06 -13.75 1.41
N ALA C 134 -85.24 -13.25 1.74
CA ALA C 134 -86.31 -13.15 0.75
C ALA C 134 -86.13 -11.89 -0.10
N PRO C 135 -86.72 -11.88 -1.30
CA PRO C 135 -86.52 -10.72 -2.19
C PRO C 135 -87.14 -9.46 -1.62
N SER C 136 -86.66 -8.32 -2.12
CA SER C 136 -87.12 -7.03 -1.63
C SER C 136 -88.54 -6.75 -2.06
N SER C 137 -89.25 -5.94 -1.26
CA SER C 137 -90.62 -5.55 -1.55
C SER C 137 -91.08 -4.48 -0.57
N GLY C 138 -88.43 -1.48 -11.72
CA GLY C 138 -88.02 -2.57 -12.57
C GLY C 138 -86.63 -3.09 -12.24
N THR C 139 -86.10 -2.67 -11.09
CA THR C 139 -84.77 -3.08 -10.64
C THR C 139 -84.83 -3.47 -9.17
N ALA C 140 -84.14 -4.53 -8.82
CA ALA C 140 -84.00 -4.98 -7.44
C ALA C 140 -82.65 -5.68 -7.31
N ALA C 141 -82.49 -6.46 -6.25
CA ALA C 141 -81.22 -7.14 -6.00
C ALA C 141 -81.46 -8.30 -5.05
N LEU C 142 -80.37 -8.93 -4.65
CA LEU C 142 -80.36 -9.79 -3.47
C LEU C 142 -78.92 -9.97 -3.00
N GLY C 143 -78.78 -10.35 -1.74
CA GLY C 143 -77.49 -10.34 -1.10
C GLY C 143 -77.14 -11.56 -0.25
N CYS C 144 -75.94 -12.07 -0.48
CA CYS C 144 -75.38 -13.16 0.31
C CYS C 144 -74.69 -12.58 1.53
N LEU C 145 -75.07 -13.08 2.70
CA LEU C 145 -74.51 -12.62 3.96
C LEU C 145 -73.46 -13.61 4.45
N VAL C 146 -72.23 -13.15 4.63
CA VAL C 146 -71.14 -13.96 5.17
C VAL C 146 -71.04 -13.64 6.65
N LYS C 147 -71.19 -14.65 7.49
CA LYS C 147 -71.39 -14.43 8.91
C LYS C 147 -70.37 -15.22 9.72
N ASP C 148 -69.82 -14.54 10.74
CA ASP C 148 -69.03 -15.15 11.79
C ASP C 148 -67.93 -16.05 11.24
N TYR C 149 -66.98 -15.46 10.52
CA TYR C 149 -65.78 -16.17 10.11
C TYR C 149 -64.57 -15.43 10.64
N PHE C 150 -63.55 -16.19 11.05
CA PHE C 150 -62.30 -15.63 11.51
C PHE C 150 -61.18 -16.57 11.16
N PRO C 151 -60.00 -16.06 10.79
CA PRO C 151 -59.65 -14.67 10.54
C PRO C 151 -59.79 -14.26 9.08
N GLU C 152 -59.59 -12.99 8.78
CA GLU C 152 -59.46 -12.55 7.40
C GLU C 152 -58.12 -13.03 6.83
N PRO C 153 -57.94 -13.02 5.51
CA PRO C 153 -58.85 -12.57 4.42
C PRO C 153 -59.87 -13.59 3.94
N VAL C 154 -60.85 -13.12 3.18
CA VAL C 154 -61.86 -13.96 2.55
C VAL C 154 -62.18 -13.39 1.18
N THR C 155 -62.51 -14.27 0.24
CA THR C 155 -62.89 -13.86 -1.11
C THR C 155 -64.28 -14.41 -1.42
N VAL C 156 -65.02 -13.67 -2.24
CA VAL C 156 -66.41 -14.01 -2.54
C VAL C 156 -66.70 -13.73 -4.00
N SER C 157 -67.49 -14.60 -4.62
CA SER C 157 -67.97 -14.41 -5.99
C SER C 157 -69.43 -14.85 -6.04
N TRP C 158 -69.96 -14.98 -7.25
CA TRP C 158 -71.35 -15.37 -7.43
C TRP C 158 -71.47 -16.35 -8.59
N ASN C 159 -72.46 -17.23 -8.49
CA ASN C 159 -72.75 -18.20 -9.55
C ASN C 159 -71.54 -19.06 -9.86
N SER C 160 -70.71 -19.33 -8.85
CA SER C 160 -69.54 -20.18 -8.99
C SER C 160 -68.63 -19.70 -10.12
N GLY C 161 -68.51 -18.39 -10.29
CA GLY C 161 -67.71 -17.85 -11.37
C GLY C 161 -67.46 -16.36 -11.22
N ALA C 162 -67.52 -15.64 -12.34
CA ALA C 162 -67.23 -14.22 -12.39
C ALA C 162 -68.45 -13.45 -12.86
N LEU C 163 -69.60 -13.75 -12.27
CA LEU C 163 -70.80 -12.97 -12.54
C LEU C 163 -70.72 -11.63 -11.81
N THR C 164 -70.61 -10.54 -12.59
CA THR C 164 -70.46 -9.21 -12.03
C THR C 164 -71.62 -8.30 -12.40
N SER C 165 -72.86 -8.77 -12.27
CA SER C 165 -74.02 -7.97 -12.66
C SER C 165 -74.27 -6.87 -11.63
N GLY C 166 -73.62 -5.73 -11.81
CA GLY C 166 -73.73 -4.67 -10.82
C GLY C 166 -73.34 -5.14 -9.44
N VAL C 167 -72.46 -6.12 -9.35
CA VAL C 167 -72.15 -6.77 -8.09
C VAL C 167 -71.21 -5.90 -7.28
N HIS C 168 -71.37 -5.92 -5.97
CA HIS C 168 -70.51 -5.19 -5.06
C HIS C 168 -70.23 -6.07 -3.85
N THR C 169 -69.09 -5.81 -3.22
CA THR C 169 -68.69 -6.51 -2.00
C THR C 169 -68.25 -5.48 -0.98
N PHE C 170 -68.69 -5.66 0.26
CA PHE C 170 -68.46 -4.65 1.28
C PHE C 170 -67.40 -5.12 2.27
N PRO C 171 -66.51 -4.23 2.74
CA PRO C 171 -65.50 -4.67 3.69
C PRO C 171 -66.14 -5.16 4.98
N ALA C 172 -65.47 -6.10 5.64
CA ALA C 172 -66.07 -6.80 6.75
C ALA C 172 -66.25 -5.90 7.97
N VAL C 173 -67.08 -6.35 8.89
CA VAL C 173 -67.36 -5.67 10.15
C VAL C 173 -67.12 -6.65 11.28
N LEU C 174 -66.54 -6.17 12.37
CA LEU C 174 -66.29 -6.98 13.56
C LEU C 174 -67.57 -6.98 14.39
N GLN C 175 -68.23 -8.12 14.45
CA GLN C 175 -69.36 -8.23 15.37
C GLN C 175 -68.87 -8.70 16.75
N SER C 176 -69.65 -8.39 17.77
CA SER C 176 -69.22 -8.60 19.14
C SER C 176 -68.78 -10.03 19.43
N SER C 177 -69.03 -10.96 18.51
CA SER C 177 -68.54 -12.33 18.66
C SER C 177 -67.04 -12.44 18.44
N GLY C 178 -66.35 -11.33 18.19
CA GLY C 178 -64.95 -11.41 17.84
C GLY C 178 -64.71 -11.98 16.47
N LEU C 179 -65.71 -11.91 15.58
CA LEU C 179 -65.64 -12.49 14.26
C LEU C 179 -66.07 -11.47 13.22
N TYR C 180 -65.83 -11.81 11.96
CA TYR C 180 -66.15 -10.94 10.84
C TYR C 180 -67.53 -11.25 10.28
N SER C 181 -68.12 -10.27 9.62
CA SER C 181 -69.27 -10.50 8.75
C SER C 181 -69.23 -9.48 7.62
N LEU C 182 -69.90 -9.81 6.51
CA LEU C 182 -69.94 -8.89 5.39
C LEU C 182 -71.08 -9.32 4.47
N SER C 183 -71.20 -8.60 3.36
CA SER C 183 -72.27 -8.81 2.40
C SER C 183 -71.73 -8.78 0.97
N SER C 184 -72.43 -9.46 0.08
CA SER C 184 -72.28 -9.25 -1.35
C SER C 184 -73.68 -9.11 -1.92
N VAL C 185 -73.83 -8.26 -2.96
CA VAL C 185 -75.13 -7.96 -3.52
C VAL C 185 -75.05 -8.04 -5.04
N VAL C 186 -76.19 -8.34 -5.65
CA VAL C 186 -76.29 -8.42 -7.11
C VAL C 186 -77.49 -7.59 -7.56
N THR C 187 -77.24 -6.66 -8.48
CA THR C 187 -78.27 -5.77 -9.01
C THR C 187 -78.83 -6.38 -10.29
N VAL C 188 -80.16 -6.46 -10.38
CA VAL C 188 -80.81 -7.29 -11.39
C VAL C 188 -82.24 -6.78 -11.58
N PRO C 189 -83.03 -7.37 -12.48
CA PRO C 189 -84.44 -7.00 -12.58
C PRO C 189 -85.15 -7.09 -11.23
N SER C 190 -86.39 -6.59 -11.20
CA SER C 190 -87.10 -6.44 -9.93
C SER C 190 -87.46 -7.80 -9.32
N SER C 191 -88.30 -8.57 -10.00
CA SER C 191 -88.81 -9.81 -9.43
C SER C 191 -87.70 -10.85 -9.37
N SER C 192 -86.82 -10.74 -8.37
CA SER C 192 -85.64 -11.57 -8.29
C SER C 192 -85.87 -12.84 -7.47
N LEU C 193 -86.60 -13.79 -8.03
CA LEU C 193 -86.72 -15.12 -7.44
C LEU C 193 -87.12 -16.10 -8.54
N GLY C 194 -86.17 -16.91 -8.98
CA GLY C 194 -86.45 -17.99 -9.92
C GLY C 194 -86.30 -17.64 -11.38
N THR C 195 -86.23 -16.36 -11.74
CA THR C 195 -86.02 -16.01 -13.14
C THR C 195 -84.69 -16.54 -13.64
N GLN C 196 -83.65 -16.44 -12.81
CA GLN C 196 -82.38 -17.11 -13.05
C GLN C 196 -81.76 -17.47 -11.71
N THR C 197 -81.05 -18.58 -11.68
CA THR C 197 -80.48 -19.09 -10.43
C THR C 197 -79.43 -18.12 -9.91
N TYR C 198 -79.43 -17.93 -8.59
CA TYR C 198 -78.46 -17.07 -7.92
C TYR C 198 -77.66 -17.93 -6.95
N ILE C 199 -76.34 -17.83 -7.01
CA ILE C 199 -75.47 -18.56 -6.11
C ILE C 199 -74.34 -17.64 -5.69
N CYS C 200 -74.01 -17.67 -4.40
CA CYS C 200 -72.91 -16.91 -3.85
C CYS C 200 -71.85 -17.89 -3.37
N ASN C 201 -70.60 -17.45 -3.45
CA ASN C 201 -69.44 -18.34 -3.39
C ASN C 201 -68.43 -17.73 -2.42
N VAL C 202 -67.94 -18.52 -1.48
CA VAL C 202 -67.04 -18.05 -0.44
C VAL C 202 -65.79 -18.93 -0.42
N ASN C 203 -64.61 -18.30 -0.32
CA ASN C 203 -63.36 -19.02 -0.15
C ASN C 203 -62.56 -18.35 0.95
N HIS C 204 -61.92 -19.17 1.78
CA HIS C 204 -61.27 -18.72 3.02
C HIS C 204 -59.85 -19.28 3.07
N LYS C 205 -58.87 -18.48 2.66
CA LYS C 205 -57.48 -18.91 2.70
C LYS C 205 -57.03 -19.38 4.08
N PRO C 206 -57.36 -18.69 5.18
CA PRO C 206 -56.89 -19.15 6.49
C PRO C 206 -57.28 -20.58 6.80
N SER C 207 -58.42 -21.04 6.30
CA SER C 207 -58.83 -22.42 6.47
C SER C 207 -58.85 -23.21 5.17
N ASN C 208 -58.62 -22.56 4.03
CA ASN C 208 -58.72 -23.18 2.71
C ASN C 208 -60.12 -23.72 2.44
N THR C 209 -61.10 -23.34 3.23
CA THR C 209 -62.45 -23.85 3.07
C THR C 209 -63.19 -23.05 1.99
N LYS C 210 -64.27 -23.63 1.50
CA LYS C 210 -65.04 -23.02 0.42
C LYS C 210 -66.51 -23.38 0.61
N VAL C 211 -67.38 -22.55 0.05
CA VAL C 211 -68.82 -22.71 0.23
C VAL C 211 -69.56 -22.15 -0.97
N ASP C 212 -70.71 -22.76 -1.27
CA ASP C 212 -71.57 -22.39 -2.38
C ASP C 212 -73.01 -22.42 -1.89
N LYS C 213 -73.78 -21.37 -2.16
CA LYS C 213 -75.07 -21.27 -1.48
C LYS C 213 -76.07 -20.43 -2.27
N ARG C 214 -77.35 -20.75 -2.05
CA ARG C 214 -78.48 -19.97 -2.57
C ARG C 214 -78.86 -18.87 -1.57
N VAL C 215 -79.63 -17.89 -2.06
CA VAL C 215 -80.08 -16.79 -1.21
C VAL C 215 -81.57 -16.49 -1.37
N GLU C 216 -82.17 -16.90 -2.50
CA GLU C 216 -83.52 -16.45 -2.88
C GLU C 216 -84.70 -17.08 -2.14
N PRO C 217 -84.62 -18.33 -1.67
CA PRO C 217 -85.83 -19.13 -1.42
C PRO C 217 -86.99 -18.39 -0.74
N LYS C 218 -88.20 -18.79 -1.11
CA LYS C 218 -89.43 -18.61 -0.33
C LYS C 218 -89.80 -17.16 -0.01
N SER C 219 -90.20 -16.39 -1.02
CA SER C 219 -90.88 -15.13 -0.76
C SER C 219 -92.01 -15.34 0.25
N CYS C 220 -92.31 -14.28 0.99
CA CYS C 220 -93.34 -14.34 2.03
C CYS C 220 -94.28 -13.15 1.96
N GLU D 1 -47.38 16.23 24.07
CA GLU D 1 -48.12 17.38 24.65
C GLU D 1 -48.89 18.14 23.58
N ILE D 2 -48.23 18.45 22.47
CA ILE D 2 -48.81 19.28 21.42
C ILE D 2 -49.87 18.48 20.69
N VAL D 3 -51.10 18.98 20.72
CA VAL D 3 -52.17 18.40 19.91
C VAL D 3 -52.27 19.19 18.61
N MET D 4 -52.40 18.48 17.50
CA MET D 4 -52.50 19.12 16.19
C MET D 4 -53.80 18.69 15.54
N THR D 5 -54.55 19.66 15.02
CA THR D 5 -55.88 19.42 14.47
C THR D 5 -55.90 19.83 13.01
N GLN D 6 -56.58 19.02 12.20
CA GLN D 6 -56.59 19.20 10.75
C GLN D 6 -58.02 19.39 10.30
N SER D 7 -58.29 20.47 9.56
CA SER D 7 -59.63 20.85 9.18
C SER D 7 -59.65 21.21 7.71
N PRO D 8 -60.81 21.11 7.05
CA PRO D 8 -62.06 20.48 7.51
C PRO D 8 -61.94 18.97 7.42
N ALA D 9 -62.84 18.21 8.05
CA ALA D 9 -62.72 16.77 7.99
C ALA D 9 -62.80 16.27 6.55
N THR D 10 -63.68 16.86 5.73
CA THR D 10 -63.91 16.38 4.38
C THR D 10 -63.90 17.54 3.40
N LEU D 11 -63.46 17.25 2.17
CA LEU D 11 -63.57 18.17 1.04
C LEU D 11 -64.05 17.40 -0.18
N SER D 12 -65.06 17.95 -0.84
CA SER D 12 -65.56 17.39 -2.09
C SER D 12 -64.98 18.23 -3.23
N VAL D 13 -64.25 17.57 -4.13
CA VAL D 13 -63.52 18.27 -5.18
C VAL D 13 -63.78 17.58 -6.51
N SER D 14 -64.32 18.30 -7.45
CA SER D 14 -64.40 17.73 -8.79
C SER D 14 -63.02 17.73 -9.44
N PRO D 15 -62.75 16.79 -10.34
CA PRO D 15 -61.39 16.69 -10.89
C PRO D 15 -60.96 17.99 -11.55
N GLY D 16 -59.68 18.31 -11.40
CA GLY D 16 -59.12 19.52 -11.96
C GLY D 16 -59.31 20.77 -11.11
N GLU D 17 -59.83 20.62 -9.88
CA GLU D 17 -60.10 21.78 -9.04
C GLU D 17 -59.03 21.93 -7.96
N ARG D 18 -58.97 23.14 -7.40
CA ARG D 18 -58.01 23.47 -6.37
C ARG D 18 -58.60 23.21 -4.99
N ALA D 19 -57.75 22.68 -4.09
CA ALA D 19 -58.19 22.28 -2.76
C ALA D 19 -57.23 22.85 -1.72
N THR D 20 -57.78 23.10 -0.54
CA THR D 20 -57.06 23.78 0.54
C THR D 20 -57.35 23.05 1.85
N LEU D 21 -56.30 22.62 2.54
CA LEU D 21 -56.42 21.91 3.81
C LEU D 21 -55.67 22.70 4.86
N SER D 22 -56.28 22.94 6.02
CA SER D 22 -55.68 23.75 7.06
C SER D 22 -55.28 22.86 8.24
N CYS D 23 -54.17 23.21 8.88
CA CYS D 23 -53.67 22.50 10.04
C CYS D 23 -53.31 23.52 11.10
N ARG D 24 -53.74 23.27 12.33
CA ARG D 24 -53.51 24.15 13.46
C ARG D 24 -52.89 23.35 14.59
N ALA D 25 -52.20 24.02 15.49
CA ALA D 25 -51.55 23.35 16.60
C ALA D 25 -51.91 24.04 17.91
N SER D 26 -52.03 23.23 18.96
CA SER D 26 -52.30 23.78 20.28
C SER D 26 -51.23 24.76 20.72
N GLN D 27 -49.97 24.53 20.33
CA GLN D 27 -48.88 25.42 20.64
C GLN D 27 -48.09 25.67 19.36
N SER D 28 -47.16 26.61 19.43
CA SER D 28 -46.34 26.92 18.27
C SER D 28 -45.49 25.72 17.87
N VAL D 29 -45.25 25.60 16.57
CA VAL D 29 -44.31 24.62 16.03
C VAL D 29 -43.31 25.28 15.09
N SER D 30 -43.23 26.61 15.13
CA SER D 30 -42.32 27.38 14.28
C SER D 30 -42.46 26.97 12.82
N SER D 31 -41.55 26.13 12.32
CA SER D 31 -41.61 25.64 10.96
C SER D 31 -41.31 24.15 10.88
N ASN D 32 -41.32 23.45 12.00
CA ASN D 32 -40.98 22.05 12.05
C ASN D 32 -42.16 21.18 11.65
N LEU D 33 -42.76 21.45 10.50
CA LEU D 33 -44.02 20.83 10.10
C LEU D 33 -43.89 20.17 8.75
N ALA D 34 -44.68 19.13 8.51
CA ALA D 34 -44.63 18.37 7.28
C ALA D 34 -46.02 17.85 6.95
N TRP D 35 -46.19 17.45 5.69
CA TRP D 35 -47.45 16.97 5.17
C TRP D 35 -47.22 15.66 4.44
N TYR D 36 -47.98 14.64 4.83
CA TYR D 36 -47.91 13.31 4.24
C TYR D 36 -49.23 12.95 3.59
N GLN D 37 -49.16 12.06 2.60
CA GLN D 37 -50.34 11.58 1.88
C GLN D 37 -50.55 10.10 2.19
N GLN D 38 -51.79 9.73 2.49
CA GLN D 38 -52.17 8.36 2.80
C GLN D 38 -53.11 7.86 1.72
N LYS D 39 -52.69 6.81 1.02
CA LYS D 39 -53.54 6.08 0.10
C LYS D 39 -53.98 4.80 0.76
N PRO D 40 -55.27 4.57 1.00
CA PRO D 40 -55.67 3.39 1.76
C PRO D 40 -55.13 2.12 1.11
N GLY D 41 -54.66 1.20 1.95
CA GLY D 41 -53.98 0.01 1.50
C GLY D 41 -52.47 0.13 1.46
N GLN D 42 -51.94 1.19 0.85
CA GLN D 42 -50.49 1.36 0.76
C GLN D 42 -49.96 2.09 1.99
N ALA D 43 -48.72 2.57 1.92
CA ALA D 43 -48.09 3.22 3.04
C ALA D 43 -48.09 4.73 2.85
N PRO D 44 -48.30 5.51 3.91
CA PRO D 44 -48.23 6.97 3.78
C PRO D 44 -46.99 7.39 3.02
N ARG D 45 -47.05 8.58 2.44
CA ARG D 45 -46.01 9.08 1.55
C ARG D 45 -45.68 10.51 1.92
N LEU D 46 -44.43 10.91 1.67
CA LEU D 46 -44.01 12.27 1.98
C LEU D 46 -44.45 13.23 0.88
N LEU D 47 -45.05 14.34 1.28
CA LEU D 47 -45.38 15.42 0.36
C LEU D 47 -44.48 16.63 0.59
N ILE D 48 -44.42 17.14 1.81
CA ILE D 48 -43.65 18.34 2.09
C ILE D 48 -43.01 18.19 3.47
N TYR D 49 -41.71 18.30 3.54
CA TYR D 49 -41.03 18.10 4.82
C TYR D 49 -40.74 19.38 5.57
N GLY D 50 -40.25 20.41 4.90
CA GLY D 50 -40.23 21.73 5.50
C GLY D 50 -41.62 22.30 5.55
N ALA D 51 -41.73 23.54 6.01
CA ALA D 51 -43.02 24.19 5.96
C ALA D 51 -43.52 24.31 4.53
N SER D 52 -42.63 24.52 3.57
CA SER D 52 -43.02 24.62 2.17
C SER D 52 -42.13 23.84 1.21
N THR D 53 -40.95 23.37 1.62
CA THR D 53 -40.04 22.72 0.70
C THR D 53 -40.65 21.41 0.21
N ARG D 54 -40.82 21.28 -1.09
CA ARG D 54 -41.37 20.06 -1.65
C ARG D 54 -40.30 18.99 -1.77
N ALA D 55 -40.66 17.76 -1.40
CA ALA D 55 -39.73 16.66 -1.51
C ALA D 55 -39.59 16.24 -2.98
N THR D 56 -38.60 15.40 -3.24
CA THR D 56 -38.29 15.01 -4.61
C THR D 56 -39.45 14.19 -5.20
N GLY D 57 -39.81 14.52 -6.44
CA GLY D 57 -40.72 13.70 -7.22
C GLY D 57 -42.18 14.07 -7.09
N ILE D 58 -42.55 14.90 -6.14
CA ILE D 58 -43.97 15.25 -6.00
C ILE D 58 -44.35 16.25 -7.07
N PRO D 59 -45.55 16.17 -7.66
CA PRO D 59 -45.94 17.16 -8.66
C PRO D 59 -45.92 18.58 -8.09
N ALA D 60 -45.54 19.53 -8.93
CA ALA D 60 -45.42 20.92 -8.50
C ALA D 60 -46.76 21.54 -8.14
N ARG D 61 -47.88 20.89 -8.50
CA ARG D 61 -49.18 21.44 -8.15
C ARG D 61 -49.44 21.39 -6.65
N PHE D 62 -48.59 20.69 -5.90
CA PHE D 62 -48.67 20.66 -4.44
C PHE D 62 -47.84 21.80 -3.88
N SER D 63 -48.32 22.40 -2.78
CA SER D 63 -47.48 23.36 -2.07
C SER D 63 -48.15 23.71 -0.75
N GLY D 64 -47.31 23.88 0.27
CA GLY D 64 -47.80 24.24 1.59
C GLY D 64 -47.12 25.49 2.09
N SER D 65 -47.83 26.20 2.97
CA SER D 65 -47.31 27.45 3.49
C SER D 65 -47.87 27.69 4.88
N GLY D 66 -47.04 28.31 5.72
CA GLY D 66 -47.46 28.63 7.06
C GLY D 66 -46.33 28.69 8.07
N SER D 67 -46.67 29.05 9.32
CA SER D 67 -45.67 29.19 10.36
C SER D 67 -46.38 29.52 11.66
N GLY D 68 -45.62 29.50 12.75
CA GLY D 68 -46.19 29.78 14.05
C GLY D 68 -47.13 28.68 14.49
N THR D 69 -48.43 28.94 14.44
CA THR D 69 -49.44 27.97 14.84
C THR D 69 -50.42 27.62 13.72
N GLU D 70 -50.25 28.16 12.52
CA GLU D 70 -51.19 27.93 11.42
C GLU D 70 -50.43 27.54 10.16
N PHE D 71 -50.93 26.52 9.48
CA PHE D 71 -50.34 26.07 8.23
C PHE D 71 -51.46 25.62 7.30
N THR D 72 -51.16 25.60 6.01
CA THR D 72 -52.15 25.18 5.02
C THR D 72 -51.44 24.56 3.84
N LEU D 73 -51.87 23.35 3.49
CA LEU D 73 -51.46 22.71 2.25
C LEU D 73 -52.49 23.05 1.18
N THR D 74 -52.04 23.10 -0.07
CA THR D 74 -52.91 23.42 -1.18
C THR D 74 -52.46 22.66 -2.42
N ILE D 75 -53.44 22.35 -3.26
CA ILE D 75 -53.21 21.70 -4.54
C ILE D 75 -54.01 22.45 -5.59
N SER D 76 -53.41 22.70 -6.75
CA SER D 76 -54.00 23.62 -7.72
C SER D 76 -54.58 22.95 -8.95
N SER D 77 -54.02 21.83 -9.41
CA SER D 77 -54.46 21.19 -10.65
C SER D 77 -54.76 19.72 -10.38
N MET D 78 -55.54 19.46 -9.33
CA MET D 78 -55.69 18.11 -8.80
C MET D 78 -56.20 17.15 -9.86
N GLN D 79 -55.55 15.99 -9.96
CA GLN D 79 -55.94 14.94 -10.88
C GLN D 79 -56.69 13.84 -10.14
N SER D 80 -57.17 12.85 -10.89
CA SER D 80 -57.95 11.78 -10.30
C SER D 80 -57.12 10.98 -9.30
N GLU D 81 -55.87 10.68 -9.65
CA GLU D 81 -55.02 9.87 -8.77
C GLU D 81 -54.71 10.58 -7.46
N ASP D 82 -54.75 11.91 -7.43
CA ASP D 82 -54.47 12.63 -6.19
C ASP D 82 -55.53 12.42 -5.13
N PHE D 83 -56.69 11.90 -5.49
CA PHE D 83 -57.75 11.71 -4.51
C PHE D 83 -57.33 10.64 -3.50
N ALA D 84 -57.12 11.07 -2.26
CA ALA D 84 -56.68 10.20 -1.18
C ALA D 84 -56.94 10.90 0.15
N VAL D 85 -56.32 10.43 1.24
CA VAL D 85 -56.40 11.11 2.52
C VAL D 85 -55.06 11.78 2.79
N TYR D 86 -55.07 12.78 3.67
CA TYR D 86 -53.90 13.58 3.95
C TYR D 86 -53.72 13.75 5.45
N TYR D 87 -52.46 13.92 5.87
CA TYR D 87 -52.13 14.13 7.27
C TYR D 87 -51.11 15.25 7.40
N CYS D 88 -51.29 16.10 8.41
CA CYS D 88 -50.27 17.05 8.80
C CYS D 88 -49.58 16.56 10.06
N HIS D 89 -48.27 16.74 10.11
CA HIS D 89 -47.42 16.15 11.12
C HIS D 89 -46.44 17.21 11.60
N GLN D 90 -46.08 17.17 12.87
CA GLN D 90 -45.16 18.13 13.44
C GLN D 90 -44.09 17.39 14.23
N TYR D 91 -42.90 18.00 14.31
CA TYR D 91 -41.78 17.36 14.95
C TYR D 91 -40.96 18.36 15.77
N ASN D 92 -41.60 19.37 16.32
CA ASN D 92 -40.90 20.34 17.14
C ASN D 92 -40.80 19.91 18.60
N ASN D 93 -41.50 18.84 18.99
CA ASN D 93 -41.44 18.27 20.33
C ASN D 93 -41.74 16.79 20.15
N TRP D 94 -42.20 16.06 21.17
CA TRP D 94 -42.68 14.72 20.88
C TRP D 94 -43.65 14.82 19.71
N TRP D 95 -43.30 14.20 18.60
CA TRP D 95 -44.10 14.35 17.40
C TRP D 95 -45.44 13.63 17.55
N THR D 96 -46.42 14.09 16.79
CA THR D 96 -47.76 13.57 16.81
C THR D 96 -48.36 13.72 15.42
N PHE D 97 -49.53 13.14 15.23
CA PHE D 97 -50.20 13.16 13.94
C PHE D 97 -51.60 13.71 14.07
N GLY D 98 -52.05 14.40 13.02
CA GLY D 98 -53.39 14.93 13.01
C GLY D 98 -54.41 13.94 12.47
N GLN D 99 -55.66 14.13 12.89
CA GLN D 99 -56.71 13.19 12.53
C GLN D 99 -56.92 13.07 11.03
N GLY D 100 -56.48 14.04 10.25
CA GLY D 100 -56.47 13.89 8.81
C GLY D 100 -57.72 14.42 8.15
N THR D 101 -57.61 14.65 6.85
CA THR D 101 -58.66 15.21 6.02
C THR D 101 -58.93 14.29 4.84
N LYS D 102 -60.19 13.97 4.62
CA LYS D 102 -60.57 13.22 3.44
C LYS D 102 -60.76 14.14 2.25
N VAL D 103 -60.60 13.58 1.05
CA VAL D 103 -60.91 14.27 -0.19
C VAL D 103 -61.63 13.27 -1.09
N GLU D 104 -62.77 13.67 -1.62
CA GLU D 104 -63.63 12.79 -2.40
C GLU D 104 -63.96 13.41 -3.74
N ILE D 105 -64.30 12.56 -4.71
CA ILE D 105 -64.78 13.07 -5.99
C ILE D 105 -66.09 13.82 -5.79
N LYS D 106 -66.31 14.83 -6.61
CA LYS D 106 -67.60 15.50 -6.71
C LYS D 106 -68.25 15.13 -8.03
N ARG D 107 -69.57 14.94 -7.99
CA ARG D 107 -70.29 14.43 -9.14
C ARG D 107 -71.74 14.92 -9.07
N THR D 108 -72.59 14.33 -9.91
CA THR D 108 -74.00 14.68 -9.91
C THR D 108 -74.70 14.08 -8.70
N VAL D 109 -75.64 14.83 -8.13
CA VAL D 109 -76.46 14.31 -7.06
C VAL D 109 -77.31 13.18 -7.60
N ALA D 110 -77.31 12.04 -6.90
CA ALA D 110 -78.04 10.86 -7.32
C ALA D 110 -78.83 10.32 -6.13
N ALA D 111 -80.12 10.12 -6.31
CA ALA D 111 -80.93 9.57 -5.24
C ALA D 111 -80.57 8.11 -5.00
N PRO D 112 -80.72 7.61 -3.77
CA PRO D 112 -80.31 6.22 -3.49
C PRO D 112 -81.36 5.22 -3.95
N SER D 113 -80.90 4.16 -4.60
CA SER D 113 -81.75 3.02 -4.88
C SER D 113 -81.74 2.07 -3.69
N VAL D 114 -82.92 1.82 -3.13
CA VAL D 114 -83.08 1.18 -1.83
C VAL D 114 -83.72 -0.18 -2.02
N PHE D 115 -83.21 -1.17 -1.28
CA PHE D 115 -83.78 -2.50 -1.27
C PHE D 115 -83.69 -3.07 0.13
N ILE D 116 -84.64 -3.95 0.46
CA ILE D 116 -84.70 -4.60 1.76
C ILE D 116 -84.76 -6.10 1.54
N PHE D 117 -84.29 -6.87 2.51
CA PHE D 117 -84.23 -8.33 2.35
C PHE D 117 -84.47 -9.03 3.68
N PRO D 118 -85.62 -9.69 3.85
CA PRO D 118 -85.93 -10.30 5.14
C PRO D 118 -85.20 -11.61 5.32
N PRO D 119 -85.34 -12.25 6.48
CA PRO D 119 -84.75 -13.57 6.66
C PRO D 119 -85.58 -14.64 5.97
N SER D 120 -85.12 -15.89 6.08
CA SER D 120 -85.83 -17.02 5.50
C SER D 120 -85.72 -18.23 6.43
N ASP D 121 -86.09 -19.39 5.88
CA ASP D 121 -86.29 -20.57 6.71
C ASP D 121 -84.99 -21.08 7.32
N GLU D 122 -83.95 -21.21 6.49
CA GLU D 122 -82.73 -21.87 6.95
C GLU D 122 -82.13 -21.18 8.17
N GLN D 123 -82.29 -19.86 8.28
CA GLN D 123 -81.72 -19.16 9.42
C GLN D 123 -82.48 -19.43 10.70
N LEU D 124 -83.77 -19.76 10.62
CA LEU D 124 -84.53 -20.08 11.82
C LEU D 124 -83.91 -21.25 12.56
N LYS D 125 -83.60 -22.33 11.86
CA LYS D 125 -82.94 -23.46 12.51
C LYS D 125 -81.57 -23.07 13.04
N SER D 126 -80.93 -22.08 12.41
CA SER D 126 -79.71 -21.51 12.98
C SER D 126 -80.02 -20.51 14.10
N GLY D 127 -81.23 -19.96 14.12
CA GLY D 127 -81.63 -19.06 15.18
C GLY D 127 -81.00 -17.69 15.14
N THR D 128 -80.73 -17.16 13.95
CA THR D 128 -80.05 -15.88 13.77
C THR D 128 -80.77 -15.03 12.74
N ALA D 129 -82.09 -14.90 12.86
CA ALA D 129 -82.87 -14.17 11.88
C ALA D 129 -82.30 -12.76 11.68
N SER D 130 -82.14 -12.36 10.43
CA SER D 130 -81.52 -11.09 10.10
C SER D 130 -82.11 -10.53 8.81
N VAL D 131 -81.95 -9.22 8.63
CA VAL D 131 -82.48 -8.50 7.50
C VAL D 131 -81.37 -7.60 6.97
N VAL D 132 -81.45 -7.24 5.69
CA VAL D 132 -80.41 -6.41 5.06
C VAL D 132 -81.05 -5.25 4.31
N CYS D 133 -80.54 -4.04 4.54
CA CYS D 133 -80.89 -2.87 3.75
C CYS D 133 -79.72 -2.52 2.84
N LEU D 134 -79.96 -2.56 1.53
CA LEU D 134 -78.95 -2.25 0.53
C LEU D 134 -79.31 -0.93 -0.15
N LEU D 135 -78.42 0.04 -0.06
CA LEU D 135 -78.54 1.29 -0.80
C LEU D 135 -77.39 1.34 -1.82
N ASN D 136 -77.73 1.44 -3.09
CA ASN D 136 -76.76 1.25 -4.15
C ASN D 136 -76.51 2.54 -4.92
N ASN D 137 -75.23 2.81 -5.19
CA ASN D 137 -74.82 3.86 -6.12
C ASN D 137 -75.48 5.19 -5.82
N PHE D 138 -75.42 5.60 -4.56
CA PHE D 138 -75.96 6.89 -4.17
C PHE D 138 -74.84 7.90 -3.99
N TYR D 139 -75.22 9.18 -4.05
CA TYR D 139 -74.27 10.27 -3.86
C TYR D 139 -75.04 11.49 -3.37
N PRO D 140 -74.41 12.34 -2.56
CA PRO D 140 -73.11 12.21 -1.90
C PRO D 140 -73.17 11.31 -0.67
N ARG D 141 -72.11 11.37 0.14
CA ARG D 141 -71.93 10.43 1.24
C ARG D 141 -73.01 10.59 2.30
N GLU D 142 -73.77 11.68 2.28
CA GLU D 142 -74.69 12.00 3.36
C GLU D 142 -75.91 11.09 3.41
N ALA D 143 -76.13 10.26 2.41
CA ALA D 143 -77.29 9.37 2.41
C ALA D 143 -77.34 8.59 3.71
N LYS D 144 -78.51 8.55 4.36
CA LYS D 144 -78.63 7.98 5.68
C LYS D 144 -79.82 7.04 5.75
N VAL D 145 -79.76 6.11 6.70
CA VAL D 145 -80.64 4.95 6.76
C VAL D 145 -81.29 4.87 8.14
N GLN D 146 -82.43 4.17 8.19
CA GLN D 146 -83.17 3.92 9.42
C GLN D 146 -83.78 2.54 9.36
N TRP D 147 -83.31 1.64 10.22
CA TRP D 147 -83.99 0.38 10.47
C TRP D 147 -85.18 0.64 11.38
N LYS D 148 -86.38 0.26 10.94
CA LYS D 148 -87.59 0.57 11.67
C LYS D 148 -88.42 -0.70 11.87
N VAL D 149 -88.94 -0.85 13.09
CA VAL D 149 -89.90 -1.90 13.42
C VAL D 149 -90.98 -1.29 14.29
N ASP D 150 -91.93 -2.13 14.73
CA ASP D 150 -93.03 -1.68 15.55
C ASP D 150 -92.52 -0.84 16.72
N ASN D 151 -92.86 0.45 16.72
CA ASN D 151 -92.48 1.38 17.78
C ASN D 151 -91.00 1.26 18.14
N ALA D 152 -90.12 1.22 17.15
CA ALA D 152 -88.68 1.18 17.42
C ALA D 152 -87.90 1.43 16.14
N LEU D 153 -86.96 2.38 16.22
CA LEU D 153 -85.97 2.59 15.18
C LEU D 153 -84.74 1.77 15.52
N GLN D 154 -84.55 0.65 14.84
CA GLN D 154 -83.56 -0.36 15.24
C GLN D 154 -82.13 0.10 14.89
N SER D 155 -81.71 1.14 15.59
CA SER D 155 -80.33 1.60 15.58
C SER D 155 -79.74 1.42 16.97
N GLY D 156 -78.57 0.79 17.05
CA GLY D 156 -77.99 0.35 18.30
C GLY D 156 -77.98 -1.15 18.49
N ASN D 157 -78.74 -1.89 17.69
CA ASN D 157 -78.70 -3.34 17.65
C ASN D 157 -78.59 -3.81 16.21
N SER D 158 -77.78 -3.10 15.43
CA SER D 158 -77.50 -3.44 14.04
C SER D 158 -76.26 -2.64 13.66
N GLN D 159 -75.72 -2.91 12.47
CA GLN D 159 -74.47 -2.28 12.07
C GLN D 159 -74.56 -1.76 10.64
N GLU D 160 -73.97 -0.58 10.42
CA GLU D 160 -73.83 -0.03 9.10
C GLU D 160 -72.42 -0.27 8.57
N SER D 161 -72.31 -0.46 7.26
CA SER D 161 -71.03 -0.60 6.58
C SER D 161 -71.17 0.01 5.21
N VAL D 162 -70.06 0.51 4.68
CA VAL D 162 -70.07 1.27 3.44
C VAL D 162 -68.87 0.88 2.59
N THR D 163 -69.06 0.86 1.29
CA THR D 163 -67.95 0.66 0.38
C THR D 163 -67.06 1.91 0.37
N GLU D 164 -65.99 1.84 -0.40
CA GLU D 164 -65.33 3.07 -0.81
C GLU D 164 -66.13 3.61 -1.98
N GLN D 165 -65.69 4.70 -2.59
CA GLN D 165 -66.35 5.17 -3.79
C GLN D 165 -66.37 4.06 -4.83
N ASP D 166 -67.50 3.92 -5.51
CA ASP D 166 -67.52 3.07 -6.69
C ASP D 166 -66.74 3.83 -7.75
N SER D 167 -65.42 3.86 -7.59
CA SER D 167 -64.59 4.86 -8.23
C SER D 167 -64.73 4.89 -9.75
N LYS D 168 -65.10 3.77 -10.37
CA LYS D 168 -65.35 3.80 -11.80
C LYS D 168 -66.50 4.74 -12.15
N ASP D 169 -67.36 5.07 -11.17
CA ASP D 169 -68.37 6.11 -11.36
C ASP D 169 -68.51 7.05 -10.17
N SER D 170 -67.86 6.79 -9.04
CA SER D 170 -67.74 7.70 -7.91
C SER D 170 -68.99 7.75 -7.03
N THR D 171 -69.84 6.73 -7.06
CA THR D 171 -70.98 6.69 -6.15
C THR D 171 -70.61 5.91 -4.88
N TYR D 172 -71.59 5.76 -4.00
CA TYR D 172 -71.40 5.08 -2.72
C TYR D 172 -72.44 3.98 -2.56
N SER D 173 -72.07 2.95 -1.80
CA SER D 173 -72.94 1.81 -1.54
C SER D 173 -72.88 1.45 -0.06
N LEU D 174 -74.05 1.11 0.49
CA LEU D 174 -74.20 0.82 1.91
C LEU D 174 -75.01 -0.46 2.08
N SER D 175 -74.64 -1.26 3.06
CA SER D 175 -75.16 -2.62 3.22
C SER D 175 -75.55 -2.88 4.68
N SER D 176 -76.38 -1.99 5.23
CA SER D 176 -76.70 -2.09 6.65
C SER D 176 -77.33 -3.43 6.96
N THR D 177 -76.95 -4.01 8.09
CA THR D 177 -77.38 -5.35 8.48
C THR D 177 -78.02 -5.31 9.85
N LEU D 178 -79.20 -5.92 9.97
CA LEU D 178 -79.93 -6.04 11.22
C LEU D 178 -79.96 -7.50 11.63
N THR D 179 -79.59 -7.79 12.86
CA THR D 179 -79.46 -9.17 13.33
C THR D 179 -80.25 -9.35 14.62
N LEU D 180 -81.04 -10.42 14.68
CA LEU D 180 -81.88 -10.70 15.84
C LEU D 180 -81.77 -12.19 16.18
N SER D 181 -82.45 -12.57 17.26
CA SER D 181 -82.38 -13.94 17.75
C SER D 181 -83.34 -14.84 16.98
N LYS D 182 -83.44 -16.09 17.45
CA LYS D 182 -84.27 -17.09 16.78
C LYS D 182 -85.74 -16.71 16.82
N ALA D 183 -86.26 -16.45 18.03
CA ALA D 183 -87.70 -16.20 18.18
C ALA D 183 -88.07 -14.76 17.87
N ASP D 184 -87.09 -13.90 17.62
CA ASP D 184 -87.38 -12.48 17.40
C ASP D 184 -88.13 -12.25 16.10
N TYR D 185 -87.88 -13.08 15.08
CA TYR D 185 -88.50 -12.85 13.78
C TYR D 185 -90.00 -12.69 13.90
N GLU D 186 -90.65 -13.56 14.67
CA GLU D 186 -92.09 -13.47 14.88
C GLU D 186 -92.49 -12.42 15.90
N LYS D 187 -91.59 -12.07 16.82
CA LYS D 187 -91.94 -11.13 17.88
C LYS D 187 -92.34 -9.79 17.30
N HIS D 188 -91.56 -9.27 16.36
CA HIS D 188 -91.90 -8.02 15.69
C HIS D 188 -92.72 -8.31 14.44
N LYS D 189 -93.74 -7.49 14.22
CA LYS D 189 -94.67 -7.68 13.11
C LYS D 189 -94.37 -6.80 11.91
N VAL D 190 -93.72 -5.66 12.12
CA VAL D 190 -93.43 -4.69 11.07
C VAL D 190 -91.93 -4.58 10.92
N TYR D 191 -91.45 -4.46 9.69
CA TYR D 191 -90.03 -4.29 9.43
C TYR D 191 -89.87 -3.41 8.21
N ALA D 192 -88.89 -2.49 8.25
CA ALA D 192 -88.73 -1.60 7.11
C ALA D 192 -87.36 -0.93 7.14
N CYS D 193 -86.88 -0.63 5.95
CA CYS D 193 -85.76 0.27 5.73
C CYS D 193 -86.31 1.62 5.26
N GLU D 194 -85.91 2.70 5.93
CA GLU D 194 -86.24 4.04 5.50
C GLU D 194 -84.94 4.77 5.19
N VAL D 195 -84.99 5.70 4.23
CA VAL D 195 -83.79 6.35 3.75
C VAL D 195 -84.06 7.84 3.57
N THR D 196 -83.08 8.66 3.96
CA THR D 196 -83.12 10.10 3.75
C THR D 196 -81.89 10.53 2.99
N HIS D 197 -82.08 11.47 2.07
CA HIS D 197 -81.00 12.01 1.25
C HIS D 197 -81.57 13.20 0.49
N GLN D 198 -80.73 14.22 0.30
CA GLN D 198 -81.23 15.49 -0.22
C GLN D 198 -81.88 15.35 -1.59
N GLY D 199 -81.60 14.27 -2.31
CA GLY D 199 -82.39 13.93 -3.47
C GLY D 199 -83.75 13.35 -3.16
N LEU D 200 -84.09 13.24 -1.88
CA LEU D 200 -85.36 12.69 -1.44
C LEU D 200 -86.13 13.76 -0.68
N SER D 201 -87.19 14.29 -1.31
CA SER D 201 -88.05 15.23 -0.61
C SER D 201 -88.83 14.55 0.52
N SER D 202 -88.99 13.24 0.46
CA SER D 202 -89.62 12.46 1.51
C SER D 202 -88.84 11.16 1.66
N PRO D 203 -88.83 10.56 2.85
CA PRO D 203 -88.05 9.33 3.05
C PRO D 203 -88.51 8.22 2.11
N VAL D 204 -87.54 7.47 1.58
CA VAL D 204 -87.86 6.31 0.76
C VAL D 204 -87.99 5.08 1.66
N THR D 205 -88.99 4.25 1.38
CA THR D 205 -89.35 3.15 2.26
C THR D 205 -89.38 1.83 1.51
N LYS D 206 -88.89 0.78 2.16
CA LYS D 206 -89.12 -0.60 1.76
C LYS D 206 -89.49 -1.38 3.01
N SER D 207 -90.34 -2.40 2.87
CA SER D 207 -90.95 -2.95 4.07
C SER D 207 -91.37 -4.40 3.86
N PHE D 208 -91.59 -5.07 4.99
CA PHE D 208 -92.18 -6.40 5.03
C PHE D 208 -92.79 -6.60 6.43
N ASN D 209 -93.55 -7.69 6.57
CA ASN D 209 -94.35 -7.89 7.77
C ASN D 209 -94.55 -9.38 8.02
N ARG D 210 -94.97 -9.69 9.24
CA ARG D 210 -95.42 -11.02 9.62
C ARG D 210 -96.94 -11.12 9.48
N GLY D 211 -97.44 -12.34 9.63
CA GLY D 211 -98.87 -12.58 9.54
C GLY D 211 -99.24 -14.03 9.77
N GLU E 2 21.29 47.02 -40.19
CA GLU E 2 22.12 47.92 -39.34
C GLU E 2 21.40 48.31 -38.06
N ASN E 3 22.16 48.37 -36.96
CA ASN E 3 21.62 48.83 -35.68
C ASN E 3 20.44 47.98 -35.23
N LEU E 4 20.54 46.67 -35.41
CA LEU E 4 19.54 45.75 -34.91
C LEU E 4 19.92 45.26 -33.52
N TRP E 5 18.91 45.12 -32.67
CA TRP E 5 19.14 44.75 -31.28
C TRP E 5 18.12 43.72 -30.85
N VAL E 6 18.55 42.84 -29.95
CA VAL E 6 17.69 41.79 -29.45
C VAL E 6 16.55 42.42 -28.64
N THR E 7 15.38 41.80 -28.72
CA THR E 7 14.26 42.13 -27.86
C THR E 7 13.49 40.85 -27.56
N VAL E 8 13.21 40.63 -26.28
CA VAL E 8 12.63 39.38 -25.80
C VAL E 8 11.14 39.58 -25.60
N TYR E 9 10.35 38.68 -26.18
CA TYR E 9 8.91 38.71 -26.06
C TYR E 9 8.46 37.59 -25.14
N TYR E 10 7.46 37.90 -24.30
CA TYR E 10 6.84 36.93 -23.42
C TYR E 10 5.37 36.79 -23.80
N GLY E 11 4.84 35.58 -23.61
CA GLY E 11 3.51 35.30 -24.09
C GLY E 11 3.43 35.00 -25.57
N VAL E 12 4.49 34.46 -26.15
CA VAL E 12 4.50 34.17 -27.59
C VAL E 12 3.64 32.95 -27.87
N PRO E 13 2.93 32.90 -29.00
CA PRO E 13 2.20 31.68 -29.35
C PRO E 13 3.02 30.71 -30.21
N VAL E 14 3.90 29.92 -29.59
CA VAL E 14 4.64 28.89 -30.31
C VAL E 14 4.70 27.65 -29.43
N TRP E 15 4.58 26.49 -30.05
CA TRP E 15 4.46 25.24 -29.29
C TRP E 15 5.33 24.15 -29.91
N LYS E 16 5.51 23.07 -29.15
CA LYS E 16 6.28 21.93 -29.60
C LYS E 16 5.59 20.66 -29.12
N GLU E 17 6.12 19.51 -29.54
CA GLU E 17 5.51 18.23 -29.21
C GLU E 17 6.27 17.55 -28.08
N ALA E 18 5.56 17.19 -27.02
CA ALA E 18 6.19 16.61 -25.83
C ALA E 18 5.18 15.74 -25.08
N LYS E 19 5.71 14.87 -24.22
CA LYS E 19 4.88 14.08 -23.33
C LYS E 19 4.52 14.89 -22.10
N THR E 20 3.43 14.50 -21.44
CA THR E 20 3.01 15.18 -20.22
C THR E 20 1.95 14.33 -19.54
N THR E 21 1.64 14.69 -18.30
CA THR E 21 0.73 13.91 -17.47
C THR E 21 -0.66 14.56 -17.46
N LEU E 22 -1.68 13.80 -17.82
CA LEU E 22 -3.04 14.28 -17.92
C LEU E 22 -3.83 13.92 -16.67
N PHE E 23 -4.97 14.58 -16.49
CA PHE E 23 -5.79 14.37 -15.29
C PHE E 23 -7.26 14.35 -15.63
N CYS E 24 -8.03 13.73 -14.74
CA CYS E 24 -9.43 13.43 -14.99
C CYS E 24 -10.31 14.64 -14.79
N ALA E 25 -11.42 14.68 -15.50
CA ALA E 25 -12.52 15.58 -15.22
C ALA E 25 -13.79 14.85 -15.63
N SER E 26 -14.91 15.20 -15.01
CA SER E 26 -16.11 14.39 -15.21
C SER E 26 -17.34 15.21 -14.87
N ASP E 27 -18.47 14.51 -14.79
CA ASP E 27 -19.75 15.11 -14.47
C ASP E 27 -19.82 15.47 -12.99
N ALA E 28 -21.02 15.83 -12.54
CA ALA E 28 -21.20 16.27 -11.16
C ALA E 28 -21.30 15.11 -10.16
N LYS E 29 -21.55 13.88 -10.62
CA LYS E 29 -21.74 12.78 -9.70
C LYS E 29 -21.26 11.47 -10.32
N ALA E 30 -20.84 10.54 -9.45
CA ALA E 30 -20.37 9.22 -9.86
C ALA E 30 -20.51 8.28 -8.66
N TYR E 31 -20.24 6.99 -8.90
CA TYR E 31 -20.44 5.99 -7.86
C TYR E 31 -19.30 5.96 -6.84
N GLU E 32 -18.17 6.56 -7.16
CA GLU E 32 -17.08 6.71 -6.20
C GLU E 32 -16.68 5.37 -5.58
N THR E 41 -9.64 9.73 -9.57
CA THR E 41 -9.44 9.77 -11.02
C THR E 41 -10.60 9.11 -11.76
N HIS E 42 -11.53 8.50 -11.00
CA HIS E 42 -12.74 7.93 -11.58
C HIS E 42 -13.97 8.81 -11.37
N ALA E 43 -14.32 9.10 -10.12
CA ALA E 43 -15.19 10.25 -9.86
C ALA E 43 -14.42 11.54 -10.08
N CYS E 44 -13.25 11.66 -9.45
CA CYS E 44 -12.27 12.71 -9.70
C CYS E 44 -12.89 14.08 -9.53
N VAL E 45 -12.05 15.10 -9.63
CA VAL E 45 -12.46 16.50 -9.63
C VAL E 45 -11.39 17.24 -10.43
N PRO E 46 -11.66 18.47 -10.88
CA PRO E 46 -12.85 19.29 -10.70
C PRO E 46 -13.91 18.99 -11.73
N THR E 47 -15.02 19.72 -11.68
CA THR E 47 -16.05 19.62 -12.70
C THR E 47 -15.64 20.40 -13.93
N ASP E 48 -16.01 19.90 -15.10
CA ASP E 48 -15.70 20.59 -16.36
C ASP E 48 -16.72 21.69 -16.61
N PRO E 49 -16.30 22.96 -16.73
CA PRO E 49 -17.27 24.03 -16.98
C PRO E 49 -17.68 24.11 -18.45
N ASN E 50 -18.42 25.15 -18.81
CA ASN E 50 -18.78 25.37 -20.21
C ASN E 50 -17.51 25.30 -21.06
N PRO E 51 -17.41 24.35 -22.00
CA PRO E 51 -16.14 24.14 -22.68
C PRO E 51 -15.66 25.37 -23.43
N GLN E 52 -14.34 25.52 -23.48
CA GLN E 52 -13.70 26.66 -24.14
C GLN E 52 -12.79 26.13 -25.23
N GLU E 53 -12.83 26.77 -26.40
CA GLU E 53 -12.13 26.28 -27.58
C GLU E 53 -11.79 27.45 -28.48
N MET E 54 -10.72 27.31 -29.26
CA MET E 54 -10.38 28.34 -30.23
C MET E 54 -9.87 27.72 -31.52
N VAL E 55 -10.01 28.46 -32.61
CA VAL E 55 -9.55 28.07 -33.94
C VAL E 55 -8.31 28.89 -34.26
N LEU E 56 -7.34 28.27 -34.94
CA LEU E 56 -6.05 28.90 -35.19
C LEU E 56 -5.81 29.23 -36.65
N LYS E 57 -6.87 29.29 -37.46
CA LYS E 57 -6.76 29.82 -38.82
C LYS E 57 -5.58 29.25 -39.58
N ASN E 58 -4.52 30.05 -39.77
CA ASN E 58 -3.48 29.71 -40.73
C ASN E 58 -2.63 28.53 -40.29
N VAL E 59 -2.78 28.04 -39.06
CA VAL E 59 -1.91 26.98 -38.58
C VAL E 59 -2.14 25.73 -39.39
N THR E 60 -1.07 25.18 -39.94
CA THR E 60 -1.08 23.86 -40.56
C THR E 60 -0.18 22.96 -39.70
N GLU E 61 -0.75 21.89 -39.15
CA GLU E 61 -0.05 21.16 -38.12
C GLU E 61 -0.17 19.67 -38.39
N ASN E 62 0.86 18.93 -38.03
CA ASN E 62 0.85 17.49 -38.19
C ASN E 62 0.12 16.83 -37.03
N PHE E 63 -0.50 15.70 -37.33
CA PHE E 63 -1.14 14.86 -36.32
C PHE E 63 -0.65 13.44 -36.53
N ASN E 64 -0.98 12.57 -35.59
CA ASN E 64 -0.72 11.14 -35.79
C ASN E 64 -1.59 10.36 -34.82
N MET E 65 -2.27 9.34 -35.33
CA MET E 65 -3.15 8.55 -34.48
C MET E 65 -2.42 7.36 -33.91
N TRP E 66 -1.53 6.74 -34.68
CA TRP E 66 -0.97 5.45 -34.29
C TRP E 66 0.24 5.59 -33.39
N LYS E 67 0.65 6.81 -33.06
CA LYS E 67 1.84 7.02 -32.25
C LYS E 67 1.62 7.91 -31.03
N ASN E 68 0.56 8.72 -31.00
CA ASN E 68 0.41 9.69 -29.94
C ASN E 68 0.38 9.00 -28.59
N ASP E 69 0.46 9.80 -27.53
CA ASP E 69 0.69 9.26 -26.20
C ASP E 69 -0.60 9.03 -25.42
N MET E 70 -1.54 9.99 -25.47
CA MET E 70 -2.66 9.93 -24.55
C MET E 70 -3.47 8.65 -24.69
N VAL E 71 -3.35 7.94 -25.82
CA VAL E 71 -3.92 6.60 -25.90
C VAL E 71 -3.29 5.70 -24.86
N ASP E 72 -1.96 5.70 -24.78
CA ASP E 72 -1.29 4.82 -23.83
C ASP E 72 -1.60 5.21 -22.39
N GLN E 73 -1.68 6.50 -22.10
CA GLN E 73 -2.11 6.93 -20.77
C GLN E 73 -3.52 6.44 -20.49
N MET E 74 -4.40 6.51 -21.48
CA MET E 74 -5.76 6.00 -21.27
C MET E 74 -5.72 4.53 -20.87
N HIS E 75 -4.90 3.74 -21.57
CA HIS E 75 -4.84 2.33 -21.24
C HIS E 75 -4.23 2.10 -19.85
N GLU E 76 -3.14 2.79 -19.54
CA GLU E 76 -2.51 2.62 -18.24
C GLU E 76 -3.44 3.02 -17.12
N ASP E 77 -4.24 4.06 -17.32
CA ASP E 77 -5.30 4.34 -16.37
C ASP E 77 -6.25 3.15 -16.29
N VAL E 78 -6.97 2.87 -17.38
CA VAL E 78 -8.09 1.94 -17.30
C VAL E 78 -7.67 0.61 -16.71
N ILE E 79 -6.39 0.25 -16.78
CA ILE E 79 -5.95 -0.96 -16.08
C ILE E 79 -5.91 -0.74 -14.58
N SER E 80 -5.06 0.18 -14.12
CA SER E 80 -4.88 0.34 -12.68
C SER E 80 -6.17 0.82 -12.02
N LEU E 81 -7.05 1.44 -12.78
CA LEU E 81 -8.29 1.98 -12.23
C LEU E 81 -9.27 0.88 -11.87
N TRP E 82 -9.06 -0.34 -12.36
CA TRP E 82 -9.83 -1.48 -11.87
C TRP E 82 -9.28 -1.97 -10.54
N ASP E 83 -7.97 -2.21 -10.47
CA ASP E 83 -7.39 -2.72 -9.25
C ASP E 83 -7.43 -1.72 -8.11
N GLN E 84 -7.63 -0.44 -8.40
CA GLN E 84 -7.95 0.49 -7.33
C GLN E 84 -9.31 0.23 -6.74
N SER E 85 -10.04 -0.77 -7.23
CA SER E 85 -11.37 -1.06 -6.70
C SER E 85 -11.52 -2.53 -6.33
N LEU E 86 -10.79 -3.42 -7.02
CA LEU E 86 -11.00 -4.85 -6.78
C LEU E 86 -10.36 -5.33 -5.48
N LYS E 87 -9.19 -4.80 -5.10
CA LYS E 87 -8.45 -5.41 -4.01
C LYS E 87 -9.21 -5.49 -2.68
N PRO E 88 -10.02 -4.51 -2.26
CA PRO E 88 -10.74 -4.71 -0.99
C PRO E 88 -11.70 -5.88 -1.00
N CYS E 89 -12.12 -6.36 -2.17
CA CYS E 89 -13.12 -7.41 -2.25
C CYS E 89 -12.53 -8.77 -1.90
N VAL E 90 -13.41 -9.76 -1.80
CA VAL E 90 -12.99 -11.11 -1.41
C VAL E 90 -12.06 -11.70 -2.47
N LYS E 91 -11.33 -12.74 -2.08
CA LYS E 91 -10.47 -13.50 -2.97
C LYS E 91 -10.80 -14.98 -2.84
N LEU E 92 -11.10 -15.62 -3.96
CA LEU E 92 -11.77 -16.93 -3.95
C LEU E 92 -10.82 -18.11 -3.86
N THR E 93 -9.59 -17.94 -3.39
CA THR E 93 -8.67 -19.06 -3.37
C THR E 93 -9.24 -20.29 -2.68
N PRO E 94 -9.93 -20.19 -1.54
CA PRO E 94 -10.42 -21.40 -0.87
C PRO E 94 -11.48 -22.15 -1.67
N LEU E 95 -11.99 -21.56 -2.74
CA LEU E 95 -13.13 -22.15 -3.45
C LEU E 95 -12.72 -23.16 -4.52
N CYS E 96 -11.42 -23.34 -4.76
CA CYS E 96 -10.98 -24.15 -5.89
C CYS E 96 -11.08 -25.64 -5.62
N VAL E 97 -11.79 -26.04 -4.58
CA VAL E 97 -11.89 -27.45 -4.24
C VAL E 97 -12.49 -28.20 -5.41
N THR E 98 -12.24 -29.50 -5.51
CA THR E 98 -12.76 -30.29 -6.61
C THR E 98 -14.28 -30.31 -6.61
N LEU E 99 -14.87 -29.90 -7.71
CA LEU E 99 -16.32 -29.84 -7.81
C LEU E 99 -16.86 -31.12 -8.42
N ASN E 100 -17.83 -31.73 -7.74
CA ASN E 100 -18.58 -32.87 -8.25
C ASN E 100 -19.93 -32.35 -8.73
N CYS E 101 -20.26 -32.61 -9.99
CA CYS E 101 -21.37 -31.92 -10.65
C CYS E 101 -22.36 -32.90 -11.25
N THR E 102 -23.65 -32.60 -11.09
CA THR E 102 -24.74 -33.44 -11.55
C THR E 102 -25.26 -33.04 -12.92
N ASN E 103 -25.48 -31.75 -13.15
CA ASN E 103 -25.73 -31.21 -14.48
C ASN E 103 -27.13 -31.51 -15.02
N ALA E 104 -27.94 -32.30 -14.29
CA ALA E 104 -29.17 -32.78 -14.90
C ALA E 104 -30.40 -32.79 -13.99
N THR E 105 -30.48 -31.97 -12.96
CA THR E 105 -31.68 -32.00 -12.12
C THR E 105 -32.82 -31.17 -12.71
N ALA E 106 -32.53 -30.26 -13.64
CA ALA E 106 -33.57 -29.47 -14.28
C ALA E 106 -33.77 -29.97 -15.71
N SER E 107 -34.96 -30.51 -16.00
CA SER E 107 -35.22 -31.05 -17.32
C SER E 107 -34.88 -30.03 -18.39
N ASN E 108 -35.17 -28.76 -18.14
CA ASN E 108 -34.65 -27.67 -18.97
C ASN E 108 -33.17 -27.44 -18.61
N SER E 109 -32.30 -28.14 -19.34
CA SER E 109 -30.96 -28.39 -18.83
C SER E 109 -29.87 -27.68 -19.63
N SER E 110 -30.06 -27.51 -20.93
CA SER E 110 -28.95 -27.37 -21.87
C SER E 110 -27.87 -26.42 -21.36
N ILE E 111 -28.21 -25.14 -21.20
CA ILE E 111 -27.21 -24.07 -21.23
C ILE E 111 -26.27 -24.16 -20.02
N ILE E 112 -26.83 -24.26 -18.82
CA ILE E 112 -26.10 -23.90 -17.61
C ILE E 112 -25.38 -25.06 -16.95
N GLU E 113 -25.62 -26.29 -17.40
CA GLU E 113 -24.92 -27.48 -16.92
C GLU E 113 -24.73 -27.50 -15.40
N GLY E 114 -23.51 -27.26 -14.92
CA GLY E 114 -23.19 -27.44 -13.51
C GLY E 114 -24.30 -26.95 -12.59
N MET E 115 -24.79 -27.79 -11.70
CA MET E 115 -25.99 -27.44 -10.95
C MET E 115 -26.13 -28.29 -9.70
N LYS E 116 -27.18 -28.02 -8.94
CA LYS E 116 -27.31 -28.52 -7.57
C LYS E 116 -28.25 -29.72 -7.50
N ASN E 117 -28.15 -30.44 -6.39
CA ASN E 117 -28.93 -31.65 -6.18
C ASN E 117 -28.75 -32.62 -7.34
N CYS E 118 -23.22 -28.15 -9.09
CA CYS E 118 -21.94 -28.63 -8.60
C CYS E 118 -21.91 -28.57 -7.08
N SER E 119 -21.38 -29.61 -6.46
CA SER E 119 -21.32 -29.74 -5.01
C SER E 119 -19.87 -29.86 -4.56
N PHE E 120 -19.56 -29.27 -3.40
CA PHE E 120 -18.17 -29.21 -2.96
C PHE E 120 -18.11 -29.00 -1.45
N ASN E 121 -16.90 -29.05 -0.92
CA ASN E 121 -16.64 -28.85 0.50
C ASN E 121 -15.98 -27.49 0.72
N ILE E 122 -16.50 -26.75 1.70
CA ILE E 122 -16.02 -25.40 2.00
C ILE E 122 -15.88 -25.26 3.51
N THR E 123 -15.06 -24.30 3.92
CA THR E 123 -14.72 -24.10 5.33
C THR E 123 -15.51 -22.92 5.89
N THR E 124 -16.24 -23.16 6.96
CA THR E 124 -17.17 -22.20 7.52
C THR E 124 -16.46 -21.34 8.57
N GLU E 125 -17.22 -20.60 9.38
CA GLU E 125 -16.62 -19.66 10.32
C GLU E 125 -15.69 -20.36 11.30
N LEU E 126 -16.14 -21.45 11.91
CA LEU E 126 -15.30 -22.23 12.82
C LEU E 126 -14.35 -23.07 11.99
N ARG E 127 -13.08 -22.64 11.90
CA ARG E 127 -12.16 -23.21 10.94
C ARG E 127 -12.15 -24.74 10.97
N ASP E 128 -12.58 -25.34 12.08
CA ASP E 128 -12.69 -26.79 12.11
C ASP E 128 -13.83 -27.31 11.25
N LYS E 129 -14.97 -26.64 11.27
CA LYS E 129 -16.20 -27.19 10.71
C LYS E 129 -16.18 -27.02 9.19
N ARG E 130 -16.22 -28.13 8.47
CA ARG E 130 -16.20 -28.14 7.02
C ARG E 130 -17.53 -28.69 6.51
N GLU E 131 -18.16 -27.96 5.59
CA GLU E 131 -19.54 -28.21 5.20
C GLU E 131 -19.68 -28.36 3.70
N LYS E 132 -20.74 -29.08 3.31
CA LYS E 132 -21.07 -29.29 1.93
C LYS E 132 -21.94 -28.15 1.41
N LYS E 133 -21.69 -27.71 0.19
CA LYS E 133 -22.50 -26.68 -0.45
C LYS E 133 -22.61 -26.98 -1.93
N ASN E 134 -23.47 -26.22 -2.61
CA ASN E 134 -23.70 -26.41 -4.03
C ASN E 134 -24.20 -25.12 -4.66
N ALA E 135 -23.91 -24.96 -5.95
CA ALA E 135 -24.31 -23.77 -6.70
C ALA E 135 -24.36 -24.13 -8.17
N LEU E 136 -24.68 -23.14 -9.00
CA LEU E 136 -24.78 -23.32 -10.44
C LEU E 136 -23.71 -22.49 -11.16
N PHE E 137 -23.01 -23.12 -12.10
CA PHE E 137 -21.97 -22.46 -12.88
C PHE E 137 -22.23 -22.72 -14.35
N TYR E 138 -21.75 -21.80 -15.20
CA TYR E 138 -21.80 -22.03 -16.62
C TYR E 138 -20.71 -23.01 -17.04
N LYS E 139 -21.03 -23.86 -18.00
CA LYS E 139 -20.06 -24.83 -18.47
C LYS E 139 -18.82 -24.17 -19.05
N LEU E 140 -18.90 -22.88 -19.41
CA LEU E 140 -17.72 -22.13 -19.82
C LEU E 140 -16.91 -21.63 -18.63
N ASP E 141 -17.41 -21.79 -17.40
CA ASP E 141 -16.64 -21.42 -16.22
C ASP E 141 -15.81 -22.56 -15.67
N ILE E 142 -16.19 -23.81 -15.91
CA ILE E 142 -15.52 -24.96 -15.32
C ILE E 142 -14.88 -25.78 -16.42
N VAL E 143 -13.86 -26.53 -16.03
CA VAL E 143 -13.18 -27.44 -16.94
C VAL E 143 -13.16 -28.82 -16.30
N GLN E 144 -13.06 -29.84 -17.15
CA GLN E 144 -13.22 -31.21 -16.69
C GLN E 144 -11.88 -31.77 -16.23
N LEU E 145 -11.89 -32.46 -15.10
CA LEU E 145 -10.71 -33.18 -14.65
C LEU E 145 -10.62 -34.52 -15.36
N ASP E 146 -9.38 -34.95 -15.57
CA ASP E 146 -9.14 -36.13 -16.40
C ASP E 146 -9.79 -37.36 -15.78
N GLY E 147 -10.34 -38.21 -16.65
CA GLY E 147 -10.83 -39.51 -16.24
C GLY E 147 -12.18 -39.47 -15.57
N ASN E 148 -12.24 -38.99 -14.33
CA ASN E 148 -13.48 -38.98 -13.58
C ASN E 148 -14.38 -37.92 -14.21
N SER E 149 -15.30 -38.38 -15.05
CA SER E 149 -16.14 -37.49 -15.83
C SER E 149 -17.08 -36.66 -14.96
N SER E 150 -17.23 -37.01 -13.69
CA SER E 150 -18.08 -36.25 -12.79
C SER E 150 -17.31 -35.23 -11.96
N GLN E 151 -16.04 -34.98 -12.28
CA GLN E 151 -15.21 -34.08 -11.51
C GLN E 151 -14.88 -32.85 -12.34
N TYR E 152 -15.07 -31.66 -11.79
CA TYR E 152 -14.81 -30.43 -12.52
C TYR E 152 -14.21 -29.39 -11.58
N ARG E 153 -13.54 -28.41 -12.18
CA ARG E 153 -12.80 -27.40 -11.46
C ARG E 153 -13.09 -26.03 -12.06
N LEU E 154 -12.95 -24.98 -11.26
CA LEU E 154 -13.10 -23.63 -11.81
C LEU E 154 -11.98 -23.36 -12.81
N ILE E 155 -12.34 -22.66 -13.89
CA ILE E 155 -11.48 -22.66 -15.08
C ILE E 155 -10.12 -22.05 -14.78
N ASN E 156 -10.10 -20.87 -14.19
CA ASN E 156 -8.86 -20.10 -14.17
C ASN E 156 -8.05 -20.30 -12.91
N CYS E 157 -8.44 -21.24 -12.04
CA CYS E 157 -7.66 -21.48 -10.83
C CYS E 157 -6.34 -22.17 -11.13
N ASN E 158 -6.13 -22.63 -12.37
CA ASN E 158 -4.86 -23.23 -12.73
C ASN E 158 -3.71 -22.23 -12.61
N THR E 159 -3.93 -20.98 -13.02
CA THR E 159 -2.83 -20.02 -13.07
C THR E 159 -3.20 -18.61 -12.67
N SER E 160 -4.24 -18.39 -11.86
CA SER E 160 -4.60 -17.04 -11.46
C SER E 160 -5.31 -17.07 -10.12
N VAL E 161 -5.32 -15.94 -9.43
CA VAL E 161 -5.94 -15.83 -8.11
C VAL E 161 -7.23 -15.06 -8.31
N ILE E 162 -8.32 -15.81 -8.52
CA ILE E 162 -9.59 -15.19 -8.86
C ILE E 162 -9.99 -14.24 -7.74
N THR E 163 -10.68 -13.16 -8.10
CA THR E 163 -11.25 -12.25 -7.13
C THR E 163 -12.65 -11.86 -7.60
N GLN E 164 -13.49 -11.45 -6.66
CA GLN E 164 -14.88 -11.13 -6.95
C GLN E 164 -15.08 -9.63 -6.95
N ALA E 165 -15.63 -9.10 -8.03
CA ALA E 165 -15.97 -7.70 -8.08
C ALA E 165 -17.02 -7.40 -7.03
N CYS E 166 -16.79 -6.38 -6.22
CA CYS E 166 -17.71 -6.09 -5.14
C CYS E 166 -19.07 -5.71 -5.71
N PRO E 167 -20.16 -6.32 -5.25
CA PRO E 167 -21.46 -6.09 -5.89
C PRO E 167 -21.93 -4.65 -5.82
N LYS E 168 -21.35 -3.81 -4.95
CA LYS E 168 -21.79 -2.43 -4.86
C LYS E 168 -21.22 -1.56 -5.97
N VAL E 169 -20.23 -2.05 -6.72
CA VAL E 169 -19.47 -1.17 -7.61
C VAL E 169 -20.29 -0.81 -8.84
N SER E 170 -20.62 -1.79 -9.67
CA SER E 170 -21.50 -1.58 -10.82
C SER E 170 -20.92 -0.54 -11.79
N PHE E 171 -19.82 -0.93 -12.43
CA PHE E 171 -19.21 -0.04 -13.41
C PHE E 171 -20.22 0.33 -14.49
N ASP E 172 -19.88 1.37 -15.25
CA ASP E 172 -20.68 1.84 -16.36
C ASP E 172 -19.84 2.86 -17.12
N PRO E 173 -19.99 2.94 -18.44
CA PRO E 173 -19.13 3.86 -19.19
C PRO E 173 -19.43 5.33 -18.92
N ILE E 174 -19.07 5.78 -17.72
CA ILE E 174 -19.24 7.21 -17.39
C ILE E 174 -18.29 8.02 -18.26
N PRO E 175 -18.71 9.15 -18.83
CA PRO E 175 -17.78 9.92 -19.67
C PRO E 175 -16.63 10.46 -18.85
N ILE E 176 -15.45 10.53 -19.47
CA ILE E 176 -14.23 11.02 -18.84
C ILE E 176 -13.60 12.05 -19.74
N HIS E 177 -13.48 13.29 -19.26
CA HIS E 177 -12.75 14.33 -19.94
C HIS E 177 -11.30 14.28 -19.50
N TYR E 178 -10.39 14.44 -20.45
CA TYR E 178 -8.96 14.49 -20.17
C TYR E 178 -8.48 15.93 -20.27
N CYS E 179 -7.75 16.38 -19.26
CA CYS E 179 -7.26 17.75 -19.24
C CYS E 179 -5.77 17.76 -18.95
N ALA E 180 -5.07 18.71 -19.55
CA ALA E 180 -3.63 18.82 -19.43
C ALA E 180 -3.26 20.04 -18.59
N PRO E 181 -2.13 20.00 -17.90
CA PRO E 181 -1.79 21.10 -16.97
C PRO E 181 -1.36 22.34 -17.73
N ALA E 182 -1.45 23.48 -17.04
CA ALA E 182 -1.07 24.74 -17.65
C ALA E 182 0.31 24.65 -18.24
N GLY E 183 0.60 25.55 -19.19
CA GLY E 183 1.84 25.49 -19.94
C GLY E 183 1.78 24.56 -21.13
N TYR E 184 0.98 23.50 -21.06
CA TYR E 184 0.71 22.63 -22.19
C TYR E 184 -0.68 22.93 -22.72
N ALA E 185 -1.01 22.28 -23.83
CA ALA E 185 -2.33 22.45 -24.43
C ALA E 185 -2.64 21.23 -25.28
N ILE E 186 -3.91 21.10 -25.67
CA ILE E 186 -4.35 19.97 -26.49
C ILE E 186 -4.82 20.52 -27.83
N LEU E 187 -4.11 20.12 -28.88
CA LEU E 187 -4.50 20.46 -30.24
C LEU E 187 -5.51 19.46 -30.76
N LYS E 188 -6.38 19.94 -31.65
CA LYS E 188 -7.51 19.17 -32.16
C LYS E 188 -7.66 19.46 -33.64
N CYS E 189 -7.91 18.41 -34.44
CA CYS E 189 -8.12 18.57 -35.87
C CYS E 189 -9.62 18.47 -36.16
N ASN E 190 -10.13 19.48 -36.86
CA ASN E 190 -11.55 19.58 -37.17
C ASN E 190 -11.90 19.18 -38.59
N ASN E 191 -10.92 19.06 -39.48
CA ASN E 191 -11.22 18.69 -40.85
C ASN E 191 -11.95 17.36 -40.86
N LYS E 192 -13.09 17.32 -41.55
CA LYS E 192 -13.97 16.15 -41.44
C LYS E 192 -13.43 14.93 -42.17
N THR E 193 -12.42 15.09 -43.02
CA THR E 193 -11.93 13.99 -43.85
C THR E 193 -10.54 13.50 -43.42
N PHE E 194 -10.03 13.99 -42.31
CA PHE E 194 -8.73 13.53 -41.82
C PHE E 194 -8.73 12.02 -41.68
N THR E 195 -7.71 11.36 -42.23
CA THR E 195 -7.61 9.91 -42.24
C THR E 195 -6.65 9.37 -41.19
N GLY E 196 -6.50 10.05 -40.06
CA GLY E 196 -5.76 9.52 -38.95
C GLY E 196 -4.28 9.79 -38.96
N THR E 197 -3.72 10.26 -40.07
CA THR E 197 -2.30 10.56 -40.12
C THR E 197 -2.04 11.54 -41.27
N GLY E 198 -1.11 12.45 -41.04
CA GLY E 198 -0.81 13.49 -42.00
C GLY E 198 -1.40 14.82 -41.59
N PRO E 199 -1.00 15.88 -42.27
CA PRO E 199 -1.30 17.23 -41.79
C PRO E 199 -2.79 17.57 -41.82
N CYS E 200 -3.15 18.50 -40.93
CA CYS E 200 -4.43 19.17 -40.91
C CYS E 200 -4.20 20.67 -41.09
N ASN E 201 -5.21 21.37 -41.60
CA ASN E 201 -5.12 22.81 -41.72
C ASN E 201 -6.43 23.49 -41.32
N ASN E 202 -7.16 22.90 -40.37
CA ASN E 202 -8.26 23.56 -39.69
C ASN E 202 -8.06 23.32 -38.19
N VAL E 203 -6.81 23.49 -37.76
CA VAL E 203 -6.45 23.17 -36.39
C VAL E 203 -7.29 23.97 -35.42
N SER E 204 -7.34 23.48 -34.18
CA SER E 204 -7.98 24.19 -33.09
C SER E 204 -7.25 23.79 -31.82
N THR E 205 -7.47 24.56 -30.75
CA THR E 205 -6.84 24.26 -29.47
C THR E 205 -7.85 24.35 -28.34
N VAL E 206 -7.63 23.49 -27.35
CA VAL E 206 -8.44 23.44 -26.14
C VAL E 206 -7.54 23.02 -25.00
N GLN E 207 -8.12 22.97 -23.80
CA GLN E 207 -7.44 22.43 -22.63
C GLN E 207 -8.13 21.20 -22.07
N CYS E 208 -9.22 20.75 -22.67
CA CYS E 208 -9.91 19.55 -22.21
C CYS E 208 -10.66 18.92 -23.37
N THR E 209 -10.43 17.63 -23.56
CA THR E 209 -11.07 16.90 -24.65
C THR E 209 -12.55 16.67 -24.37
N HIS E 210 -13.30 16.43 -25.44
CA HIS E 210 -14.69 16.06 -25.29
C HIS E 210 -14.80 14.74 -24.55
N GLY E 211 -15.90 14.57 -23.84
CA GLY E 211 -16.08 13.40 -23.01
C GLY E 211 -15.84 12.10 -23.75
N ILE E 212 -14.93 11.28 -23.24
CA ILE E 212 -14.70 9.95 -23.79
C ILE E 212 -15.48 8.95 -22.94
N LYS E 213 -16.10 7.98 -23.60
CA LYS E 213 -16.81 6.91 -22.90
C LYS E 213 -15.96 5.66 -22.94
N PRO E 214 -15.39 5.21 -21.82
CA PRO E 214 -14.46 4.07 -21.86
C PRO E 214 -15.17 2.73 -21.94
N VAL E 215 -15.72 2.42 -23.12
CA VAL E 215 -16.35 1.13 -23.34
C VAL E 215 -15.30 0.12 -23.75
N VAL E 216 -15.57 -1.16 -23.48
CA VAL E 216 -14.70 -2.24 -23.91
C VAL E 216 -15.55 -3.23 -24.70
N SER E 217 -15.21 -3.43 -25.97
CA SER E 217 -15.95 -4.36 -26.80
C SER E 217 -15.12 -4.67 -28.03
N THR E 218 -15.51 -5.74 -28.72
CA THR E 218 -14.75 -6.27 -29.85
C THR E 218 -15.70 -6.57 -30.99
N GLN E 219 -15.14 -6.58 -32.20
CA GLN E 219 -15.87 -6.87 -33.43
C GLN E 219 -16.81 -5.75 -33.82
N LEU E 220 -17.10 -4.83 -32.90
CA LEU E 220 -17.75 -3.57 -33.20
C LEU E 220 -17.94 -2.84 -31.88
N LEU E 221 -17.78 -1.52 -31.89
CA LEU E 221 -17.71 -0.76 -30.65
C LEU E 221 -18.98 0.04 -30.46
N LEU E 222 -19.22 0.47 -29.21
CA LEU E 222 -20.53 0.92 -28.78
C LEU E 222 -20.48 2.31 -28.12
N ASN E 223 -21.62 2.99 -28.19
CA ASN E 223 -21.86 4.22 -27.45
C ASN E 223 -20.90 5.33 -27.83
N GLY E 224 -20.06 5.12 -28.84
CA GLY E 224 -19.08 6.13 -29.18
C GLY E 224 -19.71 7.35 -29.82
N SER E 225 -18.90 8.40 -29.99
CA SER E 225 -19.35 9.59 -30.70
C SER E 225 -19.06 9.46 -32.19
N LEU E 226 -20.04 9.83 -33.00
CA LEU E 226 -20.02 9.51 -34.42
C LEU E 226 -19.04 10.39 -35.19
N ALA E 227 -18.85 10.04 -36.47
CA ALA E 227 -18.06 10.85 -37.36
C ALA E 227 -18.94 11.86 -38.09
N GLU E 228 -18.44 13.08 -38.22
CA GLU E 228 -19.25 14.17 -38.74
C GLU E 228 -19.35 14.18 -40.26
N GLY E 229 -18.42 13.55 -40.97
CA GLY E 229 -18.50 13.40 -42.40
C GLY E 229 -19.26 12.16 -42.77
N GLU E 230 -18.95 11.61 -43.93
CA GLU E 230 -19.48 10.31 -44.28
C GLU E 230 -18.55 9.21 -43.78
N ILE E 231 -19.06 7.99 -43.75
CA ILE E 231 -18.39 6.90 -43.05
C ILE E 231 -16.93 6.85 -43.44
N ILE E 232 -16.06 6.99 -42.44
CA ILE E 232 -14.62 7.09 -42.66
C ILE E 232 -13.98 5.74 -42.38
N ILE E 233 -12.86 5.47 -43.03
CA ILE E 233 -12.05 4.28 -42.79
C ILE E 233 -10.66 4.76 -42.42
N ARG E 234 -10.06 4.12 -41.42
CA ARG E 234 -8.75 4.52 -40.93
C ARG E 234 -7.86 3.31 -40.78
N SER E 235 -6.58 3.51 -41.07
CA SER E 235 -5.61 2.43 -41.00
C SER E 235 -4.21 3.00 -40.88
N GLU E 236 -3.30 2.18 -40.41
CA GLU E 236 -1.89 2.52 -40.49
C GLU E 236 -1.47 2.52 -41.95
N ASN E 237 -0.40 3.27 -42.25
CA ASN E 237 -0.01 3.46 -43.65
C ASN E 237 1.45 3.13 -43.91
N ILE E 238 2.17 2.58 -42.94
CA ILE E 238 3.52 2.15 -43.23
C ILE E 238 3.52 0.99 -44.23
N THR E 239 2.54 0.10 -44.15
CA THR E 239 2.43 -1.02 -45.06
C THR E 239 0.96 -1.27 -45.35
N LYS E 240 0.68 -1.83 -46.52
CA LYS E 240 -0.66 -2.31 -46.79
C LYS E 240 -0.97 -3.57 -46.00
N ASN E 241 0.01 -4.12 -45.30
CA ASN E 241 -0.18 -5.28 -44.43
C ASN E 241 -0.60 -4.81 -43.04
N VAL E 242 -1.82 -4.28 -42.97
CA VAL E 242 -2.30 -3.61 -41.76
C VAL E 242 -2.77 -4.66 -40.75
N LYS E 243 -2.56 -4.35 -39.47
CA LYS E 243 -2.97 -5.23 -38.39
C LYS E 243 -4.45 -5.10 -38.07
N THR E 244 -4.95 -3.86 -38.00
CA THR E 244 -6.35 -3.59 -37.74
C THR E 244 -6.81 -2.41 -38.57
N ILE E 245 -8.02 -2.50 -39.09
CA ILE E 245 -8.67 -1.44 -39.83
C ILE E 245 -9.86 -0.98 -39.02
N ILE E 246 -10.00 0.33 -38.84
CA ILE E 246 -11.09 0.90 -38.06
C ILE E 246 -12.06 1.55 -39.01
N VAL E 247 -13.35 1.34 -38.79
CA VAL E 247 -14.39 1.94 -39.61
C VAL E 247 -15.27 2.76 -38.70
N HIS E 248 -15.26 4.07 -38.91
CA HIS E 248 -15.95 5.04 -38.05
C HIS E 248 -17.19 5.52 -38.78
N LEU E 249 -18.36 5.28 -38.19
CA LEU E 249 -19.63 5.49 -38.87
C LEU E 249 -20.17 6.89 -38.64
N ASN E 250 -21.04 7.32 -39.54
CA ASN E 250 -21.76 8.58 -39.41
C ASN E 250 -23.24 8.36 -39.13
N GLU E 251 -23.66 7.13 -38.87
CA GLU E 251 -25.05 6.86 -38.54
C GLU E 251 -25.10 5.60 -37.68
N SER E 252 -25.85 5.68 -36.58
CA SER E 252 -25.79 4.69 -35.53
C SER E 252 -26.97 3.74 -35.65
N VAL E 253 -26.69 2.44 -35.56
CA VAL E 253 -27.71 1.40 -35.71
C VAL E 253 -28.00 0.81 -34.34
N LYS E 254 -29.26 0.84 -33.92
CA LYS E 254 -29.60 0.47 -32.56
C LYS E 254 -29.59 -1.05 -32.38
N ILE E 255 -28.88 -1.51 -31.35
CA ILE E 255 -28.79 -2.93 -31.01
C ILE E 255 -29.25 -3.09 -29.57
N GLU E 256 -30.20 -4.00 -29.35
CA GLU E 256 -30.70 -4.29 -28.02
C GLU E 256 -30.44 -5.75 -27.70
N CYS E 257 -29.93 -6.01 -26.50
CA CYS E 257 -29.58 -7.36 -26.08
C CYS E 257 -30.23 -7.67 -24.75
N THR E 258 -30.74 -8.89 -24.63
CA THR E 258 -31.54 -9.23 -23.46
C THR E 258 -31.28 -10.66 -23.00
N ARG E 259 -31.29 -10.82 -21.67
CA ARG E 259 -31.24 -12.10 -20.98
C ARG E 259 -32.58 -12.31 -20.30
N PRO E 260 -33.36 -13.32 -20.68
CA PRO E 260 -34.74 -13.40 -20.18
C PRO E 260 -34.91 -13.97 -18.78
N ASN E 261 -34.08 -14.95 -18.39
CA ASN E 261 -34.39 -15.76 -17.23
C ASN E 261 -34.33 -14.94 -15.93
N ASN E 262 -34.76 -15.59 -14.85
CA ASN E 262 -34.62 -15.04 -13.49
C ASN E 262 -33.50 -15.78 -12.77
N LYS E 263 -32.38 -15.09 -12.58
CA LYS E 263 -31.32 -15.63 -11.74
C LYS E 263 -31.62 -15.35 -10.28
N THR E 264 -31.26 -16.30 -9.42
CA THR E 264 -31.50 -16.20 -7.99
C THR E 264 -30.17 -16.11 -7.26
N ARG E 265 -29.81 -14.91 -6.83
CA ARG E 265 -28.57 -14.72 -6.10
C ARG E 265 -28.64 -15.44 -4.76
N THR E 266 -27.68 -16.33 -4.50
CA THR E 266 -27.62 -17.06 -3.25
C THR E 266 -26.26 -16.86 -2.62
N SER E 267 -26.24 -16.61 -1.32
CA SER E 267 -25.04 -16.18 -0.61
C SER E 267 -24.42 -17.36 0.14
N ILE E 268 -23.12 -17.51 0.03
CA ILE E 268 -22.34 -18.46 0.80
C ILE E 268 -21.31 -17.65 1.58
N ARG E 269 -20.68 -18.26 2.56
CA ARG E 269 -19.68 -17.58 3.38
C ARG E 269 -18.38 -18.36 3.37
N ILE E 270 -17.28 -17.64 3.17
CA ILE E 270 -15.97 -18.24 3.39
C ILE E 270 -15.52 -17.87 4.78
N GLY E 271 -16.37 -17.61 7.64
CA GLY E 271 -15.68 -16.47 8.23
C GLY E 271 -14.32 -16.21 7.60
N PRO E 272 -13.67 -15.13 8.03
CA PRO E 272 -14.10 -14.23 9.09
C PRO E 272 -15.16 -13.24 8.63
N GLY E 273 -15.03 -12.64 7.45
CA GLY E 273 -15.98 -11.63 7.04
C GLY E 273 -16.30 -11.61 5.56
N GLN E 274 -16.04 -12.71 4.86
CA GLN E 274 -16.16 -12.75 3.41
C GLN E 274 -17.40 -13.50 2.98
N ALA E 275 -18.24 -12.82 2.20
CA ALA E 275 -19.45 -13.40 1.62
C ALA E 275 -19.23 -13.58 0.12
N PHE E 276 -19.49 -14.78 -0.37
CA PHE E 276 -19.31 -15.16 -1.76
C PHE E 276 -20.67 -15.38 -2.40
N TYR E 277 -20.98 -14.60 -3.44
CA TYR E 277 -22.28 -14.65 -4.09
C TYR E 277 -22.23 -15.60 -5.27
N ALA E 278 -23.21 -16.50 -5.36
CA ALA E 278 -23.28 -17.47 -6.43
C ALA E 278 -24.68 -17.49 -6.99
N THR E 279 -24.86 -18.29 -8.04
CA THR E 279 -26.15 -18.40 -8.70
C THR E 279 -26.89 -19.62 -8.17
N GLY E 280 -28.08 -19.40 -7.62
CA GLY E 280 -28.89 -20.47 -7.07
C GLY E 280 -29.73 -21.13 -8.14
N GLN E 281 -30.90 -21.61 -7.74
CA GLN E 281 -31.80 -22.25 -8.69
C GLN E 281 -32.44 -21.20 -9.58
N VAL E 282 -32.41 -21.46 -10.89
CA VAL E 282 -33.06 -20.59 -11.86
C VAL E 282 -34.55 -20.85 -11.83
N ILE E 283 -35.34 -19.78 -11.99
CA ILE E 283 -36.79 -19.88 -11.92
C ILE E 283 -37.38 -19.27 -13.19
N GLY E 284 -38.38 -19.95 -13.74
CA GLY E 284 -38.95 -19.59 -15.01
C GLY E 284 -38.37 -20.42 -16.15
N ASP E 285 -39.15 -20.57 -17.20
CA ASP E 285 -38.74 -21.44 -18.30
C ASP E 285 -37.52 -20.85 -19.00
N ILE E 286 -36.64 -21.74 -19.46
CA ILE E 286 -35.30 -21.35 -19.90
C ILE E 286 -35.34 -20.88 -21.34
N ARG E 287 -34.51 -19.89 -21.66
CA ARG E 287 -34.29 -19.46 -23.03
C ARG E 287 -32.95 -18.75 -23.11
N GLU E 288 -32.45 -18.60 -24.32
CA GLU E 288 -31.08 -18.15 -24.55
C GLU E 288 -31.04 -16.65 -24.83
N ALA E 289 -30.13 -15.95 -24.15
CA ALA E 289 -30.02 -14.49 -24.30
C ALA E 289 -29.62 -14.13 -25.72
N TYR E 290 -30.23 -13.06 -26.25
CA TYR E 290 -30.15 -12.78 -27.67
C TYR E 290 -30.04 -11.29 -27.94
N CYS E 291 -29.63 -10.96 -29.17
CA CYS E 291 -29.44 -9.58 -29.60
C CYS E 291 -30.17 -9.33 -30.92
N ASN E 292 -30.65 -8.10 -31.10
CA ASN E 292 -31.47 -7.72 -32.24
C ASN E 292 -30.82 -6.60 -33.05
N ILE E 293 -31.02 -6.64 -34.38
CA ILE E 293 -30.59 -5.58 -35.28
C ILE E 293 -31.70 -5.33 -36.30
N ASN E 294 -31.73 -4.13 -36.88
CA ASN E 294 -32.67 -3.83 -37.96
C ASN E 294 -32.07 -4.24 -39.30
N GLU E 295 -32.73 -5.18 -39.99
CA GLU E 295 -32.12 -5.74 -41.19
C GLU E 295 -31.87 -4.68 -42.25
N SER E 296 -32.81 -3.78 -42.47
CA SER E 296 -32.62 -2.76 -43.50
C SER E 296 -31.43 -1.87 -43.15
N LYS E 297 -31.35 -1.40 -41.90
CA LYS E 297 -30.24 -0.54 -41.52
C LYS E 297 -28.92 -1.28 -41.64
N TRP E 298 -28.86 -2.54 -41.21
CA TRP E 298 -27.62 -3.28 -41.33
C TRP E 298 -27.20 -3.42 -42.78
N ASN E 299 -28.14 -3.79 -43.65
CA ASN E 299 -27.80 -3.93 -45.06
C ASN E 299 -27.30 -2.62 -45.62
N GLU E 300 -27.95 -1.52 -45.27
CA GLU E 300 -27.51 -0.22 -45.77
C GLU E 300 -26.10 0.11 -45.27
N THR E 301 -25.82 -0.16 -43.99
CA THR E 301 -24.50 0.18 -43.46
C THR E 301 -23.43 -0.65 -44.14
N LEU E 302 -23.68 -1.94 -44.34
CA LEU E 302 -22.69 -2.72 -45.06
C LEU E 302 -22.54 -2.25 -46.50
N GLN E 303 -23.62 -1.81 -47.14
CA GLN E 303 -23.47 -1.26 -48.48
C GLN E 303 -22.55 -0.04 -48.47
N ARG E 304 -22.76 0.87 -47.51
CA ARG E 304 -21.94 2.07 -47.44
C ARG E 304 -20.48 1.72 -47.21
N VAL E 305 -20.22 0.80 -46.28
CA VAL E 305 -18.84 0.42 -46.00
C VAL E 305 -18.23 -0.26 -47.22
N SER E 306 -19.01 -1.06 -47.94
CA SER E 306 -18.50 -1.68 -49.15
C SER E 306 -18.10 -0.62 -50.17
N LYS E 307 -18.93 0.41 -50.33
CA LYS E 307 -18.57 1.50 -51.24
C LYS E 307 -17.27 2.14 -50.81
N LYS E 308 -17.18 2.54 -49.54
CA LYS E 308 -16.01 3.31 -49.10
C LYS E 308 -14.74 2.47 -49.17
N LEU E 309 -14.82 1.20 -48.81
CA LEU E 309 -13.61 0.42 -48.62
C LEU E 309 -12.81 0.31 -49.91
N LYS E 310 -13.47 0.28 -51.05
CA LYS E 310 -12.75 0.19 -52.32
C LYS E 310 -12.21 1.52 -52.79
N GLU E 311 -12.17 2.53 -51.91
CA GLU E 311 -11.33 3.69 -52.15
C GLU E 311 -9.86 3.29 -52.10
N TYR E 312 -9.47 2.60 -51.03
CA TYR E 312 -8.08 2.19 -50.86
C TYR E 312 -7.72 1.07 -51.81
N PHE E 313 -8.55 0.06 -51.91
CA PHE E 313 -8.28 -1.07 -52.77
C PHE E 313 -8.91 -0.84 -54.12
N PRO E 314 -8.16 -0.96 -55.21
CA PRO E 314 -8.58 -0.34 -56.47
C PRO E 314 -9.90 -0.85 -57.05
N HIS E 315 -9.96 -2.14 -57.38
CA HIS E 315 -11.14 -2.62 -58.10
C HIS E 315 -11.55 -4.04 -57.70
N LYS E 316 -11.05 -4.59 -56.61
CA LYS E 316 -11.35 -5.97 -56.29
C LYS E 316 -12.74 -6.08 -55.66
N ASN E 317 -13.32 -7.27 -55.80
CA ASN E 317 -14.57 -7.57 -55.10
C ASN E 317 -14.31 -7.64 -53.60
N ILE E 318 -15.28 -7.20 -52.82
CA ILE E 318 -15.15 -7.12 -51.37
C ILE E 318 -16.10 -8.12 -50.75
N THR E 319 -15.54 -9.07 -50.00
CA THR E 319 -16.32 -10.14 -49.38
C THR E 319 -16.02 -10.14 -47.89
N PHE E 320 -17.06 -10.09 -47.08
CA PHE E 320 -16.90 -10.25 -45.63
C PHE E 320 -16.97 -11.73 -45.28
N GLN E 321 -16.42 -12.06 -44.11
CA GLN E 321 -16.54 -13.39 -43.54
C GLN E 321 -16.43 -13.30 -42.02
N PRO E 322 -17.18 -14.10 -41.29
CA PRO E 322 -17.10 -14.06 -39.83
C PRO E 322 -15.80 -14.66 -39.34
N SER E 323 -15.43 -14.29 -38.12
CA SER E 323 -14.16 -14.72 -37.56
C SER E 323 -14.04 -16.24 -37.60
N SER E 324 -12.80 -16.73 -37.45
CA SER E 324 -12.52 -18.15 -37.62
C SER E 324 -11.68 -18.78 -36.52
N GLY E 325 -11.14 -18.00 -35.59
CA GLY E 325 -10.32 -18.61 -34.55
C GLY E 325 -10.10 -17.66 -33.41
N GLY E 326 -9.64 -18.23 -32.29
CA GLY E 326 -9.34 -17.48 -31.09
C GLY E 326 -10.31 -17.79 -29.97
N ASP E 327 -10.03 -17.21 -28.81
CA ASP E 327 -10.94 -17.35 -27.69
C ASP E 327 -12.30 -16.75 -28.04
N LEU E 328 -13.24 -16.93 -27.13
CA LEU E 328 -14.57 -16.36 -27.34
C LEU E 328 -14.50 -14.85 -27.47
N GLU E 329 -13.44 -14.23 -26.95
CA GLU E 329 -13.37 -12.77 -26.94
C GLU E 329 -13.40 -12.19 -28.35
N ILE E 330 -13.04 -12.97 -29.37
CA ILE E 330 -12.99 -12.46 -30.74
C ILE E 330 -13.74 -13.36 -31.71
N THR E 331 -13.97 -14.61 -31.33
CA THR E 331 -14.88 -15.41 -32.16
C THR E 331 -16.31 -14.94 -32.02
N THR E 332 -16.61 -14.05 -31.09
CA THR E 332 -17.94 -13.50 -30.93
C THR E 332 -17.84 -12.01 -30.61
N HIS E 333 -18.99 -11.36 -30.55
CA HIS E 333 -19.08 -10.00 -30.05
C HIS E 333 -19.05 -10.02 -28.53
N SER E 334 -18.09 -9.32 -27.94
CA SER E 334 -17.89 -9.30 -26.50
C SER E 334 -18.28 -7.94 -25.95
N PHE E 335 -19.07 -7.94 -24.88
CA PHE E 335 -19.36 -6.68 -24.20
C PHE E 335 -19.98 -6.97 -22.85
N ASN E 336 -20.44 -5.91 -22.18
CA ASN E 336 -20.99 -6.04 -20.85
C ASN E 336 -22.24 -5.18 -20.69
N CYS E 337 -23.20 -5.72 -19.94
CA CYS E 337 -24.42 -4.99 -19.58
C CYS E 337 -24.74 -5.27 -18.13
N GLY E 338 -25.13 -4.24 -17.40
CA GLY E 338 -25.46 -4.39 -16.00
C GLY E 338 -24.33 -5.04 -15.21
N GLY E 339 -24.56 -6.27 -14.76
CA GLY E 339 -23.53 -7.01 -14.06
C GLY E 339 -23.24 -8.34 -14.72
N GLU E 340 -23.31 -8.38 -16.04
CA GLU E 340 -23.04 -9.58 -16.80
C GLU E 340 -22.27 -9.25 -18.09
N PHE E 341 -21.61 -10.26 -18.63
CA PHE E 341 -20.83 -10.13 -19.84
C PHE E 341 -21.43 -11.03 -20.93
N PHE E 342 -21.53 -10.50 -22.13
CA PHE E 342 -22.16 -11.18 -23.24
C PHE E 342 -21.14 -11.51 -24.32
N TYR E 343 -21.36 -12.66 -24.96
CA TYR E 343 -20.55 -13.17 -26.08
C TYR E 343 -21.55 -13.65 -27.14
N CYS E 344 -21.69 -12.87 -28.21
CA CYS E 344 -22.75 -13.07 -29.19
C CYS E 344 -22.17 -13.63 -30.49
N ASN E 345 -22.71 -14.77 -30.92
CA ASN E 345 -22.27 -15.44 -32.14
C ASN E 345 -22.65 -14.64 -33.38
N THR E 346 -21.70 -13.90 -33.94
CA THR E 346 -22.00 -13.01 -35.05
C THR E 346 -21.77 -13.68 -36.40
N SER E 347 -21.86 -15.01 -36.46
CA SER E 347 -21.58 -15.68 -37.71
C SER E 347 -22.61 -15.38 -38.79
N SER E 348 -23.74 -14.75 -38.43
CA SER E 348 -24.79 -14.47 -39.39
C SER E 348 -24.81 -13.02 -39.84
N LEU E 349 -23.89 -12.18 -39.37
CA LEU E 349 -23.86 -10.79 -39.80
C LEU E 349 -22.86 -10.57 -40.93
N PHE E 350 -21.58 -10.84 -40.67
CA PHE E 350 -20.55 -10.59 -41.67
C PHE E 350 -20.53 -11.70 -42.72
N ASN E 351 -21.61 -11.82 -43.49
CA ASN E 351 -21.72 -12.90 -44.47
C ASN E 351 -22.02 -12.39 -45.88
N ARG E 352 -22.06 -11.08 -46.09
CA ARG E 352 -22.39 -10.56 -47.40
C ARG E 352 -21.17 -10.63 -48.32
N THR E 353 -21.40 -10.35 -49.60
CA THR E 353 -20.34 -10.17 -50.57
C THR E 353 -20.82 -9.18 -51.62
N TYR E 354 -19.89 -8.41 -52.18
CA TYR E 354 -20.25 -7.38 -53.14
C TYR E 354 -19.29 -7.39 -54.32
N MET E 355 -19.82 -7.11 -55.50
CA MET E 355 -19.04 -7.15 -56.73
C MET E 355 -18.54 -5.76 -57.10
N ALA E 356 -17.44 -5.74 -57.84
CA ALA E 356 -16.95 -4.50 -58.41
C ALA E 356 -17.75 -4.14 -59.66
N ASN E 357 -18.03 -2.85 -59.81
CA ASN E 357 -18.87 -2.37 -60.91
C ASN E 357 -20.23 -3.06 -60.89
N ASN E 368 -38.77 1.39 -43.37
CA ASN E 368 -37.42 1.91 -43.22
C ASN E 368 -36.64 1.15 -42.16
N SER E 369 -37.36 0.40 -41.32
CA SER E 369 -36.73 -0.36 -40.25
C SER E 369 -37.42 -1.70 -40.01
N THR E 370 -37.92 -2.35 -41.06
CA THR E 370 -38.60 -3.64 -40.91
C THR E 370 -37.59 -4.78 -40.87
N ARG E 371 -38.06 -5.95 -40.44
CA ARG E 371 -37.25 -7.17 -40.37
C ARG E 371 -36.14 -7.04 -39.33
N THR E 372 -36.09 -7.97 -38.38
CA THR E 372 -35.14 -7.93 -37.27
C THR E 372 -34.28 -9.17 -37.30
N ILE E 373 -32.96 -8.98 -37.25
CA ILE E 373 -32.02 -10.09 -37.17
C ILE E 373 -31.77 -10.40 -35.70
N THR E 374 -32.02 -11.64 -35.29
CA THR E 374 -31.75 -12.12 -33.94
C THR E 374 -30.53 -13.01 -33.97
N ILE E 375 -29.65 -12.84 -33.00
CA ILE E 375 -28.46 -13.66 -32.87
C ILE E 375 -28.34 -14.15 -31.43
N HIS E 376 -28.09 -15.45 -31.29
CA HIS E 376 -27.99 -16.08 -29.97
C HIS E 376 -26.68 -15.66 -29.32
N CYS E 377 -26.71 -15.48 -28.00
CA CYS E 377 -25.60 -14.87 -27.29
C CYS E 377 -25.46 -15.54 -25.93
N ARG E 378 -24.32 -16.19 -25.69
CA ARG E 378 -24.05 -16.80 -24.41
C ARG E 378 -23.48 -15.78 -23.44
N ILE E 379 -23.39 -16.18 -22.17
CA ILE E 379 -22.78 -15.36 -21.14
C ILE E 379 -21.98 -16.26 -20.22
N LYS E 380 -20.86 -15.72 -19.73
CA LYS E 380 -20.02 -16.43 -18.79
C LYS E 380 -19.63 -15.47 -17.69
N GLN E 381 -19.34 -16.01 -16.51
CA GLN E 381 -19.01 -15.19 -15.37
C GLN E 381 -17.51 -14.89 -15.28
N ILE E 382 -16.68 -15.91 -15.15
CA ILE E 382 -15.25 -15.71 -14.92
C ILE E 382 -14.65 -15.11 -16.17
N ILE E 383 -14.33 -13.83 -16.10
CA ILE E 383 -13.77 -13.09 -17.24
C ILE E 383 -12.27 -12.96 -16.99
N ASN E 384 -11.47 -13.51 -17.90
CA ASN E 384 -10.04 -13.28 -17.86
C ASN E 384 -9.80 -11.85 -18.30
N MET E 385 -9.96 -10.89 -17.39
CA MET E 385 -9.98 -9.49 -17.76
C MET E 385 -9.02 -9.23 -18.90
N TRP E 386 -9.55 -8.59 -19.94
CA TRP E 386 -8.92 -8.63 -21.26
C TRP E 386 -7.52 -8.06 -21.25
N GLN E 387 -7.04 -7.51 -20.13
CA GLN E 387 -5.82 -6.73 -20.14
C GLN E 387 -4.56 -7.55 -19.85
N GLU E 388 -4.63 -8.54 -18.97
CA GLU E 388 -3.40 -9.21 -18.55
C GLU E 388 -3.72 -10.58 -17.94
N VAL E 389 -2.69 -11.42 -17.87
CA VAL E 389 -2.74 -12.67 -17.11
C VAL E 389 -2.45 -12.35 -15.66
N GLY E 390 -2.68 -13.33 -14.78
CA GLY E 390 -2.54 -13.11 -13.36
C GLY E 390 -3.86 -12.75 -12.72
N ARG E 391 -4.45 -11.65 -13.17
CA ARG E 391 -5.76 -11.24 -12.67
C ARG E 391 -6.84 -12.18 -13.19
N ALA E 392 -7.97 -12.19 -12.50
CA ALA E 392 -9.15 -12.88 -12.98
C ALA E 392 -10.33 -12.44 -12.12
N MET E 393 -11.42 -12.08 -12.77
CA MET E 393 -12.57 -11.50 -12.10
C MET E 393 -13.75 -12.46 -12.18
N TYR E 394 -14.55 -12.48 -11.12
CA TYR E 394 -15.80 -13.21 -11.08
C TYR E 394 -16.93 -12.21 -10.97
N ALA E 395 -17.81 -12.18 -11.94
CA ALA E 395 -18.91 -11.23 -11.87
C ALA E 395 -20.11 -11.87 -11.16
N PRO E 396 -20.61 -11.31 -10.07
CA PRO E 396 -21.70 -11.95 -9.35
C PRO E 396 -22.94 -11.99 -10.21
N PRO E 397 -23.82 -12.96 -9.99
CA PRO E 397 -25.04 -13.04 -10.80
C PRO E 397 -25.92 -11.83 -10.55
N ILE E 398 -26.80 -11.55 -11.50
CA ILE E 398 -27.75 -10.46 -11.40
C ILE E 398 -29.16 -11.05 -11.53
N ALA E 399 -30.00 -10.76 -10.54
CA ALA E 399 -31.34 -11.33 -10.51
C ALA E 399 -32.27 -10.58 -11.47
N GLY E 400 -33.36 -11.24 -11.83
CA GLY E 400 -34.34 -10.66 -12.72
C GLY E 400 -33.89 -10.71 -14.18
N ASN E 401 -34.83 -10.44 -15.07
CA ASN E 401 -34.48 -10.35 -16.47
C ASN E 401 -33.67 -9.09 -16.72
N ILE E 402 -32.84 -9.13 -17.75
CA ILE E 402 -31.93 -8.04 -18.07
C ILE E 402 -32.14 -7.63 -19.51
N THR E 403 -32.22 -6.32 -19.75
CA THR E 403 -32.23 -5.79 -21.09
C THR E 403 -31.30 -4.59 -21.13
N CYS E 404 -30.62 -4.41 -22.26
CA CYS E 404 -29.81 -3.21 -22.44
C CYS E 404 -29.89 -2.79 -23.89
N ILE E 405 -30.34 -1.56 -24.11
CA ILE E 405 -30.20 -0.93 -25.41
C ILE E 405 -28.77 -0.44 -25.58
N SER E 406 -28.37 -0.21 -26.82
CA SER E 406 -27.08 0.38 -27.11
C SER E 406 -27.08 0.73 -28.59
N ASN E 407 -26.07 1.48 -29.01
CA ASN E 407 -26.00 1.85 -30.41
C ASN E 407 -24.55 1.76 -30.88
N ILE E 408 -24.31 0.88 -31.83
CA ILE E 408 -23.00 0.70 -32.42
C ILE E 408 -22.61 1.97 -33.15
N THR E 409 -21.32 2.21 -33.29
CA THR E 409 -20.85 3.38 -34.02
C THR E 409 -19.68 3.08 -34.93
N GLY E 410 -19.03 1.93 -34.80
CA GLY E 410 -17.88 1.63 -35.63
C GLY E 410 -17.58 0.15 -35.60
N LEU E 411 -16.85 -0.28 -36.62
CA LEU E 411 -16.47 -1.67 -36.77
C LEU E 411 -14.96 -1.79 -36.71
N LEU E 412 -14.49 -2.87 -36.12
CA LEU E 412 -13.07 -3.21 -36.13
C LEU E 412 -12.92 -4.42 -37.03
N LEU E 413 -12.12 -4.27 -38.08
CA LEU E 413 -11.91 -5.33 -39.05
C LEU E 413 -10.43 -5.62 -39.18
N THR E 414 -10.12 -6.73 -39.85
CA THR E 414 -8.78 -7.02 -40.30
C THR E 414 -8.89 -7.72 -41.64
N ARG E 415 -7.94 -7.42 -42.52
CA ARG E 415 -7.98 -7.96 -43.86
C ARG E 415 -7.55 -9.42 -43.87
N ASP E 416 -7.88 -10.10 -44.96
CA ASP E 416 -7.62 -11.52 -45.06
C ASP E 416 -7.67 -11.94 -46.53
N GLY E 417 -7.06 -13.08 -46.81
CA GLY E 417 -6.97 -13.58 -48.17
C GLY E 417 -7.96 -14.68 -48.44
N GLY E 418 -7.48 -15.80 -49.00
CA GLY E 418 -8.35 -16.89 -49.36
C GLY E 418 -9.04 -16.73 -50.69
N LYS E 419 -8.84 -15.62 -51.38
CA LYS E 419 -9.46 -15.41 -52.69
C LYS E 419 -8.53 -14.55 -53.53
N ASN E 420 -8.73 -14.64 -54.85
CA ASN E 420 -7.93 -13.90 -55.81
C ASN E 420 -8.78 -12.83 -56.48
N ASN E 421 -8.21 -11.62 -56.57
CA ASN E 421 -8.95 -10.45 -57.04
C ASN E 421 -10.18 -10.19 -56.18
N THR E 422 -10.10 -10.57 -54.91
CA THR E 422 -11.21 -10.38 -53.98
C THR E 422 -10.65 -10.45 -52.57
N GLU E 423 -10.52 -9.29 -51.92
CA GLU E 423 -10.06 -9.26 -50.55
C GLU E 423 -11.16 -9.71 -49.60
N THR E 424 -10.78 -10.44 -48.56
CA THR E 424 -11.72 -10.78 -47.50
C THR E 424 -11.45 -9.90 -46.30
N PHE E 425 -12.44 -9.80 -45.43
CA PHE E 425 -12.28 -9.09 -44.17
C PHE E 425 -13.00 -9.84 -43.07
N ARG E 426 -12.51 -9.69 -41.85
CA ARG E 426 -13.09 -10.41 -40.73
C ARG E 426 -13.05 -9.54 -39.49
N PRO E 427 -13.98 -9.71 -38.57
CA PRO E 427 -13.92 -8.96 -37.31
C PRO E 427 -12.76 -9.45 -36.46
N GLY E 428 -12.06 -8.50 -35.85
CA GLY E 428 -10.92 -8.82 -35.02
C GLY E 428 -10.74 -7.81 -33.92
N GLY E 429 -9.51 -7.34 -33.71
CA GLY E 429 -9.30 -6.23 -32.82
C GLY E 429 -9.65 -6.49 -31.38
N GLY E 430 -9.30 -7.66 -30.84
CA GLY E 430 -9.45 -7.87 -29.42
C GLY E 430 -8.52 -7.01 -28.58
N ASN E 431 -7.54 -6.37 -29.22
CA ASN E 431 -6.55 -5.55 -28.53
C ASN E 431 -7.19 -4.22 -28.16
N MET E 432 -7.96 -4.23 -27.06
CA MET E 432 -8.94 -3.19 -26.79
C MET E 432 -8.38 -1.79 -26.92
N LYS E 433 -7.06 -1.62 -26.95
CA LYS E 433 -6.52 -0.28 -27.10
C LYS E 433 -7.10 0.42 -28.32
N ASP E 434 -7.31 -0.32 -29.40
CA ASP E 434 -7.87 0.30 -30.60
C ASP E 434 -9.15 1.06 -30.28
N ASN E 435 -9.98 0.51 -29.39
CA ASN E 435 -11.23 1.20 -29.04
C ASN E 435 -10.95 2.65 -28.65
N TRP E 436 -10.03 2.85 -27.71
CA TRP E 436 -9.74 4.22 -27.31
C TRP E 436 -9.05 4.98 -28.42
N ARG E 437 -8.25 4.30 -29.23
CA ARG E 437 -7.68 4.98 -30.38
C ARG E 437 -8.73 5.32 -31.42
N SER E 438 -9.90 4.71 -31.34
CA SER E 438 -10.98 5.04 -32.25
C SER E 438 -11.65 6.36 -31.90
N GLU E 439 -11.25 7.00 -30.81
CA GLU E 439 -11.83 8.28 -30.42
C GLU E 439 -10.82 9.31 -29.96
N LEU E 440 -9.55 8.95 -29.76
CA LEU E 440 -8.52 9.92 -29.39
C LEU E 440 -7.61 10.27 -30.55
N TYR E 441 -7.98 9.95 -31.79
CA TYR E 441 -7.15 10.32 -32.93
C TYR E 441 -7.17 11.81 -33.20
N LYS E 442 -8.25 12.49 -32.84
CA LYS E 442 -8.33 13.92 -33.07
C LYS E 442 -7.17 14.66 -32.43
N TYR E 443 -6.79 14.26 -31.22
CA TYR E 443 -6.09 15.13 -30.30
C TYR E 443 -4.59 14.88 -30.29
N LYS E 444 -3.85 15.93 -29.97
CA LYS E 444 -2.42 15.87 -29.73
C LYS E 444 -2.11 16.72 -28.51
N VAL E 445 -1.00 16.43 -27.83
CA VAL E 445 -0.61 17.14 -26.62
C VAL E 445 0.69 17.89 -26.89
N VAL E 446 0.69 19.20 -26.65
CA VAL E 446 1.84 20.04 -26.97
C VAL E 446 2.29 20.81 -25.74
N LYS E 447 3.58 21.08 -25.69
CA LYS E 447 4.22 21.89 -24.66
C LYS E 447 4.46 23.28 -25.23
N ILE E 448 3.96 24.29 -24.54
CA ILE E 448 4.07 25.66 -25.04
C ILE E 448 5.40 26.25 -24.60
N GLU E 449 5.94 27.13 -25.41
CA GLU E 449 7.20 27.81 -25.13
C GLU E 449 6.98 29.31 -25.33
N PRO E 450 6.28 29.99 -24.41
CA PRO E 450 5.80 31.34 -24.69
C PRO E 450 6.89 32.38 -24.83
N LEU E 451 8.15 32.02 -24.69
CA LEU E 451 9.26 32.96 -24.58
C LEU E 451 10.05 32.95 -25.87
N GLY E 452 10.24 34.12 -26.48
CA GLY E 452 10.96 34.20 -27.73
C GLY E 452 11.79 35.45 -27.84
N VAL E 453 12.55 35.55 -28.93
CA VAL E 453 13.41 36.69 -29.19
C VAL E 453 13.18 37.16 -30.61
N ALA E 454 13.53 38.42 -30.88
CA ALA E 454 13.43 38.95 -32.23
C ALA E 454 14.33 40.17 -32.34
N PRO E 455 14.71 40.57 -33.55
CA PRO E 455 15.49 41.80 -33.70
C PRO E 455 14.58 43.01 -33.94
N THR E 456 15.01 44.15 -33.39
CA THR E 456 14.26 45.39 -33.51
C THR E 456 15.23 46.56 -33.49
N ARG E 457 14.67 47.77 -33.41
CA ARG E 457 15.41 49.00 -33.60
C ARG E 457 15.79 49.70 -32.31
N CYS E 458 15.72 49.03 -31.16
CA CYS E 458 15.83 49.68 -29.86
C CYS E 458 16.82 48.95 -28.96
N LYS E 459 17.53 49.73 -28.14
CA LYS E 459 18.29 49.19 -27.03
C LYS E 459 18.04 50.06 -25.80
N ARG E 460 18.16 49.44 -24.62
CA ARG E 460 17.66 50.05 -23.40
C ARG E 460 18.31 51.40 -23.13
N ARG E 461 17.50 52.36 -22.71
CA ARG E 461 18.03 53.56 -22.09
C ARG E 461 18.41 53.27 -20.65
N VAL E 462 19.62 53.65 -20.27
CA VAL E 462 20.17 53.28 -18.97
C VAL E 462 19.21 53.60 -17.84
N VAL F 12 -9.35 26.46 -15.30
CA VAL F 12 -9.92 27.79 -15.71
C VAL F 12 -8.83 28.58 -16.42
N PHE F 13 -9.16 29.22 -17.54
CA PHE F 13 -8.17 29.92 -18.34
C PHE F 13 -8.85 31.00 -19.16
N LEU F 14 -8.05 31.69 -19.96
CA LEU F 14 -8.51 32.77 -20.82
C LEU F 14 -7.73 32.78 -22.13
N GLY F 15 -8.37 32.33 -23.20
CA GLY F 15 -7.88 32.52 -24.55
C GLY F 15 -6.41 32.18 -24.78
N PHE F 16 -6.05 30.89 -24.70
CA PHE F 16 -4.68 30.49 -24.92
C PHE F 16 -4.05 31.16 -26.15
N LEU F 17 -4.55 30.83 -27.34
CA LEU F 17 -3.76 31.03 -28.54
C LEU F 17 -4.59 31.62 -29.68
N GLY F 18 -5.43 32.60 -29.37
CA GLY F 18 -6.14 33.31 -30.43
C GLY F 18 -5.20 34.02 -31.39
N ALA F 19 -3.95 34.23 -30.98
CA ALA F 19 -2.99 34.95 -31.81
C ALA F 19 -2.49 34.15 -32.99
N ALA F 20 -2.98 32.92 -33.19
CA ALA F 20 -2.55 32.13 -34.33
C ALA F 20 -2.85 32.87 -35.62
N GLY F 21 -1.84 32.95 -36.50
CA GLY F 21 -1.96 33.67 -37.74
C GLY F 21 -1.35 35.06 -37.74
N SER F 22 -1.11 35.64 -36.56
CA SER F 22 -0.44 36.93 -36.50
C SER F 22 1.04 36.78 -36.80
N THR F 23 1.69 37.89 -37.13
CA THR F 23 3.09 37.88 -37.53
C THR F 23 3.99 38.20 -36.34
N MET F 24 5.26 38.44 -36.64
CA MET F 24 6.25 38.70 -35.60
C MET F 24 5.74 39.69 -34.58
N GLY F 25 5.41 40.90 -35.02
CA GLY F 25 5.00 41.97 -34.12
C GLY F 25 3.50 42.11 -33.96
N ALA F 26 2.74 41.73 -35.00
CA ALA F 26 1.30 41.89 -34.94
C ALA F 26 0.68 41.07 -33.80
N ALA F 27 1.40 40.07 -33.29
CA ALA F 27 0.94 39.34 -32.12
C ALA F 27 1.30 40.02 -30.81
N SER F 28 1.66 41.30 -30.84
CA SER F 28 2.08 41.98 -29.62
C SER F 28 0.92 42.30 -28.68
N MET F 29 -0.30 42.41 -29.21
CA MET F 29 -1.42 42.90 -28.41
C MET F 29 -1.91 41.84 -27.42
N THR F 30 -2.35 40.70 -27.91
CA THR F 30 -2.93 39.67 -27.04
C THR F 30 -1.89 38.96 -26.20
N LEU F 31 -0.62 39.34 -26.28
CA LEU F 31 0.38 38.74 -25.41
C LEU F 31 -0.08 38.80 -23.96
N THR F 32 -0.70 39.92 -23.58
CA THR F 32 -1.18 40.07 -22.21
C THR F 32 -2.01 38.87 -21.79
N VAL F 33 -2.92 38.43 -22.65
CA VAL F 33 -3.76 37.26 -22.38
C VAL F 33 -2.93 35.99 -22.33
N GLN F 34 -2.00 35.83 -23.26
CA GLN F 34 -1.22 34.60 -23.33
C GLN F 34 -0.37 34.38 -22.09
N ALA F 35 -0.15 35.41 -21.28
CA ALA F 35 0.69 35.30 -20.11
C ALA F 35 -0.10 35.12 -18.81
N ARG F 36 -1.43 34.99 -18.89
CA ARG F 36 -2.23 34.98 -17.67
C ARG F 36 -2.52 33.57 -17.17
N ASN F 37 -2.63 32.61 -18.09
CA ASN F 37 -3.26 31.33 -17.76
C ASN F 37 -2.41 30.52 -16.79
N LEU F 38 -2.79 30.54 -15.52
CA LEU F 38 -2.29 29.63 -14.49
C LEU F 38 -3.43 29.21 -13.56
N LEU F 39 -4.63 29.74 -13.80
CA LEU F 39 -5.66 29.77 -12.77
C LEU F 39 -6.18 28.38 -12.43
N SER F 40 -6.46 28.18 -11.14
CA SER F 40 -7.08 26.98 -10.59
C SER F 40 -6.55 25.69 -11.21
N GLY F 66 -5.72 8.33 -7.35
CA GLY F 66 -5.72 9.44 -8.29
C GLY F 66 -4.66 10.49 -7.95
N ILE F 67 -3.40 10.07 -7.97
CA ILE F 67 -2.30 10.95 -7.60
C ILE F 67 -1.89 11.85 -8.76
N LYS F 68 -2.24 11.49 -9.99
CA LYS F 68 -1.87 12.33 -11.13
C LYS F 68 -2.34 13.75 -10.94
N GLN F 69 -3.54 13.94 -10.40
CA GLN F 69 -4.03 15.30 -10.15
C GLN F 69 -3.01 16.11 -9.37
N LEU F 70 -2.39 15.52 -8.36
CA LEU F 70 -1.35 16.23 -7.63
C LEU F 70 -0.19 16.59 -8.55
N GLN F 71 0.32 15.61 -9.30
CA GLN F 71 1.44 15.88 -10.19
C GLN F 71 1.13 17.04 -11.11
N ALA F 72 -0.03 17.01 -11.76
CA ALA F 72 -0.38 18.07 -12.70
C ALA F 72 -0.25 19.44 -12.04
N ARG F 73 -0.58 19.53 -10.76
CA ARG F 73 -0.43 20.80 -10.07
C ARG F 73 1.02 21.22 -10.01
N VAL F 74 1.90 20.34 -9.51
CA VAL F 74 3.28 20.74 -9.30
C VAL F 74 3.88 21.25 -10.60
N LEU F 75 3.66 20.52 -11.70
CA LEU F 75 4.20 20.98 -12.98
C LEU F 75 3.82 22.42 -13.24
N ALA F 76 2.54 22.75 -13.10
CA ALA F 76 2.08 24.08 -13.44
C ALA F 76 2.92 25.14 -12.74
N VAL F 77 3.37 24.86 -11.52
CA VAL F 77 4.18 25.84 -10.81
C VAL F 77 5.59 25.87 -11.37
N GLU F 78 6.25 24.70 -11.43
CA GLU F 78 7.66 24.71 -11.81
C GLU F 78 7.85 25.27 -13.22
N ARG F 79 6.92 24.95 -14.13
CA ARG F 79 7.01 25.50 -15.48
C ARG F 79 6.85 27.01 -15.45
N TYR F 80 5.93 27.53 -14.64
CA TYR F 80 5.75 28.97 -14.60
C TYR F 80 6.99 29.66 -14.04
N LEU F 81 7.45 29.24 -12.87
CA LEU F 81 8.60 29.91 -12.26
C LEU F 81 9.82 29.82 -13.16
N ARG F 82 10.09 28.64 -13.72
CA ARG F 82 11.25 28.49 -14.57
C ARG F 82 11.24 29.52 -15.68
N ASP F 83 10.06 29.98 -16.08
CA ASP F 83 10.01 31.08 -17.04
C ASP F 83 10.09 32.42 -16.32
N GLN F 84 9.26 32.62 -15.29
CA GLN F 84 9.20 33.94 -14.67
C GLN F 84 10.56 34.36 -14.14
N GLN F 85 11.25 33.46 -13.43
CA GLN F 85 12.56 33.83 -12.90
C GLN F 85 13.57 34.02 -14.01
N LEU F 86 13.38 33.33 -15.14
CA LEU F 86 14.32 33.47 -16.24
C LEU F 86 14.38 34.91 -16.74
N LEU F 87 13.22 35.53 -16.97
CA LEU F 87 13.24 36.93 -17.35
C LEU F 87 14.04 37.75 -16.34
N GLY F 88 14.01 37.35 -15.07
CA GLY F 88 14.76 38.08 -14.07
C GLY F 88 16.24 38.15 -14.40
N ILE F 89 16.82 37.02 -14.79
CA ILE F 89 18.25 37.04 -15.10
C ILE F 89 18.52 37.92 -16.31
N TRP F 90 17.55 38.00 -17.23
CA TRP F 90 17.73 38.83 -18.40
C TRP F 90 17.42 40.29 -18.16
N GLY F 91 16.98 40.64 -16.95
CA GLY F 91 16.76 42.03 -16.62
C GLY F 91 15.45 42.60 -17.12
N CYS F 92 14.61 41.80 -17.78
CA CYS F 92 13.34 42.31 -18.27
C CYS F 92 12.33 42.44 -17.14
N SER F 93 12.38 41.57 -16.14
CA SER F 93 11.49 41.64 -14.98
C SER F 93 10.05 41.54 -15.49
N GLY F 94 9.11 42.26 -14.88
CA GLY F 94 7.70 42.08 -15.17
C GLY F 94 7.18 42.88 -16.36
N LYS F 95 7.77 42.68 -17.53
CA LYS F 95 7.34 43.32 -18.75
C LYS F 95 7.18 42.29 -19.85
N LEU F 96 6.20 42.51 -20.73
CA LEU F 96 6.00 41.60 -21.85
C LEU F 96 7.05 41.80 -22.93
N ILE F 97 7.46 43.04 -23.18
CA ILE F 97 8.44 43.37 -24.19
C ILE F 97 9.49 44.25 -23.55
N CYS F 98 10.72 44.21 -24.07
CA CYS F 98 11.77 45.06 -23.53
C CYS F 98 12.98 45.02 -24.44
N CYS F 99 13.54 46.20 -24.69
CA CYS F 99 14.80 46.29 -25.41
C CYS F 99 15.92 45.72 -24.55
N THR F 100 17.15 45.78 -25.06
CA THR F 100 18.32 45.35 -24.31
C THR F 100 19.57 45.71 -25.09
N ASN F 101 20.72 45.31 -24.55
CA ASN F 101 22.02 45.46 -25.18
C ASN F 101 22.23 44.34 -26.19
N VAL F 102 23.49 44.07 -26.53
CA VAL F 102 23.90 42.92 -27.36
C VAL F 102 23.18 42.92 -28.69
N PRO F 103 23.58 43.77 -29.64
CA PRO F 103 22.84 43.89 -30.90
C PRO F 103 22.66 42.55 -31.59
N TRP F 104 21.75 42.54 -32.56
CA TRP F 104 21.61 41.40 -33.44
C TRP F 104 22.88 41.22 -34.26
N ASN F 105 23.04 40.02 -34.81
CA ASN F 105 24.26 39.67 -35.52
C ASN F 105 23.95 39.18 -36.93
N SER F 106 24.87 39.47 -37.84
CA SER F 106 24.97 38.63 -39.02
C SER F 106 25.17 37.19 -38.61
N SER F 107 25.95 36.96 -37.56
CA SER F 107 25.98 35.66 -36.92
C SER F 107 24.59 35.34 -36.36
N TRP F 108 24.46 34.15 -35.79
CA TRP F 108 23.14 33.59 -35.49
C TRP F 108 22.44 33.38 -36.84
N SER F 109 21.14 33.65 -36.92
CA SER F 109 20.47 33.60 -38.20
C SER F 109 21.07 34.65 -39.14
N ASN F 110 21.72 34.19 -40.20
CA ASN F 110 22.32 35.09 -41.18
C ASN F 110 21.21 35.72 -42.01
N ARG F 111 20.37 36.55 -41.38
CA ARG F 111 19.13 36.97 -42.00
C ARG F 111 18.72 38.36 -41.52
N ASN F 112 17.87 38.98 -42.33
CA ASN F 112 17.10 40.14 -41.93
C ASN F 112 15.63 39.75 -41.92
N LEU F 113 14.95 40.04 -40.82
CA LEU F 113 13.55 39.66 -40.66
C LEU F 113 12.59 40.82 -40.88
N SER F 114 13.09 42.01 -41.20
CA SER F 114 12.21 43.15 -41.43
C SER F 114 11.32 42.93 -42.64
N GLU F 115 11.88 42.42 -43.72
CA GLU F 115 11.10 42.18 -44.94
C GLU F 115 10.00 41.14 -44.75
N ILE F 116 10.25 40.10 -43.96
CA ILE F 116 9.24 39.08 -43.67
C ILE F 116 8.44 39.42 -42.42
N TRP F 117 8.65 40.59 -41.83
CA TRP F 117 8.06 40.91 -40.53
C TRP F 117 6.55 40.95 -40.55
N ASP F 118 5.91 41.02 -41.73
CA ASP F 118 4.47 41.18 -41.82
C ASP F 118 3.78 40.05 -42.60
N ASN F 119 4.53 39.03 -43.00
CA ASN F 119 3.93 37.91 -43.71
C ASN F 119 4.46 36.56 -43.23
N MET F 120 4.90 36.48 -41.98
CA MET F 120 5.26 35.22 -41.35
C MET F 120 4.81 35.23 -39.90
N THR F 121 4.35 34.07 -39.44
CA THR F 121 3.94 33.90 -38.06
C THR F 121 5.09 33.29 -37.26
N TRP F 122 4.90 33.26 -35.94
CA TRP F 122 6.05 33.12 -35.04
C TRP F 122 6.81 31.83 -35.25
N LEU F 123 6.10 30.70 -35.37
CA LEU F 123 6.77 29.41 -35.40
C LEU F 123 7.87 29.38 -36.45
N GLN F 124 7.60 29.88 -37.65
CA GLN F 124 8.59 29.80 -38.71
C GLN F 124 9.84 30.56 -38.35
N TRP F 125 9.74 31.51 -37.42
CA TRP F 125 10.92 32.27 -36.98
C TRP F 125 11.60 31.60 -35.78
N ASP F 126 10.80 31.11 -34.84
CA ASP F 126 11.38 30.44 -33.67
C ASP F 126 12.15 29.20 -34.09
N LYS F 127 11.57 28.41 -34.99
CA LYS F 127 12.25 27.20 -35.44
C LYS F 127 13.51 27.53 -36.24
N GLU F 128 13.51 28.66 -36.94
CA GLU F 128 14.71 29.08 -37.66
C GLU F 128 15.81 29.50 -36.70
N ILE F 129 15.47 30.34 -35.71
CA ILE F 129 16.47 30.83 -34.77
C ILE F 129 16.89 29.79 -33.74
N SER F 130 16.17 28.67 -33.63
CA SER F 130 16.55 27.64 -32.67
C SER F 130 18.03 27.33 -32.70
N ASN F 131 18.70 27.50 -33.84
CA ASN F 131 20.11 27.15 -33.95
C ASN F 131 20.98 27.89 -32.94
N TYR F 132 20.53 29.06 -32.47
CA TYR F 132 21.37 29.90 -31.63
C TYR F 132 20.66 30.44 -30.39
N THR F 133 19.47 29.93 -30.06
CA THR F 133 18.74 30.45 -28.92
C THR F 133 19.54 30.27 -27.62
N GLN F 134 20.12 29.09 -27.45
CA GLN F 134 20.87 28.80 -26.22
C GLN F 134 22.00 29.80 -26.02
N ILE F 135 22.68 30.20 -27.09
CA ILE F 135 23.73 31.19 -26.99
C ILE F 135 23.14 32.55 -26.66
N ILE F 136 22.06 32.91 -27.35
CA ILE F 136 21.50 34.25 -27.20
C ILE F 136 20.99 34.45 -25.78
N TYR F 137 20.56 33.38 -25.12
CA TYR F 137 20.14 33.52 -23.73
C TYR F 137 21.30 33.94 -22.85
N GLY F 138 22.46 33.33 -23.02
CA GLY F 138 23.63 33.73 -22.28
C GLY F 138 24.03 35.15 -22.61
N LEU F 139 23.89 35.52 -23.89
CA LEU F 139 24.21 36.88 -24.28
C LEU F 139 23.28 37.87 -23.58
N LEU F 140 21.99 37.55 -23.48
CA LEU F 140 21.07 38.42 -22.78
C LEU F 140 21.43 38.50 -21.29
N GLU F 141 21.81 37.37 -20.71
CA GLU F 141 22.28 37.39 -19.32
C GLU F 141 23.43 38.36 -19.14
N GLU F 142 24.45 38.25 -20.00
CA GLU F 142 25.58 39.16 -19.88
C GLU F 142 25.16 40.59 -20.15
N SER F 143 24.18 40.79 -21.03
CA SER F 143 23.65 42.13 -21.24
C SER F 143 23.07 42.70 -19.95
N GLN F 144 22.29 41.90 -19.22
CA GLN F 144 21.75 42.35 -17.96
C GLN F 144 22.86 42.60 -16.95
N ASN F 145 23.95 41.83 -17.03
CA ASN F 145 25.01 41.95 -16.05
C ASN F 145 25.44 43.41 -15.87
N GLN F 146 26.02 44.00 -16.91
CA GLN F 146 26.69 45.29 -16.76
C GLN F 146 25.78 46.35 -16.15
N GLN F 147 24.47 46.12 -16.14
CA GLN F 147 23.54 47.14 -15.67
C GLN F 147 23.85 47.56 -14.23
N GLU F 148 23.91 46.60 -13.31
CA GLU F 148 24.11 46.97 -11.92
C GLU F 148 25.55 47.38 -11.63
N LYS F 149 26.51 46.85 -12.40
CA LYS F 149 27.85 47.43 -12.36
C LYS F 149 27.78 48.93 -12.58
N ASN F 150 27.20 49.34 -13.69
CA ASN F 150 27.11 50.76 -14.01
C ASN F 150 26.30 51.50 -12.95
N GLU F 151 25.23 50.89 -12.47
CA GLU F 151 24.35 51.58 -11.52
C GLU F 151 25.04 51.83 -10.19
N GLN F 152 25.69 50.81 -9.63
CA GLN F 152 26.40 50.98 -8.37
C GLN F 152 27.55 51.96 -8.53
N ASP F 153 28.34 51.81 -9.60
CA ASP F 153 29.50 52.68 -9.77
C ASP F 153 29.10 54.15 -9.85
N LEU F 154 27.81 54.45 -10.01
CA LEU F 154 27.30 55.81 -10.01
C LEU F 154 26.57 56.16 -8.73
N LEU F 155 25.83 55.20 -8.16
CA LEU F 155 25.03 55.49 -6.97
C LEU F 155 25.88 55.56 -5.72
N ALA F 156 27.00 54.83 -5.68
CA ALA F 156 27.85 54.84 -4.49
C ALA F 156 28.37 56.23 -4.17
N LEU F 157 28.35 57.15 -5.14
CA LEU F 157 28.74 58.52 -4.88
C LEU F 157 27.69 59.29 -4.09
N ASP F 158 26.46 58.80 -4.02
CA ASP F 158 25.42 59.40 -3.20
C ASP F 158 25.67 59.07 -1.73
N GLN G 1 20.21 -14.63 -26.19
CA GLN G 1 19.34 -14.89 -25.00
C GLN G 1 17.93 -15.24 -25.45
N VAL G 2 17.20 -14.26 -25.98
CA VAL G 2 15.86 -14.53 -26.52
C VAL G 2 15.97 -15.65 -27.54
N ARG G 3 15.05 -16.61 -27.48
CA ARG G 3 15.19 -17.82 -28.25
C ARG G 3 13.82 -18.42 -28.53
N LEU G 4 13.77 -19.26 -29.55
CA LEU G 4 12.64 -20.13 -29.80
C LEU G 4 13.16 -21.55 -29.85
N VAL G 5 12.36 -22.49 -29.36
CA VAL G 5 12.73 -23.89 -29.37
C VAL G 5 11.65 -24.68 -30.09
N GLN G 6 12.07 -25.67 -30.87
CA GLN G 6 11.16 -26.57 -31.55
C GLN G 6 11.62 -27.99 -31.31
N SER G 7 10.73 -28.96 -31.54
CA SER G 7 11.09 -30.34 -31.28
C SER G 7 10.03 -31.28 -31.80
N GLY G 8 10.49 -32.42 -32.32
CA GLY G 8 9.67 -33.61 -32.37
C GLY G 8 8.72 -33.70 -33.54
N ALA G 9 7.87 -34.74 -33.49
CA ALA G 9 6.80 -34.97 -34.44
C ALA G 9 7.30 -35.53 -35.77
N GLU G 10 8.63 -35.56 -35.96
CA GLU G 10 9.31 -36.14 -37.11
C GLU G 10 8.44 -37.00 -38.03
N VAL G 11 8.76 -38.29 -38.18
CA VAL G 11 8.18 -39.07 -39.27
C VAL G 11 6.71 -39.35 -38.99
N LYS G 12 5.91 -39.39 -40.06
CA LYS G 12 4.51 -39.78 -39.97
C LYS G 12 4.07 -40.36 -41.31
N LYS G 13 3.01 -41.15 -41.26
CA LYS G 13 2.53 -41.85 -42.46
C LYS G 13 1.73 -40.90 -43.35
N PRO G 14 1.65 -41.18 -44.65
CA PRO G 14 0.79 -40.37 -45.52
C PRO G 14 -0.65 -40.47 -45.07
N GLY G 15 -1.35 -39.33 -45.09
CA GLY G 15 -2.74 -39.28 -44.67
C GLY G 15 -2.96 -39.06 -43.19
N ALA G 16 -1.90 -39.07 -42.38
CA ALA G 16 -2.02 -38.78 -40.96
C ALA G 16 -1.85 -37.28 -40.71
N SER G 17 -1.64 -36.90 -39.46
CA SER G 17 -1.45 -35.50 -39.11
C SER G 17 -0.18 -35.34 -38.29
N VAL G 18 0.37 -34.13 -38.32
CA VAL G 18 1.61 -33.79 -37.64
C VAL G 18 1.38 -32.58 -36.76
N THR G 19 1.95 -32.60 -35.57
CA THR G 19 1.84 -31.49 -34.63
C THR G 19 3.23 -31.01 -34.27
N VAL G 20 3.49 -29.73 -34.46
CA VAL G 20 4.80 -29.14 -34.20
C VAL G 20 4.63 -27.96 -33.26
N SER G 21 5.59 -27.81 -32.34
CA SER G 21 5.43 -26.88 -31.24
C SER G 21 6.63 -25.96 -31.11
N CYS G 22 6.34 -24.68 -30.83
CA CYS G 22 7.34 -23.70 -30.47
C CYS G 22 7.23 -23.39 -28.98
N LYS G 23 8.36 -23.42 -28.30
CA LYS G 23 8.49 -23.02 -26.90
C LYS G 23 9.26 -21.71 -26.92
N ALA G 24 8.59 -20.61 -26.56
CA ALA G 24 9.23 -19.31 -26.60
C ALA G 24 10.11 -19.13 -25.37
N SER G 25 11.23 -18.42 -25.56
CA SER G 25 12.16 -18.14 -24.48
C SER G 25 11.81 -16.79 -23.85
N GLY G 26 12.73 -16.27 -23.03
CA GLY G 26 12.47 -15.07 -22.27
C GLY G 26 12.14 -13.83 -23.08
N TYR G 27 10.89 -13.40 -23.01
CA TYR G 27 10.45 -12.08 -23.46
C TYR G 27 8.95 -12.02 -23.23
N THR G 28 8.42 -10.80 -23.13
CA THR G 28 6.99 -10.64 -22.95
C THR G 28 6.28 -11.28 -24.13
N PHE G 29 5.56 -12.37 -23.89
CA PHE G 29 5.15 -13.23 -24.99
C PHE G 29 4.00 -12.63 -25.79
N THR G 30 3.04 -12.02 -25.11
CA THR G 30 1.80 -11.65 -25.79
C THR G 30 2.01 -10.59 -26.87
N ASN G 31 3.15 -9.91 -26.88
CA ASN G 31 3.29 -8.71 -27.68
C ASN G 31 3.86 -8.96 -29.07
N TYR G 32 4.18 -10.20 -29.44
CA TYR G 32 4.81 -10.47 -30.71
C TYR G 32 4.08 -11.58 -31.45
N TYR G 33 3.80 -11.36 -32.73
CA TYR G 33 3.21 -12.37 -33.56
C TYR G 33 4.19 -13.51 -33.80
N ILE G 34 3.66 -14.71 -33.98
CA ILE G 34 4.43 -15.85 -34.44
C ILE G 34 3.97 -16.17 -35.85
N HIS G 35 4.92 -16.47 -36.72
CA HIS G 35 4.64 -16.98 -38.05
C HIS G 35 5.31 -18.32 -38.20
N TRP G 36 4.77 -19.15 -39.08
CA TRP G 36 5.40 -20.41 -39.45
C TRP G 36 5.76 -20.36 -40.91
N VAL G 37 7.00 -20.67 -41.24
CA VAL G 37 7.44 -20.68 -42.63
C VAL G 37 8.13 -21.99 -42.91
N ARG G 38 7.77 -22.61 -44.01
CA ARG G 38 8.27 -23.93 -44.34
C ARG G 38 9.21 -23.85 -45.52
N GLN G 39 10.07 -24.86 -45.63
CA GLN G 39 11.12 -24.89 -46.64
C GLN G 39 11.29 -26.34 -47.07
N ALA G 40 10.81 -26.67 -48.25
CA ALA G 40 11.04 -27.99 -48.80
C ALA G 40 12.53 -28.15 -49.10
N PRO G 41 13.05 -29.38 -49.08
CA PRO G 41 14.50 -29.57 -49.23
C PRO G 41 15.00 -29.00 -50.55
N GLY G 42 15.80 -27.95 -50.46
CA GLY G 42 16.39 -27.33 -51.62
C GLY G 42 15.50 -26.38 -52.37
N GLN G 43 14.26 -26.20 -51.95
CA GLN G 43 13.32 -25.31 -52.63
C GLN G 43 13.34 -23.94 -51.97
N GLY G 44 12.59 -23.00 -52.55
CA GLY G 44 12.51 -21.68 -52.00
C GLY G 44 11.64 -21.62 -50.75
N LEU G 45 11.89 -20.61 -49.93
CA LEU G 45 11.11 -20.43 -48.72
C LEU G 45 9.65 -20.17 -49.04
N GLU G 46 8.77 -20.66 -48.17
CA GLU G 46 7.33 -20.53 -48.34
C GLU G 46 6.71 -20.14 -47.01
N TRP G 47 5.53 -19.54 -47.07
CA TRP G 47 4.87 -18.96 -45.90
C TRP G 47 3.56 -19.68 -45.62
N MET G 48 3.38 -20.10 -44.36
CA MET G 48 2.22 -20.89 -43.96
C MET G 48 1.11 -20.03 -43.35
N GLY G 49 1.38 -19.41 -42.20
CA GLY G 49 0.36 -18.63 -41.52
C GLY G 49 0.95 -17.95 -40.31
N TRP G 50 0.11 -17.10 -39.67
CA TRP G 50 0.53 -16.44 -38.44
C TRP G 50 -0.51 -16.64 -37.36
N ILE G 51 -0.01 -16.73 -36.13
CA ILE G 51 -0.82 -16.80 -34.91
C ILE G 51 -0.40 -15.69 -33.98
N ASP G 52 -1.38 -14.99 -33.44
CA ASP G 52 -1.12 -13.96 -32.43
C ASP G 52 -1.29 -14.59 -31.05
N PRO G 53 -0.24 -14.70 -30.25
CA PRO G 53 -0.37 -15.42 -28.98
C PRO G 53 -1.22 -14.71 -27.93
N SER G 54 -1.32 -13.39 -27.97
CA SER G 54 -2.05 -12.69 -26.93
C SER G 54 -3.49 -13.17 -26.90
N VAL G 55 -4.08 -13.33 -28.08
CA VAL G 55 -5.50 -13.66 -28.17
C VAL G 55 -5.77 -15.03 -28.76
N GLY G 56 -5.13 -15.38 -29.87
CA GLY G 56 -5.35 -16.63 -30.55
C GLY G 56 -5.84 -16.49 -31.97
N SER G 57 -6.05 -15.27 -32.46
CA SER G 57 -6.50 -15.08 -33.83
C SER G 57 -5.46 -15.58 -34.81
N THR G 58 -5.93 -16.12 -35.93
CA THR G 58 -5.05 -16.80 -36.86
C THR G 58 -5.25 -16.25 -38.26
N ASN G 59 -4.29 -16.55 -39.13
CA ASN G 59 -4.47 -16.35 -40.57
C ASN G 59 -3.58 -17.34 -41.32
N TYR G 60 -4.05 -17.76 -42.50
CA TYR G 60 -3.30 -18.67 -43.35
C TYR G 60 -3.37 -18.19 -44.79
N ALA G 61 -2.50 -18.76 -45.62
CA ALA G 61 -2.45 -18.37 -47.02
C ALA G 61 -3.61 -18.98 -47.78
N GLN G 62 -3.63 -18.74 -49.10
CA GLN G 62 -4.70 -19.29 -49.93
C GLN G 62 -4.64 -20.80 -49.99
N LYS G 63 -3.44 -21.37 -50.09
CA LYS G 63 -3.32 -22.80 -50.32
C LYS G 63 -3.94 -23.62 -49.20
N TYR G 64 -3.80 -23.18 -47.95
CA TYR G 64 -3.99 -24.05 -46.82
C TYR G 64 -5.17 -23.68 -45.93
N GLN G 65 -6.23 -23.09 -46.48
CA GLN G 65 -7.31 -22.64 -45.62
C GLN G 65 -7.88 -23.76 -44.77
N GLY G 66 -7.94 -24.97 -45.31
CA GLY G 66 -8.64 -26.05 -44.65
C GLY G 66 -7.75 -27.11 -44.03
N ARG G 67 -6.45 -27.07 -44.30
CA ARG G 67 -5.56 -28.13 -43.86
C ARG G 67 -4.87 -27.83 -42.54
N VAL G 68 -4.71 -26.55 -42.20
CA VAL G 68 -3.80 -26.12 -41.15
C VAL G 68 -4.61 -25.59 -39.98
N THR G 69 -4.09 -25.76 -38.77
CA THR G 69 -4.65 -25.09 -37.61
C THR G 69 -3.52 -24.72 -36.66
N MET G 70 -3.72 -23.64 -35.90
CA MET G 70 -2.72 -23.17 -34.97
C MET G 70 -3.39 -22.69 -33.69
N THR G 71 -2.76 -22.98 -32.55
CA THR G 71 -3.28 -22.55 -31.26
C THR G 71 -2.10 -22.14 -30.39
N ARG G 72 -2.42 -21.47 -29.29
CA ARG G 72 -1.40 -21.00 -28.37
C ARG G 72 -1.78 -21.40 -26.96
N ASP G 73 -0.83 -21.22 -26.04
CA ASP G 73 -1.05 -21.46 -24.62
C ASP G 73 -0.09 -20.55 -23.86
N THR G 74 -0.61 -19.50 -23.24
CA THR G 74 0.22 -18.49 -22.61
C THR G 74 0.67 -18.87 -21.22
N SER G 75 0.12 -19.94 -20.63
CA SER G 75 0.61 -20.39 -19.34
C SER G 75 1.95 -21.11 -19.46
N THR G 76 2.28 -21.61 -20.64
CA THR G 76 3.58 -22.20 -20.92
C THR G 76 4.29 -21.50 -22.08
N SER G 77 3.74 -20.39 -22.56
CA SER G 77 4.35 -19.62 -23.64
C SER G 77 4.67 -20.52 -24.82
N THR G 78 3.66 -21.26 -25.28
CA THR G 78 3.85 -22.28 -26.29
C THR G 78 2.87 -22.06 -27.44
N VAL G 79 3.24 -22.53 -28.62
CA VAL G 79 2.37 -22.49 -29.79
C VAL G 79 2.40 -23.84 -30.49
N TYR G 80 1.23 -24.36 -30.83
CA TYR G 80 1.11 -25.67 -31.47
C TYR G 80 0.45 -25.52 -32.84
N MET G 81 0.99 -26.23 -33.82
CA MET G 81 0.45 -26.20 -35.17
C MET G 81 0.17 -27.62 -35.62
N GLU G 82 -1.04 -27.83 -36.13
CA GLU G 82 -1.47 -29.12 -36.66
C GLU G 82 -1.61 -29.01 -38.17
N LEU G 83 -0.86 -29.84 -38.87
CA LEU G 83 -0.98 -29.99 -40.31
C LEU G 83 -1.65 -31.34 -40.56
N SER G 84 -2.71 -31.33 -41.36
CA SER G 84 -3.54 -32.52 -41.57
C SER G 84 -3.65 -32.82 -43.05
N SER G 85 -4.04 -34.06 -43.35
CA SER G 85 -4.11 -34.54 -44.73
C SER G 85 -2.75 -34.41 -45.40
N LEU G 86 -1.77 -35.09 -44.82
CA LEU G 86 -0.40 -35.03 -45.34
C LEU G 86 -0.31 -35.68 -46.71
N ARG G 87 0.48 -35.07 -47.57
CA ARG G 87 0.94 -35.67 -48.81
C ARG G 87 2.44 -35.92 -48.71
N SER G 88 2.95 -36.74 -49.63
CA SER G 88 4.39 -36.95 -49.66
C SER G 88 5.12 -35.65 -49.92
N GLU G 89 4.46 -34.69 -50.57
CA GLU G 89 5.12 -33.47 -50.99
C GLU G 89 5.41 -32.52 -49.84
N ASP G 90 4.68 -32.62 -48.73
CA ASP G 90 4.89 -31.69 -47.62
C ASP G 90 6.21 -31.93 -46.89
N THR G 91 6.95 -32.98 -47.23
CA THR G 91 8.26 -33.18 -46.64
C THR G 91 9.04 -31.88 -46.65
N ALA G 92 9.53 -31.46 -45.49
CA ALA G 92 10.22 -30.18 -45.44
C ALA G 92 10.79 -29.93 -44.06
N VAL G 93 11.40 -28.77 -43.91
CA VAL G 93 11.70 -28.20 -42.61
C VAL G 93 10.63 -27.15 -42.30
N TYR G 94 10.24 -27.06 -41.04
CA TYR G 94 9.27 -26.08 -40.57
C TYR G 94 9.97 -25.18 -39.56
N TYR G 95 9.93 -23.88 -39.81
CA TYR G 95 10.60 -22.88 -39.00
C TYR G 95 9.58 -22.05 -38.26
N CYS G 96 9.73 -21.97 -36.95
CA CYS G 96 9.04 -20.97 -36.16
C CYS G 96 9.75 -19.63 -36.34
N VAL G 97 9.00 -18.53 -36.36
CA VAL G 97 9.64 -17.22 -36.42
C VAL G 97 8.81 -16.20 -35.66
N ARG G 98 9.50 -15.24 -35.06
CA ARG G 98 8.87 -14.14 -34.35
C ARG G 98 8.86 -12.91 -35.23
N ASP G 99 7.77 -12.15 -35.18
CA ASP G 99 7.59 -11.02 -36.07
C ASP G 99 7.53 -9.73 -35.26
N VAL G 100 8.32 -8.74 -35.66
CA VAL G 100 8.42 -7.50 -34.90
C VAL G 100 7.34 -6.53 -35.38
N GLY G 101 6.15 -6.62 -34.81
CA GLY G 101 5.07 -5.74 -35.21
C GLY G 101 5.12 -4.44 -34.43
N THR G 102 4.88 -3.32 -35.12
CA THR G 102 4.81 -2.04 -34.46
C THR G 102 3.48 -1.91 -33.73
N GLU G 103 3.19 -0.71 -33.24
CA GLU G 103 1.97 -0.52 -32.48
C GLU G 103 0.74 -0.73 -33.33
N GLY G 104 0.87 -0.64 -34.65
CA GLY G 104 -0.29 -0.70 -35.53
C GLY G 104 -0.07 -1.42 -36.84
N SER G 105 0.93 -2.28 -36.92
CA SER G 105 1.16 -2.99 -38.17
C SER G 105 2.24 -4.06 -37.97
N LEU G 106 2.32 -4.97 -38.94
CA LEU G 106 3.38 -5.96 -38.97
C LEU G 106 4.51 -5.48 -39.87
N LEU G 107 5.73 -5.86 -39.52
CA LEU G 107 6.86 -5.45 -40.35
C LEU G 107 7.65 -6.62 -40.93
N HIS G 108 8.23 -7.48 -40.10
CA HIS G 108 9.21 -8.42 -40.63
C HIS G 108 9.58 -9.46 -39.58
N PHE G 109 10.44 -10.39 -40.00
CA PHE G 109 10.86 -11.48 -39.13
C PHE G 109 12.27 -11.18 -38.62
N ASP G 110 12.51 -11.47 -37.34
CA ASP G 110 13.83 -11.21 -36.78
C ASP G 110 14.51 -12.48 -36.26
N TYR G 111 13.84 -13.22 -35.38
CA TYR G 111 14.46 -14.40 -34.80
C TYR G 111 13.79 -15.66 -35.30
N TRP G 112 14.59 -16.67 -35.61
CA TRP G 112 14.09 -17.93 -36.14
C TRP G 112 14.48 -19.08 -35.21
N GLY G 113 13.63 -20.09 -35.15
CA GLY G 113 13.93 -21.25 -34.36
C GLY G 113 14.77 -22.24 -35.12
N GLN G 114 15.26 -23.25 -34.40
CA GLN G 114 16.13 -24.22 -35.01
C GLN G 114 15.42 -25.04 -36.07
N GLY G 115 14.10 -24.98 -36.13
CA GLY G 115 13.36 -25.67 -37.15
C GLY G 115 13.36 -27.17 -36.96
N THR G 116 12.30 -27.80 -37.43
CA THR G 116 12.12 -29.23 -37.23
C THR G 116 11.75 -29.89 -38.56
N LEU G 117 12.20 -31.12 -38.73
CA LEU G 117 11.87 -31.87 -39.93
C LEU G 117 10.45 -32.41 -39.84
N VAL G 118 9.83 -32.57 -40.99
CA VAL G 118 8.68 -33.45 -41.15
C VAL G 118 8.88 -34.18 -42.46
N THR G 119 8.82 -35.50 -42.42
CA THR G 119 9.00 -36.31 -43.60
C THR G 119 7.85 -37.28 -43.73
N VAL G 120 7.58 -37.72 -44.95
CA VAL G 120 6.50 -38.64 -45.23
C VAL G 120 7.04 -39.73 -46.14
N SER G 121 6.69 -40.98 -45.84
CA SER G 121 7.12 -42.08 -46.70
C SER G 121 6.29 -43.31 -46.35
N SER G 122 6.28 -44.25 -47.30
CA SER G 122 5.55 -45.50 -47.11
C SER G 122 6.39 -46.57 -46.45
N ALA G 123 7.61 -46.25 -46.01
CA ALA G 123 8.53 -47.26 -45.50
C ALA G 123 8.51 -47.28 -43.97
N SER G 124 9.16 -48.31 -43.41
CA SER G 124 9.43 -48.39 -41.98
C SER G 124 10.90 -48.75 -41.81
N THR G 125 11.48 -48.31 -40.69
CA THR G 125 12.92 -48.32 -40.50
C THR G 125 13.53 -49.61 -41.00
N LYS G 126 14.47 -49.48 -41.94
CA LYS G 126 15.02 -50.61 -42.66
C LYS G 126 16.53 -50.46 -42.77
N GLY G 127 17.26 -51.51 -42.39
CA GLY G 127 18.71 -51.46 -42.32
C GLY G 127 19.35 -51.36 -43.68
N PRO G 128 20.53 -50.75 -43.74
CA PRO G 128 21.15 -50.47 -45.04
C PRO G 128 21.64 -51.72 -45.74
N SER G 129 22.11 -51.51 -46.98
CA SER G 129 22.78 -52.55 -47.76
C SER G 129 24.08 -51.99 -48.33
N VAL G 130 25.00 -52.88 -48.65
CA VAL G 130 26.31 -52.50 -49.20
C VAL G 130 26.74 -53.55 -50.21
N PHE G 131 27.33 -53.10 -51.32
CA PHE G 131 27.68 -54.01 -52.41
C PHE G 131 29.09 -53.75 -52.92
N PRO G 132 29.74 -54.76 -53.48
CA PRO G 132 31.11 -54.58 -53.97
C PRO G 132 31.14 -54.15 -55.43
N LEU G 133 32.29 -53.57 -55.81
CA LEU G 133 32.54 -53.13 -57.17
C LEU G 133 33.96 -53.54 -57.57
N ALA G 134 34.15 -53.72 -58.87
CA ALA G 134 35.47 -54.05 -59.41
C ALA G 134 36.35 -52.80 -59.44
N PRO G 135 37.66 -52.97 -59.45
CA PRO G 135 38.55 -51.80 -59.46
C PRO G 135 38.43 -51.00 -60.74
N SER G 136 38.81 -49.73 -60.64
CA SER G 136 38.69 -48.82 -61.77
C SER G 136 39.66 -49.19 -62.89
N SER G 137 39.25 -48.88 -64.12
CA SER G 137 40.06 -49.19 -65.29
C SER G 137 39.61 -48.34 -66.47
N GLY G 138 49.23 -42.64 -60.72
CA GLY G 138 49.82 -42.94 -59.43
C GLY G 138 48.82 -42.88 -58.30
N THR G 139 47.60 -42.43 -58.60
CA THR G 139 46.54 -42.31 -57.62
C THR G 139 45.27 -42.94 -58.16
N ALA G 140 44.49 -43.54 -57.28
CA ALA G 140 43.21 -44.14 -57.63
C ALA G 140 42.31 -44.08 -56.40
N ALA G 141 41.12 -44.68 -56.50
CA ALA G 141 40.19 -44.66 -55.38
C ALA G 141 39.19 -45.80 -55.54
N LEU G 142 38.50 -46.10 -54.44
CA LEU G 142 37.41 -47.08 -54.46
C LEU G 142 36.28 -46.61 -53.57
N GLY G 143 35.06 -47.05 -53.90
CA GLY G 143 33.87 -46.53 -53.27
C GLY G 143 32.88 -47.56 -52.74
N CYS G 144 32.48 -47.38 -51.48
CA CYS G 144 31.48 -48.21 -50.83
C CYS G 144 30.11 -47.55 -51.04
N LEU G 145 29.14 -48.35 -51.46
CA LEU G 145 27.80 -47.86 -51.76
C LEU G 145 26.84 -48.27 -50.65
N VAL G 146 26.17 -47.29 -50.04
CA VAL G 146 25.14 -47.54 -49.04
C VAL G 146 23.80 -47.43 -49.74
N LYS G 147 23.00 -48.49 -49.68
CA LYS G 147 21.82 -48.62 -50.53
C LYS G 147 20.58 -48.91 -49.71
N ASP G 148 19.50 -48.21 -50.06
CA ASP G 148 18.16 -48.49 -49.58
C ASP G 148 18.07 -48.65 -48.08
N TYR G 149 18.36 -47.57 -47.35
CA TYR G 149 18.12 -47.53 -45.92
C TYR G 149 17.18 -46.36 -45.61
N PHE G 150 16.31 -46.57 -44.65
CA PHE G 150 15.41 -45.53 -44.18
C PHE G 150 15.19 -45.72 -42.69
N PRO G 151 15.09 -44.64 -41.92
CA PRO G 151 15.30 -43.22 -42.25
C PRO G 151 16.70 -42.72 -41.92
N GLU G 152 17.02 -41.47 -42.25
CA GLU G 152 18.22 -40.85 -41.73
C GLU G 152 18.07 -40.62 -40.23
N PRO G 153 19.17 -40.35 -39.50
CA PRO G 153 20.56 -40.23 -39.95
C PRO G 153 21.34 -41.55 -40.01
N VAL G 154 22.47 -41.51 -40.72
CA VAL G 154 23.38 -42.63 -40.82
C VAL G 154 24.80 -42.07 -40.78
N THR G 155 25.72 -42.88 -40.27
CA THR G 155 27.13 -42.49 -40.21
C THR G 155 27.97 -43.60 -40.82
N VAL G 156 29.11 -43.22 -41.39
CA VAL G 156 29.97 -44.16 -42.10
C VAL G 156 31.43 -43.82 -41.81
N SER G 157 32.24 -44.86 -41.67
CA SER G 157 33.68 -44.76 -41.54
C SER G 157 34.32 -45.82 -42.43
N TRP G 158 35.62 -46.02 -42.28
CA TRP G 158 36.35 -46.97 -43.10
C TRP G 158 37.36 -47.73 -42.26
N ASN G 159 37.65 -48.95 -42.69
CA ASN G 159 38.65 -49.80 -42.04
C ASN G 159 38.35 -49.98 -40.56
N SER G 160 37.06 -49.98 -40.21
CA SER G 160 36.62 -50.20 -38.83
C SER G 160 37.27 -49.20 -37.88
N GLY G 161 37.41 -47.95 -38.30
CA GLY G 161 38.05 -46.95 -37.47
C GLY G 161 37.93 -45.55 -38.02
N ALA G 162 39.01 -44.79 -37.94
CA ALA G 162 39.05 -43.39 -38.37
C ALA G 162 40.08 -43.21 -39.47
N LEU G 163 40.04 -44.09 -40.47
CA LEU G 163 40.88 -43.91 -41.64
C LEU G 163 40.31 -42.81 -42.53
N THR G 164 41.10 -41.74 -42.73
CA THR G 164 40.66 -40.60 -43.54
C THR G 164 41.58 -40.34 -44.72
N SER G 165 41.96 -41.38 -45.47
CA SER G 165 42.88 -41.21 -46.59
C SER G 165 42.16 -40.58 -47.77
N GLY G 166 42.13 -39.25 -47.81
CA GLY G 166 41.38 -38.57 -48.86
C GLY G 166 39.93 -38.98 -48.89
N VAL G 167 39.39 -39.36 -47.74
CA VAL G 167 38.05 -39.95 -47.68
C VAL G 167 37.02 -38.84 -47.74
N HIS G 168 35.91 -39.12 -48.43
CA HIS G 168 34.80 -38.19 -48.55
C HIS G 168 33.50 -38.97 -48.40
N THR G 169 32.46 -38.30 -47.95
CA THR G 169 31.13 -38.87 -47.82
C THR G 169 30.13 -37.91 -48.46
N PHE G 170 29.19 -38.48 -49.21
CA PHE G 170 28.27 -37.66 -49.98
C PHE G 170 26.89 -37.67 -49.36
N PRO G 171 26.19 -36.55 -49.32
CA PRO G 171 24.84 -36.54 -48.73
C PRO G 171 23.92 -37.47 -49.51
N ALA G 172 22.95 -38.02 -48.81
CA ALA G 172 22.14 -39.10 -49.37
C ALA G 172 21.21 -38.59 -50.47
N VAL G 173 20.69 -39.53 -51.24
CA VAL G 173 19.76 -39.29 -52.32
C VAL G 173 18.56 -40.20 -52.13
N LEU G 174 17.38 -39.65 -52.34
CA LEU G 174 16.13 -40.38 -52.30
C LEU G 174 15.92 -41.11 -53.62
N GLN G 175 16.05 -42.43 -53.62
CA GLN G 175 15.72 -43.18 -54.83
C GLN G 175 14.24 -43.54 -54.83
N SER G 176 13.71 -43.83 -56.02
CA SER G 176 12.26 -43.99 -56.15
C SER G 176 11.69 -45.02 -55.21
N SER G 177 12.54 -45.82 -54.53
CA SER G 177 12.08 -46.77 -53.55
C SER G 177 11.62 -46.12 -52.24
N GLY G 178 11.64 -44.80 -52.15
CA GLY G 178 11.34 -44.17 -50.88
C GLY G 178 12.40 -44.38 -49.84
N LEU G 179 13.61 -44.73 -50.27
CA LEU G 179 14.71 -45.04 -49.38
C LEU G 179 15.95 -44.26 -49.82
N TYR G 180 16.95 -44.22 -48.95
CA TYR G 180 18.07 -43.37 -49.23
C TYR G 180 19.20 -44.22 -49.81
N SER G 181 20.14 -43.55 -50.47
CA SER G 181 21.39 -44.19 -50.81
C SER G 181 22.48 -43.12 -50.86
N LEU G 182 23.71 -43.53 -50.65
CA LEU G 182 24.82 -42.60 -50.67
C LEU G 182 26.09 -43.38 -50.96
N SER G 183 27.20 -42.66 -50.96
CA SER G 183 28.49 -43.23 -51.27
C SER G 183 29.54 -42.75 -50.28
N SER G 184 30.57 -43.56 -50.09
CA SER G 184 31.80 -43.11 -49.48
C SER G 184 32.94 -43.56 -50.37
N VAL G 185 34.04 -42.80 -50.37
CA VAL G 185 35.16 -43.07 -51.26
C VAL G 185 36.46 -42.95 -50.48
N VAL G 186 37.43 -43.75 -50.89
CA VAL G 186 38.75 -43.77 -50.27
C VAL G 186 39.80 -43.70 -51.37
N THR G 187 40.77 -42.80 -51.19
CA THR G 187 41.84 -42.56 -52.16
C THR G 187 43.06 -43.38 -51.76
N VAL G 188 43.74 -43.94 -52.75
CA VAL G 188 44.85 -44.87 -52.53
C VAL G 188 45.81 -44.74 -53.71
N PRO G 189 46.93 -45.48 -53.71
CA PRO G 189 47.78 -45.49 -54.91
C PRO G 189 47.03 -45.95 -56.15
N SER G 190 47.70 -45.91 -57.30
CA SER G 190 47.04 -46.22 -58.58
C SER G 190 46.39 -47.61 -58.54
N SER G 191 47.15 -48.62 -58.13
CA SER G 191 46.64 -49.98 -58.04
C SER G 191 45.56 -50.02 -56.97
N SER G 192 44.31 -50.19 -57.40
CA SER G 192 43.18 -50.11 -56.47
C SER G 192 42.90 -51.43 -55.76
N LEU G 193 43.56 -52.52 -56.13
CA LEU G 193 43.35 -53.81 -55.49
C LEU G 193 44.70 -54.47 -55.27
N GLY G 194 44.96 -54.91 -54.04
CA GLY G 194 46.18 -55.60 -53.73
C GLY G 194 47.24 -54.80 -52.99
N THR G 195 46.92 -53.59 -52.55
CA THR G 195 47.86 -52.84 -51.71
C THR G 195 47.55 -53.04 -50.23
N GLN G 196 46.29 -52.81 -49.84
CA GLN G 196 45.87 -53.03 -48.46
C GLN G 196 44.38 -53.32 -48.46
N THR G 197 43.91 -53.92 -47.36
CA THR G 197 42.52 -54.31 -47.23
C THR G 197 41.63 -53.08 -47.04
N TYR G 198 40.41 -53.17 -47.57
CA TYR G 198 39.41 -52.11 -47.42
C TYR G 198 38.28 -52.61 -46.53
N ILE G 199 37.74 -51.70 -45.73
CA ILE G 199 36.48 -51.95 -45.03
C ILE G 199 35.72 -50.63 -44.94
N CYS G 200 34.45 -50.67 -45.32
CA CYS G 200 33.54 -49.54 -45.12
C CYS G 200 32.55 -49.94 -44.03
N ASN G 201 32.22 -48.99 -43.17
CA ASN G 201 31.60 -49.24 -41.88
C ASN G 201 30.35 -48.36 -41.79
N VAL G 202 29.20 -48.96 -41.52
CA VAL G 202 27.93 -48.25 -41.50
C VAL G 202 27.29 -48.40 -40.13
N ASN G 203 26.78 -47.29 -39.59
CA ASN G 203 26.04 -47.30 -38.34
C ASN G 203 24.76 -46.50 -38.53
N HIS G 204 23.65 -47.02 -37.99
CA HIS G 204 22.32 -46.50 -38.23
C HIS G 204 21.61 -46.29 -36.89
N LYS G 205 21.64 -45.06 -36.40
CA LYS G 205 20.96 -44.75 -35.14
C LYS G 205 19.48 -45.11 -35.14
N PRO G 206 18.71 -44.86 -36.20
CA PRO G 206 17.28 -45.21 -36.16
C PRO G 206 17.03 -46.67 -35.86
N SER G 207 17.94 -47.56 -36.25
CA SER G 207 17.82 -48.97 -35.93
C SER G 207 18.91 -49.47 -35.01
N ASN G 208 19.91 -48.65 -34.68
CA ASN G 208 21.07 -49.05 -33.89
C ASN G 208 21.86 -50.15 -34.56
N THR G 209 21.61 -50.42 -35.84
CA THR G 209 22.29 -51.49 -36.55
C THR G 209 23.64 -51.01 -37.06
N LYS G 210 24.51 -51.97 -37.38
CA LYS G 210 25.85 -51.66 -37.84
C LYS G 210 26.28 -52.72 -38.84
N VAL G 211 27.22 -52.36 -39.70
CA VAL G 211 27.66 -53.23 -40.78
C VAL G 211 29.11 -52.94 -41.13
N ASP G 212 29.82 -53.97 -41.57
CA ASP G 212 31.22 -53.91 -41.95
C ASP G 212 31.41 -54.70 -43.23
N LYS G 213 32.00 -54.07 -44.26
CA LYS G 213 31.96 -54.70 -45.57
C LYS G 213 33.19 -54.36 -46.40
N ARG G 214 33.51 -55.26 -47.34
CA ARG G 214 34.53 -55.04 -48.35
C ARG G 214 33.91 -54.35 -49.58
N VAL G 215 34.78 -53.93 -50.50
CA VAL G 215 34.33 -53.30 -51.74
C VAL G 215 35.02 -53.88 -52.97
N GLU G 216 36.21 -54.47 -52.79
CA GLU G 216 37.05 -54.90 -53.90
C GLU G 216 36.63 -56.20 -54.59
N PRO G 217 36.05 -57.18 -53.88
CA PRO G 217 36.01 -58.57 -54.40
C PRO G 217 35.68 -58.68 -55.88
N LYS G 218 36.29 -59.68 -56.52
CA LYS G 218 36.04 -60.05 -57.90
C LYS G 218 36.49 -58.99 -58.90
N SER G 219 36.76 -59.42 -60.14
CA SER G 219 37.15 -58.54 -61.22
C SER G 219 36.31 -58.84 -62.45
N CYS G 220 36.48 -58.02 -63.48
CA CYS G 220 35.75 -58.17 -64.73
C CYS G 220 36.60 -57.72 -65.91
N GLU H 1 0.71 -12.67 -54.11
CA GLU H 1 0.66 -12.13 -55.49
C GLU H 1 2.04 -11.70 -55.99
N ILE H 2 2.73 -10.91 -55.18
CA ILE H 2 4.01 -10.32 -55.57
C ILE H 2 5.10 -11.39 -55.64
N VAL H 3 5.61 -11.63 -56.84
CA VAL H 3 6.76 -12.52 -57.00
C VAL H 3 8.03 -11.70 -56.91
N MET H 4 9.02 -12.23 -56.20
CA MET H 4 10.30 -11.56 -56.05
C MET H 4 11.42 -12.48 -56.55
N THR H 5 12.30 -11.93 -57.38
CA THR H 5 13.36 -12.68 -58.02
C THR H 5 14.70 -12.14 -57.57
N GLN H 6 15.70 -13.01 -57.52
CA GLN H 6 17.01 -12.67 -56.98
C GLN H 6 18.06 -13.16 -57.97
N SER H 7 18.96 -12.25 -58.35
CA SER H 7 19.95 -12.54 -59.38
C SER H 7 21.31 -12.02 -58.92
N PRO H 8 22.40 -12.59 -59.47
CA PRO H 8 22.48 -13.79 -60.30
C PRO H 8 22.36 -15.04 -59.43
N ALA H 9 22.15 -16.21 -60.02
CA ALA H 9 22.04 -17.41 -59.19
C ALA H 9 23.28 -17.65 -58.36
N THR H 10 24.46 -17.48 -58.96
CA THR H 10 25.72 -17.79 -58.28
C THR H 10 26.70 -16.64 -58.45
N LEU H 11 27.54 -16.46 -57.44
CA LEU H 11 28.70 -15.57 -57.51
C LEU H 11 29.93 -16.32 -57.01
N SER H 12 31.00 -16.27 -57.79
CA SER H 12 32.28 -16.83 -57.39
C SER H 12 33.15 -15.68 -56.91
N VAL H 13 33.53 -15.71 -55.63
CA VAL H 13 34.22 -14.60 -54.99
C VAL H 13 35.44 -15.14 -54.27
N SER H 14 36.60 -14.61 -54.62
CA SER H 14 37.78 -14.94 -53.84
C SER H 14 37.74 -14.18 -52.51
N PRO H 15 38.33 -14.75 -51.46
CA PRO H 15 38.21 -14.11 -50.14
C PRO H 15 38.74 -12.69 -50.15
N GLY H 16 38.06 -11.80 -49.41
CA GLY H 16 38.43 -10.41 -49.33
C GLY H 16 37.90 -9.54 -50.45
N GLU H 17 37.04 -10.09 -51.31
CA GLU H 17 36.51 -9.32 -52.43
C GLU H 17 35.10 -8.83 -52.15
N ARG H 18 34.71 -7.79 -52.89
CA ARG H 18 33.38 -7.20 -52.78
C ARG H 18 32.39 -7.94 -53.67
N ALA H 19 31.17 -8.10 -53.16
CA ALA H 19 30.13 -8.86 -53.85
C ALA H 19 28.84 -8.07 -53.86
N THR H 20 28.05 -8.30 -54.90
CA THR H 20 26.84 -7.53 -55.19
C THR H 20 25.73 -8.49 -55.60
N LEU H 21 24.60 -8.45 -54.90
CA LEU H 21 23.45 -9.30 -55.18
C LEU H 21 22.25 -8.40 -55.44
N SER H 22 21.51 -8.67 -56.51
CA SER H 22 20.38 -7.83 -56.88
C SER H 22 19.06 -8.57 -56.67
N CYS H 23 18.05 -7.81 -56.26
CA CYS H 23 16.71 -8.34 -56.03
C CYS H 23 15.73 -7.43 -56.75
N ARG H 24 14.79 -8.03 -57.46
CA ARG H 24 13.76 -7.32 -58.20
C ARG H 24 12.41 -7.87 -57.81
N ALA H 25 11.37 -7.07 -57.98
CA ALA H 25 10.02 -7.46 -57.61
C ALA H 25 9.08 -7.26 -58.79
N SER H 26 8.12 -8.16 -58.92
CA SER H 26 7.11 -8.02 -59.97
C SER H 26 6.31 -6.73 -59.83
N GLN H 27 6.11 -6.25 -58.61
CA GLN H 27 5.41 -5.00 -58.36
C GLN H 27 6.21 -4.20 -57.34
N SER H 28 5.79 -2.96 -57.12
CA SER H 28 6.48 -2.11 -56.17
C SER H 28 6.38 -2.68 -54.77
N VAL H 29 7.42 -2.45 -53.98
CA VAL H 29 7.43 -2.76 -52.56
C VAL H 29 7.91 -1.57 -51.75
N SER H 30 7.98 -0.40 -52.38
CA SER H 30 8.43 0.83 -51.73
C SER H 30 9.75 0.62 -50.99
N SER H 31 9.70 0.47 -49.67
CA SER H 31 10.90 0.20 -48.88
C SER H 31 10.69 -0.95 -47.92
N ASN H 32 9.62 -1.72 -48.09
CA ASN H 32 9.28 -2.79 -47.17
C ASN H 32 10.06 -4.06 -47.50
N LEU H 33 11.39 -3.97 -47.54
CA LEU H 33 12.22 -5.07 -47.99
C LEU H 33 13.31 -5.37 -46.97
N ALA H 34 13.79 -6.60 -46.97
CA ALA H 34 14.79 -7.05 -46.02
C ALA H 34 15.63 -8.15 -46.65
N TRP H 35 16.78 -8.39 -46.05
CA TRP H 35 17.77 -9.34 -46.54
C TRP H 35 18.18 -10.24 -45.40
N TYR H 36 18.08 -11.56 -45.62
CA TYR H 36 18.45 -12.58 -44.65
C TYR H 36 19.58 -13.44 -45.20
N GLN H 37 20.35 -14.02 -44.29
CA GLN H 37 21.45 -14.90 -44.62
C GLN H 37 21.12 -16.32 -44.16
N GLN H 38 21.41 -17.30 -45.01
CA GLN H 38 21.13 -18.70 -44.74
C GLN H 38 22.44 -19.46 -44.76
N LYS H 39 22.80 -20.07 -43.63
CA LYS H 39 23.93 -20.97 -43.53
C LYS H 39 23.40 -22.39 -43.48
N PRO H 40 23.69 -23.25 -44.45
CA PRO H 40 23.10 -24.59 -44.44
C PRO H 40 23.40 -25.30 -43.13
N GLY H 41 22.38 -25.98 -42.60
CA GLY H 41 22.47 -26.62 -41.31
C GLY H 41 22.05 -25.77 -40.13
N GLN H 42 21.79 -24.47 -40.34
CA GLN H 42 21.34 -23.60 -39.27
C GLN H 42 20.10 -22.84 -39.69
N ALA H 43 19.70 -21.83 -38.91
CA ALA H 43 18.51 -21.06 -39.20
C ALA H 43 18.90 -19.78 -39.93
N PRO H 44 18.10 -19.36 -40.92
CA PRO H 44 18.35 -18.06 -41.54
C PRO H 44 18.57 -16.99 -40.50
N ARG H 45 19.26 -15.92 -40.89
CA ARG H 45 19.66 -14.86 -39.98
C ARG H 45 19.33 -13.52 -40.60
N LEU H 46 18.98 -12.55 -39.75
CA LEU H 46 18.65 -11.22 -40.24
C LEU H 46 19.92 -10.45 -40.59
N LEU H 47 19.93 -9.86 -41.78
CA LEU H 47 21.00 -8.94 -42.18
C LEU H 47 20.52 -7.51 -42.18
N ILE H 48 19.45 -7.22 -42.91
CA ILE H 48 18.96 -5.84 -43.05
C ILE H 48 17.44 -5.86 -43.09
N TYR H 49 16.80 -5.16 -42.17
CA TYR H 49 15.35 -5.17 -42.13
C TYR H 49 14.70 -4.05 -42.93
N GLY H 50 15.26 -2.85 -42.91
CA GLY H 50 14.83 -1.79 -43.79
C GLY H 50 15.43 -1.97 -45.16
N ALA H 51 15.24 -0.98 -46.01
CA ALA H 51 15.95 -1.00 -47.27
C ALA H 51 17.45 -0.98 -47.06
N SER H 52 17.93 -0.23 -46.05
CA SER H 52 19.36 -0.17 -45.76
C SER H 52 19.71 -0.29 -44.29
N THR H 53 18.76 -0.17 -43.36
CA THR H 53 19.09 -0.16 -41.93
C THR H 53 19.66 -1.50 -41.52
N ARG H 54 20.89 -1.51 -41.04
CA ARG H 54 21.52 -2.74 -40.60
C ARG H 54 21.05 -3.10 -39.20
N ALA H 55 20.79 -4.39 -38.99
CA ALA H 55 20.37 -4.85 -37.69
C ALA H 55 21.57 -4.92 -36.74
N THR H 56 21.29 -5.19 -35.47
CA THR H 56 22.34 -5.19 -34.46
C THR H 56 23.29 -6.34 -34.68
N GLY H 57 24.59 -6.06 -34.60
CA GLY H 57 25.62 -7.08 -34.55
C GLY H 57 26.18 -7.51 -35.88
N ILE H 58 25.58 -7.10 -36.99
CA ILE H 58 26.11 -7.52 -38.30
C ILE H 58 27.34 -6.69 -38.62
N PRO H 59 28.38 -7.27 -39.23
CA PRO H 59 29.55 -6.48 -39.60
C PRO H 59 29.17 -5.33 -40.53
N ALA H 60 29.84 -4.20 -40.35
CA ALA H 60 29.52 -3.01 -41.14
C ALA H 60 29.86 -3.17 -42.62
N ARG H 61 30.62 -4.21 -42.99
CA ARG H 61 30.93 -4.42 -44.39
C ARG H 61 29.69 -4.80 -45.19
N PHE H 62 28.59 -5.13 -44.53
CA PHE H 62 27.32 -5.39 -45.19
C PHE H 62 26.58 -4.08 -45.38
N SER H 63 25.84 -3.96 -46.49
CA SER H 63 24.94 -2.82 -46.63
C SER H 63 24.05 -3.04 -47.84
N GLY H 64 22.80 -2.60 -47.74
CA GLY H 64 21.86 -2.73 -48.82
C GLY H 64 21.29 -1.39 -49.21
N SER H 65 20.82 -1.31 -50.45
CA SER H 65 20.26 -0.06 -50.95
C SER H 65 19.18 -0.38 -51.96
N GLY H 66 18.37 0.63 -52.27
CA GLY H 66 17.35 0.49 -53.29
C GLY H 66 15.95 0.87 -52.83
N SER H 67 15.01 0.88 -53.78
CA SER H 67 13.64 1.29 -53.49
C SER H 67 12.82 1.15 -54.76
N GLY H 68 11.51 1.14 -54.58
CA GLY H 68 10.62 1.02 -55.72
C GLY H 68 10.43 -0.42 -56.11
N THR H 69 11.17 -0.87 -57.12
CA THR H 69 11.14 -2.26 -57.55
C THR H 69 12.51 -2.88 -57.69
N GLU H 70 13.58 -2.15 -57.34
CA GLU H 70 14.94 -2.64 -57.49
C GLU H 70 15.71 -2.43 -56.19
N PHE H 71 16.44 -3.46 -55.78
CA PHE H 71 17.26 -3.40 -54.58
C PHE H 71 18.53 -4.18 -54.81
N THR H 72 19.55 -3.86 -54.01
CA THR H 72 20.83 -4.54 -54.12
C THR H 72 21.49 -4.59 -52.76
N LEU H 73 21.85 -5.79 -52.33
CA LEU H 73 22.72 -5.97 -51.17
C LEU H 73 24.16 -6.02 -51.66
N THR H 74 25.08 -5.56 -50.81
CA THR H 74 26.48 -5.55 -51.16
C THR H 74 27.31 -5.80 -49.91
N ILE H 75 28.47 -6.41 -50.12
CA ILE H 75 29.44 -6.65 -49.07
C ILE H 75 30.81 -6.24 -49.60
N SER H 76 31.60 -5.55 -48.77
CA SER H 76 32.80 -4.90 -49.25
C SER H 76 34.09 -5.62 -48.91
N SER H 77 34.18 -6.26 -47.75
CA SER H 77 35.42 -6.87 -47.26
C SER H 77 35.16 -8.31 -46.85
N MET H 78 34.50 -9.05 -47.74
CA MET H 78 33.95 -10.36 -47.41
C MET H 78 35.01 -11.30 -46.88
N GLN H 79 34.72 -11.95 -45.76
CA GLN H 79 35.61 -12.93 -45.16
C GLN H 79 35.15 -14.34 -45.49
N SER H 80 35.93 -15.33 -45.05
CA SER H 80 35.62 -16.71 -45.38
C SER H 80 34.28 -17.13 -44.76
N GLU H 81 34.05 -16.76 -43.50
CA GLU H 81 32.82 -17.17 -42.83
C GLU H 81 31.58 -16.61 -43.51
N ASP H 82 31.70 -15.46 -44.18
CA ASP H 82 30.54 -14.87 -44.84
C ASP H 82 30.03 -15.72 -45.99
N PHE H 83 30.79 -16.70 -46.46
CA PHE H 83 30.36 -17.46 -47.61
C PHE H 83 29.19 -18.36 -47.21
N ALA H 84 28.01 -18.08 -47.78
CA ALA H 84 26.78 -18.78 -47.45
C ALA H 84 25.77 -18.50 -48.55
N VAL H 85 24.49 -18.75 -48.29
CA VAL H 85 23.43 -18.40 -49.22
C VAL H 85 22.69 -17.19 -48.67
N TYR H 86 22.01 -16.46 -49.56
CA TYR H 86 21.33 -15.22 -49.20
C TYR H 86 19.92 -15.20 -49.77
N TYR H 87 19.01 -14.49 -49.09
CA TYR H 87 17.63 -14.35 -49.53
C TYR H 87 17.19 -12.91 -49.38
N CYS H 88 16.45 -12.40 -50.37
CA CYS H 88 15.73 -11.16 -50.23
C CYS H 88 14.25 -11.46 -49.99
N HIS H 89 13.62 -10.65 -49.16
CA HIS H 89 12.32 -10.95 -48.60
C HIS H 89 11.54 -9.66 -48.42
N GLN H 90 10.34 -9.61 -48.99
CA GLN H 90 9.53 -8.40 -48.98
C GLN H 90 8.31 -8.62 -48.10
N TYR H 91 7.80 -7.52 -47.55
CA TYR H 91 6.63 -7.60 -46.68
C TYR H 91 5.65 -6.45 -46.92
N ASN H 92 5.62 -5.87 -48.11
CA ASN H 92 4.65 -4.82 -48.38
C ASN H 92 3.26 -5.37 -48.68
N ASN H 93 3.15 -6.69 -48.86
CA ASN H 93 1.88 -7.35 -49.09
C ASN H 93 1.98 -8.75 -48.51
N TRP H 94 1.13 -9.68 -48.94
CA TRP H 94 1.31 -11.06 -48.51
C TRP H 94 2.79 -11.43 -48.61
N TRP H 95 3.31 -12.09 -47.59
CA TRP H 95 4.74 -12.34 -47.50
C TRP H 95 5.17 -13.29 -48.62
N THR H 96 6.44 -13.20 -48.99
CA THR H 96 7.03 -14.10 -49.98
C THR H 96 8.53 -14.15 -49.75
N PHE H 97 9.19 -15.01 -50.51
CA PHE H 97 10.64 -15.14 -50.44
C PHE H 97 11.23 -15.33 -51.83
N GLY H 98 12.48 -14.94 -51.97
CA GLY H 98 13.16 -15.11 -53.24
C GLY H 98 13.97 -16.39 -53.31
N GLN H 99 14.16 -16.87 -54.53
CA GLN H 99 14.84 -18.14 -54.74
C GLN H 99 16.26 -18.14 -54.22
N GLY H 100 16.86 -16.98 -54.00
CA GLY H 100 18.13 -16.89 -53.34
C GLY H 100 19.31 -16.97 -54.28
N THR H 101 20.49 -16.66 -53.72
CA THR H 101 21.74 -16.59 -54.45
C THR H 101 22.81 -17.33 -53.69
N LYS H 102 23.63 -18.10 -54.41
CA LYS H 102 24.77 -18.76 -53.82
C LYS H 102 26.01 -17.89 -53.91
N VAL H 103 26.96 -18.13 -53.03
CA VAL H 103 28.28 -17.50 -53.09
C VAL H 103 29.30 -18.57 -52.73
N GLU H 104 30.32 -18.72 -53.57
CA GLU H 104 31.29 -19.79 -53.44
C GLU H 104 32.69 -19.21 -53.42
N ILE H 105 33.62 -19.95 -52.82
CA ILE H 105 35.02 -19.58 -52.89
C ILE H 105 35.47 -19.59 -54.34
N LYS H 106 36.35 -18.67 -54.70
CA LYS H 106 37.07 -18.75 -55.96
C LYS H 106 38.48 -19.24 -55.71
N ARG H 107 39.02 -19.99 -56.67
CA ARG H 107 40.32 -20.62 -56.49
C ARG H 107 40.92 -20.92 -57.85
N THR H 108 41.96 -21.72 -57.86
CA THR H 108 42.59 -22.11 -59.11
C THR H 108 41.77 -23.17 -59.83
N VAL H 109 41.77 -23.09 -61.16
CA VAL H 109 41.11 -24.12 -61.96
C VAL H 109 41.87 -25.44 -61.79
N ALA H 110 41.13 -26.50 -61.49
CA ALA H 110 41.72 -27.82 -61.26
C ALA H 110 40.92 -28.84 -62.06
N ALA H 111 41.62 -29.66 -62.83
CA ALA H 111 40.93 -30.68 -63.62
C ALA H 111 40.41 -31.79 -62.70
N PRO H 112 39.35 -32.49 -63.09
CA PRO H 112 38.80 -33.54 -62.21
C PRO H 112 39.60 -34.83 -62.31
N SER H 113 39.82 -35.46 -61.16
CA SER H 113 40.34 -36.82 -61.15
C SER H 113 39.17 -37.80 -61.18
N VAL H 114 39.18 -38.69 -62.18
CA VAL H 114 38.03 -39.48 -62.56
C VAL H 114 38.33 -40.95 -62.31
N PHE H 115 37.35 -41.69 -61.79
CA PHE H 115 37.46 -43.12 -61.58
C PHE H 115 36.11 -43.76 -61.83
N ILE H 116 36.13 -45.02 -62.25
CA ILE H 116 34.93 -45.78 -62.53
C ILE H 116 34.99 -47.11 -61.79
N PHE H 117 33.83 -47.65 -61.44
CA PHE H 117 33.73 -48.84 -60.61
C PHE H 117 32.60 -49.72 -61.14
N PRO H 118 32.93 -50.87 -61.74
CA PRO H 118 31.90 -51.71 -62.32
C PRO H 118 31.14 -52.49 -61.24
N PRO H 119 30.06 -53.15 -61.62
CA PRO H 119 29.29 -53.91 -60.63
C PRO H 119 29.99 -55.21 -60.25
N SER H 120 29.45 -55.86 -59.23
CA SER H 120 29.87 -57.19 -58.81
C SER H 120 28.64 -58.06 -58.60
N ASP H 121 28.84 -59.38 -58.68
CA ASP H 121 27.71 -60.30 -58.69
C ASP H 121 27.11 -60.54 -57.30
N GLU H 122 27.78 -60.14 -56.23
CA GLU H 122 27.10 -60.12 -54.93
C GLU H 122 25.84 -59.28 -55.02
N GLN H 123 25.87 -58.24 -55.85
CA GLN H 123 24.66 -57.50 -56.19
C GLN H 123 23.77 -58.26 -57.14
N LEU H 124 24.36 -59.09 -58.02
CA LEU H 124 23.54 -59.88 -58.94
C LEU H 124 22.53 -60.72 -58.19
N LYS H 125 22.96 -61.40 -57.12
CA LYS H 125 22.01 -62.12 -56.29
C LYS H 125 21.06 -61.18 -55.58
N SER H 126 21.38 -59.90 -55.50
CA SER H 126 20.43 -58.90 -55.00
C SER H 126 19.43 -58.48 -56.07
N GLY H 127 19.86 -58.37 -57.32
CA GLY H 127 18.96 -58.20 -58.45
C GLY H 127 19.28 -57.06 -59.41
N THR H 128 20.12 -56.08 -59.05
CA THR H 128 20.36 -54.92 -59.92
C THR H 128 21.84 -54.56 -59.85
N ALA H 129 22.58 -54.87 -60.92
CA ALA H 129 23.96 -54.45 -61.01
C ALA H 129 24.06 -52.94 -61.13
N SER H 130 25.08 -52.36 -60.52
CA SER H 130 25.25 -50.91 -60.50
C SER H 130 26.73 -50.55 -60.69
N VAL H 131 26.94 -49.32 -61.14
CA VAL H 131 28.26 -48.79 -61.47
C VAL H 131 28.39 -47.42 -60.81
N VAL H 132 29.62 -47.03 -60.48
CA VAL H 132 29.87 -45.77 -59.77
C VAL H 132 30.99 -44.99 -60.44
N CYS H 133 30.73 -43.72 -60.74
CA CYS H 133 31.76 -42.78 -61.17
C CYS H 133 32.13 -41.89 -59.99
N LEU H 134 33.42 -41.66 -59.80
CA LEU H 134 33.91 -40.77 -58.76
C LEU H 134 34.77 -39.69 -59.40
N LEU H 135 34.36 -38.43 -59.25
CA LEU H 135 35.15 -37.28 -59.65
C LEU H 135 35.54 -36.54 -58.38
N ASN H 136 36.84 -36.39 -58.15
CA ASN H 136 37.32 -35.89 -56.86
C ASN H 136 38.02 -34.55 -57.00
N ASN H 137 37.72 -33.64 -56.06
CA ASN H 137 38.48 -32.42 -55.87
C ASN H 137 38.64 -31.64 -57.17
N PHE H 138 37.53 -31.44 -57.87
CA PHE H 138 37.54 -30.63 -59.08
C PHE H 138 37.02 -29.23 -58.80
N TYR H 139 37.33 -28.32 -59.72
CA TYR H 139 36.88 -26.93 -59.62
C TYR H 139 36.87 -26.34 -61.01
N PRO H 140 35.96 -25.39 -61.31
CA PRO H 140 34.80 -24.96 -60.50
C PRO H 140 33.63 -25.93 -60.60
N ARG H 141 32.47 -25.48 -60.13
CA ARG H 141 31.30 -26.34 -60.01
C ARG H 141 30.83 -26.86 -61.35
N GLU H 142 31.28 -26.26 -62.45
CA GLU H 142 30.74 -26.59 -63.77
C GLU H 142 31.16 -27.96 -64.27
N ALA H 143 32.09 -28.63 -63.59
CA ALA H 143 32.51 -29.95 -64.04
C ALA H 143 31.31 -30.85 -64.24
N LYS H 144 31.24 -31.53 -65.38
CA LYS H 144 30.05 -32.27 -65.76
C LYS H 144 30.43 -33.67 -66.23
N VAL H 145 29.46 -34.58 -66.11
CA VAL H 145 29.69 -36.02 -66.23
C VAL H 145 28.70 -36.61 -67.23
N GLN H 146 29.05 -37.78 -67.77
CA GLN H 146 28.21 -38.52 -68.70
C GLN H 146 28.41 -40.02 -68.45
N TRP H 147 27.37 -40.67 -67.93
CA TRP H 147 27.31 -42.12 -67.94
C TRP H 147 26.99 -42.59 -69.36
N LYS H 148 27.84 -43.43 -69.93
CA LYS H 148 27.69 -43.84 -71.32
C LYS H 148 27.78 -45.35 -71.44
N VAL H 149 26.88 -45.91 -72.25
CA VAL H 149 26.89 -47.32 -72.62
C VAL H 149 26.62 -47.40 -74.12
N ASP H 150 26.53 -48.64 -74.62
CA ASP H 150 26.29 -48.86 -76.05
C ASP H 150 25.11 -48.04 -76.53
N ASN H 151 25.38 -47.06 -77.40
CA ASN H 151 24.34 -46.24 -78.02
C ASN H 151 23.39 -45.64 -76.98
N ALA H 152 23.90 -45.17 -75.85
CA ALA H 152 23.03 -44.58 -74.83
C ALA H 152 23.84 -43.81 -73.80
N LEU H 153 23.47 -42.54 -73.61
CA LEU H 153 23.91 -41.76 -72.46
C LEU H 153 22.92 -42.04 -71.33
N GLN H 154 23.37 -42.74 -70.30
CA GLN H 154 22.45 -43.27 -69.30
C GLN H 154 21.88 -42.16 -68.44
N SER H 155 20.55 -42.15 -68.33
CA SER H 155 19.81 -41.19 -67.52
C SER H 155 18.49 -41.83 -67.11
N GLY H 156 17.89 -41.28 -66.06
CA GLY H 156 16.69 -41.88 -65.51
C GLY H 156 17.03 -43.02 -64.58
N ASN H 157 17.75 -44.01 -65.10
CA ASN H 157 18.25 -45.13 -64.30
C ASN H 157 19.63 -44.84 -63.70
N SER H 158 19.95 -43.56 -63.51
CA SER H 158 21.18 -43.16 -62.85
C SER H 158 20.92 -41.81 -62.19
N GLN H 159 21.72 -41.47 -61.18
CA GLN H 159 21.50 -40.22 -60.46
C GLN H 159 22.83 -39.58 -60.10
N GLU H 160 22.82 -38.24 -60.10
CA GLU H 160 23.99 -37.46 -59.70
C GLU H 160 23.82 -36.97 -58.27
N SER H 161 24.96 -36.81 -57.60
CA SER H 161 25.00 -36.23 -56.26
C SER H 161 26.35 -35.57 -56.09
N VAL H 162 26.39 -34.52 -55.26
CA VAL H 162 27.58 -33.70 -55.14
C VAL H 162 27.76 -33.31 -53.67
N THR H 163 29.03 -33.21 -53.26
CA THR H 163 29.35 -32.72 -51.92
C THR H 163 29.11 -31.23 -51.87
N GLU H 164 29.25 -30.63 -50.69
CA GLU H 164 29.47 -29.19 -50.63
C GLU H 164 30.95 -29.00 -50.90
N GLN H 165 31.41 -27.76 -50.95
CA GLN H 165 32.83 -27.53 -51.19
C GLN H 165 33.68 -28.35 -50.23
N ASP H 166 34.78 -28.89 -50.74
CA ASP H 166 35.77 -29.44 -49.83
C ASP H 166 36.42 -28.24 -49.15
N SER H 167 35.67 -27.61 -48.25
CA SER H 167 35.93 -26.24 -47.83
C SER H 167 37.33 -26.03 -47.29
N LYS H 168 37.96 -27.08 -46.74
CA LYS H 168 39.36 -26.93 -46.33
C LYS H 168 40.27 -26.62 -47.50
N ASP H 169 39.84 -26.91 -48.73
CA ASP H 169 40.57 -26.49 -49.92
C ASP H 169 39.68 -25.94 -51.03
N SER H 170 38.35 -26.00 -50.88
CA SER H 170 37.39 -25.34 -51.75
C SER H 170 37.17 -26.04 -53.09
N THR H 171 37.41 -27.34 -53.18
CA THR H 171 37.09 -28.07 -54.40
C THR H 171 35.72 -28.73 -54.28
N TYR H 172 35.35 -29.52 -55.29
CA TYR H 172 34.06 -30.20 -55.35
C TYR H 172 34.27 -31.67 -55.65
N SER H 173 33.30 -32.48 -55.20
CA SER H 173 33.33 -33.92 -55.42
C SER H 173 31.94 -34.41 -55.80
N LEU H 174 31.91 -35.35 -56.74
CA LEU H 174 30.67 -35.85 -57.32
C LEU H 174 30.72 -37.37 -57.37
N SER H 175 29.59 -38.02 -57.08
CA SER H 175 29.53 -39.47 -56.94
C SER H 175 28.27 -40.01 -57.63
N SER H 176 28.06 -39.61 -58.89
CA SER H 176 26.94 -40.14 -59.65
C SER H 176 26.93 -41.66 -59.60
N THR H 177 25.76 -42.25 -59.83
CA THR H 177 25.59 -43.70 -59.78
C THR H 177 24.69 -44.16 -60.92
N LEU H 178 24.95 -45.37 -61.41
CA LEU H 178 24.19 -46.00 -62.47
C LEU H 178 23.67 -47.35 -61.99
N THR H 179 22.45 -47.69 -62.39
CA THR H 179 21.82 -48.92 -61.96
C THR H 179 21.21 -49.64 -63.16
N LEU H 180 21.26 -50.97 -63.13
CA LEU H 180 20.72 -51.80 -64.20
C LEU H 180 20.05 -53.02 -63.59
N SER H 181 19.37 -53.79 -64.45
CA SER H 181 18.70 -55.00 -64.01
C SER H 181 19.72 -56.13 -63.88
N LYS H 182 19.23 -57.27 -63.40
CA LYS H 182 20.09 -58.43 -63.18
C LYS H 182 20.69 -58.92 -64.49
N ALA H 183 19.88 -59.00 -65.54
CA ALA H 183 20.34 -59.58 -66.80
C ALA H 183 20.94 -58.56 -67.74
N ASP H 184 20.46 -57.31 -67.71
CA ASP H 184 20.96 -56.31 -68.66
C ASP H 184 22.46 -56.07 -68.48
N TYR H 185 22.98 -56.27 -67.26
CA TYR H 185 24.41 -56.07 -67.04
C TYR H 185 25.24 -56.88 -68.04
N GLU H 186 24.82 -58.11 -68.32
CA GLU H 186 25.51 -58.92 -69.32
C GLU H 186 25.27 -58.42 -70.73
N LYS H 187 24.05 -57.98 -71.03
CA LYS H 187 23.69 -57.60 -72.40
C LYS H 187 24.50 -56.40 -72.88
N HIS H 188 24.58 -55.36 -72.05
CA HIS H 188 25.36 -54.19 -72.43
C HIS H 188 26.85 -54.49 -72.29
N LYS H 189 27.62 -54.15 -73.31
CA LYS H 189 29.03 -54.49 -73.39
C LYS H 189 29.96 -53.33 -73.09
N VAL H 190 29.53 -52.10 -73.36
CA VAL H 190 30.36 -50.92 -73.19
C VAL H 190 29.87 -50.15 -71.97
N TYR H 191 30.80 -49.68 -71.15
CA TYR H 191 30.45 -48.87 -70.00
C TYR H 191 31.52 -47.81 -69.82
N ALA H 192 31.13 -46.59 -69.46
CA ALA H 192 32.14 -45.55 -69.34
C ALA H 192 31.59 -44.35 -68.59
N CYS H 193 32.49 -43.67 -67.88
CA CYS H 193 32.28 -42.32 -67.38
C CYS H 193 33.09 -41.36 -68.25
N GLU H 194 32.41 -40.36 -68.82
CA GLU H 194 33.07 -39.31 -69.57
C GLU H 194 32.87 -38.00 -68.82
N VAL H 195 33.85 -37.11 -68.91
CA VAL H 195 33.86 -35.89 -68.11
C VAL H 195 34.26 -34.71 -68.99
N THR H 196 33.56 -33.60 -68.81
CA THR H 196 33.89 -32.33 -69.45
C THR H 196 34.08 -31.26 -68.39
N HIS H 197 35.06 -30.40 -68.61
CA HIS H 197 35.38 -29.32 -67.69
C HIS H 197 36.43 -28.44 -68.36
N GLN H 198 36.33 -27.12 -68.13
CA GLN H 198 37.16 -26.19 -68.88
C GLN H 198 38.65 -26.41 -68.65
N GLY H 199 39.02 -27.18 -67.64
CA GLY H 199 40.38 -27.68 -67.51
C GLY H 199 40.67 -28.87 -68.40
N LEU H 200 39.68 -29.32 -69.17
CA LEU H 200 39.82 -30.46 -70.07
C LEU H 200 39.62 -29.97 -71.50
N SER H 201 40.69 -30.04 -72.31
CA SER H 201 40.56 -29.72 -73.72
C SER H 201 39.77 -30.78 -74.47
N SER H 202 39.73 -32.01 -73.96
CA SER H 202 38.97 -33.10 -74.55
C SER H 202 38.35 -33.90 -73.42
N PRO H 203 37.22 -34.57 -73.66
CA PRO H 203 36.58 -35.32 -72.56
C PRO H 203 37.50 -36.36 -71.96
N VAL H 204 37.45 -36.49 -70.64
CA VAL H 204 38.23 -37.51 -69.96
C VAL H 204 37.37 -38.76 -69.79
N THR H 205 37.96 -39.92 -70.07
CA THR H 205 37.21 -41.17 -70.13
C THR H 205 37.76 -42.18 -69.15
N LYS H 206 36.87 -42.93 -68.52
CA LYS H 206 37.22 -44.10 -67.73
C LYS H 206 36.19 -45.18 -68.01
N SER H 207 36.61 -46.26 -68.65
CA SER H 207 35.66 -47.16 -69.29
C SER H 207 36.04 -48.62 -69.01
N PHE H 208 35.08 -49.50 -69.25
CA PHE H 208 35.26 -50.94 -69.06
C PHE H 208 34.23 -51.68 -69.91
N ASN H 209 34.39 -53.00 -69.95
CA ASN H 209 33.54 -53.88 -70.72
C ASN H 209 33.36 -55.19 -69.98
N ARG H 210 32.36 -55.96 -70.38
CA ARG H 210 32.15 -57.28 -69.80
C ARG H 210 33.28 -58.21 -70.20
N GLY H 211 33.71 -59.05 -69.26
CA GLY H 211 34.77 -60.00 -69.51
C GLY H 211 35.20 -60.76 -68.27
N GLU I 2 31.23 56.66 9.60
CA GLU I 2 30.24 57.75 9.34
C GLU I 2 29.48 57.55 8.04
N ASN I 3 28.18 57.83 8.06
CA ASN I 3 27.36 57.79 6.85
C ASN I 3 27.40 56.40 6.21
N LEU I 4 27.28 55.37 7.03
CA LEU I 4 27.19 54.00 6.55
C LEU I 4 25.74 53.53 6.59
N TRP I 5 25.35 52.86 5.52
CA TRP I 5 23.97 52.43 5.34
C TRP I 5 23.93 51.00 4.86
N VAL I 6 22.84 50.32 5.20
CA VAL I 6 22.70 48.91 4.87
C VAL I 6 22.55 48.76 3.36
N THR I 7 23.05 47.64 2.84
CA THR I 7 22.83 47.25 1.47
C THR I 7 22.77 45.74 1.40
N VAL I 8 21.72 45.22 0.76
CA VAL I 8 21.42 43.80 0.74
C VAL I 8 21.90 43.21 -0.57
N TYR I 9 22.66 42.13 -0.48
CA TYR I 9 23.17 41.42 -1.64
C TYR I 9 22.42 40.11 -1.79
N TYR I 10 22.10 39.78 -3.04
CA TYR I 10 21.49 38.51 -3.40
C TYR I 10 22.44 37.74 -4.29
N GLY I 11 22.45 36.42 -4.13
CA GLY I 11 23.44 35.60 -4.81
C GLY I 11 24.78 35.52 -4.11
N VAL I 12 24.80 35.61 -2.79
CA VAL I 12 26.06 35.60 -2.05
C VAL I 12 26.58 34.17 -1.95
N PRO I 13 27.88 33.93 -1.99
CA PRO I 13 28.40 32.58 -1.76
C PRO I 13 28.72 32.29 -0.29
N VAL I 14 27.70 32.00 0.52
CA VAL I 14 27.91 31.57 1.89
C VAL I 14 26.97 30.41 2.18
N TRP I 15 27.49 29.39 2.88
CA TRP I 15 26.74 28.16 3.07
C TRP I 15 26.81 27.72 4.54
N LYS I 16 25.96 26.76 4.88
CA LYS I 16 25.91 26.21 6.23
C LYS I 16 25.62 24.72 6.13
N GLU I 17 25.58 24.06 7.28
CA GLU I 17 25.40 22.61 7.32
C GLU I 17 23.95 22.30 7.67
N ALA I 18 23.33 21.40 6.92
CA ALA I 18 21.94 21.06 7.14
C ALA I 18 21.65 19.68 6.57
N LYS I 19 20.57 19.08 7.04
CA LYS I 19 20.06 17.85 6.44
C LYS I 19 19.18 18.19 5.25
N THR I 20 19.05 17.23 4.34
CA THR I 20 18.21 17.42 3.16
C THR I 20 17.98 16.08 2.50
N THR I 21 17.01 16.04 1.59
CA THR I 21 16.61 14.80 0.93
C THR I 21 17.28 14.70 -0.43
N LEU I 22 18.02 13.62 -0.64
CA LEU I 22 18.75 13.39 -1.87
C LEU I 22 17.94 12.52 -2.82
N PHE I 23 18.35 12.50 -4.09
CA PHE I 23 17.63 11.74 -5.09
C PHE I 23 18.58 11.06 -6.07
N CYS I 24 18.06 10.03 -6.73
CA CYS I 24 18.86 9.15 -7.56
C CYS I 24 19.18 9.76 -8.90
N ALA I 25 20.28 9.31 -9.48
CA ALA I 25 20.59 9.49 -10.90
C ALA I 25 21.44 8.29 -11.30
N SER I 26 21.42 7.94 -12.58
CA SER I 26 22.08 6.70 -12.97
C SER I 26 22.32 6.68 -14.46
N ASP I 27 22.72 5.51 -14.96
CA ASP I 27 22.96 5.29 -16.37
C ASP I 27 21.64 5.32 -17.15
N ALA I 28 21.73 5.04 -18.45
CA ALA I 28 20.56 5.11 -19.31
C ALA I 28 19.60 3.94 -19.11
N LYS I 29 20.07 2.79 -18.60
CA LYS I 29 19.23 1.61 -18.53
C LYS I 29 19.49 0.85 -17.25
N ALA I 30 18.46 0.12 -16.79
CA ALA I 30 18.53 -0.71 -15.58
C ALA I 30 17.45 -1.78 -15.69
N TYR I 31 17.48 -2.72 -14.74
CA TYR I 31 16.55 -3.85 -14.81
C TYR I 31 15.13 -3.47 -14.41
N GLU I 32 14.95 -2.34 -13.74
CA GLU I 32 13.61 -1.81 -13.46
C GLU I 32 12.74 -2.84 -12.77
N THR I 41 13.71 5.07 -8.13
CA THR I 41 14.91 5.41 -7.38
C THR I 41 16.00 4.37 -7.61
N HIS I 42 15.67 3.29 -8.34
CA HIS I 42 16.67 2.30 -8.74
C HIS I 42 17.09 2.44 -10.20
N ALA I 43 16.15 2.35 -11.14
CA ALA I 43 16.39 2.88 -12.48
C ALA I 43 16.33 4.40 -12.45
N CYS I 44 15.23 4.94 -11.94
CA CYS I 44 15.14 6.33 -11.48
C CYS I 44 15.41 7.32 -12.60
N VAL I 45 15.09 8.59 -12.33
CA VAL I 45 15.34 9.68 -13.27
C VAL I 45 15.71 10.92 -12.48
N PRO I 46 16.37 11.88 -13.14
CA PRO I 46 16.73 11.96 -14.56
C PRO I 46 17.95 11.14 -14.88
N THR I 47 18.45 11.24 -16.11
CA THR I 47 19.69 10.60 -16.47
C THR I 47 20.87 11.35 -15.88
N ASP I 48 21.98 10.64 -15.74
CA ASP I 48 23.22 11.26 -15.29
C ASP I 48 23.62 12.36 -16.27
N PRO I 49 23.72 13.61 -15.83
CA PRO I 49 23.96 14.71 -16.78
C PRO I 49 25.43 14.79 -17.17
N ASN I 50 25.74 15.84 -17.92
CA ASN I 50 27.13 16.16 -18.23
C ASN I 50 27.81 16.68 -16.97
N PRO I 51 28.86 16.04 -16.48
CA PRO I 51 29.37 16.40 -15.14
C PRO I 51 29.89 17.82 -15.05
N GLN I 52 29.83 18.37 -13.85
CA GLN I 52 30.26 19.73 -13.57
C GLN I 52 31.00 19.75 -12.24
N GLU I 53 31.90 20.71 -12.08
CA GLU I 53 32.73 20.80 -10.89
C GLU I 53 33.46 22.14 -10.88
N MET I 54 33.94 22.52 -9.70
CA MET I 54 34.76 23.71 -9.56
C MET I 54 35.50 23.67 -8.23
N VAL I 55 36.60 24.42 -8.16
CA VAL I 55 37.47 24.46 -6.99
C VAL I 55 37.31 25.81 -6.32
N LEU I 56 37.26 25.80 -4.98
CA LEU I 56 36.96 26.98 -4.21
C LEU I 56 38.19 27.59 -3.53
N LYS I 57 39.39 27.18 -3.96
CA LYS I 57 40.63 27.82 -3.52
C LYS I 57 40.67 28.08 -2.02
N ASN I 58 40.49 29.33 -1.60
CA ASN I 58 40.83 29.73 -0.25
C ASN I 58 39.92 29.11 0.81
N VAL I 59 38.84 28.43 0.42
CA VAL I 59 37.91 27.91 1.40
C VAL I 59 38.61 26.86 2.26
N THR I 60 38.52 27.02 3.58
CA THR I 60 38.92 26.00 4.53
C THR I 60 37.67 25.54 5.25
N GLU I 61 37.35 24.24 5.14
CA GLU I 61 36.06 23.75 5.59
C GLU I 61 36.26 22.44 6.32
N ASN I 62 35.37 22.17 7.26
CA ASN I 62 35.44 20.95 8.04
C ASN I 62 34.66 19.82 7.38
N PHE I 63 35.10 18.60 7.60
CA PHE I 63 34.44 17.41 7.10
C PHE I 63 34.29 16.44 8.26
N ASN I 64 33.63 15.32 8.00
CA ASN I 64 33.51 14.26 9.00
C ASN I 64 32.86 13.06 8.33
N MET I 65 33.42 11.87 8.49
CA MET I 65 32.71 10.71 7.96
C MET I 65 31.70 10.21 8.98
N TRP I 66 32.14 10.03 10.22
CA TRP I 66 31.47 9.17 11.17
C TRP I 66 30.15 9.76 11.63
N LYS I 67 29.81 10.96 11.18
CA LYS I 67 28.58 11.62 11.60
C LYS I 67 27.74 12.15 10.44
N ASN I 68 28.31 12.27 9.24
CA ASN I 68 27.56 12.88 8.16
C ASN I 68 26.29 12.09 7.90
N ASP I 69 25.41 12.67 7.10
CA ASP I 69 24.06 12.14 6.99
C ASP I 69 23.90 11.17 5.83
N MET I 70 24.41 11.53 4.65
CA MET I 70 24.03 10.79 3.45
C MET I 70 24.40 9.31 3.53
N VAL I 71 25.30 8.94 4.43
CA VAL I 71 25.50 7.52 4.70
C VAL I 71 24.21 6.89 5.20
N ASP I 72 23.57 7.52 6.18
CA ASP I 72 22.35 6.95 6.73
C ASP I 72 21.22 6.94 5.71
N GLN I 73 21.13 7.98 4.87
CA GLN I 73 20.16 7.93 3.78
C GLN I 73 20.47 6.79 2.82
N MET I 74 21.75 6.55 2.54
CA MET I 74 22.09 5.44 1.68
C MET I 74 21.59 4.13 2.28
N HIS I 75 21.78 3.95 3.58
CA HIS I 75 21.31 2.70 4.19
C HIS I 75 19.79 2.61 4.16
N GLU I 76 19.10 3.70 4.53
CA GLU I 76 17.64 3.67 4.52
C GLU I 76 17.10 3.40 3.13
N ASP I 77 17.74 3.94 2.11
CA ASP I 77 17.38 3.53 0.75
C ASP I 77 17.60 2.05 0.59
N VAL I 78 18.85 1.61 0.64
CA VAL I 78 19.17 0.25 0.23
C VAL I 78 18.35 -0.79 0.96
N ILE I 79 17.79 -0.46 2.14
CA ILE I 79 16.87 -1.39 2.77
C ILE I 79 15.54 -1.41 2.03
N SER I 80 14.84 -0.28 2.02
CA SER I 80 13.50 -0.26 1.44
C SER I 80 13.53 -0.57 -0.05
N LEU I 81 14.66 -0.32 -0.70
CA LEU I 81 14.79 -0.55 -2.14
C LEU I 81 14.79 -2.03 -2.46
N TRP I 82 14.97 -2.89 -1.46
CA TRP I 82 14.77 -4.31 -1.68
C TRP I 82 13.29 -4.69 -1.58
N ASP I 83 12.63 -4.27 -0.50
CA ASP I 83 11.23 -4.61 -0.32
C ASP I 83 10.33 -3.95 -1.35
N GLN I 84 10.80 -2.92 -2.03
CA GLN I 84 10.07 -2.43 -3.19
C GLN I 84 10.12 -3.42 -4.35
N SER I 85 10.79 -4.56 -4.18
CA SER I 85 10.89 -5.53 -5.27
C SER I 85 10.51 -6.92 -4.80
N LEU I 86 10.76 -7.23 -3.53
CA LEU I 86 10.50 -8.59 -3.06
C LEU I 86 9.03 -8.88 -2.84
N LYS I 87 8.23 -7.88 -2.47
CA LYS I 87 6.87 -8.19 -2.01
C LYS I 87 5.98 -8.80 -3.08
N PRO I 88 6.06 -8.46 -4.37
CA PRO I 88 5.20 -9.16 -5.34
C PRO I 88 5.50 -10.64 -5.47
N CYS I 89 6.66 -11.11 -5.04
CA CYS I 89 7.05 -12.49 -5.25
C CYS I 89 6.35 -13.43 -4.28
N VAL I 90 6.52 -14.73 -4.52
CA VAL I 90 5.87 -15.74 -3.70
C VAL I 90 6.36 -15.64 -2.25
N LYS I 91 5.59 -16.22 -1.33
CA LYS I 91 5.96 -16.32 0.07
C LYS I 91 5.85 -17.77 0.51
N LEU I 92 6.92 -18.33 1.06
CA LEU I 92 7.07 -19.76 1.21
C LEU I 92 6.45 -20.31 2.50
N THR I 93 5.53 -19.61 3.12
CA THR I 93 5.00 -20.10 4.39
C THR I 93 4.46 -21.52 4.29
N PRO I 94 3.72 -21.92 3.25
CA PRO I 94 3.20 -23.30 3.20
C PRO I 94 4.28 -24.35 3.12
N LEU I 95 5.53 -23.98 2.85
CA LEU I 95 6.56 -24.97 2.59
C LEU I 95 7.19 -25.52 3.87
N CYS I 96 6.95 -24.90 5.03
CA CYS I 96 7.65 -25.29 6.23
C CYS I 96 7.11 -26.57 6.84
N VAL I 97 6.98 -27.62 6.04
CA VAL I 97 6.48 -28.88 6.58
C VAL I 97 7.69 -29.71 7.01
N THR I 98 7.46 -30.67 7.89
CA THR I 98 8.57 -31.48 8.42
C THR I 98 9.25 -32.24 7.29
N LEU I 99 10.47 -31.83 6.96
CA LEU I 99 11.17 -32.46 5.86
C LEU I 99 11.83 -33.75 6.31
N ASN I 100 11.58 -34.83 5.59
CA ASN I 100 12.22 -36.12 5.81
C ASN I 100 13.31 -36.26 4.76
N CYS I 101 14.55 -36.52 5.20
CA CYS I 101 15.71 -36.39 4.33
C CYS I 101 16.54 -37.66 4.30
N THR I 102 16.99 -38.02 3.09
CA THR I 102 17.77 -39.23 2.85
C THR I 102 19.27 -38.96 2.82
N ASN I 103 19.71 -37.97 2.05
CA ASN I 103 21.06 -37.42 2.16
C ASN I 103 22.13 -38.27 1.50
N ALA I 104 21.77 -39.43 0.93
CA ALA I 104 22.82 -40.36 0.52
C ALA I 104 22.59 -41.08 -0.80
N THR I 105 21.75 -40.56 -1.71
CA THR I 105 21.57 -41.28 -2.98
C THR I 105 22.70 -41.01 -3.96
N ALA I 106 23.50 -39.97 -3.73
CA ALA I 106 24.61 -39.66 -4.63
C ALA I 106 25.91 -40.02 -3.94
N SER I 107 26.61 -41.03 -4.47
CA SER I 107 27.85 -41.48 -3.85
C SER I 107 28.79 -40.31 -3.62
N ASN I 108 28.87 -39.40 -4.58
CA ASN I 108 29.47 -38.08 -4.37
C ASN I 108 28.50 -37.24 -3.53
N SER I 109 28.70 -37.28 -2.21
CA SER I 109 27.62 -36.94 -1.29
C SER I 109 27.90 -35.66 -0.50
N SER I 110 29.14 -35.45 -0.09
CA SER I 110 29.45 -34.64 1.08
C SER I 110 28.63 -33.37 1.23
N ILE I 111 28.77 -32.45 0.27
CA ILE I 111 28.47 -31.05 0.54
C ILE I 111 26.96 -30.82 0.74
N ILE I 112 26.14 -31.37 -0.15
CA ILE I 112 24.80 -30.83 -0.38
C ILE I 112 23.73 -31.53 0.45
N GLU I 113 24.10 -32.48 1.30
CA GLU I 113 23.19 -33.06 2.29
C GLU I 113 21.80 -33.39 1.72
N GLY I 114 20.77 -32.69 2.20
CA GLY I 114 19.41 -33.12 1.93
C GLY I 114 19.16 -33.34 0.45
N MET I 115 18.43 -34.38 0.09
CA MET I 115 18.34 -34.75 -1.31
C MET I 115 17.22 -35.77 -1.52
N LYS I 116 17.05 -36.16 -2.78
CA LYS I 116 15.83 -36.83 -3.23
C LYS I 116 16.04 -38.33 -3.37
N ASN I 117 14.91 -39.05 -3.43
CA ASN I 117 14.91 -40.50 -3.52
C ASN I 117 15.72 -41.11 -2.38
N CYS I 118 15.59 -34.11 0.33
CA CYS I 118 14.54 -34.07 1.34
C CYS I 118 13.18 -34.17 0.68
N SER I 119 12.27 -34.88 1.33
CA SER I 119 10.93 -35.14 0.82
C SER I 119 9.88 -34.62 1.79
N PHE I 120 8.77 -34.12 1.25
CA PHE I 120 7.77 -33.47 2.08
C PHE I 120 6.41 -33.51 1.39
N ASN I 121 5.39 -33.11 2.15
CA ASN I 121 4.02 -33.01 1.65
C ASN I 121 3.70 -31.55 1.34
N ILE I 122 3.02 -31.33 0.21
CA ILE I 122 2.71 -29.99 -0.27
C ILE I 122 1.31 -29.99 -0.86
N THR I 123 0.75 -28.80 -1.01
CA THR I 123 -0.63 -28.63 -1.46
C THR I 123 -0.65 -28.14 -2.91
N THR I 124 -1.36 -28.86 -3.76
CA THR I 124 -1.38 -28.57 -5.19
C THR I 124 -2.54 -27.62 -5.52
N GLU I 125 -2.86 -27.50 -6.80
CA GLU I 125 -3.87 -26.54 -7.24
C GLU I 125 -5.22 -26.80 -6.57
N LEU I 126 -5.69 -28.05 -6.59
CA LEU I 126 -6.92 -28.41 -5.90
C LEU I 126 -6.62 -28.53 -4.41
N ARG I 127 -7.16 -27.61 -3.61
CA ARG I 127 -6.73 -27.52 -2.23
C ARG I 127 -6.90 -28.82 -1.47
N ASP I 128 -7.79 -29.70 -1.93
CA ASP I 128 -7.91 -31.00 -1.29
C ASP I 128 -6.68 -31.86 -1.50
N LYS I 129 -6.09 -31.82 -2.70
CA LYS I 129 -5.12 -32.83 -3.11
C LYS I 129 -3.74 -32.48 -2.57
N ARG I 130 -3.34 -33.20 -1.52
CA ARG I 130 -1.99 -33.08 -0.99
C ARG I 130 -1.09 -34.13 -1.63
N GLU I 131 0.09 -33.71 -2.07
CA GLU I 131 1.00 -34.59 -2.80
C GLU I 131 2.38 -34.55 -2.18
N LYS I 132 3.23 -35.44 -2.66
CA LYS I 132 4.56 -35.66 -2.13
C LYS I 132 5.59 -35.16 -3.14
N LYS I 133 6.55 -34.37 -2.68
CA LYS I 133 7.61 -33.87 -3.55
C LYS I 133 8.94 -33.98 -2.83
N ASN I 134 10.02 -33.66 -3.55
CA ASN I 134 11.35 -33.74 -2.99
C ASN I 134 12.27 -32.77 -3.71
N ALA I 135 13.33 -32.37 -3.01
CA ALA I 135 14.27 -31.39 -3.55
C ALA I 135 15.61 -31.56 -2.85
N LEU I 136 16.55 -30.68 -3.20
CA LEU I 136 17.88 -30.68 -2.60
C LEU I 136 18.14 -29.35 -1.92
N PHE I 137 18.63 -29.41 -0.68
CA PHE I 137 18.94 -28.23 0.11
C PHE I 137 20.35 -28.34 0.65
N TYR I 138 20.96 -27.19 0.95
CA TYR I 138 22.24 -27.20 1.64
C TYR I 138 22.03 -27.44 3.12
N LYS I 139 22.95 -28.19 3.72
CA LYS I 139 22.86 -28.45 5.16
C LYS I 139 22.89 -27.17 5.97
N LEU I 140 23.39 -26.07 5.41
CA LEU I 140 23.30 -24.78 6.07
C LEU I 140 21.93 -24.13 5.93
N ASP I 141 21.04 -24.71 5.12
CA ASP I 141 19.68 -24.20 5.01
C ASP I 141 18.73 -24.83 5.99
N ILE I 142 19.01 -26.05 6.45
CA ILE I 142 18.07 -26.79 7.28
C ILE I 142 18.69 -27.03 8.65
N VAL I 143 17.82 -27.21 9.63
CA VAL I 143 18.23 -27.53 10.99
C VAL I 143 17.52 -28.82 11.40
N GLN I 144 18.15 -29.54 12.33
CA GLN I 144 17.68 -30.86 12.68
C GLN I 144 16.65 -30.79 13.79
N LEU I 145 15.52 -31.47 13.59
CA LEU I 145 14.56 -31.64 14.67
C LEU I 145 15.07 -32.70 15.63
N ASP I 146 14.68 -32.55 16.90
CA ASP I 146 15.20 -33.45 17.93
C ASP I 146 14.78 -34.88 17.66
N GLY I 147 15.68 -35.81 17.97
CA GLY I 147 15.37 -37.22 17.89
C GLY I 147 15.64 -37.84 16.54
N ASN I 148 14.58 -38.11 15.79
CA ASN I 148 14.71 -38.85 14.54
C ASN I 148 15.70 -38.16 13.61
N SER I 149 16.76 -38.88 13.27
CA SER I 149 17.83 -38.30 12.46
C SER I 149 17.39 -37.93 11.05
N SER I 150 16.22 -38.38 10.62
CA SER I 150 15.75 -38.09 9.28
C SER I 150 14.80 -36.91 9.23
N GLN I 151 14.63 -36.18 10.32
CA GLN I 151 13.69 -35.07 10.37
C GLN I 151 14.46 -33.75 10.33
N TYR I 152 14.07 -32.85 9.44
CA TYR I 152 14.72 -31.56 9.33
C TYR I 152 13.73 -30.51 8.86
N ARG I 153 14.08 -29.25 9.12
CA ARG I 153 13.19 -28.13 8.87
C ARG I 153 13.99 -27.00 8.24
N LEU I 154 13.32 -26.16 7.44
CA LEU I 154 13.99 -24.98 6.91
C LEU I 154 14.41 -24.06 8.03
N ILE I 155 15.60 -23.48 7.90
CA ILE I 155 16.27 -22.88 9.06
C ILE I 155 15.45 -21.73 9.63
N ASN I 156 15.07 -20.79 8.79
CA ASN I 156 14.58 -19.52 9.31
C ASN I 156 13.07 -19.48 9.47
N CYS I 157 12.38 -20.61 9.28
CA CYS I 157 10.94 -20.61 9.47
C CYS I 157 10.54 -20.53 10.93
N ASN I 158 11.51 -20.62 11.85
CA ASN I 158 11.21 -20.48 13.26
C ASN I 158 10.68 -19.09 13.59
N THR I 159 11.24 -18.06 12.97
CA THR I 159 10.93 -16.69 13.39
C THR I 159 10.81 -15.70 12.24
N SER I 160 10.74 -16.16 11.00
CA SER I 160 10.66 -15.24 9.88
C SER I 160 9.78 -15.82 8.79
N VAL I 161 9.22 -14.95 7.96
CA VAL I 161 8.36 -15.36 6.86
C VAL I 161 9.17 -15.33 5.56
N ILE I 162 9.74 -16.47 5.19
CA ILE I 162 10.64 -16.50 4.04
C ILE I 162 9.90 -16.03 2.81
N THR I 163 10.62 -15.36 1.91
CA THR I 163 10.09 -15.01 0.60
C THR I 163 11.16 -15.27 -0.44
N GLN I 164 10.73 -15.47 -1.67
CA GLN I 164 11.64 -15.84 -2.74
C GLN I 164 11.90 -14.66 -3.66
N ALA I 165 13.17 -14.34 -3.88
CA ALA I 165 13.52 -13.31 -4.84
C ALA I 165 13.00 -13.72 -6.20
N CYS I 166 12.31 -12.82 -6.88
CA CYS I 166 11.76 -13.16 -8.19
C CYS I 166 12.91 -13.40 -9.16
N PRO I 167 12.92 -14.52 -9.89
CA PRO I 167 14.09 -14.84 -10.73
C PRO I 167 14.36 -13.82 -11.81
N LYS I 168 13.41 -12.97 -12.16
CA LYS I 168 13.63 -11.98 -13.21
C LYS I 168 14.46 -10.79 -12.72
N VAL I 169 14.66 -10.64 -11.42
CA VAL I 169 15.20 -9.40 -10.88
C VAL I 169 16.70 -9.30 -11.15
N SER I 170 17.49 -10.21 -10.58
CA SER I 170 18.92 -10.29 -10.87
C SER I 170 19.64 -8.97 -10.56
N PHE I 171 19.70 -8.67 -9.26
CA PHE I 171 20.41 -7.47 -8.83
C PHE I 171 21.84 -7.49 -9.31
N ASP I 172 22.48 -6.32 -9.26
CA ASP I 172 23.87 -6.15 -9.64
C ASP I 172 24.27 -4.74 -9.20
N PRO I 173 25.51 -4.55 -8.77
CA PRO I 173 25.89 -3.23 -8.25
C PRO I 173 25.92 -2.16 -9.33
N ILE I 174 24.76 -1.77 -9.82
CA ILE I 174 24.68 -0.67 -10.79
C ILE I 174 25.08 0.62 -10.09
N PRO I 175 25.92 1.47 -10.70
CA PRO I 175 26.33 2.69 -10.01
C PRO I 175 25.15 3.62 -9.77
N ILE I 176 25.18 4.34 -8.66
CA ILE I 176 24.14 5.29 -8.28
C ILE I 176 24.79 6.63 -7.98
N HIS I 177 24.34 7.68 -8.65
CA HIS I 177 24.75 9.04 -8.35
C HIS I 177 23.73 9.67 -7.42
N TYR I 178 24.20 10.32 -6.37
CA TYR I 178 23.34 11.03 -5.44
C TYR I 178 23.38 12.51 -5.74
N CYS I 179 22.21 13.11 -5.92
CA CYS I 179 22.12 14.52 -6.25
C CYS I 179 21.20 15.22 -5.26
N ALA I 180 21.52 16.47 -4.94
CA ALA I 180 20.77 17.25 -3.97
C ALA I 180 19.99 18.35 -4.65
N PRO I 181 18.86 18.78 -4.07
CA PRO I 181 17.99 19.75 -4.74
C PRO I 181 18.60 21.13 -4.73
N ALA I 182 18.12 21.96 -5.65
CA ALA I 182 18.63 23.33 -5.77
C ALA I 182 18.56 24.02 -4.41
N GLY I 183 19.39 25.05 -4.24
CA GLY I 183 19.53 25.70 -2.97
C GLY I 183 20.52 25.04 -2.04
N TYR I 184 20.75 23.74 -2.18
CA TYR I 184 21.77 23.02 -1.44
C TYR I 184 22.90 22.67 -2.40
N ALA I 185 23.94 22.05 -1.84
CA ALA I 185 25.08 21.64 -2.65
C ALA I 185 25.85 20.56 -1.89
N ILE I 186 26.76 19.90 -2.60
CA ILE I 186 27.57 18.85 -2.01
C ILE I 186 29.03 19.29 -2.05
N LEU I 187 29.60 19.49 -0.87
CA LEU I 187 31.02 19.80 -0.75
C LEU I 187 31.85 18.53 -0.79
N LYS I 188 33.04 18.63 -1.35
CA LYS I 188 33.92 17.50 -1.60
C LYS I 188 35.34 17.89 -1.25
N CYS I 189 36.07 16.99 -0.58
CA CYS I 189 37.45 17.23 -0.22
C CYS I 189 38.35 16.45 -1.17
N ASN I 190 39.37 17.13 -1.69
CA ASN I 190 40.27 16.55 -2.68
C ASN I 190 41.66 16.26 -2.14
N ASN I 191 42.01 16.77 -0.96
CA ASN I 191 43.34 16.53 -0.42
C ASN I 191 43.56 15.03 -0.29
N LYS I 192 44.58 14.52 -0.99
CA LYS I 192 44.74 13.08 -1.09
C LYS I 192 45.02 12.42 0.24
N THR I 193 45.55 13.15 1.23
CA THR I 193 45.95 12.57 2.50
C THR I 193 44.90 12.76 3.60
N PHE I 194 43.76 13.34 3.29
CA PHE I 194 42.69 13.53 4.26
C PHE I 194 42.37 12.22 4.97
N THR I 195 42.53 12.22 6.30
CA THR I 195 42.31 11.04 7.11
C THR I 195 40.88 10.92 7.54
N GLY I 196 39.99 11.74 7.01
CA GLY I 196 38.58 11.50 7.20
C GLY I 196 37.87 12.32 8.25
N THR I 197 38.59 13.06 9.10
CA THR I 197 37.95 13.93 10.08
C THR I 197 38.90 15.08 10.41
N GLY I 198 38.37 16.29 10.43
CA GLY I 198 39.18 17.48 10.56
C GLY I 198 39.29 18.23 9.25
N PRO I 199 39.82 19.45 9.29
CA PRO I 199 39.67 20.35 8.14
C PRO I 199 40.38 19.87 6.88
N CYS I 200 39.83 20.32 5.75
CA CYS I 200 40.46 20.25 4.44
C CYS I 200 40.72 21.68 3.97
N ASN I 201 41.62 21.83 2.99
CA ASN I 201 41.82 23.14 2.39
C ASN I 201 42.08 23.04 0.89
N ASN I 202 41.46 22.06 0.23
CA ASN I 202 41.39 22.00 -1.23
C ASN I 202 39.95 21.67 -1.60
N VAL I 203 39.02 22.37 -0.94
CA VAL I 203 37.61 22.05 -1.07
C VAL I 203 37.17 22.18 -2.52
N SER I 204 36.04 21.57 -2.85
CA SER I 204 35.37 21.74 -4.12
C SER I 204 33.88 21.55 -3.89
N THR I 205 33.07 21.92 -4.87
CA THR I 205 31.63 21.77 -4.75
C THR I 205 31.06 21.17 -6.02
N VAL I 206 29.99 20.40 -5.85
CA VAL I 206 29.27 19.81 -6.97
C VAL I 206 27.81 19.69 -6.59
N GLN I 207 27.01 19.21 -7.54
CA GLN I 207 25.62 18.90 -7.30
C GLN I 207 25.31 17.42 -7.44
N CYS I 208 26.29 16.60 -7.80
CA CYS I 208 26.09 15.16 -7.88
C CYS I 208 27.39 14.43 -7.62
N THR I 209 27.34 13.46 -6.72
CA THR I 209 28.52 12.69 -6.36
C THR I 209 28.90 11.72 -7.47
N HIS I 210 30.16 11.32 -7.46
CA HIS I 210 30.63 10.29 -8.38
C HIS I 210 29.90 8.99 -8.10
N GLY I 211 29.72 8.20 -9.15
CA GLY I 211 28.93 6.98 -9.05
C GLY I 211 29.35 6.08 -7.92
N ILE I 212 28.43 5.83 -6.99
CA ILE I 212 28.67 4.85 -5.93
C ILE I 212 28.13 3.50 -6.40
N LYS I 213 28.89 2.44 -6.10
CA LYS I 213 28.46 1.09 -6.40
C LYS I 213 27.97 0.42 -5.12
N PRO I 214 26.68 0.13 -4.97
CA PRO I 214 26.17 -0.40 -3.71
C PRO I 214 26.46 -1.89 -3.54
N VAL I 215 27.73 -2.21 -3.31
CA VAL I 215 28.12 -3.59 -3.05
C VAL I 215 27.87 -3.91 -1.59
N VAL I 216 27.73 -5.20 -1.29
CA VAL I 216 27.62 -5.68 0.08
C VAL I 216 28.61 -6.81 0.26
N SER I 217 29.56 -6.64 1.17
CA SER I 217 30.55 -7.67 1.42
C SER I 217 31.25 -7.36 2.74
N THR I 218 31.93 -8.36 3.28
CA THR I 218 32.54 -8.28 4.58
C THR I 218 33.97 -8.82 4.52
N GLN I 219 34.79 -8.38 5.45
CA GLN I 219 36.17 -8.81 5.57
C GLN I 219 37.05 -8.26 4.47
N LEU I 220 36.46 -7.79 3.38
CA LEU I 220 37.16 -7.00 2.37
C LEU I 220 36.14 -6.64 1.30
N LEU I 221 36.18 -5.39 0.83
CA LEU I 221 35.10 -4.89 -0.01
C LEU I 221 35.56 -4.83 -1.46
N LEU I 222 34.58 -4.74 -2.37
CA LEU I 222 34.79 -5.05 -3.78
C LEU I 222 34.32 -3.94 -4.71
N ASN I 223 34.96 -3.88 -5.87
CA ASN I 223 34.53 -3.05 -6.99
C ASN I 223 34.57 -1.55 -6.68
N GLY I 224 35.01 -1.18 -5.48
CA GLY I 224 35.01 0.22 -5.12
C GLY I 224 36.01 1.04 -5.91
N SER I 225 35.89 2.36 -5.79
CA SER I 225 36.85 3.26 -6.42
C SER I 225 38.05 3.46 -5.49
N LEU I 226 39.25 3.45 -6.08
CA LEU I 226 40.48 3.37 -5.31
C LEU I 226 40.83 4.71 -4.68
N ALA I 227 41.82 4.67 -3.80
CA ALA I 227 42.39 5.89 -3.23
C ALA I 227 43.51 6.40 -4.12
N GLU I 228 43.63 7.72 -4.21
CA GLU I 228 44.56 8.33 -5.15
C GLU I 228 45.95 8.54 -4.57
N GLY I 229 46.08 8.63 -3.24
CA GLY I 229 47.40 8.70 -2.64
C GLY I 229 47.92 7.29 -2.41
N GLU I 230 48.80 7.10 -1.44
CA GLU I 230 49.18 5.74 -1.08
C GLU I 230 48.17 5.19 -0.07
N ILE I 231 48.25 3.88 0.16
CA ILE I 231 47.21 3.17 0.89
C ILE I 231 46.90 3.91 2.18
N ILE I 232 45.66 4.34 2.33
CA ILE I 232 45.22 5.14 3.47
C ILE I 232 44.58 4.23 4.50
N ILE I 233 44.67 4.65 5.76
CA ILE I 233 43.98 3.99 6.86
C ILE I 233 43.09 5.03 7.52
N ARG I 234 41.87 4.65 7.83
CA ARG I 234 40.90 5.56 8.41
C ARG I 234 40.26 4.92 9.63
N SER I 235 39.96 5.76 10.61
CA SER I 235 39.45 5.27 11.89
C SER I 235 38.72 6.40 12.61
N GLU I 236 37.93 6.02 13.60
CA GLU I 236 37.41 6.99 14.53
C GLU I 236 38.54 7.50 15.42
N ASN I 237 38.36 8.69 15.98
CA ASN I 237 39.43 9.31 16.75
C ASN I 237 39.00 9.78 18.14
N ILE I 238 37.75 9.54 18.53
CA ILE I 238 37.36 9.88 19.90
C ILE I 238 38.14 9.04 20.89
N THR I 239 38.41 7.79 20.57
CA THR I 239 39.16 6.90 21.45
C THR I 239 40.04 5.98 20.60
N LYS I 240 41.12 5.49 21.18
CA LYS I 240 41.89 4.46 20.51
C LYS I 240 41.21 3.10 20.59
N ASN I 241 40.04 3.02 21.22
CA ASN I 241 39.24 1.81 21.25
C ASN I 241 38.25 1.92 20.10
N VAL I 242 38.69 1.54 18.91
CA VAL I 242 37.94 1.77 17.67
C VAL I 242 37.14 0.53 17.32
N LYS I 243 35.85 0.73 17.00
CA LYS I 243 34.99 -0.38 16.64
C LYS I 243 35.42 -1.02 15.33
N THR I 244 35.78 -0.21 14.34
CA THR I 244 36.21 -0.71 13.03
C THR I 244 37.27 0.20 12.45
N ILE I 245 38.21 -0.41 11.73
CA ILE I 245 39.27 0.30 11.02
C ILE I 245 39.10 -0.01 9.55
N ILE I 246 39.15 1.03 8.71
CA ILE I 246 38.98 0.87 7.28
C ILE I 246 40.33 1.08 6.62
N VAL I 247 40.67 0.24 5.65
CA VAL I 247 41.91 0.36 4.92
C VAL I 247 41.56 0.51 3.45
N HIS I 248 41.87 1.67 2.89
CA HIS I 248 41.51 2.05 1.53
C HIS I 248 42.76 1.95 0.66
N LEU I 249 42.71 1.10 -0.36
CA LEU I 249 43.89 0.76 -1.13
C LEU I 249 44.07 1.67 -2.32
N ASN I 250 45.33 1.78 -2.78
CA ASN I 250 45.66 2.49 -4.00
C ASN I 250 46.04 1.54 -5.13
N GLU I 251 45.80 0.24 -4.96
CA GLU I 251 46.07 -0.72 -6.03
C GLU I 251 45.18 -1.93 -5.81
N SER I 252 44.57 -2.41 -6.90
CA SER I 252 43.51 -3.39 -6.84
C SER I 252 44.06 -4.77 -7.18
N VAL I 253 43.69 -5.77 -6.37
CA VAL I 253 44.16 -7.14 -6.54
C VAL I 253 42.99 -7.97 -7.05
N LYS I 254 43.19 -8.67 -8.17
CA LYS I 254 42.09 -9.35 -8.83
C LYS I 254 41.77 -10.67 -8.13
N ILE I 255 40.50 -10.87 -7.80
CA ILE I 255 40.01 -12.09 -7.17
C ILE I 255 38.92 -12.67 -8.06
N GLU I 256 39.05 -13.94 -8.42
CA GLU I 256 38.05 -14.65 -9.21
C GLU I 256 37.50 -15.81 -8.41
N CYS I 257 36.18 -15.95 -8.41
CA CYS I 257 35.52 -17.00 -7.66
C CYS I 257 34.60 -17.79 -8.57
N THR I 258 34.60 -19.12 -8.39
CA THR I 258 33.88 -19.98 -9.30
C THR I 258 33.24 -21.15 -8.56
N ARG I 259 32.04 -21.50 -9.02
CA ARG I 259 31.27 -22.67 -8.62
C ARG I 259 31.21 -23.60 -9.83
N PRO I 260 31.76 -24.80 -9.77
CA PRO I 260 31.90 -25.60 -11.00
C PRO I 260 30.66 -26.38 -11.43
N ASN I 261 29.85 -26.84 -10.48
CA ASN I 261 28.85 -27.85 -10.79
C ASN I 261 27.76 -27.33 -11.72
N ASN I 262 26.94 -28.26 -12.22
CA ASN I 262 25.72 -27.92 -12.95
C ASN I 262 24.53 -28.09 -12.02
N LYS I 263 23.97 -26.97 -11.58
CA LYS I 263 22.71 -27.00 -10.85
C LYS I 263 21.55 -27.11 -11.83
N THR I 264 20.51 -27.82 -11.41
CA THR I 264 19.35 -28.06 -12.25
C THR I 264 18.11 -27.45 -11.59
N ARG I 265 17.68 -26.32 -12.11
CA ARG I 265 16.47 -25.68 -11.59
C ARG I 265 15.28 -26.58 -11.86
N THR I 266 14.48 -26.85 -10.83
CA THR I 266 13.29 -27.67 -10.98
C THR I 266 12.12 -26.95 -10.31
N SER I 267 11.02 -26.80 -11.04
CA SER I 267 9.89 -26.00 -10.61
C SER I 267 8.91 -26.85 -9.81
N ILE I 268 8.34 -26.27 -8.77
CA ILE I 268 7.27 -26.88 -7.99
C ILE I 268 6.19 -25.84 -7.85
N ARG I 269 4.98 -26.27 -7.51
CA ARG I 269 3.85 -25.36 -7.40
C ARG I 269 3.24 -25.44 -6.01
N ILE I 270 3.09 -24.27 -5.37
CA ILE I 270 2.30 -24.17 -4.16
C ILE I 270 0.88 -23.92 -4.58
N GLY I 271 -1.24 -24.23 -6.79
CA GLY I 271 -1.96 -23.01 -7.10
C GLY I 271 -1.95 -22.01 -5.97
N PRO I 272 -2.54 -20.85 -6.20
CA PRO I 272 -3.25 -20.45 -7.42
C PRO I 272 -2.30 -20.03 -8.53
N GLY I 273 -1.26 -19.24 -8.24
CA GLY I 273 -0.43 -18.73 -9.31
C GLY I 273 1.04 -18.62 -8.98
N GLN I 274 1.50 -19.31 -7.95
CA GLN I 274 2.87 -19.19 -7.46
C GLN I 274 3.70 -20.39 -7.90
N ALA I 275 4.94 -20.12 -8.30
CA ALA I 275 5.91 -21.15 -8.66
C ALA I 275 7.12 -21.04 -7.75
N PHE I 276 7.49 -22.14 -7.12
CA PHE I 276 8.61 -22.19 -6.18
C PHE I 276 9.73 -22.99 -6.83
N TYR I 277 10.90 -22.34 -6.99
CA TYR I 277 11.99 -22.90 -7.78
C TYR I 277 12.99 -23.59 -6.85
N ALA I 278 12.95 -24.91 -6.84
CA ALA I 278 13.90 -25.67 -6.02
C ALA I 278 15.06 -26.14 -6.88
N THR I 279 16.00 -26.82 -6.24
CA THR I 279 17.18 -27.36 -6.90
C THR I 279 17.02 -28.86 -7.07
N GLY I 280 17.09 -29.31 -8.31
CA GLY I 280 16.91 -30.72 -8.64
C GLY I 280 18.20 -31.49 -8.51
N GLN I 281 18.29 -32.59 -9.25
CA GLN I 281 19.48 -33.42 -9.22
C GLN I 281 20.66 -32.69 -9.84
N VAL I 282 21.80 -32.73 -9.16
CA VAL I 282 23.03 -32.15 -9.68
C VAL I 282 23.64 -33.11 -10.70
N ILE I 283 24.24 -32.56 -11.75
CA ILE I 283 24.83 -33.35 -12.81
C ILE I 283 26.27 -32.94 -13.00
N GLY I 284 27.13 -33.92 -13.23
CA GLY I 284 28.56 -33.71 -13.25
C GLY I 284 29.20 -33.99 -11.91
N ASP I 285 30.49 -34.29 -11.94
CA ASP I 285 31.17 -34.68 -10.70
C ASP I 285 31.34 -33.47 -9.79
N ILE I 286 31.32 -33.72 -8.49
CA ILE I 286 31.21 -32.65 -7.50
C ILE I 286 32.57 -32.06 -7.21
N ARG I 287 32.59 -30.77 -6.92
CA ARG I 287 33.79 -30.10 -6.42
C ARG I 287 33.40 -28.80 -5.76
N GLU I 288 34.07 -28.50 -4.65
CA GLU I 288 33.75 -27.33 -3.83
C GLU I 288 34.11 -26.04 -4.58
N ALA I 289 33.28 -25.02 -4.43
CA ALA I 289 33.56 -23.74 -5.05
C ALA I 289 34.79 -23.09 -4.43
N TYR I 290 35.47 -22.23 -5.19
CA TYR I 290 36.75 -21.72 -4.72
C TYR I 290 37.04 -20.33 -5.27
N CYS I 291 37.97 -19.64 -4.59
CA CYS I 291 38.41 -18.30 -4.96
C CYS I 291 39.92 -18.25 -5.05
N ASN I 292 40.43 -17.37 -5.93
CA ASN I 292 41.85 -17.29 -6.25
C ASN I 292 42.43 -15.92 -5.93
N ILE I 293 43.71 -15.90 -5.55
CA ILE I 293 44.47 -14.65 -5.36
C ILE I 293 45.90 -14.89 -5.84
N ASN I 294 46.63 -13.82 -6.13
CA ASN I 294 48.04 -13.95 -6.50
C ASN I 294 48.91 -13.77 -5.26
N GLU I 295 49.79 -14.73 -4.98
CA GLU I 295 50.59 -14.62 -3.76
C GLU I 295 51.42 -13.35 -3.75
N SER I 296 52.07 -13.02 -4.88
CA SER I 296 52.94 -11.86 -4.89
C SER I 296 52.16 -10.59 -4.56
N LYS I 297 51.04 -10.37 -5.24
CA LYS I 297 50.27 -9.16 -4.99
C LYS I 297 49.75 -9.13 -3.55
N TRP I 298 49.24 -10.25 -3.07
CA TRP I 298 48.71 -10.27 -1.70
C TRP I 298 49.81 -9.97 -0.70
N ASN I 299 50.97 -10.61 -0.85
CA ASN I 299 52.06 -10.38 0.08
C ASN I 299 52.49 -8.92 0.04
N GLU I 300 52.57 -8.34 -1.16
CA GLU I 300 52.95 -6.95 -1.25
C GLU I 300 51.92 -6.05 -0.57
N THR I 301 50.63 -6.33 -0.77
CA THR I 301 49.60 -5.50 -0.17
C THR I 301 49.65 -5.58 1.34
N LEU I 302 49.84 -6.78 1.88
CA LEU I 302 49.99 -6.87 3.33
C LEU I 302 51.24 -6.17 3.81
N GLN I 303 52.33 -6.21 3.04
CA GLN I 303 53.51 -5.47 3.45
C GLN I 303 53.21 -3.98 3.53
N ARG I 304 52.54 -3.44 2.51
CA ARG I 304 52.23 -2.01 2.51
C ARG I 304 51.34 -1.65 3.68
N VAL I 305 50.31 -2.46 3.95
CA VAL I 305 49.42 -2.16 5.05
C VAL I 305 50.17 -2.26 6.37
N SER I 306 51.09 -3.21 6.49
CA SER I 306 51.89 -3.30 7.69
C SER I 306 52.72 -2.05 7.89
N LYS I 307 53.32 -1.54 6.82
CA LYS I 307 54.07 -0.30 6.92
C LYS I 307 53.18 0.82 7.41
N LYS I 308 52.03 1.03 6.74
CA LYS I 308 51.20 2.18 7.04
C LYS I 308 50.61 2.08 8.45
N LEU I 309 50.23 0.89 8.87
CA LEU I 309 49.46 0.76 10.11
C LEU I 309 50.25 1.27 11.31
N LYS I 310 51.56 1.08 11.32
CA LYS I 310 52.37 1.54 12.43
C LYS I 310 52.67 3.02 12.37
N GLU I 311 51.97 3.77 11.53
CA GLU I 311 51.93 5.23 11.69
C GLU I 311 51.20 5.58 12.97
N TYR I 312 50.00 5.02 13.15
CA TYR I 312 49.21 5.33 14.34
C TYR I 312 49.79 4.67 15.58
N PHE I 313 50.14 3.41 15.48
CA PHE I 313 50.70 2.69 16.62
C PHE I 313 52.21 2.79 16.59
N PRO I 314 52.84 3.20 17.69
CA PRO I 314 54.21 3.71 17.59
C PRO I 314 55.25 2.72 17.09
N HIS I 315 55.45 1.62 17.82
CA HIS I 315 56.56 0.73 17.49
C HIS I 315 56.25 -0.75 17.72
N LYS I 316 55.00 -1.13 17.91
CA LYS I 316 54.71 -2.51 18.24
C LYS I 316 54.74 -3.38 16.99
N ASN I 317 55.04 -4.67 17.21
CA ASN I 317 54.92 -5.65 16.14
C ASN I 317 53.46 -5.79 15.73
N ILE I 318 53.24 -6.01 14.44
CA ILE I 318 51.89 -6.06 13.88
C ILE I 318 51.64 -7.47 13.40
N THR I 319 50.62 -8.12 13.95
CA THR I 319 50.28 -9.49 13.61
C THR I 319 48.82 -9.57 13.23
N PHE I 320 48.53 -10.18 12.09
CA PHE I 320 47.16 -10.45 11.69
C PHE I 320 46.74 -11.81 12.21
N GLN I 321 45.42 -12.00 12.34
CA GLN I 321 44.84 -13.30 12.65
C GLN I 321 43.44 -13.35 12.06
N PRO I 322 43.02 -14.52 11.58
CA PRO I 322 41.68 -14.64 11.00
C PRO I 322 40.61 -14.62 12.09
N SER I 323 39.40 -14.28 11.68
CA SER I 323 38.31 -14.13 12.63
C SER I 323 38.16 -15.38 13.49
N SER I 324 37.44 -15.23 14.60
CA SER I 324 37.33 -16.31 15.58
C SER I 324 35.92 -16.58 16.07
N GLY I 325 34.92 -15.79 15.68
CA GLY I 325 33.58 -16.03 16.17
C GLY I 325 32.56 -15.28 15.35
N GLY I 326 31.31 -15.73 15.47
CA GLY I 326 30.18 -15.11 14.82
C GLY I 326 29.59 -16.02 13.76
N ASP I 327 28.46 -15.56 13.21
CA ASP I 327 27.84 -16.27 12.11
C ASP I 327 28.79 -16.31 10.92
N LEU I 328 28.40 -17.08 9.89
CA LEU I 328 29.22 -17.14 8.70
C LEU I 328 29.40 -15.77 8.07
N GLU I 329 28.51 -14.83 8.39
CA GLU I 329 28.59 -13.51 7.80
C GLU I 329 29.93 -12.84 8.07
N ILE I 330 30.63 -13.22 9.13
CA ILE I 330 31.88 -12.57 9.49
C ILE I 330 33.00 -13.57 9.69
N THR I 331 32.65 -14.82 9.98
CA THR I 331 33.70 -15.82 10.04
C THR I 331 34.28 -16.13 8.67
N THR I 332 33.66 -15.63 7.60
CA THR I 332 34.16 -15.84 6.26
C THR I 332 33.90 -14.59 5.43
N HIS I 333 34.57 -14.52 4.29
CA HIS I 333 34.26 -13.50 3.29
C HIS I 333 32.88 -13.76 2.72
N SER I 334 32.13 -12.68 2.50
CA SER I 334 30.76 -12.79 2.01
C SER I 334 30.56 -11.85 0.83
N PHE I 335 29.79 -12.30 -0.15
CA PHE I 335 29.45 -11.49 -1.32
C PHE I 335 28.47 -12.27 -2.16
N ASN I 336 28.06 -11.68 -3.28
CA ASN I 336 27.09 -12.31 -4.16
C ASN I 336 27.56 -12.23 -5.61
N CYS I 337 27.40 -13.35 -6.32
CA CYS I 337 27.71 -13.41 -7.75
C CYS I 337 26.52 -14.03 -8.46
N GLY I 338 26.13 -13.42 -9.57
CA GLY I 338 25.00 -13.92 -10.33
C GLY I 338 23.75 -14.03 -9.49
N GLY I 339 23.31 -15.26 -9.22
CA GLY I 339 22.17 -15.50 -8.38
C GLY I 339 22.50 -16.38 -7.20
N GLU I 340 23.73 -16.27 -6.71
CA GLU I 340 24.18 -17.04 -5.57
C GLU I 340 24.99 -16.17 -4.62
N PHE I 341 25.05 -16.60 -3.36
CA PHE I 341 25.80 -15.93 -2.31
C PHE I 341 26.90 -16.84 -1.82
N PHE I 342 28.09 -16.29 -1.58
CA PHE I 342 29.25 -17.07 -1.22
C PHE I 342 29.65 -16.81 0.22
N TYR I 343 30.42 -17.77 0.76
CA TYR I 343 30.96 -17.67 2.11
C TYR I 343 32.31 -18.39 2.06
N CYS I 344 33.38 -17.61 1.94
CA CYS I 344 34.71 -18.11 1.64
C CYS I 344 35.61 -18.05 2.87
N ASN I 345 36.12 -19.20 3.28
CA ASN I 345 37.10 -19.25 4.35
C ASN I 345 38.22 -18.28 4.06
N THR I 346 38.86 -17.77 5.12
CA THR I 346 39.98 -16.86 4.98
C THR I 346 41.10 -17.14 5.98
N SER I 347 41.06 -18.27 6.67
CA SER I 347 42.12 -18.54 7.64
C SER I 347 43.45 -18.86 6.98
N SER I 348 43.56 -18.70 5.67
CA SER I 348 44.85 -18.83 5.00
C SER I 348 45.41 -17.50 4.53
N LEU I 349 44.63 -16.42 4.59
CA LEU I 349 45.11 -15.11 4.16
C LEU I 349 45.66 -14.29 5.33
N PHE I 350 44.81 -14.00 6.31
CA PHE I 350 45.23 -13.15 7.42
C PHE I 350 46.04 -13.94 8.43
N ASN I 351 47.22 -14.41 8.03
CA ASN I 351 48.04 -15.24 8.90
C ASN I 351 49.47 -14.75 9.03
N ARG I 352 49.82 -13.64 8.40
CA ARG I 352 51.20 -13.17 8.45
C ARG I 352 51.49 -12.50 9.80
N THR I 353 52.75 -12.17 10.01
CA THR I 353 53.16 -11.35 11.13
C THR I 353 54.36 -10.53 10.70
N TYR I 354 54.56 -9.38 11.35
CA TYR I 354 55.65 -8.49 10.99
C TYR I 354 56.20 -7.83 12.24
N MET I 355 57.51 -7.61 12.25
CA MET I 355 58.19 -7.05 13.41
C MET I 355 58.49 -5.57 13.20
N ALA I 356 58.76 -4.89 14.30
CA ALA I 356 59.22 -3.51 14.23
C ALA I 356 60.72 -3.47 13.98
N ASN I 357 61.14 -2.52 13.17
CA ASN I 357 62.54 -2.40 12.79
C ASN I 357 63.05 -3.69 12.15
N ASN I 368 55.90 -11.64 -11.62
CA ASN I 368 55.21 -10.57 -10.91
C ASN I 368 53.87 -11.05 -10.36
N SER I 369 53.39 -12.18 -10.88
CA SER I 369 52.11 -12.75 -10.45
C SER I 369 52.14 -14.28 -10.45
N THR I 370 53.18 -14.88 -9.89
CA THR I 370 53.32 -16.33 -9.94
C THR I 370 52.72 -16.99 -8.69
N ARG I 371 52.16 -18.19 -8.90
CA ARG I 371 51.53 -18.97 -7.83
C ARG I 371 50.24 -18.34 -7.34
N THR I 372 49.21 -19.17 -7.16
CA THR I 372 47.86 -18.71 -6.84
C THR I 372 47.40 -19.34 -5.52
N ILE I 373 46.92 -18.51 -4.61
CA ILE I 373 46.33 -18.98 -3.37
C ILE I 373 44.86 -19.30 -3.65
N THR I 374 44.45 -20.54 -3.35
CA THR I 374 43.07 -20.97 -3.47
C THR I 374 42.46 -21.08 -2.08
N ILE I 375 41.21 -20.65 -1.97
CA ILE I 375 40.45 -20.75 -0.73
C ILE I 375 39.11 -21.39 -1.02
N HIS I 376 38.76 -22.41 -0.24
CA HIS I 376 37.50 -23.12 -0.41
C HIS I 376 36.35 -22.26 0.10
N CYS I 377 35.20 -22.33 -0.57
CA CYS I 377 34.11 -21.41 -0.33
C CYS I 377 32.79 -22.14 -0.46
N ARG I 378 31.98 -22.09 0.59
CA ARG I 378 30.65 -22.69 0.59
C ARG I 378 29.63 -21.68 0.09
N ILE I 379 28.43 -22.18 -0.17
CA ILE I 379 27.32 -21.32 -0.57
C ILE I 379 26.05 -21.83 0.08
N LYS I 380 25.20 -20.89 0.49
CA LYS I 380 23.92 -21.22 1.07
C LYS I 380 22.87 -20.34 0.41
N GLN I 381 21.64 -20.84 0.39
CA GLN I 381 20.56 -20.12 -0.29
C GLN I 381 19.87 -19.13 0.62
N ILE I 382 19.36 -19.58 1.77
CA ILE I 382 18.56 -18.74 2.65
C ILE I 382 19.49 -17.79 3.37
N ILE I 383 19.41 -16.51 3.05
CA ILE I 383 20.21 -15.49 3.71
C ILE I 383 19.29 -14.71 4.64
N ASN I 384 19.67 -14.62 5.91
CA ASN I 384 19.00 -13.69 6.82
C ASN I 384 19.45 -12.30 6.44
N MET I 385 18.78 -11.70 5.45
CA MET I 385 19.27 -10.47 4.84
C MET I 385 19.93 -9.60 5.90
N TRP I 386 21.15 -9.17 5.60
CA TRP I 386 22.06 -8.69 6.63
C TRP I 386 21.49 -7.51 7.42
N GLN I 387 20.34 -6.97 7.02
CA GLN I 387 19.87 -5.70 7.55
C GLN I 387 18.95 -5.84 8.76
N GLU I 388 18.12 -6.88 8.85
CA GLU I 388 17.12 -6.90 9.92
C GLU I 388 16.59 -8.32 10.10
N VAL I 389 15.98 -8.54 11.27
CA VAL I 389 15.20 -9.75 11.53
C VAL I 389 13.81 -9.57 10.95
N GLY I 390 13.04 -10.65 10.90
CA GLY I 390 11.72 -10.63 10.30
C GLY I 390 11.78 -11.03 8.83
N ARG I 391 12.56 -10.29 8.05
CA ARG I 391 12.73 -10.63 6.64
C ARG I 391 13.59 -11.88 6.50
N ALA I 392 13.47 -12.52 5.35
CA ALA I 392 14.34 -13.63 4.99
C ALA I 392 14.12 -13.95 3.53
N MET I 393 15.21 -14.02 2.77
CA MET I 393 15.12 -14.16 1.33
C MET I 393 15.76 -15.47 0.89
N TYR I 394 15.10 -16.12 -0.07
CA TYR I 394 15.56 -17.38 -0.62
C TYR I 394 16.01 -17.12 -2.06
N ALA I 395 17.26 -17.40 -2.35
CA ALA I 395 17.75 -17.17 -3.70
C ALA I 395 17.58 -18.41 -4.55
N PRO I 396 16.88 -18.35 -5.68
CA PRO I 396 16.67 -19.55 -6.48
C PRO I 396 17.98 -20.05 -7.04
N PRO I 397 18.10 -21.34 -7.32
CA PRO I 397 19.36 -21.86 -7.85
C PRO I 397 19.63 -21.31 -9.24
N ILE I 398 20.90 -21.34 -9.63
CA ILE I 398 21.30 -20.91 -10.96
C ILE I 398 21.98 -22.09 -11.66
N ALA I 399 21.50 -22.41 -12.85
CA ALA I 399 22.00 -23.56 -13.58
C ALA I 399 23.34 -23.25 -14.24
N GLY I 400 24.09 -24.31 -14.54
CA GLY I 400 25.38 -24.18 -15.18
C GLY I 400 26.46 -23.76 -14.21
N ASN I 401 27.70 -23.84 -14.67
CA ASN I 401 28.81 -23.39 -13.84
C ASN I 401 28.79 -21.86 -13.78
N ILE I 402 29.33 -21.34 -12.68
CA ILE I 402 29.32 -19.91 -12.42
C ILE I 402 30.75 -19.45 -12.18
N THR I 403 31.13 -18.36 -12.83
CA THR I 403 32.39 -17.69 -12.53
C THR I 403 32.11 -16.20 -12.41
N CYS I 404 32.88 -15.55 -11.56
CA CYS I 404 32.80 -14.09 -11.46
C CYS I 404 34.18 -13.56 -11.11
N ILE I 405 34.69 -12.70 -11.98
CA ILE I 405 35.86 -11.89 -11.64
C ILE I 405 35.42 -10.75 -10.75
N SER I 406 36.37 -10.17 -10.03
CA SER I 406 36.12 -8.99 -9.23
C SER I 406 37.46 -8.46 -8.77
N ASN I 407 37.47 -7.26 -8.21
CA ASN I 407 38.72 -6.71 -7.73
C ASN I 407 38.49 -6.02 -6.40
N ILE I 408 39.18 -6.50 -5.38
CA ILE I 408 39.10 -5.90 -4.06
C ILE I 408 39.68 -4.49 -4.10
N THR I 409 39.27 -3.66 -3.15
CA THR I 409 39.82 -2.32 -3.06
C THR I 409 40.12 -1.89 -1.65
N GLY I 410 39.63 -2.59 -0.64
CA GLY I 410 39.86 -2.19 0.73
C GLY I 410 39.56 -3.32 1.69
N LEU I 411 40.06 -3.17 2.89
CA LEU I 411 39.89 -4.16 3.95
C LEU I 411 39.17 -3.53 5.11
N LEU I 412 38.34 -4.33 5.79
CA LEU I 412 37.71 -3.92 7.02
C LEU I 412 38.34 -4.75 8.13
N LEU I 413 38.93 -4.07 9.11
CA LEU I 413 39.61 -4.75 10.20
C LEU I 413 39.05 -4.25 11.53
N THR I 414 39.42 -4.96 12.59
CA THR I 414 39.20 -4.49 13.94
C THR I 414 40.37 -4.95 14.79
N ARG I 415 40.77 -4.10 15.72
CA ARG I 415 41.95 -4.39 16.53
C ARG I 415 41.62 -5.44 17.58
N ASP I 416 42.67 -6.01 18.14
CA ASP I 416 42.52 -7.11 19.07
C ASP I 416 43.80 -7.27 19.88
N GLY I 417 43.68 -7.93 21.02
CA GLY I 417 44.80 -8.12 21.92
C GLY I 417 45.37 -9.51 21.86
N GLY I 418 45.53 -10.14 23.02
CA GLY I 418 46.13 -11.45 23.09
C GLY I 418 47.63 -11.46 23.04
N LYS I 419 48.28 -10.30 22.93
CA LYS I 419 49.72 -10.22 22.91
C LYS I 419 50.16 -8.92 23.53
N ASN I 420 51.41 -8.88 23.98
CA ASN I 420 51.99 -7.72 24.63
C ASN I 420 53.06 -7.11 23.74
N ASN I 421 53.00 -5.79 23.58
CA ASN I 421 53.87 -5.08 22.64
C ASN I 421 53.68 -5.59 21.22
N THR I 422 52.47 -6.07 20.92
CA THR I 422 52.16 -6.58 19.59
C THR I 422 50.65 -6.55 19.43
N GLU I 423 50.13 -5.59 18.68
CA GLU I 423 48.71 -5.51 18.42
C GLU I 423 48.30 -6.59 17.43
N THR I 424 47.14 -7.20 17.64
CA THR I 424 46.58 -8.11 16.67
C THR I 424 45.47 -7.41 15.91
N PHE I 425 45.13 -7.93 14.74
CA PHE I 425 44.01 -7.43 13.98
C PHE I 425 43.27 -8.59 13.35
N ARG I 426 41.97 -8.38 13.13
CA ARG I 426 41.16 -9.45 12.59
C ARG I 426 40.13 -8.87 11.64
N PRO I 427 39.72 -9.61 10.63
CA PRO I 427 38.64 -9.13 9.77
C PRO I 427 37.32 -9.12 10.51
N GLY I 428 36.54 -8.07 10.28
CA GLY I 428 35.26 -7.92 10.92
C GLY I 428 34.32 -7.07 10.10
N GLY I 429 33.61 -6.16 10.75
CA GLY I 429 32.84 -5.18 10.02
C GLY I 429 31.70 -5.75 9.21
N GLY I 430 30.93 -6.68 9.76
CA GLY I 430 29.72 -7.10 9.11
C GLY I 430 28.62 -6.05 9.09
N ASN I 431 28.83 -4.93 9.79
CA ASN I 431 27.86 -3.85 9.86
C ASN I 431 27.91 -3.06 8.56
N MET I 432 27.22 -3.59 7.54
CA MET I 432 27.48 -3.22 6.16
C MET I 432 27.51 -1.71 5.94
N LYS I 433 26.98 -0.93 6.87
CA LYS I 433 27.01 0.51 6.68
C LYS I 433 28.42 1.00 6.39
N ASP I 434 29.42 0.43 7.08
CA ASP I 434 30.79 0.86 6.84
C ASP I 434 31.14 0.85 5.37
N ASN I 435 30.67 -0.15 4.61
CA ASN I 435 30.99 -0.21 3.19
C ASN I 435 30.67 1.12 2.52
N TRP I 436 29.46 1.62 2.71
CA TRP I 436 29.11 2.89 2.10
C TRP I 436 29.88 4.02 2.75
N ARG I 437 30.10 3.95 4.06
CA ARG I 437 30.93 4.96 4.68
C ARG I 437 32.37 4.89 4.19
N SER I 438 32.73 3.81 3.52
CA SER I 438 34.06 3.71 2.93
C SER I 438 34.16 4.44 1.60
N GLU I 439 33.07 5.03 1.11
CA GLU I 439 33.10 5.77 -0.14
C GLU I 439 32.37 7.09 -0.11
N LEU I 440 31.59 7.38 0.93
CA LEU I 440 30.93 8.67 1.08
C LEU I 440 31.62 9.57 2.09
N TYR I 441 32.85 9.24 2.49
CA TYR I 441 33.59 10.10 3.42
C TYR I 441 33.96 11.44 2.78
N LYS I 442 34.12 11.47 1.46
CA LYS I 442 34.48 12.70 0.79
C LYS I 442 33.48 13.80 1.06
N TYR I 443 32.19 13.48 0.99
CA TYR I 443 31.15 14.45 0.70
C TYR I 443 30.45 14.94 1.95
N LYS I 444 30.01 16.20 1.90
CA LYS I 444 29.14 16.78 2.90
C LYS I 444 28.02 17.50 2.18
N VAL I 445 26.87 17.66 2.84
CA VAL I 445 25.71 18.29 2.23
C VAL I 445 25.44 19.61 2.94
N VAL I 446 25.39 20.70 2.18
CA VAL I 446 25.27 22.04 2.75
C VAL I 446 24.04 22.74 2.18
N LYS I 447 23.46 23.60 3.01
CA LYS I 447 22.35 24.47 2.63
C LYS I 447 22.91 25.85 2.35
N ILE I 448 22.60 26.39 1.18
CA ILE I 448 23.13 27.69 0.80
C ILE I 448 22.22 28.78 1.32
N GLU I 449 22.80 29.92 1.64
CA GLU I 449 22.07 31.08 2.13
C GLU I 449 22.49 32.29 1.31
N PRO I 450 22.04 32.41 0.06
CA PRO I 450 22.63 33.39 -0.84
C PRO I 450 22.38 34.83 -0.49
N LEU I 451 21.64 35.10 0.58
CA LEU I 451 21.16 36.44 0.90
C LEU I 451 21.96 37.00 2.05
N GLY I 452 22.52 38.20 1.87
CA GLY I 452 23.34 38.80 2.91
C GLY I 452 23.21 40.30 2.96
N VAL I 453 23.84 40.90 3.96
CA VAL I 453 23.81 42.35 4.15
C VAL I 453 25.24 42.85 4.32
N ALA I 454 25.44 44.13 4.07
CA ALA I 454 26.74 44.75 4.26
C ALA I 454 26.56 46.25 4.41
N PRO I 455 27.58 46.96 4.90
CA PRO I 455 27.50 48.42 4.94
C PRO I 455 28.16 49.05 3.73
N THR I 456 27.59 50.17 3.28
CA THR I 456 28.10 50.89 2.13
C THR I 456 27.71 52.36 2.24
N ARG I 457 28.20 53.16 1.29
CA ARG I 457 28.08 54.61 1.39
C ARG I 457 26.72 55.14 0.94
N CYS I 458 25.91 54.31 0.29
CA CYS I 458 24.71 54.74 -0.41
C CYS I 458 23.45 54.49 0.40
N LYS I 459 22.48 55.39 0.25
CA LYS I 459 21.09 55.13 0.64
C LYS I 459 20.17 55.61 -0.47
N ARG I 460 19.01 54.96 -0.58
CA ARG I 460 18.20 55.07 -1.78
C ARG I 460 17.81 56.51 -2.07
N ARG I 461 17.89 56.88 -3.35
CA ARG I 461 17.23 58.09 -3.81
C ARG I 461 15.73 57.85 -3.94
N VAL I 462 14.95 58.76 -3.38
CA VAL I 462 13.50 58.56 -3.27
C VAL I 462 12.90 58.14 -4.61
N VAL J 12 20.39 20.46 -13.72
CA VAL J 12 21.15 21.35 -14.63
C VAL J 12 21.36 22.70 -13.94
N PHE J 13 22.58 23.24 -14.03
CA PHE J 13 22.93 24.44 -13.28
C PHE J 13 24.08 25.15 -13.99
N LEU J 14 24.52 26.27 -13.42
CA LEU J 14 25.60 27.07 -13.95
C LEU J 14 26.47 27.59 -12.81
N GLY J 15 27.61 26.95 -12.59
CA GLY J 15 28.65 27.47 -11.74
C GLY J 15 28.19 27.98 -10.38
N PHE J 16 27.74 27.07 -9.52
CA PHE J 16 27.21 27.48 -8.22
C PHE J 16 28.10 28.51 -7.53
N LEU J 17 29.34 28.15 -7.19
CA LEU J 17 30.11 28.92 -6.23
C LEU J 17 31.53 29.19 -6.69
N GLY J 18 31.73 29.51 -7.98
CA GLY J 18 33.04 29.89 -8.43
C GLY J 18 33.58 31.14 -7.74
N ALA J 19 32.69 31.92 -7.12
CA ALA J 19 33.09 33.14 -6.45
C ALA J 19 33.83 32.89 -5.14
N ALA J 20 34.10 31.64 -4.79
CA ALA J 20 34.84 31.36 -3.56
C ALA J 20 36.20 32.06 -3.60
N GLY J 21 36.52 32.75 -2.51
CA GLY J 21 37.74 33.53 -2.43
C GLY J 21 37.57 35.01 -2.69
N SER J 22 36.44 35.44 -3.26
CA SER J 22 36.19 36.86 -3.43
C SER J 22 35.85 37.50 -2.09
N THR J 23 36.04 38.81 -2.02
CA THR J 23 35.79 39.55 -0.79
C THR J 23 34.38 40.13 -0.78
N MET J 24 34.13 41.02 0.18
CA MET J 24 32.80 41.58 0.38
C MET J 24 32.25 42.12 -0.92
N GLY J 25 33.08 42.80 -1.71
CA GLY J 25 32.63 43.44 -2.93
C GLY J 25 33.10 42.76 -4.19
N ALA J 26 34.25 42.09 -4.14
CA ALA J 26 34.79 41.45 -5.34
C ALA J 26 33.80 40.45 -5.94
N ALA J 27 32.91 39.90 -5.13
CA ALA J 27 31.81 39.09 -5.66
C ALA J 27 30.61 39.92 -6.07
N SER J 28 30.81 41.21 -6.34
CA SER J 28 29.69 42.07 -6.70
C SER J 28 29.01 41.64 -8.00
N MET J 29 29.76 41.14 -8.98
CA MET J 29 29.14 40.82 -10.26
C MET J 29 29.57 39.46 -10.79
N THR J 30 29.62 38.46 -9.92
CA THR J 30 29.40 37.08 -10.30
C THR J 30 28.08 36.55 -9.73
N LEU J 31 27.19 37.46 -9.32
CA LEU J 31 26.01 37.09 -8.57
C LEU J 31 24.98 36.40 -9.45
N THR J 32 24.93 36.79 -10.73
CA THR J 32 23.87 36.28 -11.61
C THR J 32 23.93 34.76 -11.72
N VAL J 33 25.12 34.19 -11.89
CA VAL J 33 25.23 32.74 -11.98
C VAL J 33 24.83 32.10 -10.65
N GLN J 34 25.23 32.69 -9.54
CA GLN J 34 24.82 32.19 -8.23
C GLN J 34 23.31 32.26 -8.04
N ALA J 35 22.62 33.11 -8.78
CA ALA J 35 21.17 33.26 -8.63
C ALA J 35 20.36 32.57 -9.71
N ARG J 36 21.01 32.12 -10.78
CA ARG J 36 20.29 31.54 -11.90
C ARG J 36 19.76 30.14 -11.62
N ASN J 37 20.43 29.41 -10.73
CA ASN J 37 20.28 27.95 -10.70
C ASN J 37 18.96 27.54 -10.07
N LEU J 38 18.01 27.16 -10.93
CA LEU J 38 16.80 26.45 -10.52
C LEU J 38 16.41 25.42 -11.58
N LEU J 39 17.26 25.28 -12.61
CA LEU J 39 16.82 24.65 -13.85
C LEU J 39 16.57 23.15 -13.68
N SER J 40 15.52 22.67 -14.36
CA SER J 40 15.16 21.25 -14.42
C SER J 40 15.35 20.51 -13.11
N GLY J 66 9.84 5.38 -5.41
CA GLY J 66 10.83 6.44 -5.53
C GLY J 66 10.22 7.82 -5.48
N ILE J 67 9.58 8.12 -4.33
CA ILE J 67 8.90 9.40 -4.14
C ILE J 67 9.83 10.52 -3.76
N LYS J 68 11.03 10.22 -3.28
CA LYS J 68 11.95 11.27 -2.87
C LYS J 68 12.13 12.31 -3.96
N GLN J 69 12.22 11.88 -5.21
CA GLN J 69 12.36 12.84 -6.29
C GLN J 69 11.29 13.93 -6.19
N LEU J 70 10.03 13.52 -6.05
CA LEU J 70 8.97 14.51 -5.89
C LEU J 70 9.30 15.49 -4.78
N GLN J 71 9.65 14.98 -3.61
CA GLN J 71 10.02 15.88 -2.52
C GLN J 71 11.13 16.82 -2.96
N ALA J 72 12.18 16.28 -3.57
CA ALA J 72 13.29 17.13 -3.98
C ALA J 72 12.81 18.28 -4.85
N ARG J 73 11.78 18.04 -5.66
CA ARG J 73 11.25 19.13 -6.47
C ARG J 73 10.62 20.20 -5.60
N VAL J 74 9.70 19.80 -4.72
CA VAL J 74 8.94 20.80 -3.98
C VAL J 74 9.88 21.71 -3.21
N LEU J 75 10.88 21.14 -2.54
CA LEU J 75 11.83 21.97 -1.81
C LEU J 75 12.39 23.07 -2.71
N ALA J 76 12.85 22.69 -3.90
CA ALA J 76 13.48 23.66 -4.78
C ALA J 76 12.60 24.88 -4.96
N VAL J 77 11.28 24.68 -5.05
CA VAL J 77 10.38 25.81 -5.21
C VAL J 77 10.26 26.59 -3.91
N GLU J 78 9.92 25.89 -2.81
CA GLU J 78 9.65 26.61 -1.57
C GLU J 78 10.86 27.43 -1.15
N ARG J 79 12.06 26.88 -1.31
CA ARG J 79 13.27 27.61 -0.95
C ARG J 79 13.42 28.85 -1.82
N TYR J 80 13.18 28.72 -3.12
CA TYR J 80 13.35 29.87 -4.00
C TYR J 80 12.37 30.98 -3.64
N LEU J 81 11.08 30.66 -3.58
CA LEU J 81 10.09 31.70 -3.30
C LEU J 81 10.35 32.34 -1.95
N ARG J 82 10.64 31.54 -0.93
CA ARG J 82 10.88 32.09 0.39
C ARG J 82 11.99 33.14 0.35
N ASP J 83 12.88 33.05 -0.63
CA ASP J 83 13.85 34.12 -0.82
C ASP J 83 13.30 35.21 -1.72
N GLN J 84 12.72 34.85 -2.86
CA GLN J 84 12.32 35.86 -3.82
C GLN J 84 11.30 36.82 -3.22
N GLN J 85 10.30 36.29 -2.51
CA GLN J 85 9.31 37.17 -1.91
C GLN J 85 9.93 37.99 -0.80
N LEU J 86 10.97 37.47 -0.15
CA LEU J 86 11.59 38.22 0.94
C LEU J 86 12.17 39.53 0.45
N LEU J 87 12.91 39.50 -0.66
CA LEU J 87 13.38 40.76 -1.22
C LEU J 87 12.23 41.71 -1.46
N GLY J 88 11.04 41.18 -1.78
CA GLY J 88 9.89 42.04 -1.98
C GLY J 88 9.57 42.86 -0.75
N ILE J 89 9.54 42.22 0.42
CA ILE J 89 9.19 42.96 1.62
C ILE J 89 10.22 44.03 1.92
N TRP J 90 11.47 43.78 1.54
CA TRP J 90 12.53 44.76 1.77
C TRP J 90 12.57 45.83 0.68
N GLY J 91 11.73 45.73 -0.34
CA GLY J 91 11.67 46.76 -1.34
C GLY J 91 12.74 46.69 -2.41
N CYS J 92 13.62 45.68 -2.35
CA CYS J 92 14.64 45.57 -3.37
C CYS J 92 14.09 45.02 -4.67
N SER J 93 13.09 44.15 -4.60
CA SER J 93 12.43 43.61 -5.79
C SER J 93 13.49 42.90 -6.64
N GLY J 94 13.43 43.00 -7.96
CA GLY J 94 14.27 42.20 -8.83
C GLY J 94 15.64 42.77 -9.11
N LYS J 95 16.38 43.11 -8.06
CA LYS J 95 17.74 43.62 -8.18
C LYS J 95 18.66 42.80 -7.28
N LEU J 96 19.89 42.58 -7.76
CA LEU J 96 20.85 41.83 -6.95
C LEU J 96 21.45 42.67 -5.85
N ILE J 97 21.62 43.98 -6.08
CA ILE J 97 22.13 44.91 -5.09
C ILE J 97 21.18 46.09 -5.03
N CYS J 98 21.13 46.75 -3.87
CA CYS J 98 20.29 47.93 -3.75
C CYS J 98 20.60 48.63 -2.43
N CYS J 99 20.69 49.96 -2.51
CA CYS J 99 20.80 50.77 -1.32
C CYS J 99 19.50 50.70 -0.52
N THR J 100 19.47 51.37 0.62
CA THR J 100 18.25 51.48 1.41
C THR J 100 18.47 52.47 2.53
N ASN J 101 17.45 52.62 3.38
CA ASN J 101 17.49 53.47 4.56
C ASN J 101 18.13 52.72 5.72
N VAL J 102 17.88 53.16 6.94
CA VAL J 102 18.26 52.46 8.18
C VAL J 102 19.77 52.29 8.26
N PRO J 103 20.51 53.35 8.57
CA PRO J 103 21.97 53.30 8.44
C PRO J 103 22.59 52.16 9.22
N TRP J 104 23.86 51.90 8.90
CA TRP J 104 24.63 50.95 9.68
C TRP J 104 24.85 51.49 11.09
N ASN J 105 25.15 50.58 12.01
CA ASN J 105 25.21 50.92 13.43
C ASN J 105 26.57 50.60 14.01
N SER J 106 27.04 51.48 14.89
CA SER J 106 28.01 51.06 15.87
C SER J 106 27.44 49.93 16.72
N SER J 107 26.12 49.93 16.92
CA SER J 107 25.42 48.77 17.43
C SER J 107 25.48 47.68 16.36
N TRP J 108 24.86 46.55 16.63
CA TRP J 108 25.06 45.36 15.79
C TRP J 108 26.54 44.99 15.94
N SER J 109 27.21 44.62 14.85
CA SER J 109 28.66 44.45 14.92
C SER J 109 29.32 45.79 15.21
N ASN J 110 29.91 45.93 16.40
CA ASN J 110 30.64 47.14 16.77
C ASN J 110 31.93 47.19 15.99
N ARG J 111 31.83 47.44 14.68
CA ARG J 111 32.96 47.22 13.79
C ARG J 111 32.85 48.11 12.55
N ASN J 112 33.99 48.29 11.90
CA ASN J 112 34.06 48.87 10.57
C ASN J 112 34.65 47.84 9.63
N LEU J 113 33.94 47.55 8.55
CA LEU J 113 34.36 46.52 7.59
C LEU J 113 35.11 47.11 6.40
N SER J 114 35.25 48.43 6.33
CA SER J 114 35.91 49.04 5.17
C SER J 114 37.36 48.61 5.06
N GLU J 115 38.06 48.53 6.19
CA GLU J 115 39.49 48.27 6.19
C GLU J 115 39.83 46.79 5.98
N ILE J 116 38.89 45.88 6.20
CA ILE J 116 39.05 44.48 5.81
C ILE J 116 38.30 44.17 4.52
N TRP J 117 37.67 45.18 3.91
CA TRP J 117 36.77 44.96 2.79
C TRP J 117 37.42 44.25 1.61
N ASP J 118 38.75 44.22 1.54
CA ASP J 118 39.45 43.67 0.39
C ASP J 118 40.33 42.47 0.73
N ASN J 119 40.30 41.98 1.98
CA ASN J 119 41.15 40.87 2.35
C ASN J 119 40.42 39.83 3.21
N MET J 120 39.11 39.73 3.09
CA MET J 120 38.36 38.64 3.70
C MET J 120 37.32 38.18 2.70
N THR J 121 36.74 37.00 2.94
CA THR J 121 35.66 36.49 2.12
C THR J 121 34.38 36.44 2.94
N TRP J 122 33.26 36.23 2.25
CA TRP J 122 31.94 36.55 2.80
C TRP J 122 31.64 35.84 4.11
N LEU J 123 31.95 34.54 4.20
CA LEU J 123 31.56 33.78 5.39
C LEU J 123 32.00 34.48 6.67
N GLN J 124 33.28 34.86 6.74
CA GLN J 124 33.79 35.41 7.99
C GLN J 124 33.04 36.65 8.41
N TRP J 125 32.38 37.32 7.47
CA TRP J 125 31.51 38.45 7.79
C TRP J 125 30.11 37.99 8.18
N ASP J 126 29.54 37.09 7.40
CA ASP J 126 28.17 36.65 7.68
C ASP J 126 28.08 35.97 9.03
N LYS J 127 29.07 35.16 9.37
CA LYS J 127 29.04 34.50 10.67
C LYS J 127 29.23 35.48 11.80
N GLU J 128 29.73 36.68 11.51
CA GLU J 128 29.91 37.68 12.55
C GLU J 128 28.62 38.46 12.80
N ILE J 129 28.01 38.99 11.72
CA ILE J 129 26.79 39.77 11.85
C ILE J 129 25.59 38.92 12.24
N SER J 130 25.75 37.59 12.32
CA SER J 130 24.61 36.73 12.62
C SER J 130 23.91 37.14 13.91
N ASN J 131 24.63 37.76 14.84
CA ASN J 131 24.05 38.15 16.11
C ASN J 131 22.88 39.10 15.93
N TYR J 132 22.80 39.80 14.80
CA TYR J 132 21.81 40.85 14.61
C TYR J 132 21.08 40.78 13.28
N THR J 133 21.26 39.71 12.51
CA THR J 133 20.60 39.61 11.22
C THR J 133 19.08 39.67 11.35
N GLN J 134 18.54 38.94 12.33
CA GLN J 134 17.08 38.92 12.52
C GLN J 134 16.54 40.31 12.76
N ILE J 135 17.27 41.14 13.50
CA ILE J 135 16.84 42.51 13.75
C ILE J 135 16.95 43.33 12.46
N ILE J 136 18.06 43.18 11.76
CA ILE J 136 18.32 43.99 10.58
C ILE J 136 17.27 43.73 9.52
N TYR J 137 16.78 42.48 9.44
CA TYR J 137 15.72 42.19 8.49
C TYR J 137 14.47 43.00 8.79
N GLY J 138 14.08 43.10 10.06
CA GLY J 138 12.95 43.93 10.41
C GLY J 138 13.21 45.40 10.13
N LEU J 139 14.45 45.84 10.36
CA LEU J 139 14.78 47.23 10.04
C LEU J 139 14.63 47.50 8.55
N LEU J 140 15.09 46.58 7.71
CA LEU J 140 14.92 46.76 6.26
C LEU J 140 13.45 46.75 5.89
N GLU J 141 12.67 45.85 6.50
CA GLU J 141 11.24 45.83 6.25
C GLU J 141 10.61 47.18 6.56
N GLU J 142 10.91 47.73 7.73
CA GLU J 142 10.34 49.03 8.07
C GLU J 142 10.85 50.11 7.13
N SER J 143 12.11 50.05 6.74
CA SER J 143 12.62 50.99 5.74
C SER J 143 11.75 50.97 4.49
N GLN J 144 11.43 49.78 4.00
CA GLN J 144 10.57 49.70 2.82
C GLN J 144 9.17 50.23 3.13
N ASN J 145 8.70 50.03 4.36
CA ASN J 145 7.32 50.41 4.69
C ASN J 145 7.04 51.85 4.32
N GLN J 146 7.86 52.79 4.80
CA GLN J 146 7.57 54.20 4.65
C GLN J 146 7.55 54.64 3.19
N GLN J 147 8.10 53.82 2.30
CA GLN J 147 8.16 54.20 0.89
C GLN J 147 6.76 54.41 0.33
N GLU J 148 5.83 53.50 0.62
CA GLU J 148 4.49 53.63 0.06
C GLU J 148 3.73 54.79 0.68
N LYS J 149 3.92 55.04 1.97
CA LYS J 149 3.38 56.26 2.57
C LYS J 149 3.85 57.49 1.81
N ASN J 150 5.17 57.60 1.64
CA ASN J 150 5.72 58.79 0.99
C ASN J 150 5.27 58.89 -0.46
N GLU J 151 5.08 57.76 -1.13
CA GLU J 151 4.69 57.79 -2.52
C GLU J 151 3.22 58.15 -2.69
N GLN J 152 2.34 57.52 -1.91
CA GLN J 152 0.92 57.81 -2.04
C GLN J 152 0.61 59.24 -1.64
N ASP J 153 1.22 59.71 -0.55
CA ASP J 153 0.92 61.06 -0.08
C ASP J 153 1.26 62.11 -1.13
N LEU J 154 2.11 61.78 -2.09
CA LEU J 154 2.46 62.67 -3.19
C LEU J 154 1.65 62.38 -4.45
N LEU J 155 1.40 61.11 -4.73
CA LEU J 155 0.72 60.73 -5.97
C LEU J 155 -0.78 61.01 -5.90
N ALA J 156 -1.35 61.10 -4.70
CA ALA J 156 -2.78 61.38 -4.59
C ALA J 156 -3.13 62.75 -5.14
N LEU J 157 -2.15 63.62 -5.35
CA LEU J 157 -2.37 64.94 -5.95
C LEU J 157 -2.52 64.87 -7.47
N ASP J 158 -2.26 63.71 -8.08
CA ASP J 158 -2.52 63.50 -9.49
C ASP J 158 -3.35 62.24 -9.69
N GLN K 1 13.21 1.22 33.42
CA GLN K 1 12.53 0.37 32.41
C GLN K 1 13.52 -0.61 31.78
N VAL K 2 14.44 -0.07 30.96
CA VAL K 2 15.47 -0.92 30.38
C VAL K 2 16.18 -1.68 31.49
N ARG K 3 16.43 -2.95 31.26
CA ARG K 3 16.87 -3.82 32.33
C ARG K 3 17.69 -4.97 31.77
N LEU K 4 18.45 -5.60 32.65
CA LEU K 4 19.14 -6.84 32.37
C LEU K 4 18.80 -7.84 33.48
N VAL K 5 18.88 -9.12 33.15
CA VAL K 5 18.56 -10.20 34.08
C VAL K 5 19.63 -11.26 33.97
N GLN K 6 19.88 -11.97 35.07
CA GLN K 6 20.90 -13.01 35.10
C GLN K 6 20.47 -14.11 36.05
N SER K 7 20.98 -15.31 35.81
CA SER K 7 20.77 -16.46 36.69
C SER K 7 21.53 -17.63 36.10
N GLY K 8 21.73 -18.65 36.93
CA GLY K 8 22.09 -19.97 36.46
C GLY K 8 23.48 -20.41 36.91
N ALA K 9 23.59 -21.72 37.11
CA ALA K 9 24.86 -22.43 37.21
C ALA K 9 25.58 -22.25 38.54
N GLU K 10 25.08 -21.35 39.40
CA GLU K 10 25.58 -21.15 40.76
C GLU K 10 26.82 -21.98 41.09
N VAL K 11 26.65 -23.14 41.71
CA VAL K 11 27.75 -23.92 42.24
C VAL K 11 28.16 -24.99 41.24
N LYS K 12 29.46 -25.22 41.10
CA LYS K 12 29.98 -26.26 40.23
C LYS K 12 31.31 -26.76 40.76
N LYS K 13 31.68 -27.97 40.34
CA LYS K 13 32.90 -28.60 40.82
C LYS K 13 34.13 -28.03 40.12
N PRO K 14 35.30 -28.12 40.73
CA PRO K 14 36.52 -27.73 40.03
C PRO K 14 36.72 -28.58 38.79
N GLY K 15 37.14 -27.95 37.70
CA GLY K 15 37.37 -28.63 36.45
C GLY K 15 36.14 -28.78 35.56
N ALA K 16 34.97 -28.40 36.04
CA ALA K 16 33.76 -28.42 35.21
C ALA K 16 33.61 -27.10 34.47
N SER K 17 32.43 -26.85 33.91
CA SER K 17 32.17 -25.61 33.19
C SER K 17 30.91 -24.96 33.75
N VAL K 18 30.82 -23.64 33.55
CA VAL K 18 29.72 -22.83 34.07
C VAL K 18 29.15 -22.02 32.92
N THR K 19 27.82 -21.91 32.89
CA THR K 19 27.12 -21.14 31.87
C THR K 19 26.27 -20.09 32.56
N VAL K 20 26.38 -18.85 32.10
CA VAL K 20 25.64 -17.73 32.69
C VAL K 20 25.00 -16.93 31.56
N SER K 21 23.76 -16.49 31.79
CA SER K 21 22.95 -15.92 30.72
C SER K 21 22.39 -14.56 31.11
N CYS K 22 22.39 -13.65 30.13
CA CYS K 22 21.73 -12.36 30.24
C CYS K 22 20.46 -12.40 29.40
N LYS K 23 19.36 -11.92 29.96
CA LYS K 23 18.08 -11.83 29.25
C LYS K 23 17.76 -10.35 29.12
N ALA K 24 18.21 -9.73 28.03
CA ALA K 24 18.04 -8.29 27.87
C ALA K 24 16.57 -7.92 27.90
N SER K 25 16.29 -6.75 28.48
CA SER K 25 14.93 -6.23 28.59
C SER K 25 14.64 -5.32 27.40
N GLY K 26 13.57 -4.53 27.51
CA GLY K 26 13.08 -3.75 26.39
C GLY K 26 14.02 -2.69 25.83
N TYR K 27 14.58 -2.96 24.66
CA TYR K 27 15.26 -1.97 23.84
C TYR K 27 15.72 -2.66 22.56
N THR K 28 15.99 -1.85 21.54
CA THR K 28 16.45 -2.43 20.27
C THR K 28 17.78 -3.15 20.52
N PHE K 29 17.74 -4.49 20.48
CA PHE K 29 18.84 -5.26 21.05
C PHE K 29 20.12 -5.14 20.24
N THR K 30 20.01 -5.21 18.92
CA THR K 30 21.20 -5.38 18.09
C THR K 30 22.16 -4.19 18.17
N ASN K 31 21.72 -3.06 18.71
CA ASN K 31 22.47 -1.82 18.55
C ASN K 31 23.51 -1.58 19.65
N TYR K 32 23.56 -2.43 20.68
CA TYR K 32 24.39 -2.17 21.85
C TYR K 32 25.22 -3.39 22.19
N TYR K 33 26.49 -3.16 22.45
CA TYR K 33 27.40 -4.23 22.86
C TYR K 33 27.08 -4.70 24.27
N ILE K 34 27.37 -5.97 24.53
CA ILE K 34 27.31 -6.52 25.88
C ILE K 34 28.74 -6.80 26.31
N HIS K 35 29.05 -6.48 27.55
CA HIS K 35 30.33 -6.81 28.15
C HIS K 35 30.06 -7.67 29.38
N TRP K 36 30.99 -8.53 29.71
CA TRP K 36 30.93 -9.28 30.96
C TRP K 36 32.09 -8.86 31.83
N VAL K 37 31.79 -8.40 33.04
CA VAL K 37 32.83 -7.97 33.97
C VAL K 37 32.65 -8.73 35.27
N ARG K 38 33.75 -9.26 35.78
CA ARG K 38 33.69 -10.12 36.95
C ARG K 38 34.34 -9.41 38.11
N GLN K 39 33.98 -9.85 39.32
CA GLN K 39 34.42 -9.21 40.55
C GLN K 39 34.59 -10.31 41.59
N ALA K 40 35.83 -10.66 41.89
CA ALA K 40 36.09 -11.59 42.97
C ALA K 40 35.70 -10.95 44.30
N PRO K 41 35.33 -11.75 45.30
CA PRO K 41 34.82 -11.17 46.55
C PRO K 41 35.85 -10.25 47.20
N GLY K 42 35.52 -8.96 47.24
CA GLY K 42 36.37 -7.98 47.86
C GLY K 42 37.53 -7.50 47.02
N GLN K 43 37.70 -8.02 45.81
CA GLN K 43 38.78 -7.61 44.93
C GLN K 43 38.29 -6.53 43.96
N GLY K 44 39.23 -5.99 43.20
CA GLY K 44 38.87 -4.97 42.23
C GLY K 44 38.14 -5.54 41.03
N LEU K 45 37.42 -4.67 40.34
CA LEU K 45 36.69 -5.08 39.16
C LEU K 45 37.64 -5.52 38.05
N GLU K 46 37.15 -6.41 37.20
CA GLU K 46 37.94 -6.95 36.10
C GLU K 46 37.05 -7.15 34.89
N TRP K 47 37.66 -7.19 33.71
CA TRP K 47 36.95 -7.30 32.45
C TRP K 47 37.21 -8.66 31.79
N MET K 48 36.13 -9.33 31.38
CA MET K 48 36.23 -10.64 30.73
C MET K 48 36.26 -10.53 29.21
N GLY K 49 35.19 -10.03 28.62
CA GLY K 49 35.10 -9.97 27.16
C GLY K 49 33.87 -9.20 26.75
N TRP K 50 33.78 -8.95 25.44
CA TRP K 50 32.58 -8.31 24.90
C TRP K 50 32.04 -9.14 23.75
N ILE K 51 30.72 -9.14 23.64
CA ILE K 51 30.02 -9.78 22.55
C ILE K 51 29.08 -8.77 21.92
N ASP K 52 29.13 -8.66 20.61
CA ASP K 52 28.18 -7.85 19.87
C ASP K 52 27.01 -8.73 19.48
N PRO K 53 25.78 -8.38 19.86
CA PRO K 53 24.64 -9.26 19.58
C PRO K 53 24.09 -9.15 18.18
N SER K 54 24.53 -8.17 17.39
CA SER K 54 24.01 -8.07 16.03
C SER K 54 24.44 -9.30 15.23
N VAL K 55 25.75 -9.48 15.08
CA VAL K 55 26.27 -10.55 14.25
C VAL K 55 26.84 -11.71 15.05
N GLY K 56 27.32 -11.45 16.26
CA GLY K 56 27.90 -12.48 17.10
C GLY K 56 29.40 -12.39 17.30
N SER K 57 30.05 -11.37 16.77
CA SER K 57 31.49 -11.23 16.94
C SER K 57 31.84 -11.03 18.41
N THR K 58 33.05 -11.43 18.79
CA THR K 58 33.43 -11.46 20.19
C THR K 58 34.89 -11.05 20.35
N ASN K 59 35.24 -10.67 21.58
CA ASN K 59 36.63 -10.44 21.96
C ASN K 59 36.80 -10.76 23.43
N TYR K 60 38.03 -11.15 23.80
CA TYR K 60 38.37 -11.46 25.17
C TYR K 60 39.73 -10.87 25.49
N ALA K 61 40.02 -10.74 26.79
CA ALA K 61 41.28 -10.18 27.23
C ALA K 61 42.41 -11.18 26.99
N GLN K 62 43.61 -10.78 27.42
CA GLN K 62 44.77 -11.66 27.27
C GLN K 62 44.64 -12.91 28.12
N LYS K 63 44.12 -12.77 29.34
CA LYS K 63 44.11 -13.89 30.28
C LYS K 63 43.28 -15.08 29.79
N TYR K 64 42.27 -14.85 28.97
CA TYR K 64 41.22 -15.84 28.78
C TYR K 64 41.01 -16.26 27.34
N GLN K 65 42.02 -16.16 26.47
CA GLN K 65 41.78 -16.44 25.06
C GLN K 65 41.21 -17.83 24.86
N GLY K 66 41.60 -18.79 25.68
CA GLY K 66 41.24 -20.16 25.44
C GLY K 66 40.16 -20.73 26.33
N ARG K 67 39.70 -19.99 27.33
CA ARG K 67 38.74 -20.52 28.30
C ARG K 67 37.33 -20.01 28.10
N VAL K 68 37.17 -18.76 27.69
CA VAL K 68 35.90 -18.05 27.75
C VAL K 68 35.29 -18.00 26.36
N THR K 69 34.05 -18.47 26.24
CA THR K 69 33.32 -18.38 25.00
C THR K 69 31.98 -17.69 25.24
N MET K 70 31.46 -17.03 24.21
CA MET K 70 30.23 -16.27 24.32
C MET K 70 29.43 -16.38 23.04
N THR K 71 28.11 -16.41 23.17
CA THR K 71 27.22 -16.46 22.03
C THR K 71 25.97 -15.67 22.33
N ARG K 72 25.18 -15.40 21.30
CA ARG K 72 23.94 -14.65 21.45
C ARG K 72 22.81 -15.40 20.81
N ASP K 73 21.60 -14.87 20.97
CA ASP K 73 20.41 -15.41 20.33
C ASP K 73 19.39 -14.28 20.28
N THR K 74 19.20 -13.71 19.08
CA THR K 74 18.36 -12.53 18.94
C THR K 74 16.88 -12.86 18.84
N SER K 75 16.51 -14.13 18.74
CA SER K 75 15.10 -14.48 18.75
C SER K 75 14.52 -14.43 20.15
N THR K 76 15.37 -14.45 21.19
CA THR K 76 14.93 -14.27 22.56
C THR K 76 15.72 -13.15 23.25
N SER K 77 16.52 -12.41 22.50
CA SER K 77 17.30 -11.31 23.03
C SER K 77 18.12 -11.75 24.23
N THR K 78 18.91 -12.80 24.03
CA THR K 78 19.62 -13.46 25.11
C THR K 78 21.10 -13.58 24.76
N VAL K 79 21.94 -13.67 25.79
CA VAL K 79 23.37 -13.87 25.62
C VAL K 79 23.84 -14.92 26.60
N TYR K 80 24.67 -15.86 26.14
CA TYR K 80 25.15 -16.96 26.96
C TYR K 80 26.66 -16.95 26.99
N MET K 81 27.25 -17.15 28.17
CA MET K 81 28.68 -17.21 28.33
C MET K 81 29.07 -18.50 29.01
N GLU K 82 30.05 -19.20 28.42
CA GLU K 82 30.59 -20.43 28.96
C GLU K 82 32.01 -20.18 29.44
N LEU K 83 32.23 -20.42 30.72
CA LEU K 83 33.55 -20.41 31.31
C LEU K 83 33.95 -21.85 31.58
N SER K 84 35.10 -22.26 31.05
CA SER K 84 35.51 -23.65 31.09
C SER K 84 36.86 -23.77 31.81
N SER K 85 37.15 -24.98 32.26
CA SER K 85 38.37 -25.24 33.03
C SER K 85 38.40 -24.37 34.28
N LEU K 86 37.40 -24.55 35.13
CA LEU K 86 37.30 -23.76 36.35
C LEU K 86 38.43 -24.09 37.31
N ARG K 87 38.97 -23.05 37.93
CA ARG K 87 39.81 -23.18 39.10
C ARG K 87 39.04 -22.67 40.31
N SER K 88 39.55 -23.01 41.50
CA SER K 88 38.92 -22.52 42.71
C SER K 88 38.94 -20.99 42.76
N GLU K 89 39.92 -20.39 42.08
CA GLU K 89 40.11 -18.94 42.19
C GLU K 89 39.05 -18.15 41.43
N ASP K 90 38.39 -18.74 40.45
CA ASP K 90 37.41 -18.01 39.65
C ASP K 90 36.15 -17.67 40.43
N THR K 91 36.04 -18.10 41.68
CA THR K 91 34.90 -17.74 42.50
C THR K 91 34.68 -16.24 42.45
N ALA K 92 33.48 -15.81 42.13
CA ALA K 92 33.26 -14.37 42.02
C ALA K 92 31.80 -14.09 41.74
N VAL K 93 31.50 -12.80 41.59
CA VAL K 93 30.26 -12.34 40.97
C VAL K 93 30.54 -12.03 39.52
N TYR K 94 29.59 -12.33 38.65
CA TYR K 94 29.68 -12.04 37.23
C TYR K 94 28.56 -11.08 36.88
N TYR K 95 28.93 -9.95 36.27
CA TYR K 95 28.00 -8.89 35.93
C TYR K 95 27.87 -8.78 34.42
N CYS K 96 26.64 -8.87 33.95
CA CYS K 96 26.33 -8.46 32.60
C CYS K 96 26.28 -6.94 32.57
N VAL K 97 26.78 -6.31 31.51
CA VAL K 97 26.67 -4.86 31.39
C VAL K 97 26.48 -4.47 29.94
N ARG K 98 25.69 -3.42 29.73
CA ARG K 98 25.43 -2.89 28.41
C ARG K 98 26.39 -1.74 28.15
N ASP K 99 26.71 -1.51 26.88
CA ASP K 99 27.66 -0.46 26.54
C ASP K 99 27.07 0.46 25.48
N VAL K 100 27.34 1.75 25.62
CA VAL K 100 26.80 2.76 24.72
C VAL K 100 27.80 3.04 23.61
N GLY K 101 27.72 2.26 22.54
CA GLY K 101 28.66 2.44 21.44
C GLY K 101 28.10 3.38 20.40
N THR K 102 28.92 4.35 19.98
CA THR K 102 28.53 5.26 18.92
C THR K 102 28.70 4.58 17.57
N GLU K 103 28.65 5.38 16.51
CA GLU K 103 28.76 4.82 15.17
C GLU K 103 30.18 4.36 14.87
N GLY K 104 31.15 4.79 15.67
CA GLY K 104 32.53 4.54 15.36
C GLY K 104 33.36 3.92 16.47
N SER K 105 32.84 3.93 17.70
CA SER K 105 33.66 3.49 18.81
C SER K 105 32.80 3.05 19.99
N LEU K 106 33.35 2.16 20.80
CA LEU K 106 32.78 1.83 22.10
C LEU K 106 33.24 2.86 23.12
N LEU K 107 32.34 3.22 24.04
CA LEU K 107 32.73 4.23 25.01
C LEU K 107 32.72 3.74 26.45
N HIS K 108 31.59 3.31 26.99
CA HIS K 108 31.49 3.10 28.43
C HIS K 108 30.27 2.27 28.79
N PHE K 109 30.19 1.92 30.07
CA PHE K 109 29.12 1.07 30.56
C PHE K 109 28.08 1.92 31.26
N ASP K 110 26.80 1.64 31.00
CA ASP K 110 25.75 2.41 31.66
C ASP K 110 24.87 1.55 32.56
N TYR K 111 24.25 0.51 32.02
CA TYR K 111 23.33 -0.30 32.80
C TYR K 111 23.94 -1.65 33.12
N TRP K 112 23.82 -2.06 34.38
CA TRP K 112 24.39 -3.31 34.85
C TRP K 112 23.29 -4.24 35.34
N GLY K 113 23.51 -5.53 35.14
CA GLY K 113 22.58 -6.53 35.64
C GLY K 113 22.80 -6.82 37.10
N GLN K 114 21.84 -7.54 37.68
CA GLN K 114 21.92 -7.84 39.10
C GLN K 114 23.08 -8.75 39.43
N GLY K 115 23.70 -9.35 38.43
CA GLY K 115 24.88 -10.16 38.66
C GLY K 115 24.57 -11.47 39.36
N THR K 116 25.39 -12.46 39.07
CA THR K 116 25.15 -13.80 39.59
C THR K 116 26.42 -14.35 40.19
N LEU K 117 26.27 -15.17 41.22
CA LEU K 117 27.42 -15.82 41.83
C LEU K 117 27.91 -16.96 40.96
N VAL K 118 29.20 -17.26 41.06
CA VAL K 118 29.75 -18.55 40.69
C VAL K 118 30.77 -18.89 41.75
N THR K 119 30.62 -20.06 42.35
CA THR K 119 31.52 -20.50 43.40
C THR K 119 32.03 -21.89 43.07
N VAL K 120 33.19 -22.22 43.61
CA VAL K 120 33.83 -23.51 43.38
C VAL K 120 34.31 -24.03 44.72
N SER K 121 34.11 -25.33 44.95
CA SER K 121 34.58 -25.94 46.18
C SER K 121 34.50 -27.46 46.05
N SER K 122 35.34 -28.12 46.83
CA SER K 122 35.37 -29.58 46.84
C SER K 122 34.30 -30.18 47.73
N ALA K 123 33.37 -29.38 48.25
CA ALA K 123 32.40 -29.86 49.22
C ALA K 123 31.04 -30.10 48.57
N SER K 124 30.15 -30.74 49.33
CA SER K 124 28.75 -30.87 48.98
C SER K 124 27.92 -30.46 50.19
N THR K 125 26.69 -30.03 49.94
CA THR K 125 25.87 -29.38 50.96
C THR K 125 25.93 -30.15 52.27
N LYS K 126 26.43 -29.49 53.32
CA LYS K 126 26.63 -30.11 54.62
C LYS K 126 26.06 -29.22 55.71
N GLY K 127 25.31 -29.83 56.62
CA GLY K 127 24.62 -29.09 57.64
C GLY K 127 25.58 -28.42 58.62
N PRO K 128 25.14 -27.36 59.27
CA PRO K 128 26.04 -26.61 60.15
C PRO K 128 26.36 -27.36 61.43
N SER K 129 27.28 -26.79 62.20
CA SER K 129 27.62 -27.24 63.53
C SER K 129 27.63 -26.05 64.49
N VAL K 130 27.51 -26.33 65.79
CA VAL K 130 27.53 -25.30 66.82
C VAL K 130 28.24 -25.84 68.05
N PHE K 131 28.82 -24.93 68.82
CA PHE K 131 29.54 -25.30 70.03
C PHE K 131 29.14 -24.39 71.19
N PRO K 132 29.24 -24.89 72.42
CA PRO K 132 28.89 -24.07 73.58
C PRO K 132 30.06 -23.15 73.92
N LEU K 133 29.76 -22.09 74.66
CA LEU K 133 30.78 -21.10 74.96
C LEU K 133 30.27 -20.17 76.06
N ALA K 134 30.95 -20.18 77.21
CA ALA K 134 30.41 -19.59 78.43
C ALA K 134 30.64 -18.08 78.49
N PRO K 135 29.81 -17.36 79.26
CA PRO K 135 29.90 -15.90 79.27
C PRO K 135 31.27 -15.40 79.73
N SER K 136 31.63 -14.22 79.25
CA SER K 136 32.92 -13.63 79.58
C SER K 136 33.05 -13.32 81.06
N SER K 137 34.29 -13.14 81.50
CA SER K 137 34.59 -12.77 82.87
C SER K 137 36.02 -12.29 83.00
N GLY K 138 28.91 -4.10 84.48
CA GLY K 138 27.61 -4.72 84.62
C GLY K 138 27.01 -5.15 83.30
N THR K 139 27.87 -5.26 82.29
CA THR K 139 27.46 -5.67 80.95
C THR K 139 28.41 -6.74 80.43
N ALA K 140 27.85 -7.76 79.78
CA ALA K 140 28.62 -8.79 79.10
C ALA K 140 27.79 -9.27 77.91
N ALA K 141 28.15 -10.41 77.35
CA ALA K 141 27.42 -10.95 76.21
C ALA K 141 27.50 -12.47 76.23
N LEU K 142 27.02 -13.08 75.14
CA LEU K 142 27.48 -14.41 74.77
C LEU K 142 27.14 -14.70 73.32
N GLY K 143 27.89 -15.64 72.75
CA GLY K 143 27.92 -15.84 71.32
C GLY K 143 27.87 -17.28 70.84
N CYS K 144 27.01 -17.51 69.85
CA CYS K 144 26.83 -18.82 69.23
C CYS K 144 27.71 -18.88 67.99
N LEU K 145 28.48 -19.95 67.88
CA LEU K 145 29.41 -20.14 66.77
C LEU K 145 28.81 -21.11 65.76
N VAL K 146 28.65 -20.67 64.52
CA VAL K 146 28.17 -21.52 63.43
C VAL K 146 29.39 -21.98 62.65
N LYS K 147 29.60 -23.28 62.58
CA LYS K 147 30.86 -23.84 62.12
C LYS K 147 30.64 -24.82 60.99
N ASP K 148 31.49 -24.68 59.97
CA ASP K 148 31.63 -25.65 58.88
C ASP K 148 30.29 -26.03 58.27
N TYR K 149 29.63 -25.07 57.64
CA TYR K 149 28.44 -25.33 56.85
C TYR K 149 28.68 -24.84 55.43
N PHE K 150 28.14 -25.56 54.47
CA PHE K 150 28.23 -25.17 53.08
C PHE K 150 26.99 -25.67 52.34
N PRO K 151 26.45 -24.88 51.41
CA PRO K 151 26.80 -23.50 51.03
C PRO K 151 25.90 -22.46 51.70
N GLU K 152 26.19 -21.18 51.50
CA GLU K 152 25.24 -20.14 51.86
C GLU K 152 24.07 -20.13 50.87
N PRO K 153 22.95 -19.45 51.21
CA PRO K 153 22.66 -18.64 52.42
C PRO K 153 22.35 -19.42 53.69
N VAL K 154 22.54 -18.77 54.84
CA VAL K 154 22.12 -19.29 56.13
C VAL K 154 21.48 -18.15 56.90
N THR K 155 20.55 -18.50 57.78
CA THR K 155 19.89 -17.52 58.64
C THR K 155 20.03 -17.96 60.09
N VAL K 156 20.09 -17.00 60.99
CA VAL K 156 20.31 -17.26 62.41
C VAL K 156 19.46 -16.32 63.24
N SER K 157 18.93 -16.83 64.35
CA SER K 157 18.18 -16.04 65.32
C SER K 157 18.56 -16.54 66.71
N TRP K 158 17.81 -16.09 67.72
CA TRP K 158 18.08 -16.47 69.09
C TRP K 158 16.77 -16.76 69.82
N ASN K 159 16.84 -17.65 70.81
CA ASN K 159 15.69 -18.02 71.63
C ASN K 159 14.52 -18.49 70.75
N SER K 160 14.84 -19.08 69.61
CA SER K 160 13.84 -19.62 68.70
C SER K 160 12.81 -18.55 68.32
N GLY K 161 13.26 -17.31 68.17
CA GLY K 161 12.35 -16.22 67.88
C GLY K 161 13.07 -14.97 67.43
N ALA K 162 12.60 -13.81 67.90
CA ALA K 162 13.13 -12.51 67.52
C ALA K 162 13.67 -11.78 68.73
N LEU K 163 14.49 -12.47 69.52
CA LEU K 163 15.21 -11.81 70.60
C LEU K 163 16.39 -11.02 70.03
N THR K 164 16.32 -9.70 70.14
CA THR K 164 17.34 -8.82 69.59
C THR K 164 18.04 -7.99 70.67
N SER K 165 18.43 -8.61 71.79
CA SER K 165 19.04 -7.86 72.88
C SER K 165 20.46 -7.47 72.53
N GLY K 166 20.62 -6.32 71.89
CA GLY K 166 21.93 -5.92 71.41
C GLY K 166 22.57 -6.96 70.52
N VAL K 167 21.75 -7.71 69.79
CA VAL K 167 22.22 -8.88 69.06
C VAL K 167 22.81 -8.42 67.73
N HIS K 168 23.85 -9.13 67.29
CA HIS K 168 24.49 -8.87 66.03
C HIS K 168 24.88 -10.19 65.39
N THR K 169 25.02 -10.18 64.07
CA THR K 169 25.44 -11.35 63.31
C THR K 169 26.52 -10.94 62.32
N PHE K 170 27.57 -11.70 62.28
CA PHE K 170 28.72 -11.35 61.46
C PHE K 170 28.66 -12.11 60.13
N PRO K 171 29.11 -11.51 59.03
CA PRO K 171 29.14 -12.23 57.76
C PRO K 171 30.12 -13.39 57.82
N ALA K 172 29.85 -14.41 57.01
CA ALA K 172 30.59 -15.65 57.12
C ALA K 172 32.03 -15.48 56.66
N VAL K 173 32.84 -16.48 57.00
CA VAL K 173 34.25 -16.54 56.65
C VAL K 173 34.55 -17.94 56.16
N LEU K 174 35.35 -18.01 55.10
CA LEU K 174 35.85 -19.25 54.54
C LEU K 174 37.01 -19.76 55.39
N GLN K 175 36.78 -20.87 56.10
CA GLN K 175 37.91 -21.52 56.76
C GLN K 175 38.52 -22.57 55.84
N SER K 176 39.79 -22.89 56.08
CA SER K 176 40.55 -23.70 55.13
C SER K 176 39.85 -25.02 54.81
N SER K 177 38.79 -25.38 55.54
CA SER K 177 38.03 -26.57 55.23
C SER K 177 37.14 -26.41 54.01
N GLY K 178 37.19 -25.27 53.32
CA GLY K 178 36.28 -25.04 52.21
C GLY K 178 34.86 -24.87 52.65
N LEU K 179 34.65 -24.46 53.90
CA LEU K 179 33.32 -24.32 54.47
C LEU K 179 33.23 -22.97 55.17
N TYR K 180 32.01 -22.65 55.57
CA TYR K 180 31.77 -21.34 56.13
C TYR K 180 31.77 -21.41 57.64
N SER K 181 31.96 -20.25 58.26
CA SER K 181 31.72 -20.15 59.69
C SER K 181 31.44 -18.69 60.03
N LEU K 182 30.66 -18.49 61.07
CA LEU K 182 30.30 -17.14 61.50
C LEU K 182 29.95 -17.18 62.97
N SER K 183 29.59 -16.02 63.48
CA SER K 183 29.24 -15.84 64.88
C SER K 183 27.96 -15.03 65.00
N SER K 184 27.23 -15.27 66.07
CA SER K 184 26.19 -14.36 66.52
C SER K 184 26.43 -14.06 67.98
N VAL K 185 26.09 -12.84 68.41
CA VAL K 185 26.33 -12.40 69.78
C VAL K 185 25.08 -11.72 70.32
N VAL K 186 24.94 -11.77 71.64
CA VAL K 186 23.85 -11.10 72.35
C VAL K 186 24.45 -10.34 73.54
N THR K 187 24.11 -9.06 73.65
CA THR K 187 24.64 -8.16 74.67
C THR K 187 23.60 -7.99 75.77
N VAL K 188 24.01 -8.23 77.02
CA VAL K 188 23.09 -8.40 78.13
C VAL K 188 23.82 -8.07 79.44
N PRO K 189 23.14 -8.13 80.59
CA PRO K 189 23.88 -8.01 81.86
C PRO K 189 25.02 -9.01 81.94
N SER K 190 25.90 -8.79 82.93
CA SER K 190 27.11 -9.61 83.03
C SER K 190 26.80 -11.05 83.38
N SER K 191 26.02 -11.28 84.43
CA SER K 191 25.72 -12.63 84.91
C SER K 191 24.68 -13.28 83.97
N SER K 192 25.19 -13.85 82.88
CA SER K 192 24.33 -14.35 81.81
C SER K 192 24.17 -15.86 81.84
N LEU K 193 24.67 -16.52 82.88
CA LEU K 193 24.59 -17.97 82.99
C LEU K 193 23.48 -18.33 83.96
N GLY K 194 22.44 -18.98 83.45
CA GLY K 194 21.36 -19.48 84.28
C GLY K 194 20.30 -18.44 84.63
N THR K 195 20.68 -17.16 84.67
CA THR K 195 19.71 -16.13 85.03
C THR K 195 18.56 -16.09 84.06
N GLN K 196 18.83 -16.21 82.76
CA GLN K 196 17.80 -16.39 81.75
C GLN K 196 18.35 -17.27 80.65
N THR K 197 17.47 -18.14 80.13
CA THR K 197 17.88 -19.09 79.11
C THR K 197 18.17 -18.36 77.80
N TYR K 198 19.29 -18.70 77.18
CA TYR K 198 19.66 -18.19 75.87
C TYR K 198 19.78 -19.37 74.92
N ILE K 199 19.23 -19.22 73.72
CA ILE K 199 19.27 -20.24 72.69
C ILE K 199 19.58 -19.57 71.36
N CYS K 200 20.43 -20.21 70.57
CA CYS K 200 20.74 -19.74 69.22
C CYS K 200 20.17 -20.73 68.21
N ASN K 201 19.65 -20.18 67.11
CA ASN K 201 18.88 -20.93 66.13
C ASN K 201 19.49 -20.73 64.75
N VAL K 202 19.63 -21.82 64.01
CA VAL K 202 20.22 -21.82 62.67
C VAL K 202 19.24 -22.47 61.70
N ASN K 203 19.09 -21.87 60.53
CA ASN K 203 18.29 -22.43 59.45
C ASN K 203 19.08 -22.36 58.16
N HIS K 204 19.01 -23.42 57.36
CA HIS K 204 19.87 -23.60 56.18
C HIS K 204 19.00 -23.99 54.99
N LYS K 205 18.63 -22.99 54.18
CA LYS K 205 17.81 -23.21 53.00
C LYS K 205 18.44 -24.24 52.07
N PRO K 206 19.75 -24.20 51.82
CA PRO K 206 20.35 -25.18 50.90
C PRO K 206 20.09 -26.61 51.31
N SER K 207 19.99 -26.90 52.60
CA SER K 207 19.64 -28.23 53.08
C SER K 207 18.30 -28.28 53.79
N ASN K 208 17.62 -27.15 53.98
CA ASN K 208 16.39 -27.06 54.75
C ASN K 208 16.55 -27.54 56.18
N THR K 209 17.80 -27.69 56.64
CA THR K 209 18.06 -28.16 57.99
C THR K 209 17.94 -27.01 58.98
N LYS K 210 17.83 -27.37 60.26
CA LYS K 210 17.62 -26.39 61.32
C LYS K 210 18.26 -26.90 62.60
N VAL K 211 18.56 -25.97 63.50
CA VAL K 211 19.25 -26.29 64.76
C VAL K 211 18.86 -25.26 65.81
N ASP K 212 18.78 -25.71 67.06
CA ASP K 212 18.54 -24.85 68.21
C ASP K 212 19.44 -25.34 69.34
N LYS K 213 20.15 -24.41 70.01
CA LYS K 213 21.24 -24.84 70.86
C LYS K 213 21.50 -23.87 72.01
N ARG K 214 22.05 -24.40 73.09
CA ARG K 214 22.52 -23.62 74.24
C ARG K 214 24.00 -23.25 74.08
N VAL K 215 24.42 -22.18 74.77
CA VAL K 215 25.79 -21.71 74.65
C VAL K 215 26.44 -21.44 76.02
N GLU K 216 25.63 -21.22 77.05
CA GLU K 216 26.11 -20.71 78.35
C GLU K 216 26.83 -21.71 79.25
N PRO K 217 26.52 -23.02 79.22
CA PRO K 217 26.81 -23.89 80.37
C PRO K 217 28.22 -23.76 80.95
N LYS K 218 28.32 -24.12 82.24
CA LYS K 218 29.57 -24.53 82.89
C LYS K 218 30.68 -23.49 82.89
N SER K 219 30.51 -22.41 83.66
CA SER K 219 31.63 -21.52 83.96
C SER K 219 32.88 -22.33 84.30
N CYS K 220 34.04 -21.76 83.96
CA CYS K 220 35.31 -22.42 84.18
C CYS K 220 36.38 -21.42 84.63
N GLU L 1 46.84 -2.72 29.85
CA GLU L 1 48.16 -2.07 30.09
C GLU L 1 48.06 -0.93 31.12
N ILE L 2 47.08 -0.06 30.92
CA ILE L 2 46.94 1.14 31.75
C ILE L 2 46.46 0.73 33.14
N VAL L 3 47.29 0.95 34.15
CA VAL L 3 46.86 0.78 35.53
C VAL L 3 46.28 2.09 36.02
N MET L 4 45.20 2.01 36.78
CA MET L 4 44.49 3.18 37.26
C MET L 4 44.29 3.05 38.76
N THR L 5 44.72 4.06 39.51
CA THR L 5 44.75 4.03 40.97
C THR L 5 43.82 5.08 41.52
N GLN L 6 43.22 4.79 42.67
CA GLN L 6 42.22 5.64 43.28
C GLN L 6 42.63 5.90 44.72
N SER L 7 42.66 7.17 45.11
CA SER L 7 43.16 7.55 46.43
C SER L 7 42.24 8.61 47.01
N PRO L 8 42.20 8.75 48.34
CA PRO L 8 42.78 7.86 49.36
C PRO L 8 41.93 6.62 49.51
N ALA L 9 42.44 5.55 50.13
CA ALA L 9 41.63 4.35 50.27
C ALA L 9 40.34 4.63 51.03
N THR L 10 40.40 5.44 52.09
CA THR L 10 39.25 5.69 52.94
C THR L 10 39.06 7.17 53.18
N LEU L 11 37.81 7.58 53.33
CA LEU L 11 37.45 8.93 53.77
C LEU L 11 36.36 8.83 54.82
N SER L 12 36.57 9.52 55.95
CA SER L 12 35.57 9.62 57.00
C SER L 12 34.87 10.95 56.85
N VAL L 13 33.55 10.92 56.67
CA VAL L 13 32.77 12.12 56.38
C VAL L 13 31.55 12.14 57.28
N SER L 14 31.40 13.21 58.04
CA SER L 14 30.15 13.39 58.78
C SER L 14 29.06 13.84 57.82
N PRO L 15 27.80 13.48 58.09
CA PRO L 15 26.74 13.77 57.13
C PRO L 15 26.65 15.26 56.82
N GLY L 16 26.38 15.58 55.56
CA GLY L 16 26.28 16.94 55.09
C GLY L 16 27.60 17.59 54.75
N GLU L 17 28.70 16.83 54.72
CA GLU L 17 30.00 17.40 54.43
C GLU L 17 30.44 17.09 53.00
N ARG L 18 31.42 17.85 52.55
CA ARG L 18 31.97 17.71 51.20
C ARG L 18 33.13 16.73 51.20
N ALA L 19 33.21 15.94 50.12
CA ALA L 19 34.23 14.90 50.00
C ALA L 19 34.86 14.96 48.62
N THR L 20 36.11 14.52 48.56
CA THR L 20 36.95 14.64 47.37
C THR L 20 37.71 13.33 47.18
N LEU L 21 37.54 12.70 46.01
CA LEU L 21 38.20 11.43 45.70
C LEU L 21 39.05 11.63 44.46
N SER L 22 40.35 11.37 44.56
CA SER L 22 41.26 11.57 43.44
C SER L 22 41.53 10.24 42.74
N CYS L 23 41.75 10.31 41.43
CA CYS L 23 42.07 9.13 40.64
C CYS L 23 43.16 9.52 39.66
N ARG L 24 44.13 8.63 39.49
CA ARG L 24 45.28 8.85 38.63
C ARG L 24 45.46 7.65 37.73
N ALA L 25 46.17 7.84 36.63
CA ALA L 25 46.41 6.78 35.67
C ALA L 25 47.90 6.67 35.36
N SER L 26 48.36 5.43 35.16
CA SER L 26 49.74 5.23 34.78
C SER L 26 50.10 5.94 33.48
N GLN L 27 49.15 6.06 32.56
CA GLN L 27 49.36 6.78 31.31
C GLN L 27 48.20 7.71 31.10
N SER L 28 48.31 8.56 30.08
CA SER L 28 47.24 9.50 29.78
C SER L 28 45.98 8.76 29.36
N VAL L 29 44.83 9.33 29.69
CA VAL L 29 43.54 8.85 29.23
C VAL L 29 42.71 9.98 28.64
N SER L 30 43.35 11.12 28.35
CA SER L 30 42.68 12.29 27.80
C SER L 30 41.44 12.65 28.61
N SER L 31 40.26 12.27 28.13
CA SER L 31 39.02 12.53 28.85
C SER L 31 38.10 11.32 28.84
N ASN L 32 38.60 10.15 28.45
CA ASN L 32 37.79 8.96 28.34
C ASN L 32 37.60 8.29 29.70
N LEU L 33 37.12 9.05 30.68
CA LEU L 33 37.06 8.59 32.06
C LEU L 33 35.65 8.70 32.61
N ALA L 34 35.34 7.84 33.58
CA ALA L 34 34.01 7.80 34.17
C ALA L 34 34.12 7.38 35.62
N TRP L 35 33.04 7.65 36.36
CA TRP L 35 32.95 7.39 37.79
C TRP L 35 31.66 6.64 38.07
N TYR L 36 31.79 5.49 38.73
CA TYR L 36 30.66 4.65 39.12
C TYR L 36 30.57 4.55 40.63
N GLN L 37 29.36 4.29 41.11
CA GLN L 37 29.09 4.12 42.53
C GLN L 37 28.68 2.67 42.79
N GLN L 38 29.28 2.07 43.82
CA GLN L 38 29.01 0.70 44.20
C GLN L 38 28.36 0.71 45.58
N LYS L 39 27.13 0.21 45.66
CA LYS L 39 26.44 -0.04 46.93
C LYS L 39 26.50 -1.52 47.23
N PRO L 40 27.15 -1.96 48.30
CA PRO L 40 27.27 -3.41 48.52
C PRO L 40 25.90 -4.06 48.55
N GLY L 41 25.81 -5.24 47.91
CA GLY L 41 24.56 -5.94 47.74
C GLY L 41 23.78 -5.58 46.49
N GLN L 42 24.20 -4.57 45.74
CA GLN L 42 23.51 -4.20 44.52
C GLN L 42 24.51 -4.08 43.36
N ALA L 43 24.07 -3.53 42.24
CA ALA L 43 24.90 -3.40 41.06
C ALA L 43 25.51 -2.00 41.01
N PRO L 44 26.79 -1.88 40.63
CA PRO L 44 27.36 -0.55 40.43
C PRO L 44 26.44 0.34 39.62
N ARG L 45 26.59 1.65 39.79
CA ARG L 45 25.71 2.62 39.17
C ARG L 45 26.54 3.71 38.51
N LEU L 46 26.03 4.26 37.43
CA LEU L 46 26.75 5.30 36.71
C LEU L 46 26.58 6.64 37.41
N LEU L 47 27.70 7.31 37.69
CA LEU L 47 27.68 8.66 38.20
C LEU L 47 28.04 9.66 37.12
N ILE L 48 29.18 9.49 36.48
CA ILE L 48 29.65 10.46 35.48
C ILE L 48 30.34 9.69 34.36
N TYR L 49 29.95 9.94 33.12
CA TYR L 49 30.51 9.20 32.01
C TYR L 49 31.56 9.96 31.23
N GLY L 50 31.36 11.25 30.99
CA GLY L 50 32.45 12.09 30.53
C GLY L 50 33.38 12.41 31.67
N ALA L 51 34.35 13.27 31.40
CA ALA L 51 35.18 13.73 32.50
C ALA L 51 34.36 14.47 33.54
N SER L 52 33.34 15.20 33.11
CA SER L 52 32.47 15.94 34.04
C SER L 52 30.98 15.82 33.75
N THR L 53 30.56 15.32 32.59
CA THR L 53 29.15 15.30 32.25
C THR L 53 28.41 14.36 33.18
N ARG L 54 27.43 14.88 33.91
CA ARG L 54 26.65 14.06 34.82
C ARG L 54 25.57 13.31 34.05
N ALA L 55 25.38 12.05 34.40
CA ALA L 55 24.34 11.26 33.75
C ALA L 55 22.97 11.65 34.29
N THR L 56 21.94 11.10 33.67
CA THR L 56 20.58 11.47 34.02
C THR L 56 20.23 10.96 35.41
N GLY L 57 19.62 11.83 36.22
CA GLY L 57 19.04 11.42 37.48
C GLY L 57 19.94 11.54 38.69
N ILE L 58 21.23 11.75 38.50
CA ILE L 58 22.13 11.83 39.66
C ILE L 58 21.96 13.20 40.32
N PRO L 59 22.01 13.29 41.64
CA PRO L 59 21.91 14.60 42.29
C PRO L 59 23.02 15.53 41.82
N ALA L 60 22.69 16.83 41.71
CA ALA L 60 23.65 17.81 41.22
C ALA L 60 24.80 18.03 42.20
N ARG L 61 24.70 17.55 43.43
CA ARG L 61 25.80 17.72 44.38
C ARG L 61 27.02 16.91 43.97
N PHE L 62 26.89 16.02 42.99
CA PHE L 62 28.02 15.27 42.45
C PHE L 62 28.64 16.07 41.31
N SER L 63 29.96 15.96 41.15
CA SER L 63 30.60 16.52 39.98
C SER L 63 32.05 16.07 39.93
N GLY L 64 32.54 15.77 38.73
CA GLY L 64 33.91 15.36 38.55
C GLY L 64 34.61 16.27 37.56
N SER L 65 35.93 16.39 37.75
CA SER L 65 36.71 17.27 36.90
C SER L 65 38.12 16.71 36.77
N GLY L 66 38.69 16.89 35.58
CA GLY L 66 40.05 16.46 35.34
C GLY L 66 40.34 16.13 33.88
N SER L 67 41.60 15.80 33.60
CA SER L 67 42.03 15.50 32.24
C SER L 67 43.50 15.13 32.27
N GLY L 68 43.96 14.54 31.17
CA GLY L 68 45.34 14.11 31.10
C GLY L 68 45.57 12.83 31.88
N THR L 69 46.18 12.95 33.04
CA THR L 69 46.43 11.81 33.91
C THR L 69 45.87 11.98 35.31
N GLU L 70 45.17 13.08 35.59
CA GLU L 70 44.64 13.35 36.92
C GLU L 70 43.16 13.71 36.83
N PHE L 71 42.37 13.12 37.72
CA PHE L 71 40.94 13.40 37.78
C PHE L 71 40.52 13.38 39.24
N THR L 72 39.38 14.02 39.52
CA THR L 72 38.87 14.04 40.88
C THR L 72 37.36 14.17 40.84
N LEU L 73 36.68 13.26 41.54
CA LEU L 73 35.26 13.38 41.80
C LEU L 73 35.08 14.13 43.12
N THR L 74 33.98 14.85 43.24
CA THR L 74 33.69 15.62 44.43
C THR L 74 32.18 15.63 44.66
N ILE L 75 31.82 15.67 45.94
CA ILE L 75 30.44 15.77 46.36
C ILE L 75 30.35 16.86 47.43
N SER L 76 29.35 17.73 47.31
CA SER L 76 29.31 18.94 48.12
C SER L 76 28.36 18.88 49.31
N SER L 77 27.23 18.17 49.19
CA SER L 77 26.21 18.17 50.24
C SER L 77 25.80 16.74 50.57
N MET L 78 26.79 15.87 50.79
CA MET L 78 26.55 14.43 50.84
C MET L 78 25.53 14.08 51.92
N GLN L 79 24.55 13.27 51.53
CA GLN L 79 23.53 12.78 52.46
C GLN L 79 23.89 11.38 52.96
N SER L 80 23.07 10.87 53.87
CA SER L 80 23.36 9.56 54.46
C SER L 80 23.34 8.47 53.41
N GLU L 81 22.34 8.50 52.51
CA GLU L 81 22.21 7.46 51.50
C GLU L 81 23.41 7.41 50.55
N ASP L 82 24.11 8.53 50.35
CA ASP L 82 25.27 8.55 49.47
C ASP L 82 26.44 7.75 50.01
N PHE L 83 26.42 7.38 51.29
CA PHE L 83 27.52 6.62 51.86
C PHE L 83 27.60 5.24 51.21
N ALA L 84 28.65 5.03 50.43
CA ALA L 84 28.87 3.78 49.70
C ALA L 84 30.32 3.72 49.26
N VAL L 85 30.65 2.83 48.33
CA VAL L 85 31.98 2.78 47.75
C VAL L 85 31.93 3.37 46.34
N TYR L 86 33.09 3.80 45.85
CA TYR L 86 33.18 4.47 44.56
C TYR L 86 34.31 3.89 43.74
N TYR L 87 34.16 3.94 42.41
CA TYR L 87 35.18 3.43 41.49
C TYR L 87 35.39 4.44 40.37
N CYS L 88 36.66 4.63 39.99
CA CYS L 88 36.99 5.36 38.79
C CYS L 88 37.40 4.37 37.70
N HIS L 89 36.98 4.66 36.48
CA HIS L 89 37.08 3.73 35.37
C HIS L 89 37.54 4.52 34.16
N GLN L 90 38.28 3.88 33.27
CA GLN L 90 38.74 4.50 32.04
C GLN L 90 38.47 3.57 30.87
N TYR L 91 38.33 4.16 29.69
CA TYR L 91 38.04 3.38 28.49
C TYR L 91 38.79 3.90 27.27
N ASN L 92 39.99 4.43 27.47
CA ASN L 92 40.77 4.92 26.34
C ASN L 92 41.64 3.83 25.73
N ASN L 93 41.68 2.65 26.33
CA ASN L 93 42.40 1.49 25.81
C ASN L 93 41.65 0.26 26.30
N TRP L 94 42.27 -0.92 26.34
CA TRP L 94 41.64 -1.97 27.13
C TRP L 94 41.28 -1.37 28.47
N TRP L 95 39.98 -1.25 28.72
CA TRP L 95 39.54 -0.59 29.93
C TRP L 95 39.78 -1.44 31.17
N THR L 96 39.89 -0.76 32.31
CA THR L 96 40.23 -1.37 33.58
C THR L 96 39.48 -0.64 34.68
N PHE L 97 39.63 -1.11 35.91
CA PHE L 97 38.95 -0.54 37.05
C PHE L 97 39.92 -0.27 38.18
N GLY L 98 39.64 0.79 38.94
CA GLY L 98 40.47 1.12 40.07
C GLY L 98 40.01 0.45 41.34
N GLN L 99 40.95 0.30 42.27
CA GLN L 99 40.68 -0.43 43.50
C GLN L 99 39.59 0.20 44.35
N GLY L 100 39.27 1.47 44.12
CA GLY L 100 38.11 2.08 44.73
C GLY L 100 38.42 2.72 46.07
N THR L 101 37.47 3.56 46.51
CA THR L 101 37.60 4.35 47.72
C THR L 101 36.37 4.12 48.59
N LYS L 102 36.59 3.91 49.88
CA LYS L 102 35.50 3.80 50.83
C LYS L 102 35.11 5.16 51.36
N VAL L 103 33.86 5.28 51.78
CA VAL L 103 33.35 6.46 52.47
C VAL L 103 32.52 5.97 53.65
N GLU L 104 32.88 6.43 54.85
CA GLU L 104 32.25 5.98 56.09
C GLU L 104 31.70 7.17 56.85
N ILE L 105 30.68 6.90 57.67
CA ILE L 105 30.14 7.93 58.55
C ILE L 105 31.17 8.32 59.59
N LYS L 106 31.20 9.60 59.95
CA LYS L 106 32.01 10.06 61.06
C LYS L 106 31.13 10.32 62.27
N ARG L 107 31.66 10.05 63.45
CA ARG L 107 30.88 10.12 64.68
C ARG L 107 31.82 10.35 65.86
N THR L 108 31.29 10.16 67.06
CA THR L 108 32.09 10.33 68.26
C THR L 108 33.05 9.16 68.43
N VAL L 109 34.23 9.44 68.99
CA VAL L 109 35.15 8.38 69.35
C VAL L 109 34.58 7.59 70.50
N ALA L 110 34.43 6.28 70.32
CA ALA L 110 33.82 5.41 71.33
C ALA L 110 34.79 4.27 71.60
N ALA L 111 35.14 4.08 72.86
CA ALA L 111 36.05 3.00 73.21
C ALA L 111 35.36 1.65 73.00
N PRO L 112 36.11 0.59 72.69
CA PRO L 112 35.47 -0.70 72.40
C PRO L 112 35.07 -1.42 73.68
N SER L 113 33.88 -2.00 73.67
CA SER L 113 33.48 -2.92 74.72
C SER L 113 33.96 -4.33 74.36
N VAL L 114 34.76 -4.92 75.24
CA VAL L 114 35.55 -6.11 74.95
C VAL L 114 35.06 -7.27 75.80
N PHE L 115 35.02 -8.46 75.19
CA PHE L 115 34.68 -9.68 75.92
C PHE L 115 35.49 -10.84 75.37
N ILE L 116 35.82 -11.80 76.24
CA ILE L 116 36.46 -13.05 75.84
C ILE L 116 35.68 -14.20 76.46
N PHE L 117 35.67 -15.35 75.79
CA PHE L 117 34.75 -16.41 76.21
C PHE L 117 35.43 -17.75 76.43
N PRO L 118 35.36 -18.35 77.62
CA PRO L 118 35.93 -19.68 77.82
C PRO L 118 35.14 -20.74 77.07
N PRO L 119 35.81 -21.78 76.58
CA PRO L 119 35.09 -22.90 75.97
C PRO L 119 34.33 -23.72 77.03
N SER L 120 33.53 -24.67 76.54
CA SER L 120 32.77 -25.57 77.41
C SER L 120 32.88 -27.00 76.91
N ASP L 121 32.06 -27.88 77.52
CA ASP L 121 32.28 -29.32 77.43
C ASP L 121 32.06 -29.86 76.01
N GLU L 122 30.92 -29.55 75.39
CA GLU L 122 30.59 -30.20 74.13
C GLU L 122 31.68 -30.03 73.09
N GLN L 123 32.34 -28.87 73.07
CA GLN L 123 33.53 -28.72 72.24
C GLN L 123 34.72 -29.45 72.82
N LEU L 124 34.78 -29.56 74.15
CA LEU L 124 35.88 -30.27 74.78
C LEU L 124 35.96 -31.72 74.30
N LYS L 125 34.84 -32.28 73.84
CA LYS L 125 34.84 -33.62 73.25
C LYS L 125 35.03 -33.61 71.74
N SER L 126 35.00 -32.43 71.10
CA SER L 126 35.09 -32.35 69.65
C SER L 126 36.52 -32.39 69.13
N GLY L 127 37.52 -32.23 69.99
CA GLY L 127 38.90 -32.39 69.61
C GLY L 127 39.67 -31.11 69.34
N THR L 128 38.99 -29.99 69.10
CA THR L 128 39.65 -28.70 68.86
C THR L 128 38.89 -27.61 69.60
N ALA L 129 39.32 -27.32 70.83
CA ALA L 129 38.73 -26.24 71.59
C ALA L 129 39.07 -24.90 70.94
N SER L 130 38.08 -24.01 70.87
CA SER L 130 38.26 -22.70 70.26
C SER L 130 37.66 -21.63 71.14
N VAL L 131 38.17 -20.42 71.01
CA VAL L 131 37.84 -19.28 71.86
C VAL L 131 37.39 -18.13 70.97
N VAL L 132 36.51 -17.29 71.50
CA VAL L 132 35.96 -16.15 70.77
C VAL L 132 36.10 -14.89 71.61
N CYS L 133 36.62 -13.84 70.99
CA CYS L 133 36.50 -12.49 71.52
C CYS L 133 35.27 -11.82 70.92
N LEU L 134 34.94 -10.65 71.45
CA LEU L 134 33.87 -9.82 70.90
C LEU L 134 34.12 -8.38 71.28
N LEU L 135 34.36 -7.55 70.26
CA LEU L 135 34.45 -6.10 70.43
C LEU L 135 33.22 -5.49 69.81
N ASN L 136 32.43 -4.78 70.61
CA ASN L 136 31.10 -4.36 70.17
C ASN L 136 31.00 -2.84 70.11
N ASN L 137 30.37 -2.36 69.04
CA ASN L 137 29.97 -0.96 68.91
C ASN L 137 31.14 -0.01 69.18
N PHE L 138 32.28 -0.30 68.56
CA PHE L 138 33.44 0.57 68.69
C PHE L 138 33.57 1.47 67.47
N TYR L 139 34.31 2.56 67.65
CA TYR L 139 34.56 3.50 66.57
C TYR L 139 35.86 4.23 66.86
N PRO L 140 36.62 4.63 65.83
CA PRO L 140 36.47 4.31 64.40
C PRO L 140 36.98 2.92 64.07
N ARG L 141 37.17 2.67 62.77
CA ARG L 141 37.47 1.34 62.28
C ARG L 141 38.81 0.83 62.78
N GLU L 142 39.65 1.70 63.33
CA GLU L 142 41.03 1.34 63.64
C GLU L 142 41.16 0.42 64.85
N ALA L 143 40.08 0.17 65.59
CA ALA L 143 40.17 -0.70 66.75
C ALA L 143 40.79 -2.03 66.36
N LYS L 144 41.73 -2.51 67.17
CA LYS L 144 42.53 -3.67 66.80
C LYS L 144 42.63 -4.63 67.98
N VAL L 145 42.86 -5.91 67.66
CA VAL L 145 42.74 -7.01 68.60
C VAL L 145 44.06 -7.79 68.64
N GLN L 146 44.27 -8.51 69.74
CA GLN L 146 45.48 -9.30 69.97
C GLN L 146 45.12 -10.47 70.86
N TRP L 147 45.15 -11.68 70.31
CA TRP L 147 44.97 -12.88 71.11
C TRP L 147 46.22 -13.15 71.94
N LYS L 148 46.02 -13.71 73.14
CA LYS L 148 47.14 -14.05 74.02
C LYS L 148 46.80 -15.30 74.81
N VAL L 149 47.82 -16.13 75.04
CA VAL L 149 47.72 -17.28 75.94
C VAL L 149 48.98 -17.32 76.78
N ASP L 150 49.13 -18.37 77.59
CA ASP L 150 50.27 -18.46 78.50
C ASP L 150 51.58 -18.14 77.77
N ASN L 151 52.20 -17.02 78.14
CA ASN L 151 53.47 -16.60 77.55
C ASN L 151 53.49 -16.74 76.04
N ALA L 152 52.43 -16.28 75.37
CA ALA L 152 52.38 -16.36 73.91
C ALA L 152 51.41 -15.32 73.38
N LEU L 153 51.94 -14.31 72.70
CA LEU L 153 51.13 -13.35 71.96
C LEU L 153 50.91 -13.89 70.54
N GLN L 154 49.66 -14.16 70.20
CA GLN L 154 49.34 -15.13 69.17
C GLN L 154 49.49 -14.56 67.76
N SER L 155 49.89 -15.44 66.84
CA SER L 155 49.97 -15.16 65.41
C SER L 155 50.08 -16.48 64.66
N GLY L 156 49.18 -16.67 63.69
CA GLY L 156 49.19 -17.84 62.84
C GLY L 156 48.18 -18.91 63.19
N ASN L 157 47.28 -18.68 64.15
CA ASN L 157 46.31 -19.69 64.53
C ASN L 157 44.91 -19.14 64.80
N SER L 158 44.47 -18.12 64.08
CA SER L 158 43.18 -17.49 64.35
C SER L 158 42.74 -16.73 63.10
N GLN L 159 41.47 -16.32 63.09
CA GLN L 159 40.95 -15.53 61.98
C GLN L 159 40.09 -14.40 62.51
N GLU L 160 40.13 -13.26 61.81
CA GLU L 160 39.31 -12.11 62.16
C GLU L 160 38.16 -11.95 61.17
N SER L 161 37.12 -11.27 61.64
CA SER L 161 35.96 -10.92 60.83
C SER L 161 35.33 -9.67 61.42
N VAL L 162 34.63 -8.91 60.59
CA VAL L 162 34.09 -7.62 61.01
C VAL L 162 32.74 -7.39 60.34
N THR L 163 31.85 -6.73 61.08
CA THR L 163 30.57 -6.34 60.52
C THR L 163 30.75 -5.16 59.57
N GLU L 164 29.64 -4.75 58.95
CA GLU L 164 29.61 -3.43 58.34
C GLU L 164 29.30 -2.44 59.45
N GLN L 165 29.16 -1.16 59.13
CA GLN L 165 28.75 -0.21 60.15
C GLN L 165 27.43 -0.66 60.76
N ASP L 166 27.32 -0.53 62.08
CA ASP L 166 26.03 -0.67 62.71
C ASP L 166 25.23 0.56 62.31
N SER L 167 24.84 0.61 61.03
CA SER L 167 24.46 1.85 60.37
C SER L 167 23.37 2.61 61.10
N LYS L 168 22.60 1.97 61.99
CA LYS L 168 21.65 2.73 62.79
C LYS L 168 22.34 3.61 63.82
N ASP L 169 23.60 3.34 64.15
CA ASP L 169 24.40 4.24 64.97
C ASP L 169 25.81 4.43 64.48
N SER L 170 26.27 3.70 63.46
CA SER L 170 27.54 3.91 62.77
C SER L 170 28.75 3.40 63.54
N THR L 171 28.60 2.42 64.42
CA THR L 171 29.75 1.81 65.08
C THR L 171 30.19 0.55 64.32
N TYR L 172 31.14 -0.17 64.91
CA TYR L 172 31.70 -1.37 64.30
C TYR L 172 31.76 -2.50 65.32
N SER L 173 31.75 -3.73 64.80
CA SER L 173 31.80 -4.93 65.62
C SER L 173 32.74 -5.94 64.97
N LEU L 174 33.43 -6.71 65.83
CA LEU L 174 34.48 -7.63 65.40
C LEU L 174 34.41 -8.89 66.23
N SER L 175 34.59 -10.04 65.57
CA SER L 175 34.41 -11.35 66.21
C SER L 175 35.53 -12.33 65.83
N SER L 176 36.78 -11.90 65.96
CA SER L 176 37.89 -12.80 65.71
C SER L 176 37.72 -14.10 66.50
N THR L 177 38.41 -15.15 66.05
CA THR L 177 38.29 -16.47 66.67
C THR L 177 39.63 -17.18 66.69
N LEU L 178 39.91 -17.87 67.80
CA LEU L 178 41.14 -18.62 68.01
C LEU L 178 40.83 -20.10 68.07
N THR L 179 41.70 -20.93 67.50
CA THR L 179 41.49 -22.37 67.43
C THR L 179 42.74 -23.11 67.89
N LEU L 180 42.55 -24.26 68.52
CA LEU L 180 43.64 -25.11 68.98
C LEU L 180 43.17 -26.56 69.01
N SER L 181 44.12 -27.46 69.15
CA SER L 181 43.80 -28.86 69.44
C SER L 181 43.52 -29.01 70.93
N LYS L 182 42.84 -30.10 71.28
CA LYS L 182 42.41 -30.29 72.66
C LYS L 182 43.61 -30.37 73.61
N ALA L 183 44.64 -31.12 73.23
CA ALA L 183 45.80 -31.30 74.11
C ALA L 183 46.48 -29.98 74.40
N ASP L 184 46.74 -29.18 73.36
CA ASP L 184 47.35 -27.87 73.58
C ASP L 184 46.42 -26.97 74.39
N TYR L 185 45.12 -27.04 74.13
CA TYR L 185 44.18 -26.24 74.90
C TYR L 185 44.29 -26.55 76.39
N GLU L 186 44.35 -27.83 76.74
CA GLU L 186 44.59 -28.22 78.13
C GLU L 186 45.93 -27.71 78.61
N LYS L 187 46.95 -27.73 77.75
CA LYS L 187 48.29 -27.28 78.12
C LYS L 187 48.31 -25.79 78.41
N HIS L 188 47.49 -25.01 77.71
CA HIS L 188 47.42 -23.57 77.93
C HIS L 188 46.41 -23.30 79.03
N LYS L 189 46.87 -22.74 80.14
CA LYS L 189 46.02 -22.56 81.32
C LYS L 189 45.30 -21.21 81.33
N VAL L 190 45.77 -20.24 80.55
CA VAL L 190 45.22 -18.89 80.56
C VAL L 190 45.01 -18.43 79.13
N TYR L 191 43.96 -17.65 78.91
CA TYR L 191 43.61 -17.14 77.60
C TYR L 191 43.10 -15.72 77.77
N ALA L 192 43.33 -14.87 76.78
CA ALA L 192 42.96 -13.46 76.91
C ALA L 192 42.88 -12.79 75.54
N CYS L 193 42.00 -11.78 75.47
CA CYS L 193 41.93 -10.87 74.33
C CYS L 193 42.39 -9.49 74.81
N GLU L 194 43.32 -8.89 74.08
CA GLU L 194 43.79 -7.54 74.34
C GLU L 194 43.36 -6.66 73.17
N VAL L 195 43.10 -5.39 73.45
CA VAL L 195 42.54 -4.48 72.47
C VAL L 195 43.26 -3.15 72.53
N THR L 196 43.52 -2.57 71.36
CA THR L 196 44.10 -1.25 71.24
C THR L 196 43.19 -0.37 70.39
N HIS L 197 43.04 0.88 70.81
CA HIS L 197 42.19 1.85 70.13
C HIS L 197 42.45 3.20 70.78
N GLN L 198 42.45 4.25 69.96
CA GLN L 198 42.92 5.55 70.44
C GLN L 198 42.10 6.08 71.62
N GLY L 199 40.91 5.53 71.86
CA GLY L 199 40.22 5.77 73.10
C GLY L 199 40.77 5.00 74.27
N LEU L 200 41.83 4.22 74.06
CA LEU L 200 42.45 3.41 75.10
C LEU L 200 43.87 3.90 75.32
N SER L 201 44.11 4.56 76.46
CA SER L 201 45.46 4.95 76.81
C SER L 201 46.35 3.74 77.08
N SER L 202 45.76 2.61 77.44
CA SER L 202 46.47 1.36 77.66
C SER L 202 45.62 0.24 77.10
N PRO L 203 46.23 -0.88 76.67
CA PRO L 203 45.44 -1.96 76.09
C PRO L 203 44.39 -2.48 77.06
N VAL L 204 43.20 -2.77 76.53
CA VAL L 204 42.15 -3.33 77.36
C VAL L 204 42.20 -4.84 77.28
N THR L 205 42.17 -5.50 78.44
CA THR L 205 42.35 -6.95 78.51
C THR L 205 41.11 -7.60 79.11
N LYS L 206 40.72 -8.73 78.52
CA LYS L 206 39.73 -9.62 79.09
C LYS L 206 40.31 -11.02 79.05
N SER L 207 39.97 -11.85 80.04
CA SER L 207 40.70 -13.09 80.22
C SER L 207 39.86 -14.15 80.88
N PHE L 208 40.34 -15.39 80.77
CA PHE L 208 39.81 -16.54 81.48
C PHE L 208 40.91 -17.58 81.61
N ASN L 209 40.62 -18.62 82.38
CA ASN L 209 41.61 -19.64 82.71
C ASN L 209 40.99 -21.03 82.63
N ARG L 210 41.85 -22.04 82.57
CA ARG L 210 41.39 -23.41 82.63
C ARG L 210 40.91 -23.75 84.04
N GLY L 211 40.08 -24.79 84.13
CA GLY L 211 39.56 -25.23 85.41
C GLY L 211 38.50 -26.30 85.27
#